data_8IH6
#
_entry.id   8IH6
#
_cell.length_a   203.976
_cell.length_b   107.792
_cell.length_c   164.847
_cell.angle_alpha   90.00
_cell.angle_beta   124.46
_cell.angle_gamma   90.00
#
_symmetry.space_group_name_H-M   'C 1 2 1'
#
loop_
_entity.id
_entity.type
_entity.pdbx_description
1 polymer '2-oxopent-4-enoate hydratase'
2 polymer '4-oxalocrotonate decarboxylase'
3 non-polymer GLYCEROL
4 water water
#
loop_
_entity_poly.entity_id
_entity_poly.type
_entity_poly.pdbx_seq_one_letter_code
_entity_poly.pdbx_strand_id
1 'polypeptide(L)'
;ADLNWMSEQNAKLAALLNEAELSEKPIEPVRGHIEGGIAQAYAIQQINVQRQLAAGRRVTGRKIGLTSAAVQKQLGVDQP
DFGTLFDSMAVNDGEEIAWSRTLQPKCEAEVALVIERDLDHENITLIDLIGATAYALPAIEVVGSRIANWDINILDTVAD
NASAGLYVLGHTPVKLEGLDLRLAGMVMERAGQQVSLGVGAACLGHPLNAALWLARTLVKQGTPLKSGDVVLSGALGPLV
AANPGDVFEARIQGLGSVRACFSPAS
;
A,B,C,D,E
2 'polypeptide(L)'
;AAMKISRIAQRLDEAAVSGKATPQLTGDDAVTVREAAEIQRLLIAHRIERGARQVGLKMGFTSRAKMAQMGVSDLIWGRL
TSDMWVEEGGEIDLAHYVHPRVEPEICYLLGKRLEGNVTPLEALAAVEAVAPAMEIIDSRYRDFKFSLPDVIADNASSSG
FVVGAWHKPETDVSNLGMVMSFDGRAVELGTSAAILGSPIRALVAAARLAAQQGEALEAGSLILAGAATAAVALRPGISV
RCEVQNLGSLSFSTTGER
;
F,G,H,I,J
#
# COMPACT_ATOMS: atom_id res chain seq x y z
N ASP A 2 -3.06 -11.70 -51.56
CA ASP A 2 -3.49 -10.99 -52.79
C ASP A 2 -2.53 -11.34 -53.91
N LEU A 3 -2.98 -12.17 -54.85
CA LEU A 3 -2.17 -12.63 -55.99
C LEU A 3 -1.67 -11.47 -56.83
N ASN A 4 -2.44 -10.39 -57.02
CA ASN A 4 -1.90 -9.29 -57.86
C ASN A 4 -2.18 -7.95 -57.19
N TRP A 5 -1.71 -7.77 -55.97
CA TRP A 5 -1.94 -6.50 -55.24
C TRP A 5 -1.25 -5.34 -55.95
N MET A 6 -0.22 -5.60 -56.76
CA MET A 6 0.50 -4.45 -57.33
C MET A 6 0.06 -4.18 -58.77
N SER A 7 -1.24 -4.04 -58.99
CA SER A 7 -1.84 -3.77 -60.33
C SER A 7 -1.63 -2.32 -60.75
N GLU A 8 -1.95 -2.04 -62.01
CA GLU A 8 -1.83 -0.68 -62.57
C GLU A 8 -2.94 0.18 -61.95
N GLN A 9 -4.08 -0.42 -61.68
CA GLN A 9 -5.23 0.30 -61.07
C GLN A 9 -4.90 0.59 -59.61
N ASN A 10 -4.34 -0.41 -58.94
CA ASN A 10 -4.00 -0.26 -57.51
C ASN A 10 -2.92 0.81 -57.40
N ALA A 11 -1.92 0.74 -58.25
CA ALA A 11 -0.86 1.74 -58.17
C ALA A 11 -1.40 3.11 -58.57
N LYS A 12 -2.47 3.13 -59.35
CA LYS A 12 -3.02 4.41 -59.83
C LYS A 12 -3.69 5.13 -58.67
N LEU A 13 -4.63 4.44 -58.06
CA LEU A 13 -5.42 4.96 -56.92
C LEU A 13 -4.46 5.32 -55.79
N ALA A 14 -3.48 4.47 -55.56
CA ALA A 14 -2.51 4.72 -54.47
C ALA A 14 -1.80 6.04 -54.73
N ALA A 15 -1.45 6.30 -55.98
CA ALA A 15 -0.71 7.54 -56.30
C ALA A 15 -1.62 8.75 -56.10
N LEU A 16 -2.89 8.57 -56.41
CA LEU A 16 -3.86 9.68 -56.26
C LEU A 16 -3.86 10.11 -54.81
N LEU A 17 -4.05 9.14 -53.92
CA LEU A 17 -4.13 9.37 -52.46
C LEU A 17 -2.82 9.94 -51.96
N ASN A 18 -1.70 9.41 -52.42
CA ASN A 18 -0.39 9.93 -51.95
C ASN A 18 -0.24 11.37 -52.40
N GLU A 19 -0.68 11.70 -53.61
CA GLU A 19 -0.56 13.09 -54.11
C GLU A 19 -1.50 14.00 -53.31
N ALA A 20 -2.69 13.52 -52.99
CA ALA A 20 -3.61 14.35 -52.18
C ALA A 20 -2.94 14.73 -50.86
N GLU A 21 -2.22 13.80 -50.25
CA GLU A 21 -1.58 14.07 -48.95
C GLU A 21 -0.43 15.08 -49.10
N LEU A 22 0.51 14.85 -50.00
CA LEU A 22 1.66 15.78 -50.14
C LEU A 22 1.18 17.15 -50.63
N SER A 23 0.17 17.16 -51.48
CA SER A 23 -0.37 18.42 -52.03
C SER A 23 -1.39 18.98 -51.06
N GLU A 24 -1.68 18.27 -49.96
CA GLU A 24 -2.61 18.72 -48.90
C GLU A 24 -3.92 19.25 -49.47
N LYS A 25 -4.52 18.51 -50.39
CA LYS A 25 -5.76 18.91 -51.05
C LYS A 25 -6.60 17.66 -51.23
N PRO A 26 -7.53 17.35 -50.32
CA PRO A 26 -8.38 16.18 -50.44
C PRO A 26 -9.03 16.04 -51.82
N ILE A 27 -8.95 14.84 -52.39
CA ILE A 27 -9.56 14.56 -53.70
C ILE A 27 -10.92 13.91 -53.50
N GLU A 28 -11.58 13.48 -54.57
CA GLU A 28 -12.92 12.89 -54.43
C GLU A 28 -12.78 11.42 -54.06
N PRO A 29 -13.87 10.74 -53.69
CA PRO A 29 -13.86 9.32 -53.35
C PRO A 29 -13.27 8.38 -54.40
N VAL A 30 -12.80 7.21 -53.96
CA VAL A 30 -12.19 6.24 -54.90
C VAL A 30 -13.01 4.96 -54.90
N ARG A 31 -14.00 4.86 -54.02
CA ARG A 31 -14.84 3.65 -53.93
C ARG A 31 -15.42 3.33 -55.30
N GLY A 32 -15.40 4.30 -56.20
CA GLY A 32 -15.93 4.02 -57.53
C GLY A 32 -14.95 3.19 -58.34
N HIS A 33 -13.66 3.32 -58.05
CA HIS A 33 -12.62 2.61 -58.82
C HIS A 33 -12.31 1.23 -58.25
N ILE A 34 -12.83 0.88 -57.08
CA ILE A 34 -12.47 -0.42 -56.45
C ILE A 34 -13.57 -1.45 -56.66
N GLU A 35 -13.32 -2.47 -57.47
CA GLU A 35 -14.33 -3.53 -57.69
C GLU A 35 -13.88 -4.83 -57.04
N GLY A 36 -12.68 -4.80 -56.48
CA GLY A 36 -12.06 -5.95 -55.80
C GLY A 36 -12.48 -6.05 -54.35
N GLY A 37 -13.35 -5.15 -53.92
CA GLY A 37 -13.84 -5.18 -52.53
C GLY A 37 -12.81 -4.67 -51.54
N ILE A 38 -13.02 -5.02 -50.28
CA ILE A 38 -12.16 -4.57 -49.16
C ILE A 38 -10.73 -5.09 -49.30
N ALA A 39 -10.53 -6.22 -49.96
CA ALA A 39 -9.16 -6.75 -50.14
C ALA A 39 -8.37 -5.80 -51.04
N GLN A 40 -9.05 -5.21 -52.02
CA GLN A 40 -8.36 -4.32 -52.97
C GLN A 40 -8.04 -3.01 -52.28
N ALA A 41 -8.89 -2.56 -51.38
CA ALA A 41 -8.62 -1.32 -50.63
C ALA A 41 -7.37 -1.52 -49.78
N TYR A 42 -7.23 -2.70 -49.18
CA TYR A 42 -6.06 -3.03 -48.34
C TYR A 42 -4.82 -3.11 -49.22
N ALA A 43 -4.97 -3.62 -50.43
CA ALA A 43 -3.84 -3.68 -51.35
C ALA A 43 -3.38 -2.27 -51.66
N ILE A 44 -4.33 -1.35 -51.78
CA ILE A 44 -3.94 0.04 -52.11
C ILE A 44 -3.23 0.62 -50.91
N GLN A 45 -3.71 0.31 -49.71
CA GLN A 45 -3.09 0.84 -48.48
C GLN A 45 -1.64 0.39 -48.42
N GLN A 46 -1.42 -0.88 -48.71
CA GLN A 46 -0.11 -1.56 -48.67
C GLN A 46 0.89 -0.92 -49.63
N ILE A 47 0.44 -0.45 -50.78
CA ILE A 47 1.35 0.20 -51.76
C ILE A 47 1.86 1.50 -51.16
N ASN A 48 1.01 2.22 -50.45
CA ASN A 48 1.42 3.51 -49.87
C ASN A 48 2.34 3.28 -48.70
N VAL A 49 2.11 2.18 -48.00
CA VAL A 49 2.98 1.73 -46.89
C VAL A 49 4.35 1.40 -47.49
N GLN A 50 4.37 0.71 -48.63
CA GLN A 50 5.65 0.35 -49.27
C GLN A 50 6.35 1.60 -49.74
N ARG A 51 5.58 2.59 -50.18
CA ARG A 51 6.16 3.86 -50.63
C ARG A 51 6.79 4.54 -49.42
N GLN A 52 6.11 4.50 -48.28
CA GLN A 52 6.68 5.11 -47.06
C GLN A 52 7.96 4.38 -46.66
N LEU A 53 8.00 3.05 -46.80
CA LEU A 53 9.22 2.30 -46.41
C LEU A 53 10.36 2.63 -47.36
N ALA A 54 10.07 2.83 -48.64
CA ALA A 54 11.13 3.15 -49.63
C ALA A 54 11.64 4.58 -49.44
N ALA A 55 10.91 5.40 -48.70
CA ALA A 55 11.37 6.78 -48.44
C ALA A 55 12.17 6.82 -47.13
N GLY A 56 12.35 5.66 -46.50
CA GLY A 56 13.15 5.59 -45.27
C GLY A 56 12.32 5.77 -44.02
N ARG A 57 11.01 5.59 -44.11
CA ARG A 57 10.14 5.69 -42.93
C ARG A 57 10.06 4.33 -42.25
N ARG A 58 9.57 4.31 -41.03
CA ARG A 58 9.48 3.06 -40.23
C ARG A 58 8.05 2.80 -39.80
N VAL A 59 7.53 1.59 -40.00
CA VAL A 59 6.17 1.20 -39.54
C VAL A 59 6.23 1.12 -38.02
N THR A 60 5.46 1.92 -37.31
CA THR A 60 5.62 1.92 -35.84
C THR A 60 4.45 1.25 -35.14
N GLY A 61 3.43 0.85 -35.88
CA GLY A 61 2.26 0.21 -35.27
C GLY A 61 1.07 0.23 -36.19
N ARG A 62 -0.11 -0.05 -35.67
CA ARG A 62 -1.34 -0.05 -36.46
C ARG A 62 -2.43 0.67 -35.68
N LYS A 63 -3.42 1.19 -36.36
CA LYS A 63 -4.58 1.79 -35.68
C LYS A 63 -5.78 0.92 -35.99
N ILE A 64 -6.66 0.72 -35.04
CA ILE A 64 -7.86 -0.09 -35.33
C ILE A 64 -9.02 0.87 -35.52
N GLY A 65 -9.80 0.66 -36.58
CA GLY A 65 -10.97 1.51 -36.83
C GLY A 65 -12.26 0.73 -36.71
N LEU A 66 -13.39 1.42 -36.71
CA LEU A 66 -14.73 0.79 -36.65
C LEU A 66 -14.78 -0.19 -35.50
N THR A 67 -14.59 0.30 -34.28
CA THR A 67 -14.55 -0.57 -33.09
C THR A 67 -15.90 -0.66 -32.40
N SER A 68 -16.95 -0.15 -33.00
CA SER A 68 -18.29 -0.34 -32.39
C SER A 68 -19.24 -0.88 -33.44
N ALA A 69 -20.32 -1.54 -33.04
CA ALA A 69 -21.30 -2.08 -34.01
C ALA A 69 -22.01 -0.92 -34.69
N ALA A 70 -22.15 0.19 -33.99
CA ALA A 70 -22.85 1.35 -34.58
C ALA A 70 -22.13 1.78 -35.84
N VAL A 71 -20.85 2.07 -35.69
CA VAL A 71 -20.02 2.55 -36.82
C VAL A 71 -19.77 1.40 -37.78
N GLN A 72 -19.88 0.17 -37.33
CA GLN A 72 -19.64 -0.90 -38.30
C GLN A 72 -20.81 -0.91 -39.29
N LYS A 73 -22.03 -0.88 -38.75
CA LYS A 73 -23.28 -0.94 -39.54
C LYS A 73 -23.41 0.31 -40.39
N GLN A 74 -22.78 1.42 -40.02
CA GLN A 74 -22.93 2.60 -40.90
C GLN A 74 -22.07 2.43 -42.15
N LEU A 75 -21.18 1.45 -42.19
CA LEU A 75 -20.35 1.29 -43.40
C LEU A 75 -20.65 -0.06 -44.03
N GLY A 76 -21.72 -0.71 -43.58
CA GLY A 76 -22.09 -2.03 -44.11
C GLY A 76 -21.04 -3.07 -43.81
N VAL A 77 -20.39 -3.00 -42.65
CA VAL A 77 -19.35 -4.00 -42.29
C VAL A 77 -19.69 -4.63 -40.93
N ASP A 78 -19.24 -5.85 -40.69
CA ASP A 78 -19.53 -6.50 -39.40
C ASP A 78 -18.23 -6.75 -38.65
N GLN A 79 -17.14 -6.11 -39.08
CA GLN A 79 -15.85 -6.27 -38.38
C GLN A 79 -15.01 -5.01 -38.60
N PRO A 80 -14.00 -4.72 -37.76
CA PRO A 80 -13.19 -3.52 -37.88
C PRO A 80 -12.17 -3.51 -39.01
N ASP A 81 -11.47 -2.41 -39.16
CA ASP A 81 -10.41 -2.29 -40.19
C ASP A 81 -9.12 -1.81 -39.54
N PHE A 82 -8.08 -1.65 -40.33
CA PHE A 82 -6.81 -1.22 -39.73
C PHE A 82 -6.09 -0.29 -40.68
N GLY A 83 -5.18 0.49 -40.13
CA GLY A 83 -4.33 1.44 -40.85
C GLY A 83 -2.91 1.31 -40.38
N THR A 84 -1.96 1.85 -41.10
CA THR A 84 -0.55 1.67 -40.68
C THR A 84 0.00 2.96 -40.07
N LEU A 85 0.68 2.85 -38.93
CA LEU A 85 1.27 4.03 -38.26
C LEU A 85 2.74 4.10 -38.62
N PHE A 86 3.23 5.30 -38.81
CA PHE A 86 4.65 5.48 -39.17
C PHE A 86 5.32 6.33 -38.12
N ASP A 87 6.64 6.36 -38.15
CA ASP A 87 7.43 7.13 -37.16
C ASP A 87 7.10 8.61 -37.31
N SER A 88 6.71 9.01 -38.52
CA SER A 88 6.40 10.43 -38.82
C SER A 88 5.01 10.79 -38.35
N MET A 89 4.20 9.81 -37.99
CA MET A 89 2.81 10.09 -37.53
C MET A 89 2.80 10.25 -36.01
N ALA A 90 3.93 10.03 -35.36
CA ALA A 90 4.00 10.08 -33.89
C ALA A 90 4.10 11.50 -33.31
N VAL A 91 3.34 11.75 -32.24
CA VAL A 91 3.39 13.03 -31.51
C VAL A 91 3.39 12.71 -30.02
N ASN A 92 4.29 13.30 -29.27
CA ASN A 92 4.33 13.08 -27.81
C ASN A 92 3.32 13.98 -27.12
N ASP A 93 2.94 13.64 -25.91
CA ASP A 93 1.98 14.42 -25.10
C ASP A 93 2.37 15.90 -25.02
N GLY A 94 1.47 16.77 -25.45
CA GLY A 94 1.64 18.23 -25.37
C GLY A 94 2.51 18.88 -26.42
N GLU A 95 3.11 18.12 -27.33
CA GLU A 95 3.98 18.74 -28.35
C GLU A 95 3.14 19.55 -29.33
N GLU A 96 3.68 20.66 -29.83
CA GLU A 96 2.90 21.49 -30.79
C GLU A 96 2.77 20.72 -32.10
N ILE A 97 1.56 20.57 -32.59
CA ILE A 97 1.29 19.84 -33.84
C ILE A 97 1.08 20.84 -34.97
N ALA A 98 2.01 20.87 -35.93
CA ALA A 98 1.89 21.77 -37.09
C ALA A 98 0.60 21.46 -37.85
N TRP A 99 -0.05 22.47 -38.39
CA TRP A 99 -1.35 22.26 -39.07
C TRP A 99 -1.18 21.53 -40.40
N SER A 100 0.00 21.63 -41.02
CA SER A 100 0.39 20.97 -42.29
C SER A 100 0.47 19.44 -42.15
N ARG A 101 0.60 18.92 -40.93
CA ARG A 101 0.65 17.47 -40.62
C ARG A 101 -0.77 16.90 -40.58
N THR A 102 -1.78 17.75 -40.55
CA THR A 102 -3.18 17.27 -40.49
C THR A 102 -3.89 17.51 -41.82
N LEU A 103 -4.99 16.82 -42.02
CA LEU A 103 -5.87 16.95 -43.20
C LEU A 103 -7.26 16.50 -42.78
N GLN A 104 -8.13 17.48 -42.52
CA GLN A 104 -9.50 17.33 -42.00
C GLN A 104 -9.40 16.65 -40.64
N PRO A 105 -8.50 17.08 -39.76
CA PRO A 105 -8.26 16.43 -38.48
C PRO A 105 -9.45 16.28 -37.54
N LYS A 106 -9.52 15.15 -36.87
CA LYS A 106 -10.54 14.84 -35.85
C LYS A 106 -9.84 14.08 -34.73
N CYS A 107 -10.34 14.18 -33.51
CA CYS A 107 -9.63 13.47 -32.43
C CYS A 107 -10.52 12.46 -31.75
N GLU A 108 -9.91 11.38 -31.31
CA GLU A 108 -10.60 10.33 -30.55
C GLU A 108 -9.58 9.80 -29.55
N ALA A 109 -10.04 9.58 -28.33
CA ALA A 109 -9.23 9.07 -27.21
C ALA A 109 -9.18 7.55 -27.30
N GLU A 110 -8.00 6.95 -27.12
CA GLU A 110 -7.92 5.47 -27.19
C GLU A 110 -6.85 4.94 -26.25
N VAL A 111 -6.92 3.65 -25.97
CA VAL A 111 -5.82 3.02 -25.21
C VAL A 111 -4.78 2.60 -26.25
N ALA A 112 -3.54 2.99 -26.05
CA ALA A 112 -2.45 2.57 -26.94
C ALA A 112 -1.82 1.32 -26.32
N LEU A 113 -1.63 0.27 -27.10
CA LEU A 113 -1.01 -0.93 -26.51
C LEU A 113 0.35 -1.11 -27.16
N VAL A 114 1.37 -1.33 -26.34
CA VAL A 114 2.75 -1.56 -26.81
C VAL A 114 3.01 -3.06 -26.81
N ILE A 115 3.56 -3.53 -27.91
CA ILE A 115 3.83 -4.97 -28.15
C ILE A 115 5.30 -5.22 -27.84
N GLU A 116 5.58 -6.28 -27.10
CA GLU A 116 6.92 -6.67 -26.60
C GLU A 116 7.40 -7.96 -27.24
N ARG A 117 6.53 -8.66 -27.95
CA ARG A 117 6.88 -9.97 -28.54
C ARG A 117 6.26 -10.05 -29.92
N ASP A 118 6.91 -10.68 -30.88
CA ASP A 118 6.31 -10.80 -32.22
C ASP A 118 5.09 -11.73 -32.14
N LEU A 119 4.03 -11.41 -32.87
CA LEU A 119 2.83 -12.27 -32.96
C LEU A 119 2.70 -12.63 -34.43
N ASP A 120 3.51 -13.56 -34.90
CA ASP A 120 3.61 -13.87 -36.33
C ASP A 120 2.87 -15.14 -36.72
N HIS A 121 2.27 -15.83 -35.75
CA HIS A 121 1.76 -17.19 -36.03
C HIS A 121 0.26 -17.30 -36.27
N GLU A 122 -0.15 -18.50 -36.64
CA GLU A 122 -1.57 -18.82 -36.92
C GLU A 122 -2.29 -19.05 -35.60
N ASN A 123 -3.56 -18.67 -35.58
CA ASN A 123 -4.47 -18.85 -34.43
C ASN A 123 -3.96 -18.11 -33.19
N ILE A 124 -3.73 -16.81 -33.31
CA ILE A 124 -3.28 -16.02 -32.13
C ILE A 124 -4.44 -16.01 -31.12
N THR A 125 -4.11 -16.19 -29.85
CA THR A 125 -5.16 -16.23 -28.81
C THR A 125 -5.03 -15.02 -27.91
N LEU A 126 -5.99 -14.86 -27.03
CA LEU A 126 -5.97 -13.79 -26.00
C LEU A 126 -4.78 -14.04 -25.09
N ILE A 127 -4.54 -15.28 -24.74
CA ILE A 127 -3.35 -15.61 -23.91
C ILE A 127 -2.10 -15.11 -24.62
N ASP A 128 -1.96 -15.40 -25.91
CA ASP A 128 -0.77 -14.95 -26.66
C ASP A 128 -0.67 -13.44 -26.60
N LEU A 129 -1.78 -12.75 -26.82
CA LEU A 129 -1.77 -11.28 -26.83
C LEU A 129 -1.38 -10.76 -25.45
N ILE A 130 -1.95 -11.34 -24.40
CA ILE A 130 -1.66 -10.92 -23.01
C ILE A 130 -0.17 -11.04 -22.72
N GLY A 131 0.49 -12.09 -23.19
CA GLY A 131 1.92 -12.26 -22.95
C GLY A 131 2.78 -11.41 -23.85
N ALA A 132 2.21 -10.80 -24.88
CA ALA A 132 2.97 -9.97 -25.82
C ALA A 132 2.73 -8.51 -25.51
N THR A 133 1.78 -8.19 -24.66
CA THR A 133 1.53 -6.77 -24.36
C THR A 133 2.43 -6.31 -23.23
N ALA A 134 3.28 -5.34 -23.49
CA ALA A 134 4.21 -4.84 -22.47
C ALA A 134 3.49 -3.88 -21.53
N TYR A 135 2.82 -2.86 -22.06
CA TYR A 135 2.13 -1.86 -21.22
C TYR A 135 1.19 -1.03 -22.07
N ALA A 136 0.39 -0.19 -21.43
CA ALA A 136 -0.56 0.65 -22.16
C ALA A 136 -0.16 2.10 -22.00
N LEU A 137 -0.62 2.94 -22.90
CA LEU A 137 -0.38 4.39 -22.83
C LEU A 137 -1.70 5.05 -23.17
N PRO A 138 -2.04 6.20 -22.59
CA PRO A 138 -3.23 6.89 -22.98
C PRO A 138 -2.91 7.54 -24.32
N ALA A 139 -3.89 7.65 -25.19
CA ALA A 139 -3.56 8.15 -26.52
C ALA A 139 -4.67 8.99 -27.13
N ILE A 140 -4.28 9.92 -27.98
CA ILE A 140 -5.30 10.65 -28.78
C ILE A 140 -4.94 10.35 -30.23
N GLU A 141 -5.85 9.77 -30.98
CA GLU A 141 -5.55 9.53 -32.39
C GLU A 141 -6.09 10.69 -33.20
N VAL A 142 -5.23 11.30 -34.01
CA VAL A 142 -5.67 12.37 -34.91
C VAL A 142 -5.88 11.74 -36.28
N VAL A 143 -7.12 11.49 -36.66
CA VAL A 143 -7.46 10.87 -37.96
C VAL A 143 -7.30 11.89 -39.10
N GLY A 144 -7.31 11.40 -40.32
CA GLY A 144 -7.13 12.33 -41.45
C GLY A 144 -7.78 11.80 -42.70
N SER A 145 -8.26 12.69 -43.55
CA SER A 145 -8.89 12.19 -44.78
C SER A 145 -8.28 12.88 -45.98
N ARG A 146 -7.80 12.07 -46.92
CA ARG A 146 -7.32 12.59 -48.21
C ARG A 146 -8.53 12.67 -49.13
N ILE A 147 -9.63 12.02 -48.78
CA ILE A 147 -10.88 12.16 -49.57
C ILE A 147 -11.64 13.35 -49.00
N ALA A 148 -12.10 14.25 -49.87
CA ALA A 148 -12.78 15.52 -49.53
C ALA A 148 -14.03 15.35 -48.68
N ASN A 149 -14.16 16.22 -47.69
CA ASN A 149 -15.33 16.31 -46.78
C ASN A 149 -15.71 14.97 -46.16
N TRP A 150 -14.75 14.14 -45.78
CA TRP A 150 -14.99 12.81 -45.14
C TRP A 150 -16.07 12.00 -45.85
N ASP A 151 -16.11 11.97 -47.18
CA ASP A 151 -17.12 11.25 -47.97
C ASP A 151 -16.58 9.84 -48.16
N ILE A 152 -16.63 9.06 -47.10
CA ILE A 152 -15.90 7.78 -47.17
C ILE A 152 -16.80 6.57 -46.90
N ASN A 153 -16.56 5.53 -47.66
CA ASN A 153 -17.18 4.20 -47.46
C ASN A 153 -16.04 3.24 -47.05
N ILE A 154 -16.31 1.97 -46.82
CA ILE A 154 -15.22 1.07 -46.38
C ILE A 154 -14.08 0.98 -47.39
N LEU A 155 -14.34 1.06 -48.68
CA LEU A 155 -13.21 0.97 -49.64
C LEU A 155 -12.40 2.25 -49.57
N ASP A 156 -13.05 3.36 -49.27
CA ASP A 156 -12.33 4.65 -49.27
C ASP A 156 -11.40 4.75 -48.09
N THR A 157 -11.92 4.46 -46.90
CA THR A 157 -11.08 4.62 -45.70
C THR A 157 -10.02 3.54 -45.67
N VAL A 158 -10.37 2.31 -46.00
CA VAL A 158 -9.31 1.27 -45.93
C VAL A 158 -8.18 1.59 -46.92
N ALA A 159 -8.51 2.04 -48.12
CA ALA A 159 -7.49 2.39 -49.13
C ALA A 159 -6.70 3.62 -48.70
N ASP A 160 -7.32 4.50 -47.93
CA ASP A 160 -6.73 5.76 -47.41
C ASP A 160 -6.18 5.52 -46.01
N ASN A 161 -5.53 4.37 -45.79
CA ASN A 161 -4.82 3.99 -44.55
C ASN A 161 -5.74 4.03 -43.34
N ALA A 162 -6.99 3.63 -43.50
CA ALA A 162 -8.02 3.62 -42.44
C ALA A 162 -8.20 5.00 -41.83
N SER A 163 -8.09 6.05 -42.65
CA SER A 163 -8.22 7.49 -42.30
C SER A 163 -7.24 7.89 -41.22
N ALA A 164 -6.05 7.31 -41.18
CA ALA A 164 -5.12 7.68 -40.11
C ALA A 164 -4.44 9.00 -40.46
N GLY A 165 -3.97 9.68 -39.45
CA GLY A 165 -3.24 10.94 -39.62
C GLY A 165 -2.10 10.98 -38.62
N LEU A 166 -2.41 11.22 -37.37
CA LEU A 166 -1.36 11.30 -36.35
C LEU A 166 -1.79 10.59 -35.08
N TYR A 167 -0.84 10.19 -34.25
CA TYR A 167 -1.19 9.56 -32.95
C TYR A 167 -0.41 10.29 -31.85
N VAL A 168 -1.08 10.65 -30.77
CA VAL A 168 -0.43 11.36 -29.65
C VAL A 168 -0.37 10.40 -28.48
N LEU A 169 0.81 10.14 -27.96
CA LEU A 169 0.92 9.19 -26.85
C LEU A 169 1.41 9.89 -25.59
N GLY A 170 1.05 9.35 -24.44
CA GLY A 170 1.55 9.87 -23.16
C GLY A 170 2.94 9.33 -22.87
N HIS A 171 3.57 9.84 -21.83
CA HIS A 171 4.95 9.45 -21.50
C HIS A 171 5.05 8.41 -20.40
N THR A 172 3.97 8.15 -19.68
CA THR A 172 4.08 7.26 -18.51
C THR A 172 3.46 5.89 -18.76
N PRO A 173 4.25 4.82 -18.85
CA PRO A 173 3.70 3.52 -19.11
C PRO A 173 2.88 2.99 -17.92
N VAL A 174 1.87 2.20 -18.22
CA VAL A 174 1.05 1.58 -17.15
C VAL A 174 0.90 0.12 -17.51
N LYS A 175 1.25 -0.77 -16.61
CA LYS A 175 1.15 -2.22 -16.90
C LYS A 175 -0.31 -2.65 -16.93
N LEU A 176 -0.59 -3.76 -17.59
CA LEU A 176 -1.99 -4.21 -17.69
C LEU A 176 -2.43 -4.89 -16.41
N GLU A 177 -1.50 -5.49 -15.68
CA GLU A 177 -1.88 -6.16 -14.41
C GLU A 177 -2.42 -5.04 -13.53
N GLY A 178 -3.62 -5.19 -13.01
CA GLY A 178 -4.15 -4.08 -12.21
C GLY A 178 -4.49 -2.89 -13.07
N LEU A 179 -5.03 -3.15 -14.25
CA LEU A 179 -5.55 -2.07 -15.11
C LEU A 179 -6.90 -2.58 -15.59
N ASP A 180 -7.98 -1.92 -15.22
CA ASP A 180 -9.33 -2.35 -15.65
C ASP A 180 -9.60 -1.61 -16.94
N LEU A 181 -9.38 -2.24 -18.07
CA LEU A 181 -9.61 -1.53 -19.34
C LEU A 181 -11.06 -1.72 -19.79
N ARG A 182 -11.88 -2.45 -19.07
CA ARG A 182 -13.28 -2.60 -19.49
C ARG A 182 -14.11 -1.43 -18.97
N LEU A 183 -13.85 -1.02 -17.73
CA LEU A 183 -14.67 0.05 -17.13
C LEU A 183 -13.89 1.36 -17.09
N ALA A 184 -12.70 1.38 -17.64
CA ALA A 184 -11.89 2.62 -17.65
C ALA A 184 -12.70 3.77 -18.27
N GLY A 185 -12.93 4.82 -17.49
CA GLY A 185 -13.70 5.98 -17.95
C GLY A 185 -12.89 6.85 -18.86
N MET A 186 -13.54 7.51 -19.81
CA MET A 186 -12.79 8.38 -20.72
C MET A 186 -13.50 9.72 -20.86
N VAL A 187 -12.73 10.78 -20.89
CA VAL A 187 -13.29 12.12 -21.16
C VAL A 187 -12.25 12.87 -21.99
N MET A 188 -12.68 13.62 -22.99
CA MET A 188 -11.73 14.45 -23.78
C MET A 188 -12.30 15.85 -23.71
N GLU A 189 -11.48 16.83 -23.42
CA GLU A 189 -12.07 18.17 -23.31
C GLU A 189 -11.26 19.19 -24.09
N ARG A 190 -11.95 20.23 -24.53
CA ARG A 190 -11.34 21.34 -25.28
C ARG A 190 -11.83 22.63 -24.63
N ALA A 191 -10.92 23.48 -24.18
CA ALA A 191 -11.27 24.77 -23.55
C ALA A 191 -12.27 24.61 -22.40
N GLY A 192 -12.12 23.58 -21.58
CA GLY A 192 -13.03 23.31 -20.45
C GLY A 192 -14.34 22.67 -20.84
N GLN A 193 -14.57 22.37 -22.11
CA GLN A 193 -15.85 21.77 -22.54
C GLN A 193 -15.67 20.28 -22.77
N GLN A 194 -16.55 19.46 -22.24
CA GLN A 194 -16.46 18.01 -22.46
C GLN A 194 -16.89 17.71 -23.90
N VAL A 195 -15.95 17.43 -24.79
CA VAL A 195 -16.25 17.17 -26.22
C VAL A 195 -16.43 15.68 -26.51
N SER A 196 -15.84 14.81 -25.72
CA SER A 196 -16.01 13.36 -25.94
C SER A 196 -16.03 12.61 -24.61
N LEU A 197 -17.03 11.76 -24.44
CA LEU A 197 -17.17 10.95 -23.22
C LEU A 197 -17.21 9.49 -23.64
N GLY A 198 -16.65 8.59 -22.85
CA GLY A 198 -16.67 7.17 -23.22
C GLY A 198 -16.21 6.28 -22.10
N VAL A 199 -15.95 5.02 -22.43
CA VAL A 199 -15.50 4.00 -21.46
C VAL A 199 -14.75 2.91 -22.24
N GLY A 200 -13.94 2.11 -21.57
CA GLY A 200 -13.13 1.08 -22.22
C GLY A 200 -13.94 0.07 -23.00
N ALA A 201 -15.13 -0.27 -22.55
CA ALA A 201 -16.03 -1.23 -23.22
C ALA A 201 -16.54 -0.72 -24.56
N ALA A 202 -16.51 0.58 -24.84
CA ALA A 202 -16.94 1.15 -26.13
C ALA A 202 -16.01 0.69 -27.25
N CYS A 203 -14.75 0.44 -26.95
CA CYS A 203 -13.80 -0.08 -27.94
C CYS A 203 -13.95 -1.57 -28.09
N LEU A 204 -15.01 -2.00 -28.78
CA LEU A 204 -15.33 -3.40 -29.11
C LEU A 204 -15.43 -4.27 -27.87
N GLY A 205 -15.95 -3.77 -26.77
CA GLY A 205 -16.06 -4.60 -25.56
C GLY A 205 -14.89 -4.49 -24.62
N HIS A 206 -13.69 -4.32 -25.15
CA HIS A 206 -12.42 -4.22 -24.40
C HIS A 206 -11.36 -3.92 -25.45
N PRO A 207 -10.40 -3.03 -25.19
CA PRO A 207 -9.35 -2.76 -26.15
C PRO A 207 -8.59 -4.00 -26.63
N LEU A 208 -8.34 -4.98 -25.77
CA LEU A 208 -7.66 -6.23 -26.14
C LEU A 208 -8.50 -7.03 -27.13
N ASN A 209 -9.81 -6.93 -27.13
CA ASN A 209 -10.63 -7.63 -28.15
C ASN A 209 -10.25 -7.15 -29.55
N ALA A 210 -10.06 -5.84 -29.72
CA ALA A 210 -9.68 -5.26 -31.01
C ALA A 210 -8.24 -5.61 -31.35
N ALA A 211 -7.36 -5.66 -30.36
CA ALA A 211 -5.95 -5.98 -30.65
C ALA A 211 -5.85 -7.43 -31.09
N LEU A 212 -6.66 -8.30 -30.50
CA LEU A 212 -6.70 -9.71 -30.92
C LEU A 212 -7.23 -9.76 -32.35
N TRP A 213 -8.23 -8.95 -32.68
CA TRP A 213 -8.74 -8.93 -34.06
C TRP A 213 -7.63 -8.44 -34.98
N LEU A 214 -6.89 -7.42 -34.58
CA LEU A 214 -5.85 -6.81 -35.44
C LEU A 214 -4.73 -7.81 -35.64
N ALA A 215 -4.25 -8.41 -34.56
CA ALA A 215 -3.15 -9.38 -34.59
C ALA A 215 -3.45 -10.51 -35.57
N ARG A 216 -4.63 -11.06 -35.49
CA ARG A 216 -5.04 -12.19 -36.35
C ARG A 216 -5.21 -11.77 -37.79
N THR A 217 -5.73 -10.57 -38.02
CA THR A 217 -5.95 -10.07 -39.39
C THR A 217 -4.60 -9.74 -40.01
N LEU A 218 -3.66 -9.28 -39.21
CA LEU A 218 -2.33 -8.92 -39.74
C LEU A 218 -1.59 -10.19 -40.11
N VAL A 219 -1.81 -11.27 -39.39
CA VAL A 219 -1.16 -12.56 -39.72
C VAL A 219 -1.69 -13.08 -41.05
N LYS A 220 -2.96 -12.84 -41.33
CA LYS A 220 -3.60 -13.26 -42.59
C LYS A 220 -3.07 -12.47 -43.79
N GLN A 221 -2.50 -11.28 -43.59
CA GLN A 221 -2.00 -10.46 -44.70
C GLN A 221 -0.50 -10.52 -44.81
N GLY A 222 0.18 -11.23 -43.92
CA GLY A 222 1.64 -11.36 -44.02
C GLY A 222 2.40 -10.23 -43.37
N THR A 223 1.72 -9.37 -42.62
CA THR A 223 2.40 -8.26 -41.93
C THR A 223 2.03 -8.30 -40.45
N PRO A 224 2.51 -9.28 -39.68
CA PRO A 224 2.14 -9.41 -38.28
C PRO A 224 2.70 -8.39 -37.29
N LEU A 225 2.09 -8.31 -36.12
CA LEU A 225 2.55 -7.35 -35.09
C LEU A 225 3.95 -7.74 -34.63
N LYS A 226 4.79 -6.75 -34.44
CA LYS A 226 6.19 -7.00 -34.06
C LYS A 226 6.50 -6.30 -32.77
N SER A 227 7.49 -6.77 -32.03
CA SER A 227 7.95 -6.14 -30.78
C SER A 227 8.24 -4.65 -31.03
N GLY A 228 7.70 -3.79 -30.20
CA GLY A 228 7.89 -2.33 -30.29
C GLY A 228 6.73 -1.64 -30.98
N ASP A 229 5.85 -2.38 -31.61
CA ASP A 229 4.72 -1.79 -32.35
C ASP A 229 3.72 -1.18 -31.38
N VAL A 230 3.11 -0.08 -31.77
CA VAL A 230 2.07 0.54 -30.90
C VAL A 230 0.74 0.23 -31.57
N VAL A 231 -0.25 -0.15 -30.78
CA VAL A 231 -1.57 -0.46 -31.36
C VAL A 231 -2.57 0.56 -30.86
N LEU A 232 -3.07 1.42 -31.74
CA LEU A 232 -4.15 2.32 -31.34
C LEU A 232 -5.40 1.45 -31.42
N SER A 233 -5.85 0.92 -30.29
CA SER A 233 -6.90 -0.11 -30.18
C SER A 233 -8.31 0.35 -30.56
N GLY A 234 -8.58 1.64 -30.61
CA GLY A 234 -9.95 1.99 -31.01
C GLY A 234 -10.55 3.11 -30.22
N ALA A 235 -11.56 3.75 -30.80
CA ALA A 235 -12.21 4.90 -30.19
C ALA A 235 -12.83 4.52 -28.85
N LEU A 236 -12.60 5.34 -27.84
CA LEU A 236 -13.24 5.12 -26.54
C LEU A 236 -14.53 5.95 -26.52
N GLY A 237 -14.61 6.96 -27.39
CA GLY A 237 -15.80 7.82 -27.51
C GLY A 237 -15.80 8.57 -28.82
N PRO A 238 -16.84 9.34 -29.14
CA PRO A 238 -16.96 10.06 -30.40
C PRO A 238 -15.77 10.90 -30.86
N LEU A 239 -15.61 10.98 -32.17
CA LEU A 239 -14.52 11.74 -32.79
C LEU A 239 -14.93 13.20 -32.79
N VAL A 240 -14.00 14.10 -32.57
CA VAL A 240 -14.37 15.54 -32.55
C VAL A 240 -13.47 16.27 -33.54
N ALA A 241 -14.06 17.05 -34.43
CA ALA A 241 -13.31 17.78 -35.46
C ALA A 241 -12.30 18.70 -34.80
N ALA A 242 -11.11 18.77 -35.35
CA ALA A 242 -10.09 19.64 -34.76
C ALA A 242 -9.96 20.92 -35.57
N ASN A 243 -9.75 22.04 -34.89
CA ASN A 243 -9.58 23.33 -35.57
C ASN A 243 -8.21 23.89 -35.22
N PRO A 244 -7.59 24.76 -36.02
CA PRO A 244 -6.30 25.28 -35.67
C PRO A 244 -6.31 26.00 -34.33
N GLY A 245 -5.28 25.74 -33.53
CA GLY A 245 -5.09 26.33 -32.19
C GLY A 245 -5.65 25.44 -31.10
N ASP A 246 -6.49 24.50 -31.47
CA ASP A 246 -7.21 23.64 -30.50
C ASP A 246 -6.25 22.83 -29.64
N VAL A 247 -6.60 22.69 -28.36
CA VAL A 247 -5.86 21.77 -27.47
C VAL A 247 -6.89 20.75 -26.99
N PHE A 248 -6.65 19.47 -27.25
CA PHE A 248 -7.56 18.45 -26.71
C PHE A 248 -6.83 17.73 -25.59
N GLU A 249 -7.50 17.53 -24.45
CA GLU A 249 -6.92 16.76 -23.34
C GLU A 249 -7.80 15.56 -23.05
N ALA A 250 -7.26 14.36 -23.15
CA ALA A 250 -8.03 13.13 -22.87
C ALA A 250 -7.56 12.50 -21.56
N ARG A 251 -8.49 11.99 -20.77
CA ARG A 251 -8.18 11.34 -19.48
C ARG A 251 -8.81 9.95 -19.44
N ILE A 252 -7.99 8.93 -19.25
CA ILE A 252 -8.49 7.53 -19.13
C ILE A 252 -8.22 7.09 -17.71
N GLN A 253 -9.27 6.96 -16.91
CA GLN A 253 -9.18 6.63 -15.47
C GLN A 253 -8.30 5.40 -15.22
N GLY A 254 -7.15 5.64 -14.61
CA GLY A 254 -6.21 4.57 -14.30
C GLY A 254 -5.14 4.46 -15.35
N LEU A 255 -5.23 5.23 -16.42
CA LEU A 255 -4.22 5.12 -17.47
C LEU A 255 -3.50 6.45 -17.57
N GLY A 256 -4.16 7.55 -17.32
CA GLY A 256 -3.41 8.80 -17.39
C GLY A 256 -4.04 9.83 -18.31
N SER A 257 -3.26 10.81 -18.71
CA SER A 257 -3.79 11.89 -19.56
C SER A 257 -2.86 12.12 -20.75
N VAL A 258 -3.33 12.84 -21.75
CA VAL A 258 -2.50 13.13 -22.94
C VAL A 258 -3.10 14.35 -23.64
N ARG A 259 -2.25 15.25 -24.12
CA ARG A 259 -2.76 16.48 -24.74
C ARG A 259 -2.41 16.56 -26.24
N ALA A 260 -3.43 16.79 -27.06
CA ALA A 260 -3.25 17.03 -28.50
C ALA A 260 -3.34 18.54 -28.69
N CYS A 261 -2.20 19.17 -28.95
CA CYS A 261 -2.06 20.64 -29.11
C CYS A 261 -1.87 21.00 -30.56
N PHE A 262 -2.93 21.38 -31.25
CA PHE A 262 -2.81 21.75 -32.68
C PHE A 262 -2.29 23.18 -32.80
N SER A 263 -1.26 23.37 -33.60
CA SER A 263 -0.72 24.73 -33.77
C SER A 263 -1.58 25.50 -34.77
N PRO A 264 -1.53 26.84 -34.82
CA PRO A 264 -2.32 27.61 -35.74
C PRO A 264 -1.80 27.53 -37.17
N ALA A 265 -2.70 27.68 -38.13
CA ALA A 265 -2.39 27.64 -39.57
C ALA A 265 -1.53 28.85 -39.92
N ASP B 2 -2.18 -46.27 -24.36
CA ASP B 2 -2.99 -47.16 -25.23
C ASP B 2 -2.14 -47.54 -26.44
N LEU B 3 -2.06 -48.84 -26.77
CA LEU B 3 -1.23 -49.31 -27.89
C LEU B 3 -2.12 -49.65 -29.09
N ASN B 4 -3.42 -49.59 -28.93
CA ASN B 4 -4.32 -49.90 -30.06
C ASN B 4 -5.37 -48.79 -30.08
N TRP B 5 -4.95 -47.60 -29.68
CA TRP B 5 -5.85 -46.43 -29.58
C TRP B 5 -6.53 -46.14 -30.92
N MET B 6 -5.89 -46.37 -32.05
CA MET B 6 -6.55 -45.98 -33.31
C MET B 6 -7.28 -47.17 -33.94
N SER B 7 -8.13 -47.82 -33.16
CA SER B 7 -8.88 -49.00 -33.65
C SER B 7 -10.01 -48.56 -34.58
N GLU B 8 -10.52 -49.50 -35.36
CA GLU B 8 -11.63 -49.24 -36.29
C GLU B 8 -12.87 -48.93 -35.47
N GLN B 9 -13.00 -49.58 -34.33
CA GLN B 9 -14.17 -49.34 -33.46
C GLN B 9 -14.06 -47.94 -32.88
N ASN B 10 -12.84 -47.54 -32.48
CA ASN B 10 -12.66 -46.22 -31.84
C ASN B 10 -12.90 -45.14 -32.87
N ALA B 11 -12.43 -45.33 -34.09
CA ALA B 11 -12.63 -44.34 -35.14
C ALA B 11 -14.11 -44.24 -35.49
N LYS B 12 -14.89 -45.29 -35.32
CA LYS B 12 -16.33 -45.19 -35.64
C LYS B 12 -17.01 -44.30 -34.61
N LEU B 13 -16.75 -44.54 -33.34
CA LEU B 13 -17.35 -43.77 -32.24
C LEU B 13 -16.87 -42.32 -32.33
N ALA B 14 -15.59 -42.11 -32.58
CA ALA B 14 -15.08 -40.73 -32.70
C ALA B 14 -15.83 -40.01 -33.80
N ALA B 15 -15.97 -40.65 -34.95
CA ALA B 15 -16.69 -40.05 -36.09
C ALA B 15 -18.16 -39.83 -35.73
N LEU B 16 -18.74 -40.70 -34.94
CA LEU B 16 -20.15 -40.50 -34.55
C LEU B 16 -20.26 -39.17 -33.83
N LEU B 17 -19.42 -38.96 -32.83
CA LEU B 17 -19.47 -37.72 -32.03
C LEU B 17 -19.16 -36.53 -32.91
N ASN B 18 -18.22 -36.67 -33.82
CA ASN B 18 -17.88 -35.54 -34.71
C ASN B 18 -19.08 -35.15 -35.58
N GLU B 19 -19.85 -36.12 -36.06
CA GLU B 19 -21.00 -35.77 -36.93
C GLU B 19 -22.08 -35.13 -36.06
N ALA B 20 -22.21 -35.58 -34.84
CA ALA B 20 -23.19 -34.98 -33.93
C ALA B 20 -22.86 -33.50 -33.76
N GLU B 21 -21.58 -33.18 -33.70
CA GLU B 21 -21.14 -31.77 -33.50
C GLU B 21 -21.36 -30.96 -34.76
N LEU B 22 -20.97 -31.44 -35.93
CA LEU B 22 -21.19 -30.61 -37.14
C LEU B 22 -22.68 -30.51 -37.43
N SER B 23 -23.42 -31.59 -37.25
CA SER B 23 -24.86 -31.54 -37.58
C SER B 23 -25.66 -30.79 -36.52
N GLU B 24 -25.09 -30.61 -35.33
CA GLU B 24 -25.73 -29.96 -34.16
C GLU B 24 -26.91 -30.80 -33.69
N LYS B 25 -26.78 -32.12 -33.75
CA LYS B 25 -27.88 -33.02 -33.33
C LYS B 25 -27.32 -34.08 -32.41
N PRO B 26 -27.49 -33.96 -31.09
CA PRO B 26 -27.01 -34.94 -30.16
C PRO B 26 -27.46 -36.36 -30.47
N ILE B 27 -26.55 -37.30 -30.29
CA ILE B 27 -26.85 -38.71 -30.58
C ILE B 27 -27.10 -39.44 -29.26
N GLU B 28 -27.32 -40.74 -29.36
CA GLU B 28 -27.58 -41.61 -28.20
C GLU B 28 -26.27 -41.89 -27.48
N PRO B 29 -26.29 -42.35 -26.24
CA PRO B 29 -25.08 -42.69 -25.53
C PRO B 29 -24.21 -43.70 -26.27
N VAL B 30 -22.91 -43.57 -26.14
CA VAL B 30 -22.01 -44.53 -26.84
C VAL B 30 -21.39 -45.47 -25.82
N ARG B 31 -21.77 -45.37 -24.55
CA ARG B 31 -21.13 -46.20 -23.51
C ARG B 31 -21.26 -47.67 -23.87
N GLY B 32 -22.35 -48.02 -24.54
CA GLY B 32 -22.60 -49.43 -24.91
C GLY B 32 -21.55 -50.00 -25.82
N HIS B 33 -21.09 -49.21 -26.79
CA HIS B 33 -20.08 -49.70 -27.75
C HIS B 33 -18.66 -49.59 -27.20
N ILE B 34 -18.49 -49.11 -25.97
CA ILE B 34 -17.13 -48.97 -25.38
C ILE B 34 -16.94 -50.09 -24.37
N GLU B 35 -16.02 -51.00 -24.61
CA GLU B 35 -15.87 -52.10 -23.63
C GLU B 35 -14.47 -52.09 -23.05
N GLY B 36 -13.68 -51.08 -23.40
CA GLY B 36 -12.29 -51.04 -22.94
C GLY B 36 -12.09 -50.14 -21.75
N GLY B 37 -13.18 -49.70 -21.17
CA GLY B 37 -13.13 -48.82 -19.99
C GLY B 37 -12.81 -47.40 -20.36
N ILE B 38 -12.40 -46.62 -19.36
CA ILE B 38 -12.11 -45.17 -19.51
C ILE B 38 -10.88 -44.98 -20.39
N ALA B 39 -10.02 -45.98 -20.47
CA ALA B 39 -8.84 -45.86 -21.33
C ALA B 39 -9.29 -45.84 -22.79
N GLN B 40 -10.39 -46.50 -23.09
CA GLN B 40 -10.87 -46.52 -24.49
C GLN B 40 -11.58 -45.20 -24.77
N ALA B 41 -12.20 -44.61 -23.76
CA ALA B 41 -12.92 -43.34 -23.94
C ALA B 41 -11.96 -42.21 -24.27
N TYR B 42 -10.76 -42.19 -23.67
CA TYR B 42 -9.75 -41.14 -23.92
C TYR B 42 -9.18 -41.33 -25.31
N ALA B 43 -8.99 -42.59 -25.69
CA ALA B 43 -8.51 -42.93 -27.04
C ALA B 43 -9.47 -42.34 -28.06
N ILE B 44 -10.76 -42.36 -27.75
CA ILE B 44 -11.77 -41.83 -28.69
C ILE B 44 -11.63 -40.32 -28.71
N GLN B 45 -11.34 -39.72 -27.58
CA GLN B 45 -11.18 -38.26 -27.54
C GLN B 45 -9.91 -37.90 -28.32
N GLN B 46 -8.87 -38.70 -28.18
CA GLN B 46 -7.61 -38.39 -28.88
C GLN B 46 -7.82 -38.41 -30.38
N ILE B 47 -8.65 -39.31 -30.89
CA ILE B 47 -8.89 -39.38 -32.37
C ILE B 47 -9.53 -38.07 -32.77
N ASN B 48 -10.51 -37.61 -32.02
CA ASN B 48 -11.17 -36.36 -32.42
C ASN B 48 -10.22 -35.17 -32.30
N VAL B 49 -9.28 -35.21 -31.36
CA VAL B 49 -8.28 -34.12 -31.15
C VAL B 49 -7.38 -34.09 -32.38
N GLN B 50 -6.92 -35.25 -32.82
CA GLN B 50 -6.04 -35.41 -34.00
C GLN B 50 -6.79 -34.93 -35.23
N ARG B 51 -8.09 -35.15 -35.28
CA ARG B 51 -8.92 -34.70 -36.41
C ARG B 51 -8.98 -33.18 -36.38
N GLN B 52 -9.21 -32.61 -35.21
CA GLN B 52 -9.26 -31.14 -35.10
C GLN B 52 -7.89 -30.61 -35.49
N LEU B 53 -6.81 -31.30 -35.11
CA LEU B 53 -5.45 -30.83 -35.44
C LEU B 53 -5.25 -30.88 -36.95
N ALA B 54 -5.70 -31.96 -37.58
CA ALA B 54 -5.55 -32.18 -39.04
C ALA B 54 -6.35 -31.12 -39.78
N ALA B 55 -7.37 -30.55 -39.14
CA ALA B 55 -8.17 -29.47 -39.74
C ALA B 55 -7.48 -28.14 -39.52
N GLY B 56 -6.28 -28.15 -38.91
CA GLY B 56 -5.49 -26.94 -38.71
C GLY B 56 -5.81 -26.18 -37.43
N ARG B 57 -6.45 -26.82 -36.46
CA ARG B 57 -6.80 -26.14 -35.19
C ARG B 57 -5.60 -26.16 -34.25
N ARG B 58 -5.68 -25.42 -33.16
CA ARG B 58 -4.57 -25.36 -32.21
C ARG B 58 -5.04 -25.80 -30.83
N VAL B 59 -4.28 -26.66 -30.17
CA VAL B 59 -4.63 -27.02 -28.78
C VAL B 59 -4.19 -25.88 -27.86
N THR B 60 -5.14 -25.24 -27.19
CA THR B 60 -4.83 -24.09 -26.33
C THR B 60 -4.89 -24.46 -24.85
N GLY B 61 -5.16 -25.72 -24.52
CA GLY B 61 -5.22 -26.11 -23.11
C GLY B 61 -6.09 -27.31 -22.83
N ARG B 62 -6.31 -27.60 -21.57
CA ARG B 62 -7.16 -28.74 -21.17
C ARG B 62 -8.20 -28.27 -20.18
N LYS B 63 -9.25 -29.05 -20.00
CA LYS B 63 -10.29 -28.78 -19.00
C LYS B 63 -10.38 -30.00 -18.10
N ILE B 64 -10.73 -29.78 -16.86
CA ILE B 64 -10.80 -30.85 -15.83
C ILE B 64 -12.26 -30.94 -15.39
N GLY B 65 -12.76 -32.16 -15.29
CA GLY B 65 -14.13 -32.35 -14.81
C GLY B 65 -14.16 -33.24 -13.60
N LEU B 66 -15.34 -33.41 -13.02
CA LEU B 66 -15.58 -34.27 -11.84
C LEU B 66 -14.55 -33.91 -10.77
N THR B 67 -14.56 -32.65 -10.35
CA THR B 67 -13.59 -32.12 -9.38
C THR B 67 -14.22 -32.05 -8.00
N SER B 68 -15.30 -32.79 -7.84
CA SER B 68 -16.09 -32.93 -6.59
C SER B 68 -16.19 -34.41 -6.28
N ALA B 69 -16.21 -34.82 -5.03
CA ALA B 69 -16.36 -36.25 -4.71
C ALA B 69 -17.81 -36.63 -4.94
N ALA B 70 -18.71 -35.68 -4.78
CA ALA B 70 -20.14 -35.97 -4.98
C ALA B 70 -20.39 -36.22 -6.47
N VAL B 71 -19.60 -35.59 -7.32
CA VAL B 71 -19.78 -35.72 -8.78
C VAL B 71 -18.99 -36.92 -9.25
N GLN B 72 -17.96 -37.29 -8.51
CA GLN B 72 -17.16 -38.46 -8.90
C GLN B 72 -17.98 -39.70 -8.63
N LYS B 73 -18.71 -39.70 -7.52
CA LYS B 73 -19.53 -40.84 -7.05
C LYS B 73 -20.71 -41.06 -7.98
N GLN B 74 -21.32 -40.01 -8.49
CA GLN B 74 -22.48 -40.22 -9.39
C GLN B 74 -22.00 -40.87 -10.69
N LEU B 75 -20.70 -40.99 -10.91
CA LEU B 75 -20.28 -41.61 -12.19
C LEU B 75 -19.47 -42.86 -11.89
N GLY B 76 -19.49 -43.32 -10.65
CA GLY B 76 -18.70 -44.51 -10.32
C GLY B 76 -17.22 -44.31 -10.49
N VAL B 77 -16.71 -43.10 -10.26
CA VAL B 77 -15.24 -42.84 -10.35
C VAL B 77 -14.77 -42.18 -9.06
N ASP B 78 -13.47 -42.20 -8.80
CA ASP B 78 -12.91 -41.56 -7.59
C ASP B 78 -11.84 -40.56 -8.02
N GLN B 79 -11.70 -40.36 -9.32
CA GLN B 79 -10.71 -39.41 -9.88
C GLN B 79 -11.41 -38.46 -10.85
N PRO B 80 -10.78 -37.33 -11.24
CA PRO B 80 -11.34 -36.45 -12.23
C PRO B 80 -11.10 -36.95 -13.67
N ASP B 81 -11.60 -36.18 -14.62
CA ASP B 81 -11.43 -36.50 -16.05
C ASP B 81 -10.90 -35.26 -16.77
N PHE B 82 -10.51 -35.39 -18.02
CA PHE B 82 -10.03 -34.20 -18.73
C PHE B 82 -10.53 -34.23 -20.16
N GLY B 83 -10.74 -33.03 -20.70
CA GLY B 83 -11.11 -32.76 -22.09
C GLY B 83 -10.05 -31.89 -22.72
N THR B 84 -10.12 -31.66 -24.02
CA THR B 84 -9.07 -30.86 -24.69
C THR B 84 -9.62 -29.51 -25.16
N LEU B 85 -8.89 -28.44 -24.93
CA LEU B 85 -9.37 -27.12 -25.39
C LEU B 85 -8.68 -26.77 -26.70
N PHE B 86 -9.43 -26.11 -27.58
CA PHE B 86 -8.93 -25.67 -28.89
C PHE B 86 -9.20 -24.19 -29.02
N ASP B 87 -8.45 -23.53 -29.90
CA ASP B 87 -8.53 -22.09 -30.16
C ASP B 87 -9.93 -21.70 -30.64
N SER B 88 -10.66 -22.63 -31.23
CA SER B 88 -12.02 -22.36 -31.73
C SER B 88 -13.01 -22.33 -30.56
N MET B 89 -12.59 -22.75 -29.39
CA MET B 89 -13.48 -22.79 -28.21
C MET B 89 -13.29 -21.52 -27.37
N ALA B 90 -12.29 -20.70 -27.69
CA ALA B 90 -11.99 -19.50 -26.87
C ALA B 90 -13.00 -18.38 -27.03
N VAL B 91 -13.36 -17.75 -25.92
CA VAL B 91 -14.28 -16.58 -25.89
C VAL B 91 -13.74 -15.56 -24.88
N ASN B 92 -13.67 -14.30 -25.28
CA ASN B 92 -13.20 -13.26 -24.34
C ASN B 92 -14.42 -12.75 -23.57
N ASP B 93 -14.19 -12.25 -22.36
CA ASP B 93 -15.25 -11.69 -21.51
C ASP B 93 -16.07 -10.67 -22.29
N GLY B 94 -17.38 -10.84 -22.29
CA GLY B 94 -18.27 -9.87 -22.95
C GLY B 94 -18.58 -10.17 -24.40
N GLU B 95 -17.75 -10.97 -25.08
CA GLU B 95 -18.01 -11.29 -26.50
C GLU B 95 -19.34 -12.04 -26.64
N GLU B 96 -20.11 -11.71 -27.67
CA GLU B 96 -21.39 -12.40 -27.95
C GLU B 96 -21.07 -13.82 -28.37
N ILE B 97 -21.76 -14.80 -27.81
CA ILE B 97 -21.51 -16.21 -28.18
C ILE B 97 -22.63 -16.68 -29.08
N ALA B 98 -22.30 -17.01 -30.32
CA ALA B 98 -23.27 -17.49 -31.31
C ALA B 98 -23.81 -18.82 -30.81
N TRP B 99 -25.14 -18.93 -30.79
CA TRP B 99 -25.87 -20.11 -30.30
C TRP B 99 -25.50 -21.34 -31.13
N SER B 100 -24.88 -21.14 -32.27
CA SER B 100 -24.52 -22.30 -33.11
C SER B 100 -23.23 -22.92 -32.58
N ARG B 101 -22.56 -22.22 -31.68
CA ARG B 101 -21.29 -22.72 -31.10
C ARG B 101 -21.59 -23.54 -29.85
N THR B 102 -22.86 -23.63 -29.48
CA THR B 102 -23.24 -24.36 -28.25
C THR B 102 -24.15 -25.53 -28.56
N LEU B 103 -24.02 -26.58 -27.77
CA LEU B 103 -24.86 -27.78 -27.86
C LEU B 103 -25.21 -28.18 -26.44
N GLN B 104 -26.44 -27.90 -26.02
CA GLN B 104 -26.96 -28.15 -24.66
C GLN B 104 -26.08 -27.36 -23.69
N PRO B 105 -25.87 -26.05 -23.91
CA PRO B 105 -25.01 -25.26 -23.04
C PRO B 105 -25.35 -25.18 -21.55
N LYS B 106 -24.32 -25.35 -20.73
CA LYS B 106 -24.40 -25.20 -19.27
C LYS B 106 -23.16 -24.40 -18.85
N CYS B 107 -23.28 -23.60 -17.82
CA CYS B 107 -22.15 -22.73 -17.39
C CYS B 107 -21.60 -23.09 -16.02
N GLU B 108 -20.30 -22.95 -15.86
CA GLU B 108 -19.65 -23.20 -14.56
C GLU B 108 -18.51 -22.19 -14.38
N ALA B 109 -18.49 -21.52 -13.23
CA ALA B 109 -17.43 -20.56 -12.90
C ALA B 109 -16.17 -21.33 -12.54
N GLU B 110 -15.04 -20.94 -13.06
CA GLU B 110 -13.83 -21.72 -12.78
C GLU B 110 -12.64 -20.79 -12.66
N VAL B 111 -11.55 -21.31 -12.14
CA VAL B 111 -10.28 -20.57 -12.11
C VAL B 111 -9.49 -21.07 -13.30
N ALA B 112 -8.96 -20.19 -14.12
CA ALA B 112 -8.14 -20.65 -15.24
C ALA B 112 -6.67 -20.41 -14.91
N LEU B 113 -5.84 -21.40 -15.11
CA LEU B 113 -4.41 -21.19 -14.83
C LEU B 113 -3.70 -21.20 -16.17
N VAL B 114 -2.93 -20.17 -16.44
CA VAL B 114 -2.13 -20.10 -17.69
C VAL B 114 -0.78 -20.72 -17.35
N ILE B 115 -0.30 -21.63 -18.19
CA ILE B 115 0.96 -22.34 -17.89
C ILE B 115 2.10 -21.62 -18.61
N GLU B 116 3.25 -21.46 -17.99
CA GLU B 116 4.34 -20.75 -18.70
C GLU B 116 5.52 -21.69 -18.95
N ARG B 117 5.45 -22.93 -18.53
CA ARG B 117 6.59 -23.83 -18.79
C ARG B 117 6.07 -25.23 -19.08
N ASP B 118 6.78 -25.98 -19.91
CA ASP B 118 6.35 -27.37 -20.21
C ASP B 118 6.50 -28.22 -18.95
N LEU B 119 5.58 -29.14 -18.72
CA LEU B 119 5.63 -30.09 -17.60
C LEU B 119 5.55 -31.48 -18.21
N ASP B 120 6.68 -31.93 -18.76
CA ASP B 120 6.83 -33.16 -19.56
C ASP B 120 7.36 -34.34 -18.76
N HIS B 121 7.90 -34.09 -17.58
CA HIS B 121 8.56 -35.18 -16.82
C HIS B 121 7.61 -35.99 -15.96
N GLU B 122 8.12 -37.11 -15.46
CA GLU B 122 7.41 -38.01 -14.55
C GLU B 122 7.45 -37.44 -13.15
N ASN B 123 6.54 -37.88 -12.29
CA ASN B 123 6.51 -37.45 -10.88
C ASN B 123 6.48 -35.94 -10.78
N ILE B 124 5.52 -35.30 -11.42
CA ILE B 124 5.38 -33.84 -11.32
C ILE B 124 4.92 -33.52 -9.88
N THR B 125 5.46 -32.46 -9.32
CA THR B 125 5.09 -32.10 -7.94
C THR B 125 4.39 -30.75 -7.94
N LEU B 126 3.84 -30.38 -6.79
CA LEU B 126 3.19 -29.08 -6.60
C LEU B 126 4.22 -28.01 -6.83
N ILE B 127 5.47 -28.32 -6.53
CA ILE B 127 6.53 -27.31 -6.69
C ILE B 127 6.68 -27.00 -8.16
N ASP B 128 6.77 -28.04 -8.98
CA ASP B 128 6.85 -27.91 -10.45
C ASP B 128 5.64 -27.13 -10.94
N LEU B 129 4.45 -27.46 -10.47
CA LEU B 129 3.23 -26.79 -10.97
C LEU B 129 3.25 -25.33 -10.59
N ILE B 130 3.62 -25.02 -9.36
CA ILE B 130 3.68 -23.60 -8.89
C ILE B 130 4.67 -22.86 -9.76
N GLY B 131 5.80 -23.48 -10.07
CA GLY B 131 6.84 -22.84 -10.86
C GLY B 131 6.44 -22.62 -12.29
N ALA B 132 5.55 -23.44 -12.82
CA ALA B 132 5.14 -23.35 -14.23
C ALA B 132 3.89 -22.48 -14.38
N THR B 133 3.22 -22.15 -13.29
CA THR B 133 1.99 -21.33 -13.41
C THR B 133 2.33 -19.86 -13.56
N ALA B 134 1.92 -19.28 -14.67
CA ALA B 134 2.21 -17.86 -14.91
C ALA B 134 1.28 -16.99 -14.08
N TYR B 135 0.00 -17.15 -14.27
CA TYR B 135 -0.99 -16.32 -13.58
C TYR B 135 -2.34 -16.99 -13.73
N ALA B 136 -3.36 -16.41 -13.11
CA ALA B 136 -4.70 -17.01 -13.20
C ALA B 136 -5.66 -16.02 -13.85
N LEU B 137 -6.78 -16.53 -14.32
CA LEU B 137 -7.81 -15.72 -14.98
C LEU B 137 -9.17 -16.21 -14.52
N PRO B 138 -10.16 -15.34 -14.32
CA PRO B 138 -11.49 -15.78 -13.97
C PRO B 138 -12.07 -16.40 -15.25
N ALA B 139 -12.85 -17.45 -15.11
CA ALA B 139 -13.31 -18.12 -16.33
C ALA B 139 -14.70 -18.73 -16.16
N ILE B 140 -15.43 -18.77 -17.25
CA ILE B 140 -16.71 -19.50 -17.26
C ILE B 140 -16.53 -20.62 -18.28
N GLU B 141 -16.71 -21.86 -17.89
CA GLU B 141 -16.59 -22.92 -18.90
C GLU B 141 -17.99 -23.16 -19.43
N VAL B 142 -18.19 -23.11 -20.73
CA VAL B 142 -19.52 -23.43 -21.27
C VAL B 142 -19.43 -24.86 -21.78
N VAL B 143 -19.96 -25.80 -21.03
CA VAL B 143 -19.89 -27.23 -21.41
C VAL B 143 -20.92 -27.53 -22.50
N GLY B 144 -20.71 -28.64 -23.19
CA GLY B 144 -21.61 -29.05 -24.28
C GLY B 144 -21.65 -30.54 -24.36
N SER B 145 -22.78 -31.08 -24.78
CA SER B 145 -22.92 -32.55 -24.86
C SER B 145 -23.31 -32.99 -26.27
N ARG B 146 -22.50 -33.85 -26.86
CA ARG B 146 -22.86 -34.46 -28.16
C ARG B 146 -23.71 -35.69 -27.89
N ILE B 147 -23.87 -36.04 -26.62
CA ILE B 147 -24.78 -37.14 -26.22
C ILE B 147 -26.10 -36.44 -25.89
N ALA B 148 -27.23 -36.95 -26.36
CA ALA B 148 -28.53 -36.28 -26.20
C ALA B 148 -29.06 -36.32 -24.77
N ASN B 149 -29.65 -35.21 -24.37
CA ASN B 149 -30.26 -34.96 -23.04
C ASN B 149 -29.30 -35.27 -21.89
N TRP B 150 -28.01 -35.04 -22.13
CA TRP B 150 -26.97 -35.24 -21.12
C TRP B 150 -27.07 -36.61 -20.48
N ASP B 151 -27.49 -37.62 -21.22
CA ASP B 151 -27.56 -38.99 -20.67
C ASP B 151 -26.16 -39.59 -20.74
N ILE B 152 -25.24 -39.07 -19.94
CA ILE B 152 -23.84 -39.53 -20.07
C ILE B 152 -23.37 -40.21 -18.80
N ASN B 153 -22.41 -41.11 -18.99
CA ASN B 153 -21.65 -41.79 -17.92
C ASN B 153 -20.17 -41.42 -18.09
N ILE B 154 -19.29 -41.97 -17.30
CA ILE B 154 -17.84 -41.65 -17.44
C ILE B 154 -17.36 -41.94 -18.87
N LEU B 155 -17.74 -43.07 -19.46
CA LEU B 155 -17.25 -43.37 -20.82
C LEU B 155 -17.89 -42.41 -21.83
N ASP B 156 -19.12 -42.00 -21.60
CA ASP B 156 -19.76 -41.10 -22.58
C ASP B 156 -19.03 -39.76 -22.57
N THR B 157 -18.89 -39.19 -21.39
CA THR B 157 -18.27 -37.86 -21.27
C THR B 157 -16.81 -37.88 -21.70
N VAL B 158 -16.01 -38.82 -21.25
CA VAL B 158 -14.58 -38.81 -21.61
C VAL B 158 -14.43 -38.91 -23.12
N ALA B 159 -15.20 -39.77 -23.78
CA ALA B 159 -15.15 -39.93 -25.25
C ALA B 159 -15.62 -38.66 -25.96
N ASP B 160 -16.53 -37.93 -25.35
CA ASP B 160 -17.06 -36.67 -25.93
C ASP B 160 -16.28 -35.45 -25.45
N ASN B 161 -14.96 -35.58 -25.28
CA ASN B 161 -14.00 -34.51 -24.88
C ASN B 161 -14.32 -33.92 -23.52
N ALA B 162 -14.72 -34.77 -22.58
CA ALA B 162 -15.16 -34.38 -21.22
C ALA B 162 -16.25 -33.33 -21.28
N SER B 163 -17.21 -33.47 -22.19
CA SER B 163 -18.34 -32.54 -22.39
C SER B 163 -17.85 -31.11 -22.55
N ALA B 164 -16.70 -30.90 -23.16
CA ALA B 164 -16.21 -29.53 -23.31
C ALA B 164 -16.96 -28.80 -24.42
N GLY B 165 -17.06 -27.49 -24.33
CA GLY B 165 -17.75 -26.73 -25.38
C GLY B 165 -17.01 -25.44 -25.65
N LEU B 166 -17.22 -24.46 -24.81
CA LEU B 166 -16.49 -23.19 -24.96
C LEU B 166 -15.85 -22.81 -23.62
N TYR B 167 -14.91 -21.88 -23.64
CA TYR B 167 -14.33 -21.37 -22.38
C TYR B 167 -14.29 -19.85 -22.46
N VAL B 168 -14.91 -19.19 -21.49
CA VAL B 168 -14.88 -17.70 -21.47
C VAL B 168 -13.79 -17.29 -20.48
N LEU B 169 -12.87 -16.43 -20.93
CA LEU B 169 -11.76 -15.99 -20.08
C LEU B 169 -11.83 -14.48 -19.85
N GLY B 170 -11.34 -14.03 -18.72
CA GLY B 170 -11.27 -12.60 -18.40
C GLY B 170 -10.03 -12.00 -19.04
N HIS B 171 -9.94 -10.69 -19.08
CA HIS B 171 -8.80 -10.04 -19.74
C HIS B 171 -7.67 -9.70 -18.79
N THR B 172 -7.84 -9.85 -17.49
CA THR B 172 -6.80 -9.34 -16.58
C THR B 172 -6.10 -10.43 -15.78
N PRO B 173 -4.80 -10.66 -16.00
CA PRO B 173 -4.05 -11.62 -15.23
C PRO B 173 -3.85 -11.19 -13.78
N VAL B 174 -3.67 -12.16 -12.90
CA VAL B 174 -3.43 -11.97 -11.45
C VAL B 174 -2.41 -13.04 -11.09
N LYS B 175 -1.28 -12.68 -10.50
CA LYS B 175 -0.28 -13.72 -10.15
C LYS B 175 -0.75 -14.51 -8.93
N LEU B 176 -0.29 -15.73 -8.83
CA LEU B 176 -0.68 -16.65 -7.76
C LEU B 176 -0.16 -16.15 -6.43
N GLU B 177 0.98 -15.48 -6.46
CA GLU B 177 1.60 -14.98 -5.23
C GLU B 177 0.59 -14.09 -4.52
N GLY B 178 0.27 -14.47 -3.29
CA GLY B 178 -0.69 -13.74 -2.46
C GLY B 178 -2.09 -14.21 -2.68
N LEU B 179 -2.45 -14.51 -3.93
CA LEU B 179 -3.80 -14.99 -4.28
C LEU B 179 -4.15 -16.22 -3.44
N ASP B 180 -5.26 -16.15 -2.73
CA ASP B 180 -5.73 -17.29 -1.92
C ASP B 180 -6.81 -18.00 -2.71
N LEU B 181 -6.46 -19.09 -3.38
CA LEU B 181 -7.45 -19.79 -4.22
C LEU B 181 -8.19 -20.86 -3.41
N ARG B 182 -7.96 -20.97 -2.13
CA ARG B 182 -8.71 -21.99 -1.39
C ARG B 182 -9.95 -21.36 -0.79
N LEU B 183 -9.87 -20.11 -0.40
CA LEU B 183 -11.04 -19.50 0.24
C LEU B 183 -11.70 -18.51 -0.72
N ALA B 184 -11.26 -18.45 -1.98
CA ALA B 184 -11.82 -17.52 -2.97
C ALA B 184 -13.28 -17.83 -3.29
N GLY B 185 -14.16 -16.89 -2.99
CA GLY B 185 -15.59 -17.07 -3.23
C GLY B 185 -15.95 -16.85 -4.68
N MET B 186 -16.94 -17.58 -5.16
CA MET B 186 -17.41 -17.41 -6.54
C MET B 186 -18.91 -17.15 -6.51
N VAL B 187 -19.35 -16.18 -7.28
CA VAL B 187 -20.81 -16.00 -7.45
C VAL B 187 -21.09 -15.85 -8.95
N MET B 188 -22.06 -16.60 -9.45
CA MET B 188 -22.43 -16.48 -10.87
C MET B 188 -23.91 -16.14 -10.90
N GLU B 189 -24.27 -15.05 -11.55
CA GLU B 189 -25.69 -14.69 -11.63
C GLU B 189 -26.11 -14.49 -13.09
N ARG B 190 -27.39 -14.66 -13.33
CA ARG B 190 -28.04 -14.42 -14.62
C ARG B 190 -29.27 -13.60 -14.29
N ALA B 191 -29.43 -12.45 -14.94
CA ALA B 191 -30.60 -11.56 -14.81
C ALA B 191 -30.77 -11.07 -13.38
N GLY B 192 -29.68 -10.76 -12.71
CA GLY B 192 -29.74 -10.29 -11.32
C GLY B 192 -29.98 -11.39 -10.32
N GLN B 193 -30.23 -12.61 -10.74
CA GLN B 193 -30.47 -13.66 -9.71
C GLN B 193 -29.20 -14.48 -9.55
N GLN B 194 -28.98 -15.06 -8.38
CA GLN B 194 -27.77 -15.87 -8.12
C GLN B 194 -28.02 -17.27 -8.65
N VAL B 195 -27.17 -17.78 -9.54
CA VAL B 195 -27.52 -19.09 -10.13
C VAL B 195 -26.49 -20.14 -9.74
N SER B 196 -25.33 -19.72 -9.28
CA SER B 196 -24.27 -20.65 -8.83
C SER B 196 -23.48 -20.02 -7.69
N LEU B 197 -23.30 -20.71 -6.59
CA LEU B 197 -22.50 -20.19 -5.47
C LEU B 197 -21.42 -21.21 -5.18
N GLY B 198 -20.22 -20.75 -4.88
CA GLY B 198 -19.14 -21.70 -4.55
C GLY B 198 -17.94 -21.03 -3.93
N VAL B 199 -16.84 -21.76 -3.90
CA VAL B 199 -15.56 -21.30 -3.32
C VAL B 199 -14.44 -22.14 -3.95
N GLY B 200 -13.23 -21.63 -3.94
CA GLY B 200 -12.10 -22.33 -4.55
C GLY B 200 -11.92 -23.72 -3.98
N ALA B 201 -12.30 -23.94 -2.73
CA ALA B 201 -12.07 -25.24 -2.07
C ALA B 201 -12.94 -26.35 -2.66
N ALA B 202 -14.04 -25.97 -3.30
CA ALA B 202 -14.97 -26.96 -3.88
C ALA B 202 -14.30 -27.66 -5.05
N CYS B 203 -13.34 -26.98 -5.64
CA CYS B 203 -12.62 -27.50 -6.82
C CYS B 203 -11.50 -28.40 -6.36
N LEU B 204 -11.81 -29.62 -5.93
CA LEU B 204 -10.86 -30.67 -5.48
C LEU B 204 -10.06 -30.21 -4.26
N GLY B 205 -10.65 -29.33 -3.46
CA GLY B 205 -9.95 -28.76 -2.31
C GLY B 205 -9.19 -27.53 -2.75
N HIS B 206 -8.55 -27.58 -3.91
CA HIS B 206 -7.77 -26.42 -4.42
C HIS B 206 -7.58 -26.56 -5.92
N PRO B 207 -7.76 -25.48 -6.69
CA PRO B 207 -7.55 -25.48 -8.12
C PRO B 207 -6.23 -26.13 -8.52
N LEU B 208 -5.19 -25.88 -7.76
CA LEU B 208 -3.88 -26.55 -7.97
C LEU B 208 -3.92 -28.04 -7.68
N ASN B 209 -4.85 -28.51 -6.88
CA ASN B 209 -4.89 -29.97 -6.67
C ASN B 209 -5.31 -30.59 -8.00
N ALA B 210 -6.30 -30.00 -8.65
CA ALA B 210 -6.84 -30.49 -9.93
C ALA B 210 -5.80 -30.35 -11.03
N ALA B 211 -5.12 -29.23 -11.08
CA ALA B 211 -4.12 -29.01 -12.13
C ALA B 211 -2.96 -29.97 -11.94
N LEU B 212 -2.66 -30.32 -10.70
CA LEU B 212 -1.54 -31.25 -10.50
C LEU B 212 -1.95 -32.62 -11.01
N TRP B 213 -3.19 -32.99 -10.80
CA TRP B 213 -3.69 -34.31 -11.26
C TRP B 213 -3.61 -34.36 -12.77
N LEU B 214 -4.02 -33.29 -13.43
CA LEU B 214 -4.09 -33.18 -14.89
C LEU B 214 -2.70 -33.25 -15.49
N ALA B 215 -1.78 -32.48 -14.94
CA ALA B 215 -0.40 -32.46 -15.41
C ALA B 215 0.17 -33.87 -15.33
N ARG B 216 -0.12 -34.59 -14.26
CA ARG B 216 0.42 -35.94 -14.07
C ARG B 216 -0.27 -36.90 -15.03
N THR B 217 -1.57 -36.80 -15.14
CA THR B 217 -2.33 -37.66 -16.06
C THR B 217 -1.93 -37.34 -17.49
N LEU B 218 -1.70 -36.08 -17.82
CA LEU B 218 -1.35 -35.71 -19.21
C LEU B 218 -0.01 -36.32 -19.57
N VAL B 219 0.92 -36.37 -18.62
CA VAL B 219 2.25 -36.94 -18.90
C VAL B 219 2.10 -38.43 -19.12
N LYS B 220 1.13 -39.03 -18.44
CA LYS B 220 0.92 -40.49 -18.51
C LYS B 220 0.38 -40.89 -19.88
N GLN B 221 -0.25 -39.95 -20.58
CA GLN B 221 -0.85 -40.25 -21.90
C GLN B 221 0.05 -39.74 -23.01
N GLY B 222 1.25 -39.28 -22.68
CA GLY B 222 2.17 -38.78 -23.72
C GLY B 222 1.80 -37.42 -24.26
N THR B 223 0.85 -36.74 -23.63
CA THR B 223 0.40 -35.40 -24.10
C THR B 223 0.50 -34.38 -22.97
N PRO B 224 1.69 -33.94 -22.57
CA PRO B 224 1.84 -33.05 -21.44
C PRO B 224 1.48 -31.57 -21.60
N LEU B 225 1.30 -30.86 -20.49
CA LEU B 225 0.98 -29.42 -20.50
C LEU B 225 2.16 -28.67 -21.11
N LYS B 226 1.86 -27.69 -21.94
CA LYS B 226 2.91 -26.93 -22.63
C LYS B 226 2.78 -25.46 -22.23
N SER B 227 3.84 -24.69 -22.36
CA SER B 227 3.72 -23.27 -22.00
C SER B 227 2.68 -22.62 -22.89
N GLY B 228 1.79 -21.84 -22.31
CA GLY B 228 0.76 -21.12 -23.07
C GLY B 228 -0.57 -21.79 -22.93
N ASP B 229 -0.56 -23.00 -22.38
CA ASP B 229 -1.80 -23.78 -22.21
C ASP B 229 -2.65 -23.14 -21.13
N VAL B 230 -3.97 -23.25 -21.29
CA VAL B 230 -4.95 -22.75 -20.30
C VAL B 230 -5.54 -23.96 -19.63
N VAL B 231 -5.57 -23.98 -18.32
CA VAL B 231 -6.16 -25.15 -17.62
C VAL B 231 -7.46 -24.69 -16.98
N LEU B 232 -8.60 -25.19 -17.43
CA LEU B 232 -9.83 -24.86 -16.67
C LEU B 232 -9.77 -25.84 -15.51
N SER B 233 -9.38 -25.39 -14.33
CA SER B 233 -9.10 -26.24 -13.16
C SER B 233 -10.31 -26.99 -12.61
N GLY B 234 -11.53 -26.53 -12.84
CA GLY B 234 -12.64 -27.29 -12.27
C GLY B 234 -13.73 -26.38 -11.79
N ALA B 235 -14.92 -26.91 -11.59
CA ALA B 235 -16.07 -26.07 -11.16
C ALA B 235 -15.95 -25.65 -9.70
N LEU B 236 -16.26 -24.39 -9.44
CA LEU B 236 -16.26 -23.83 -8.07
C LEU B 236 -17.69 -23.91 -7.53
N GLY B 237 -18.63 -24.21 -8.39
CA GLY B 237 -20.03 -24.33 -7.98
C GLY B 237 -20.86 -25.08 -8.99
N PRO B 238 -22.16 -25.31 -8.74
CA PRO B 238 -23.01 -26.07 -9.64
C PRO B 238 -23.15 -25.52 -11.07
N LEU B 239 -23.42 -26.40 -12.03
CA LEU B 239 -23.60 -26.01 -13.45
C LEU B 239 -24.96 -25.36 -13.62
N VAL B 240 -25.04 -24.37 -14.49
CA VAL B 240 -26.35 -23.73 -14.78
C VAL B 240 -26.63 -23.81 -16.28
N ALA B 241 -27.72 -24.48 -16.64
CA ALA B 241 -28.11 -24.61 -18.05
C ALA B 241 -28.28 -23.22 -18.66
N ALA B 242 -27.76 -23.03 -19.86
CA ALA B 242 -27.83 -21.73 -20.54
C ALA B 242 -28.91 -21.78 -21.63
N ASN B 243 -29.57 -20.65 -21.86
CA ASN B 243 -30.63 -20.49 -22.89
C ASN B 243 -30.26 -19.35 -23.82
N PRO B 244 -30.80 -19.24 -25.03
CA PRO B 244 -30.43 -18.17 -25.92
C PRO B 244 -30.74 -16.79 -25.31
N GLY B 245 -29.82 -15.87 -25.48
CA GLY B 245 -29.96 -14.50 -24.95
C GLY B 245 -29.47 -14.36 -23.53
N ASP B 246 -29.23 -15.48 -22.84
CA ASP B 246 -28.80 -15.46 -21.42
C ASP B 246 -27.44 -14.79 -21.29
N VAL B 247 -27.26 -14.03 -20.22
CA VAL B 247 -25.94 -13.43 -19.93
C VAL B 247 -25.56 -13.83 -18.51
N PHE B 248 -24.45 -14.54 -18.37
CA PHE B 248 -23.98 -14.96 -17.04
C PHE B 248 -22.75 -14.16 -16.64
N GLU B 249 -22.75 -13.65 -15.41
CA GLU B 249 -21.59 -12.94 -14.84
C GLU B 249 -21.04 -13.80 -13.70
N ALA B 250 -19.75 -13.99 -13.67
CA ALA B 250 -19.13 -14.79 -12.60
C ALA B 250 -18.06 -13.95 -11.89
N ARG B 251 -18.09 -13.92 -10.57
CA ARG B 251 -17.11 -13.14 -9.78
C ARG B 251 -16.35 -14.07 -8.85
N ILE B 252 -15.03 -14.10 -8.97
CA ILE B 252 -14.18 -14.91 -8.07
C ILE B 252 -13.38 -13.92 -7.22
N GLN B 253 -13.66 -13.86 -5.93
CA GLN B 253 -13.06 -12.85 -5.01
C GLN B 253 -11.53 -12.91 -5.01
N GLY B 254 -10.91 -11.84 -5.45
CA GLY B 254 -9.45 -11.81 -5.56
C GLY B 254 -9.04 -12.11 -6.98
N LEU B 255 -9.95 -12.61 -7.81
CA LEU B 255 -9.57 -12.97 -9.20
C LEU B 255 -10.18 -12.02 -10.21
N GLY B 256 -11.48 -11.76 -10.15
CA GLY B 256 -12.06 -10.84 -11.13
C GLY B 256 -13.44 -11.25 -11.54
N SER B 257 -13.94 -10.72 -12.63
CA SER B 257 -15.30 -11.07 -13.10
C SER B 257 -15.23 -11.48 -14.57
N VAL B 258 -16.24 -12.19 -15.06
CA VAL B 258 -16.23 -12.60 -16.48
C VAL B 258 -17.67 -12.81 -16.89
N ARG B 259 -18.02 -12.41 -18.09
CA ARG B 259 -19.43 -12.57 -18.52
C ARG B 259 -19.52 -13.49 -19.74
N ALA B 260 -20.41 -14.46 -19.68
CA ALA B 260 -20.66 -15.34 -20.82
C ALA B 260 -21.96 -14.81 -21.43
N CYS B 261 -21.88 -14.16 -22.59
CA CYS B 261 -23.08 -13.57 -23.23
C CYS B 261 -23.52 -14.42 -24.42
N PHE B 262 -24.61 -15.15 -24.25
CA PHE B 262 -25.14 -15.99 -25.33
C PHE B 262 -26.04 -15.17 -26.22
N SER B 263 -25.87 -15.32 -27.52
CA SER B 263 -26.75 -14.59 -28.46
C SER B 263 -28.09 -15.28 -28.56
N PRO B 264 -29.12 -14.59 -29.05
CA PRO B 264 -30.41 -15.19 -29.28
C PRO B 264 -30.33 -16.20 -30.42
N ALA B 265 -31.17 -17.23 -30.37
CA ALA B 265 -31.15 -18.23 -31.45
C ALA B 265 -31.75 -17.62 -32.72
N ILE C 5 -9.24 58.77 6.14
CA ILE C 5 -9.33 57.29 6.04
C ILE C 5 -10.66 56.93 5.37
N SER C 6 -11.77 57.28 6.02
CA SER C 6 -13.14 56.93 5.56
C SER C 6 -13.34 57.41 4.14
N ARG C 7 -12.64 58.47 3.74
CA ARG C 7 -12.84 58.99 2.37
C ARG C 7 -12.09 58.10 1.39
N ILE C 8 -11.07 57.39 1.86
CA ILE C 8 -10.31 56.53 0.89
C ILE C 8 -11.03 55.20 0.67
N ALA C 9 -11.50 54.60 1.76
CA ALA C 9 -12.22 53.32 1.73
C ALA C 9 -13.33 53.41 0.69
N GLN C 10 -14.18 54.43 0.81
CA GLN C 10 -15.31 54.66 -0.12
C GLN C 10 -14.81 54.93 -1.54
N ARG C 11 -13.63 55.53 -1.71
CA ARG C 11 -13.13 55.75 -3.08
C ARG C 11 -12.74 54.40 -3.65
N LEU C 12 -11.95 53.64 -2.89
CA LEU C 12 -11.49 52.30 -3.36
C LEU C 12 -12.71 51.42 -3.61
N ASP C 13 -13.62 51.33 -2.63
CA ASP C 13 -14.82 50.46 -2.73
C ASP C 13 -15.58 50.68 -4.03
N GLU C 14 -15.79 51.92 -4.48
CA GLU C 14 -16.58 52.20 -5.70
C GLU C 14 -15.82 51.79 -6.96
N ALA C 15 -14.49 51.77 -6.89
CA ALA C 15 -13.71 51.31 -8.06
C ALA C 15 -14.01 49.84 -8.29
N ALA C 16 -14.03 49.08 -7.21
CA ALA C 16 -14.33 47.64 -7.26
C ALA C 16 -15.75 47.39 -7.74
N VAL C 17 -16.71 48.25 -7.43
CA VAL C 17 -18.09 48.00 -7.92
C VAL C 17 -18.22 48.52 -9.35
N SER C 18 -17.41 49.52 -9.70
CA SER C 18 -17.55 50.08 -11.07
C SER C 18 -16.58 49.41 -12.05
N GLY C 19 -15.56 48.74 -11.54
CA GLY C 19 -14.62 48.18 -12.51
C GLY C 19 -13.95 49.34 -13.20
N LYS C 20 -13.95 50.50 -12.54
CA LYS C 20 -13.26 51.71 -13.04
C LYS C 20 -12.15 52.11 -12.10
N ALA C 21 -10.93 52.20 -12.62
CA ALA C 21 -9.70 52.50 -11.85
C ALA C 21 -9.71 53.93 -11.29
N THR C 22 -9.10 54.11 -10.12
CA THR C 22 -8.97 55.43 -9.47
C THR C 22 -7.56 55.52 -8.93
N PRO C 23 -6.85 56.66 -9.02
CA PRO C 23 -5.46 56.74 -8.55
C PRO C 23 -5.24 56.90 -7.04
N GLN C 24 -3.98 56.95 -6.61
CA GLN C 24 -3.60 57.03 -5.18
C GLN C 24 -3.06 58.41 -4.80
N LEU C 25 -3.00 58.69 -3.49
CA LEU C 25 -2.55 59.99 -2.92
C LEU C 25 -1.14 60.37 -3.36
N THR C 26 -0.99 60.89 -4.57
CA THR C 26 0.35 61.32 -5.03
C THR C 26 0.89 62.35 -4.04
N GLY C 27 1.95 61.99 -3.33
CA GLY C 27 2.59 62.88 -2.33
C GLY C 27 1.66 63.19 -1.17
N ASP C 28 0.79 64.17 -1.38
CA ASP C 28 -0.26 64.71 -0.47
C ASP C 28 0.03 64.45 1.01
N ASP C 29 -0.89 63.76 1.68
CA ASP C 29 -0.75 63.41 3.13
C ASP C 29 -0.36 61.93 3.25
N ALA C 30 0.14 61.41 2.13
CA ALA C 30 0.57 60.00 1.97
C ALA C 30 -0.62 59.07 2.20
N VAL C 31 -0.47 58.23 3.23
CA VAL C 31 -1.36 57.20 3.83
C VAL C 31 -0.42 56.35 4.65
N THR C 32 -0.54 56.47 5.96
CA THR C 32 0.36 55.76 6.88
C THR C 32 -0.03 54.29 6.91
N VAL C 33 0.96 53.44 7.23
CA VAL C 33 0.75 51.97 7.36
C VAL C 33 -0.43 51.80 8.30
N ARG C 34 -0.34 52.38 9.50
CA ARG C 34 -1.44 52.33 10.50
C ARG C 34 -2.74 52.78 9.85
N GLU C 35 -2.73 53.89 9.11
CA GLU C 35 -3.98 54.31 8.43
C GLU C 35 -4.44 53.21 7.49
N ALA C 36 -3.53 52.63 6.70
CA ALA C 36 -3.92 51.60 5.71
C ALA C 36 -4.71 50.46 6.35
N ALA C 37 -4.26 49.97 7.49
CA ALA C 37 -4.96 48.87 8.18
C ALA C 37 -6.44 49.19 8.40
N GLU C 38 -6.77 50.42 8.82
CA GLU C 38 -8.18 50.75 9.09
C GLU C 38 -8.93 50.89 7.77
N ILE C 39 -8.26 51.38 6.71
CA ILE C 39 -8.96 51.45 5.41
C ILE C 39 -9.37 50.03 5.06
N GLN C 40 -8.40 49.12 5.10
CA GLN C 40 -8.64 47.68 4.78
C GLN C 40 -9.85 47.19 5.57
N ARG C 41 -9.88 47.42 6.89
CA ARG C 41 -11.06 47.01 7.68
C ARG C 41 -12.36 47.64 7.16
N LEU C 42 -12.32 48.89 6.69
CA LEU C 42 -13.52 49.61 6.18
C LEU C 42 -14.00 49.01 4.87
N LEU C 43 -13.08 48.70 3.96
CA LEU C 43 -13.49 48.08 2.67
C LEU C 43 -14.24 46.78 2.93
N ILE C 44 -13.73 45.95 3.84
CA ILE C 44 -14.48 44.70 4.12
C ILE C 44 -15.83 45.09 4.74
N ALA C 45 -15.88 46.10 5.61
CA ALA C 45 -17.17 46.54 6.18
C ALA C 45 -18.05 47.09 5.06
N HIS C 46 -17.50 47.76 4.05
CA HIS C 46 -18.41 48.21 2.96
C HIS C 46 -19.10 47.00 2.34
N ARG C 47 -18.33 45.96 2.03
CA ARG C 47 -18.90 44.74 1.43
C ARG C 47 -19.73 44.02 2.48
N ILE C 48 -19.30 44.05 3.73
CA ILE C 48 -20.13 43.35 4.75
C ILE C 48 -21.48 44.05 4.77
N GLU C 49 -21.45 45.38 4.69
CA GLU C 49 -22.68 46.20 4.73
C GLU C 49 -23.60 45.75 3.59
N ARG C 50 -23.01 45.37 2.46
CA ARG C 50 -23.81 44.96 1.29
C ARG C 50 -24.30 43.52 1.46
N GLY C 51 -23.88 42.83 2.52
CA GLY C 51 -24.43 41.48 2.75
C GLY C 51 -23.38 40.39 2.70
N ALA C 52 -22.12 40.75 2.54
CA ALA C 52 -21.02 39.77 2.45
C ALA C 52 -20.57 39.33 3.84
N ARG C 53 -19.67 38.36 3.87
CA ARG C 53 -19.12 37.87 5.15
C ARG C 53 -17.64 37.60 4.95
N GLN C 54 -16.82 37.82 5.96
CA GLN C 54 -15.40 37.45 5.83
C GLN C 54 -15.38 35.93 5.70
N VAL C 55 -14.67 35.39 4.73
CA VAL C 55 -14.73 33.92 4.55
C VAL C 55 -13.32 33.32 4.63
N GLY C 56 -12.31 34.16 4.64
CA GLY C 56 -10.96 33.63 4.74
C GLY C 56 -9.93 34.72 4.58
N LEU C 57 -8.70 34.34 4.32
CA LEU C 57 -7.59 35.30 4.15
C LEU C 57 -6.76 34.94 2.94
N LYS C 58 -5.95 35.87 2.51
CA LYS C 58 -4.99 35.61 1.43
C LYS C 58 -3.65 36.17 1.88
N MET C 59 -2.55 35.65 1.35
CA MET C 59 -1.26 36.23 1.75
C MET C 59 -0.58 36.76 0.50
N GLY C 60 0.13 37.86 0.65
CA GLY C 60 0.89 38.47 -0.46
C GLY C 60 2.36 38.46 -0.14
N PHE C 61 3.18 38.56 -1.17
CA PHE C 61 4.65 38.56 -1.04
C PHE C 61 5.09 37.34 -0.23
N THR C 62 4.50 36.19 -0.54
CA THR C 62 4.79 34.93 0.15
C THR C 62 6.10 34.36 -0.37
N SER C 63 7.16 35.13 -0.23
CA SER C 63 8.51 34.78 -0.74
C SER C 63 9.53 35.77 -0.19
N ARG C 64 10.76 35.34 0.05
CA ARG C 64 11.81 36.27 0.52
C ARG C 64 12.18 37.14 -0.67
N ALA C 65 12.07 36.59 -1.88
CA ALA C 65 12.41 37.29 -3.12
C ALA C 65 11.38 38.38 -3.41
N LYS C 66 10.10 38.05 -3.29
CA LYS C 66 9.02 39.04 -3.55
C LYS C 66 9.05 40.11 -2.45
N MET C 67 9.48 39.73 -1.26
CA MET C 67 9.53 40.69 -0.14
C MET C 67 10.73 41.60 -0.36
N ALA C 68 11.92 41.03 -0.44
CA ALA C 68 13.13 41.86 -0.59
C ALA C 68 12.98 42.71 -1.83
N GLN C 69 12.24 42.21 -2.82
CA GLN C 69 12.02 42.90 -4.09
C GLN C 69 11.13 44.11 -3.84
N MET C 70 10.21 43.98 -2.90
CA MET C 70 9.25 45.09 -2.66
C MET C 70 9.78 45.95 -1.53
N GLY C 71 11.02 45.73 -1.11
CA GLY C 71 11.54 46.54 0.00
C GLY C 71 10.80 46.27 1.30
N VAL C 72 9.76 45.44 1.26
CA VAL C 72 8.99 45.10 2.49
C VAL C 72 9.77 44.08 3.31
N SER C 73 9.46 43.96 4.60
CA SER C 73 10.18 43.01 5.48
C SER C 73 9.21 41.97 6.06
N ASP C 74 7.98 41.94 5.57
CA ASP C 74 7.00 40.96 6.08
C ASP C 74 5.99 40.67 4.98
N LEU C 75 5.15 39.68 5.18
CA LEU C 75 4.13 39.31 4.19
C LEU C 75 3.01 40.34 4.28
N ILE C 76 2.34 40.58 3.19
CA ILE C 76 1.13 41.45 3.28
C ILE C 76 -0.07 40.51 3.22
N TRP C 77 -1.21 40.92 3.77
CA TRP C 77 -2.36 40.01 3.67
C TRP C 77 -3.63 40.80 3.46
N GLY C 78 -4.64 40.14 2.92
CA GLY C 78 -5.95 40.73 2.66
C GLY C 78 -7.02 39.76 3.07
N ARG C 79 -8.11 40.29 3.62
CA ARG C 79 -9.24 39.45 4.06
C ARG C 79 -10.04 39.06 2.82
N LEU C 80 -10.72 37.94 2.88
CA LEU C 80 -11.52 37.44 1.75
C LEU C 80 -12.99 37.48 2.14
N THR C 81 -13.85 37.82 1.21
CA THR C 81 -15.29 37.89 1.53
C THR C 81 -16.07 37.05 0.54
N SER C 82 -17.30 36.73 0.88
CA SER C 82 -18.15 35.83 0.04
C SER C 82 -18.44 36.42 -1.34
N ASP C 83 -18.26 37.72 -1.54
CA ASP C 83 -18.57 38.25 -2.89
C ASP C 83 -17.44 37.95 -3.85
N MET C 84 -16.26 37.62 -3.33
CA MET C 84 -15.07 37.32 -4.16
C MET C 84 -15.12 35.89 -4.70
N TRP C 85 -15.94 35.04 -4.10
CA TRP C 85 -16.07 33.61 -4.51
C TRP C 85 -16.53 33.48 -5.96
N VAL C 86 -15.92 32.57 -6.70
CA VAL C 86 -16.37 32.24 -8.08
C VAL C 86 -16.50 30.73 -8.14
N GLU C 87 -17.59 30.23 -8.67
CA GLU C 87 -17.84 28.77 -8.77
C GLU C 87 -16.76 28.12 -9.64
N GLU C 88 -16.14 27.04 -9.16
CA GLU C 88 -15.15 26.30 -9.97
C GLU C 88 -15.87 25.71 -11.17
N GLY C 89 -15.34 25.95 -12.37
CA GLY C 89 -16.01 25.52 -13.61
C GLY C 89 -16.98 26.58 -14.10
N GLY C 90 -17.00 27.71 -13.41
CA GLY C 90 -17.90 28.82 -13.72
C GLY C 90 -17.27 29.86 -14.62
N GLU C 91 -17.95 30.98 -14.80
CA GLU C 91 -17.49 32.03 -15.73
C GLU C 91 -17.54 33.40 -15.05
N ILE C 92 -16.59 34.26 -15.36
CA ILE C 92 -16.60 35.65 -14.82
C ILE C 92 -16.57 36.60 -16.01
N ASP C 93 -17.22 37.75 -15.87
CA ASP C 93 -17.19 38.78 -16.92
C ASP C 93 -16.11 39.76 -16.49
N LEU C 94 -15.14 40.05 -17.35
CA LEU C 94 -14.06 40.96 -16.94
C LEU C 94 -14.58 42.40 -16.85
N ALA C 95 -15.84 42.58 -17.23
CA ALA C 95 -16.48 43.90 -17.22
C ALA C 95 -16.65 44.37 -15.78
N HIS C 96 -16.78 43.42 -14.86
CA HIS C 96 -16.94 43.73 -13.42
C HIS C 96 -15.58 43.94 -12.79
N TYR C 97 -14.52 43.89 -13.56
CA TYR C 97 -13.18 44.02 -12.93
C TYR C 97 -12.38 45.06 -13.70
N VAL C 98 -11.38 45.67 -13.08
CA VAL C 98 -10.63 46.73 -13.82
C VAL C 98 -9.62 46.10 -14.77
N HIS C 99 -8.55 45.46 -14.30
CA HIS C 99 -7.51 44.84 -15.15
C HIS C 99 -7.07 43.57 -14.45
N PRO C 100 -8.02 42.66 -14.16
CA PRO C 100 -7.78 41.46 -13.37
C PRO C 100 -6.66 40.52 -13.84
N ARG C 101 -6.03 39.84 -12.87
CA ARG C 101 -4.90 38.92 -13.12
C ARG C 101 -5.13 37.62 -12.35
N VAL C 102 -4.60 36.52 -12.86
CA VAL C 102 -4.83 35.19 -12.23
C VAL C 102 -3.54 34.61 -11.66
N GLU C 103 -3.60 34.05 -10.46
CA GLU C 103 -2.43 33.47 -9.76
C GLU C 103 -2.74 32.05 -9.30
N PRO C 104 -1.81 31.09 -9.49
CA PRO C 104 -2.00 29.73 -9.02
C PRO C 104 -1.64 29.72 -7.54
N GLU C 105 -2.42 29.06 -6.70
CA GLU C 105 -2.13 29.09 -5.26
C GLU C 105 -2.43 27.73 -4.60
N ILE C 106 -2.13 27.62 -3.32
CA ILE C 106 -2.48 26.45 -2.48
C ILE C 106 -3.44 26.98 -1.42
N CYS C 107 -4.55 26.31 -1.16
CA CYS C 107 -5.53 26.83 -0.19
C CYS C 107 -5.74 25.84 0.93
N TYR C 108 -5.81 26.32 2.17
CA TYR C 108 -6.07 25.41 3.30
C TYR C 108 -7.46 25.69 3.84
N LEU C 109 -8.17 24.65 4.25
CA LEU C 109 -9.50 24.81 4.87
C LEU C 109 -9.31 24.55 6.35
N LEU C 110 -9.74 25.46 7.22
CA LEU C 110 -9.51 25.24 8.65
C LEU C 110 -10.63 24.39 9.24
N GLY C 111 -10.28 23.37 10.01
CA GLY C 111 -11.30 22.54 10.66
C GLY C 111 -11.47 22.97 12.09
N LYS C 112 -10.45 23.63 12.62
CA LYS C 112 -10.45 24.14 14.00
C LYS C 112 -9.94 25.57 13.99
N ARG C 113 -10.10 26.27 15.10
CA ARG C 113 -9.65 27.67 15.22
C ARG C 113 -8.14 27.67 15.35
N LEU C 114 -7.46 28.59 14.68
CA LEU C 114 -6.00 28.72 14.75
C LEU C 114 -5.64 30.15 15.15
N GLU C 115 -4.85 30.31 16.20
CA GLU C 115 -4.58 31.68 16.66
C GLU C 115 -3.17 31.82 17.17
N GLY C 116 -2.55 32.95 16.88
CA GLY C 116 -1.26 33.35 17.48
C GLY C 116 -0.05 32.81 16.81
N ASN C 117 1.00 32.64 17.62
CA ASN C 117 2.31 32.10 17.23
C ASN C 117 2.21 30.58 17.25
N VAL C 118 2.11 29.96 16.07
CA VAL C 118 1.90 28.49 15.97
C VAL C 118 3.05 27.81 15.23
N THR C 119 3.31 26.57 15.58
CA THR C 119 4.33 25.82 14.84
C THR C 119 3.65 25.18 13.64
N PRO C 120 4.41 24.68 12.63
CA PRO C 120 3.84 24.03 11.47
C PRO C 120 2.99 22.85 11.95
N LEU C 121 3.53 22.08 12.86
CA LEU C 121 2.80 21.02 13.56
C LEU C 121 1.47 21.55 14.08
N GLU C 122 1.41 22.74 14.68
CA GLU C 122 0.11 23.14 15.25
C GLU C 122 -0.84 23.62 14.16
N ALA C 123 -0.32 24.23 13.12
CA ALA C 123 -1.14 24.75 12.02
C ALA C 123 -1.95 23.63 11.38
N LEU C 124 -1.28 22.54 11.03
CA LEU C 124 -1.94 21.41 10.35
C LEU C 124 -2.85 20.63 11.28
N ALA C 125 -2.75 20.86 12.58
CA ALA C 125 -3.65 20.14 13.49
C ALA C 125 -5.05 20.71 13.31
N ALA C 126 -5.13 21.96 12.86
CA ALA C 126 -6.43 22.65 12.70
C ALA C 126 -6.89 22.63 11.24
N VAL C 127 -6.12 22.03 10.35
CA VAL C 127 -6.49 21.99 8.91
C VAL C 127 -7.40 20.79 8.65
N GLU C 128 -8.49 21.00 7.91
CA GLU C 128 -9.45 19.94 7.57
C GLU C 128 -9.03 19.26 6.27
N ALA C 129 -8.65 20.08 5.31
CA ALA C 129 -8.25 19.56 4.01
C ALA C 129 -7.42 20.60 3.30
N VAL C 130 -6.77 20.22 2.23
CA VAL C 130 -5.94 21.17 1.43
C VAL C 130 -6.39 21.05 -0.02
N ALA C 131 -6.26 22.10 -0.81
CA ALA C 131 -6.70 22.00 -2.21
C ALA C 131 -5.95 22.99 -3.05
N PRO C 132 -5.90 22.82 -4.36
CA PRO C 132 -5.28 23.81 -5.20
C PRO C 132 -6.28 24.94 -5.46
N ALA C 133 -5.79 26.09 -5.88
CA ALA C 133 -6.69 27.24 -6.10
C ALA C 133 -6.08 28.24 -7.05
N MET C 134 -6.88 29.24 -7.38
CA MET C 134 -6.45 30.36 -8.24
C MET C 134 -7.01 31.62 -7.62
N GLU C 135 -6.19 32.64 -7.52
CA GLU C 135 -6.72 33.91 -6.98
C GLU C 135 -6.88 34.84 -8.17
N ILE C 136 -8.01 35.52 -8.26
CA ILE C 136 -8.17 36.56 -9.31
C ILE C 136 -7.83 37.85 -8.59
N ILE C 137 -6.76 38.53 -8.97
CA ILE C 137 -6.34 39.77 -8.27
C ILE C 137 -6.61 41.02 -9.12
N ASP C 138 -6.96 42.13 -8.49
CA ASP C 138 -7.21 43.40 -9.21
C ASP C 138 -6.75 44.59 -8.38
N SER C 139 -5.84 45.37 -8.91
CA SER C 139 -5.50 46.61 -8.18
C SER C 139 -6.43 47.66 -8.77
N ARG C 140 -7.24 48.30 -7.94
CA ARG C 140 -8.22 49.26 -8.47
C ARG C 140 -7.54 50.61 -8.73
N TYR C 141 -6.27 50.73 -8.36
CA TYR C 141 -5.50 51.96 -8.63
C TYR C 141 -5.18 52.14 -10.11
N ARG C 142 -4.78 53.35 -10.45
CA ARG C 142 -4.33 53.73 -11.81
C ARG C 142 -2.94 54.35 -11.63
N ASP C 143 -2.02 54.06 -12.54
CA ASP C 143 -0.62 54.54 -12.48
C ASP C 143 -0.15 54.12 -11.10
N PHE C 144 -0.26 52.83 -10.84
CA PHE C 144 0.12 52.36 -9.49
C PHE C 144 1.62 52.48 -9.30
N LYS C 145 2.06 53.48 -8.52
CA LYS C 145 3.49 53.46 -8.15
C LYS C 145 3.49 52.63 -6.87
N PHE C 146 4.34 51.60 -6.78
CA PHE C 146 4.25 50.70 -5.60
C PHE C 146 4.39 51.46 -4.28
N SER C 147 3.40 51.30 -3.40
CA SER C 147 3.48 51.82 -2.01
C SER C 147 2.91 50.75 -1.07
N LEU C 148 3.61 50.42 0.00
CA LEU C 148 3.08 49.37 0.90
C LEU C 148 1.71 49.78 1.42
N PRO C 149 1.56 50.93 2.13
CA PRO C 149 0.27 51.36 2.66
C PRO C 149 -0.74 51.41 1.52
N ASP C 150 -0.25 51.71 0.33
CA ASP C 150 -1.09 51.69 -0.89
C ASP C 150 -1.75 50.34 -1.05
N VAL C 151 -0.94 49.27 -1.10
CA VAL C 151 -1.46 47.90 -1.33
C VAL C 151 -2.22 47.42 -0.11
N ILE C 152 -1.73 47.74 1.07
CA ILE C 152 -2.44 47.28 2.29
C ILE C 152 -3.84 47.86 2.27
N ALA C 153 -3.96 49.12 1.86
CA ALA C 153 -5.25 49.82 1.86
C ALA C 153 -6.16 49.30 0.75
N ASP C 154 -5.60 48.78 -0.33
CA ASP C 154 -6.43 48.25 -1.45
C ASP C 154 -6.82 46.80 -1.23
N ASN C 155 -6.73 46.31 0.02
CA ASN C 155 -7.06 44.93 0.45
C ASN C 155 -6.14 43.89 -0.18
N ALA C 156 -4.90 44.28 -0.48
CA ALA C 156 -3.85 43.46 -1.11
C ALA C 156 -4.32 42.98 -2.48
N SER C 157 -5.12 43.78 -3.17
CA SER C 157 -5.67 43.50 -4.52
C SER C 157 -6.61 42.30 -4.52
N SER C 158 -7.19 41.97 -3.37
CA SER C 158 -8.12 40.83 -3.31
C SER C 158 -9.31 41.12 -4.21
N SER C 159 -9.81 40.13 -4.93
CA SER C 159 -10.93 40.40 -5.86
C SER C 159 -11.69 39.11 -6.11
N GLY C 160 -10.99 38.05 -6.46
CA GLY C 160 -11.71 36.80 -6.70
C GLY C 160 -10.93 35.61 -6.20
N PHE C 161 -11.61 34.49 -6.00
CA PHE C 161 -10.92 33.26 -5.57
C PHE C 161 -11.70 32.07 -6.09
N VAL C 162 -10.98 31.07 -6.55
CA VAL C 162 -11.60 29.83 -7.07
C VAL C 162 -10.80 28.66 -6.52
N VAL C 163 -11.48 27.63 -6.01
CA VAL C 163 -10.75 26.50 -5.34
C VAL C 163 -11.05 25.17 -6.05
N GLY C 164 -10.08 24.25 -5.98
CA GLY C 164 -10.17 22.89 -6.51
C GLY C 164 -10.78 21.90 -5.55
N ALA C 165 -10.41 20.63 -5.65
CA ALA C 165 -11.05 19.56 -4.85
C ALA C 165 -10.38 19.35 -3.49
N TRP C 166 -11.11 18.65 -2.63
CA TRP C 166 -10.70 18.27 -1.26
C TRP C 166 -9.55 17.27 -1.31
N HIS C 167 -8.52 17.46 -0.50
CA HIS C 167 -7.39 16.53 -0.44
C HIS C 167 -7.04 16.24 1.02
N LYS C 168 -6.52 15.06 1.34
CA LYS C 168 -6.19 14.69 2.74
C LYS C 168 -5.35 15.78 3.38
N PRO C 169 -5.64 16.32 4.57
CA PRO C 169 -4.80 17.35 5.15
C PRO C 169 -3.30 17.03 5.27
N GLU C 170 -2.94 15.77 5.50
CA GLU C 170 -1.50 15.42 5.54
C GLU C 170 -0.92 15.32 4.13
N THR C 171 -1.61 15.76 3.09
CA THR C 171 -0.99 15.67 1.77
C THR C 171 0.26 16.53 1.79
N ASP C 172 1.40 16.01 1.35
CA ASP C 172 2.63 16.81 1.30
C ASP C 172 2.54 17.75 0.10
N VAL C 173 2.39 19.03 0.42
CA VAL C 173 2.21 20.12 -0.56
C VAL C 173 3.44 20.97 -0.72
N SER C 174 4.57 20.52 -0.20
CA SER C 174 5.85 21.26 -0.14
C SER C 174 6.46 21.57 -1.51
N ASN C 175 6.37 20.66 -2.47
CA ASN C 175 7.04 20.91 -3.76
C ASN C 175 6.20 20.37 -4.90
N LEU C 176 4.93 20.72 -4.97
CA LEU C 176 4.05 20.20 -6.03
C LEU C 176 4.13 21.09 -7.27
N GLY C 177 4.32 20.49 -8.42
CA GLY C 177 4.40 21.24 -9.67
C GLY C 177 3.08 21.84 -10.05
N MET C 178 3.11 23.02 -10.62
CA MET C 178 1.84 23.67 -10.98
C MET C 178 1.93 24.12 -12.42
N VAL C 179 0.85 23.99 -13.16
CA VAL C 179 0.82 24.47 -14.57
C VAL C 179 -0.42 25.33 -14.72
N MET C 180 -0.26 26.65 -14.81
CA MET C 180 -1.45 27.50 -15.03
C MET C 180 -1.58 27.67 -16.53
N SER C 181 -2.75 27.42 -17.08
CA SER C 181 -2.83 27.52 -18.54
C SER C 181 -4.08 28.26 -19.02
N PHE C 182 -3.98 28.89 -20.17
CA PHE C 182 -5.14 29.56 -20.80
C PHE C 182 -5.42 28.79 -22.07
N ASP C 183 -6.63 28.25 -22.20
CA ASP C 183 -7.06 27.48 -23.38
C ASP C 183 -6.13 26.29 -23.65
N GLY C 184 -5.64 25.62 -22.61
CA GLY C 184 -4.78 24.44 -22.79
C GLY C 184 -3.31 24.75 -22.97
N ARG C 185 -2.95 26.00 -23.20
CA ARG C 185 -1.52 26.29 -23.38
C ARG C 185 -1.03 26.96 -22.12
N ALA C 186 0.06 26.49 -21.57
CA ALA C 186 0.58 26.99 -20.29
C ALA C 186 1.05 28.43 -20.37
N VAL C 187 0.66 29.21 -19.37
CA VAL C 187 1.13 30.62 -19.29
C VAL C 187 2.14 30.72 -18.16
N GLU C 188 1.99 29.93 -17.12
CA GLU C 188 2.98 29.99 -16.03
C GLU C 188 3.30 28.59 -15.52
N LEU C 189 4.56 28.37 -15.19
CA LEU C 189 5.09 27.08 -14.68
C LEU C 189 5.78 27.32 -13.35
N GLY C 190 5.52 26.47 -12.37
CA GLY C 190 6.20 26.63 -11.07
C GLY C 190 5.92 25.52 -10.09
N THR C 191 6.23 25.77 -8.84
CA THR C 191 5.97 24.73 -7.83
C THR C 191 5.30 25.38 -6.64
N SER C 192 4.63 24.59 -5.83
CA SER C 192 4.01 25.13 -4.61
C SER C 192 5.12 25.48 -3.62
N ALA C 193 6.34 25.10 -3.95
CA ALA C 193 7.50 25.37 -3.08
C ALA C 193 7.82 26.86 -3.13
N ALA C 194 7.30 27.54 -4.14
CA ALA C 194 7.49 28.99 -4.29
C ALA C 194 6.83 29.69 -3.10
N ILE C 195 5.81 29.09 -2.51
CA ILE C 195 5.10 29.74 -1.37
C ILE C 195 5.95 29.62 -0.11
N LEU C 196 6.90 30.53 0.08
CA LEU C 196 7.84 30.61 1.23
C LEU C 196 8.76 29.40 1.33
N GLY C 197 8.74 28.49 0.37
CA GLY C 197 9.60 27.32 0.50
C GLY C 197 8.83 26.15 1.08
N SER C 198 7.64 26.41 1.60
CA SER C 198 6.74 25.39 2.20
C SER C 198 5.43 26.07 2.51
N PRO C 199 4.32 25.83 1.80
CA PRO C 199 3.05 26.46 2.09
C PRO C 199 2.60 26.55 3.56
N ILE C 200 2.84 25.52 4.34
CA ILE C 200 2.50 25.55 5.78
C ILE C 200 3.11 26.80 6.44
N ARG C 201 4.19 27.35 5.90
CA ARG C 201 4.79 28.53 6.56
C ARG C 201 3.86 29.71 6.38
N ALA C 202 3.13 29.75 5.27
CA ALA C 202 2.20 30.86 5.01
C ALA C 202 1.02 30.74 5.96
N LEU C 203 0.62 29.52 6.29
CA LEU C 203 -0.54 29.34 7.18
C LEU C 203 -0.10 29.76 8.57
N VAL C 204 1.14 29.48 8.93
CA VAL C 204 1.64 29.88 10.26
C VAL C 204 1.65 31.40 10.26
N ALA C 205 2.21 31.98 9.22
CA ALA C 205 2.31 33.43 9.02
C ALA C 205 0.94 34.08 9.08
N ALA C 206 -0.03 33.26 8.77
CA ALA C 206 -1.44 33.62 8.85
C ALA C 206 -1.87 33.96 10.24
N ALA C 207 -1.72 32.99 11.12
CA ALA C 207 -2.11 33.13 12.52
C ALA C 207 -1.41 34.33 13.11
N ARG C 208 -0.14 34.51 12.80
CA ARG C 208 0.69 35.59 13.34
C ARG C 208 0.17 36.96 12.91
N LEU C 209 0.02 37.17 11.62
CA LEU C 209 -0.48 38.46 11.11
C LEU C 209 -1.85 38.74 11.69
N ALA C 210 -2.73 37.75 11.72
CA ALA C 210 -4.08 37.99 12.25
C ALA C 210 -4.01 38.27 13.75
N ALA C 211 -3.03 37.70 14.41
CA ALA C 211 -2.88 37.90 15.86
C ALA C 211 -2.47 39.33 16.13
N GLN C 212 -1.87 39.99 15.14
CA GLN C 212 -1.39 41.38 15.30
C GLN C 212 -2.61 42.29 15.38
N GLN C 213 -3.65 41.97 14.63
CA GLN C 213 -4.88 42.78 14.65
C GLN C 213 -5.82 42.20 15.69
N GLY C 214 -5.29 41.45 16.65
CA GLY C 214 -6.14 40.81 17.67
C GLY C 214 -7.21 39.92 17.07
N GLU C 215 -6.92 39.26 15.95
CA GLU C 215 -7.93 38.34 15.39
C GLU C 215 -7.36 36.93 15.29
N ALA C 216 -8.20 35.95 15.07
CA ALA C 216 -7.72 34.56 14.91
C ALA C 216 -8.11 34.03 13.53
N LEU C 217 -7.73 32.79 13.23
CA LEU C 217 -8.18 32.13 11.97
C LEU C 217 -9.36 31.28 12.38
N GLU C 218 -10.58 31.65 12.03
CA GLU C 218 -11.76 30.93 12.56
C GLU C 218 -11.95 29.52 12.00
N ALA C 219 -12.77 28.71 12.64
CA ALA C 219 -12.99 27.39 12.04
C ALA C 219 -13.77 27.62 10.74
N GLY C 220 -13.41 26.94 9.67
CA GLY C 220 -14.15 27.08 8.40
C GLY C 220 -13.53 28.12 7.51
N SER C 221 -12.44 28.72 7.94
CA SER C 221 -11.79 29.76 7.12
C SER C 221 -11.11 29.13 5.91
N LEU C 222 -10.98 29.90 4.84
CA LEU C 222 -10.20 29.48 3.67
C LEU C 222 -8.93 30.30 3.72
N ILE C 223 -7.77 29.68 3.65
CA ILE C 223 -6.53 30.47 3.69
C ILE C 223 -5.85 30.36 2.34
N LEU C 224 -5.66 31.45 1.63
CA LEU C 224 -4.91 31.33 0.37
C LEU C 224 -3.45 31.47 0.75
N ALA C 225 -2.69 30.38 0.64
CA ALA C 225 -1.29 30.33 1.09
C ALA C 225 -0.40 31.35 0.39
N GLY C 226 -0.62 31.58 -0.90
CA GLY C 226 0.26 32.53 -1.61
C GLY C 226 0.44 32.14 -3.05
N ALA C 227 1.03 33.02 -3.84
CA ALA C 227 1.19 32.74 -5.28
C ALA C 227 2.38 31.82 -5.54
N ALA C 228 2.19 30.80 -6.36
CA ALA C 228 3.29 29.87 -6.67
C ALA C 228 4.04 30.39 -7.89
N THR C 229 3.31 31.01 -8.81
CA THR C 229 3.91 31.60 -10.01
C THR C 229 3.56 33.08 -10.08
N ALA C 230 4.02 33.73 -11.13
CA ALA C 230 3.72 35.15 -11.37
C ALA C 230 2.28 35.24 -11.84
N ALA C 231 1.63 36.37 -11.58
CA ALA C 231 0.23 36.54 -11.99
C ALA C 231 0.20 36.78 -13.49
N VAL C 232 -0.87 36.32 -14.13
CA VAL C 232 -1.01 36.48 -15.60
C VAL C 232 -2.26 37.30 -15.84
N ALA C 233 -2.12 38.38 -16.60
CA ALA C 233 -3.28 39.26 -16.85
C ALA C 233 -4.32 38.50 -17.64
N LEU C 234 -5.55 38.54 -17.18
CA LEU C 234 -6.69 37.85 -17.81
C LEU C 234 -7.19 38.62 -19.02
N ARG C 235 -7.81 37.90 -19.95
CA ARG C 235 -8.41 38.48 -21.17
C ARG C 235 -9.70 37.73 -21.49
N PRO C 236 -10.58 38.22 -22.36
CA PRO C 236 -11.85 37.54 -22.66
C PRO C 236 -11.89 36.25 -23.51
N GLY C 237 -12.88 35.41 -23.22
CA GLY C 237 -13.16 34.15 -23.93
C GLY C 237 -12.11 33.07 -23.74
N ILE C 238 -11.60 32.92 -22.53
CA ILE C 238 -10.48 31.97 -22.29
C ILE C 238 -10.85 31.01 -21.16
N SER C 239 -10.51 29.74 -21.36
CA SER C 239 -10.66 28.75 -20.27
C SER C 239 -9.39 28.82 -19.45
N VAL C 240 -9.50 29.15 -18.17
CA VAL C 240 -8.30 29.24 -17.31
C VAL C 240 -8.24 28.00 -16.42
N ARG C 241 -7.06 27.40 -16.30
CA ARG C 241 -7.01 26.17 -15.52
C ARG C 241 -5.71 26.09 -14.74
N CYS C 242 -5.76 25.47 -13.59
CA CYS C 242 -4.57 25.30 -12.75
C CYS C 242 -4.36 23.81 -12.54
N GLU C 243 -3.25 23.27 -13.02
CA GLU C 243 -3.01 21.83 -12.79
C GLU C 243 -1.93 21.71 -11.73
N VAL C 244 -2.20 20.97 -10.67
CA VAL C 244 -1.20 20.83 -9.57
C VAL C 244 -0.89 19.36 -9.35
N GLN C 245 0.39 19.02 -9.19
CA GLN C 245 0.86 17.62 -8.96
C GLN C 245 0.24 17.06 -7.69
N ASN C 246 -0.42 15.92 -7.83
CA ASN C 246 -1.11 15.17 -6.74
C ASN C 246 -2.36 15.90 -6.26
N LEU C 247 -2.67 17.08 -6.79
CA LEU C 247 -3.81 17.84 -6.27
C LEU C 247 -4.89 18.04 -7.33
N GLY C 248 -4.71 17.50 -8.52
CA GLY C 248 -5.74 17.65 -9.57
C GLY C 248 -5.69 18.99 -10.24
N SER C 249 -6.86 19.52 -10.59
CA SER C 249 -6.92 20.81 -11.28
C SER C 249 -8.22 21.56 -10.99
N LEU C 250 -8.24 22.82 -11.37
CA LEU C 250 -9.45 23.65 -11.24
C LEU C 250 -9.50 24.60 -12.43
N SER C 251 -10.69 25.09 -12.76
CA SER C 251 -10.79 26.03 -13.90
C SER C 251 -12.02 26.92 -13.80
N PHE C 252 -12.03 27.93 -14.63
CA PHE C 252 -13.11 28.92 -14.77
C PHE C 252 -12.89 29.59 -16.11
N SER C 253 -13.96 30.06 -16.74
CA SER C 253 -13.77 30.69 -18.05
C SER C 253 -14.10 32.17 -17.96
N THR C 254 -13.61 32.95 -18.92
CA THR C 254 -13.94 34.39 -18.96
C THR C 254 -14.96 34.60 -20.06
N THR C 255 -15.96 35.44 -19.79
CA THR C 255 -16.99 35.76 -20.81
C THR C 255 -16.31 36.39 -22.01
N GLY C 256 -16.72 35.98 -23.21
CA GLY C 256 -16.11 36.53 -24.43
C GLY C 256 -16.78 37.83 -24.85
N GLU C 257 -16.27 38.40 -25.94
CA GLU C 257 -16.80 39.65 -26.53
C GLU C 257 -17.78 39.27 -27.65
N ALA D 1 27.36 14.27 -42.56
CA ALA D 1 28.46 14.04 -41.60
C ALA D 1 29.55 15.08 -41.87
N ASP D 2 30.17 15.59 -40.82
CA ASP D 2 31.24 16.57 -41.11
C ASP D 2 32.36 15.79 -41.79
N LEU D 3 32.53 16.05 -43.08
CA LEU D 3 33.55 15.33 -43.88
C LEU D 3 34.93 15.86 -43.48
N ASN D 4 34.96 17.02 -42.85
CA ASN D 4 36.26 17.64 -42.55
C ASN D 4 36.30 18.06 -41.10
N TRP D 5 35.64 17.32 -40.23
CA TRP D 5 35.54 17.71 -38.80
C TRP D 5 36.91 17.80 -38.16
N MET D 6 37.97 17.38 -38.82
CA MET D 6 39.29 17.43 -38.12
C MET D 6 40.20 18.39 -38.86
N SER D 7 39.66 19.56 -39.20
CA SER D 7 40.42 20.60 -39.92
C SER D 7 41.42 21.28 -39.00
N GLU D 8 42.41 21.94 -39.60
CA GLU D 8 43.41 22.70 -38.83
C GLU D 8 42.68 23.77 -38.01
N GLN D 9 41.67 24.39 -38.60
CA GLN D 9 40.88 25.44 -37.92
C GLN D 9 40.19 24.86 -36.69
N ASN D 10 39.49 23.75 -36.89
CA ASN D 10 38.75 23.07 -35.79
C ASN D 10 39.73 22.67 -34.70
N ALA D 11 40.93 22.25 -35.07
CA ALA D 11 41.93 21.82 -34.07
C ALA D 11 42.45 23.02 -33.29
N LYS D 12 42.67 24.15 -33.94
CA LYS D 12 43.16 25.34 -33.22
C LYS D 12 42.11 25.76 -32.21
N LEU D 13 40.87 25.83 -32.64
CA LEU D 13 39.80 26.27 -31.72
C LEU D 13 39.66 25.29 -30.57
N ALA D 14 39.63 24.01 -30.85
CA ALA D 14 39.47 23.02 -29.78
C ALA D 14 40.60 23.13 -28.77
N ALA D 15 41.83 23.29 -29.24
CA ALA D 15 42.97 23.38 -28.32
C ALA D 15 42.88 24.64 -27.48
N LEU D 16 42.34 25.69 -28.06
CA LEU D 16 42.17 26.97 -27.34
C LEU D 16 41.22 26.73 -26.18
N LEU D 17 40.13 26.02 -26.38
CA LEU D 17 39.22 25.81 -25.25
C LEU D 17 39.90 24.90 -24.24
N ASN D 18 40.62 23.89 -24.73
CA ASN D 18 41.31 22.95 -23.82
C ASN D 18 42.28 23.72 -22.95
N GLU D 19 43.08 24.61 -23.55
CA GLU D 19 44.05 25.38 -22.73
C GLU D 19 43.30 26.23 -21.72
N ALA D 20 42.18 26.81 -22.13
CA ALA D 20 41.40 27.61 -21.16
C ALA D 20 40.97 26.72 -20.01
N GLU D 21 40.58 25.49 -20.30
CA GLU D 21 40.13 24.63 -19.21
C GLU D 21 41.28 24.21 -18.30
N LEU D 22 42.43 23.83 -18.84
CA LEU D 22 43.50 23.34 -17.93
C LEU D 22 44.05 24.47 -17.07
N SER D 23 44.15 25.65 -17.64
CA SER D 23 44.77 26.80 -16.95
C SER D 23 43.81 27.42 -15.95
N GLU D 24 42.51 27.20 -16.15
CA GLU D 24 41.38 27.75 -15.36
C GLU D 24 41.26 29.23 -15.68
N LYS D 25 41.59 29.60 -16.91
CA LYS D 25 41.52 31.00 -17.35
C LYS D 25 40.59 31.11 -18.57
N PRO D 26 39.30 31.42 -18.43
CA PRO D 26 38.41 31.57 -19.56
C PRO D 26 38.91 32.54 -20.61
N ILE D 27 38.64 32.24 -21.88
CA ILE D 27 39.11 33.12 -22.97
C ILE D 27 37.93 33.84 -23.60
N GLU D 28 38.17 34.61 -24.64
CA GLU D 28 37.05 35.34 -25.26
C GLU D 28 36.31 34.42 -26.20
N PRO D 29 35.13 34.83 -26.70
CA PRO D 29 34.34 34.01 -27.60
C PRO D 29 35.07 33.49 -28.83
N VAL D 30 34.65 32.34 -29.30
CA VAL D 30 35.27 31.78 -30.52
C VAL D 30 34.29 31.93 -31.68
N ARG D 31 33.06 32.34 -31.40
CA ARG D 31 32.01 32.47 -32.43
C ARG D 31 32.55 33.21 -33.65
N GLY D 32 33.44 34.14 -33.42
CA GLY D 32 33.93 34.95 -34.55
C GLY D 32 34.77 34.14 -35.51
N HIS D 33 35.31 33.02 -35.03
CA HIS D 33 36.17 32.18 -35.88
C HIS D 33 35.44 30.95 -36.40
N ILE D 34 34.12 30.90 -36.30
CA ILE D 34 33.41 29.70 -36.81
C ILE D 34 32.52 30.09 -37.98
N GLU D 35 32.91 29.72 -39.19
CA GLU D 35 32.11 30.06 -40.38
C GLU D 35 31.26 28.86 -40.78
N GLY D 36 31.45 27.72 -40.11
CA GLY D 36 30.74 26.48 -40.44
C GLY D 36 29.40 26.29 -39.77
N GLY D 37 28.97 27.21 -38.93
CA GLY D 37 27.67 27.05 -38.27
C GLY D 37 27.75 26.09 -37.11
N ILE D 38 26.59 25.63 -36.63
CA ILE D 38 26.56 24.74 -35.44
C ILE D 38 27.25 23.42 -35.74
N ALA D 39 27.27 23.01 -37.01
CA ALA D 39 27.95 21.76 -37.41
C ALA D 39 29.43 21.87 -37.09
N GLN D 40 30.05 23.00 -37.39
CA GLN D 40 31.49 23.17 -37.10
C GLN D 40 31.67 23.24 -35.60
N ALA D 41 30.69 23.72 -34.87
CA ALA D 41 30.82 23.83 -33.42
C ALA D 41 30.82 22.42 -32.84
N TYR D 42 30.01 21.54 -33.42
CA TYR D 42 29.92 20.14 -32.95
C TYR D 42 31.23 19.41 -33.25
N ALA D 43 31.82 19.72 -34.38
CA ALA D 43 33.11 19.15 -34.77
C ALA D 43 34.15 19.60 -33.75
N ILE D 44 34.12 20.85 -33.32
CA ILE D 44 35.11 21.34 -32.34
C ILE D 44 34.92 20.60 -31.03
N GLN D 45 33.68 20.35 -30.66
CA GLN D 45 33.41 19.60 -29.42
C GLN D 45 33.96 18.19 -29.55
N GLN D 46 33.71 17.55 -30.69
CA GLN D 46 34.13 16.17 -31.03
C GLN D 46 35.64 16.03 -30.87
N ILE D 47 36.40 17.04 -31.25
CA ILE D 47 37.87 16.95 -31.11
C ILE D 47 38.21 16.94 -29.62
N ASN D 48 37.44 17.61 -28.80
CA ASN D 48 37.82 17.61 -27.37
C ASN D 48 37.37 16.31 -26.72
N VAL D 49 36.32 15.69 -27.25
CA VAL D 49 35.83 14.39 -26.73
C VAL D 49 36.92 13.37 -27.02
N GLN D 50 37.46 13.44 -28.22
CA GLN D 50 38.48 12.49 -28.68
C GLN D 50 39.73 12.67 -27.84
N ARG D 51 40.09 13.92 -27.57
CA ARG D 51 41.29 14.21 -26.75
C ARG D 51 41.07 13.62 -25.36
N GLN D 52 39.85 13.75 -24.85
CA GLN D 52 39.54 13.21 -23.50
C GLN D 52 39.69 11.69 -23.53
N LEU D 53 39.23 11.03 -24.60
CA LEU D 53 39.27 9.56 -24.71
C LEU D 53 40.72 9.10 -24.86
N ALA D 54 41.54 9.89 -25.51
CA ALA D 54 42.94 9.48 -25.69
C ALA D 54 43.68 9.63 -24.37
N ALA D 55 43.09 10.35 -23.44
CA ALA D 55 43.71 10.51 -22.12
C ALA D 55 43.13 9.47 -21.16
N GLY D 56 42.33 8.55 -21.65
CA GLY D 56 41.80 7.45 -20.83
C GLY D 56 40.52 7.77 -20.12
N ARG D 57 39.76 8.72 -20.63
CA ARG D 57 38.49 9.08 -19.96
C ARG D 57 37.37 8.22 -20.52
N ARG D 58 36.25 8.18 -19.83
CA ARG D 58 35.12 7.35 -20.29
C ARG D 58 33.90 8.23 -20.53
N VAL D 59 33.35 8.19 -21.73
CA VAL D 59 32.11 8.97 -21.97
C VAL D 59 31.02 8.33 -21.13
N THR D 60 30.41 9.07 -20.22
CA THR D 60 29.39 8.43 -19.36
C THR D 60 28.00 8.93 -19.67
N GLY D 61 27.88 9.94 -20.52
CA GLY D 61 26.53 10.44 -20.81
C GLY D 61 26.54 11.66 -21.67
N ARG D 62 25.39 12.30 -21.73
CA ARG D 62 25.19 13.52 -22.52
C ARG D 62 24.39 14.51 -21.69
N LYS D 63 24.64 15.79 -21.86
CA LYS D 63 23.80 16.80 -21.18
C LYS D 63 22.99 17.48 -22.26
N ILE D 64 21.73 17.82 -21.98
CA ILE D 64 20.91 18.53 -23.00
C ILE D 64 20.72 19.98 -22.56
N GLY D 65 21.02 20.93 -23.44
CA GLY D 65 20.84 22.36 -23.16
C GLY D 65 19.79 22.97 -24.06
N LEU D 66 19.44 24.23 -23.82
CA LEU D 66 18.42 24.99 -24.57
C LEU D 66 17.16 24.16 -24.59
N THR D 67 16.70 23.76 -23.42
CA THR D 67 15.54 22.87 -23.30
C THR D 67 14.26 23.66 -23.06
N SER D 68 14.31 24.94 -23.36
CA SER D 68 13.15 25.86 -23.28
C SER D 68 13.13 26.69 -24.54
N ALA D 69 11.95 27.04 -25.02
CA ALA D 69 11.83 27.84 -26.26
C ALA D 69 12.43 29.23 -26.01
N ALA D 70 12.23 29.75 -24.81
CA ALA D 70 12.75 31.10 -24.50
C ALA D 70 14.26 31.12 -24.62
N VAL D 71 14.95 30.14 -24.06
CA VAL D 71 16.43 30.26 -24.16
C VAL D 71 16.84 29.87 -25.57
N GLN D 72 16.06 29.02 -26.20
CA GLN D 72 16.37 28.62 -27.58
C GLN D 72 16.28 29.86 -28.46
N LYS D 73 15.14 30.54 -28.38
CA LYS D 73 14.81 31.78 -29.13
C LYS D 73 15.89 32.82 -28.88
N GLN D 74 16.41 32.84 -27.66
CA GLN D 74 17.44 33.80 -27.24
C GLN D 74 18.75 33.56 -28.01
N LEU D 75 18.92 32.42 -28.66
CA LEU D 75 20.20 32.21 -29.38
C LEU D 75 19.92 31.90 -30.85
N GLY D 76 18.78 32.33 -31.35
CA GLY D 76 18.44 32.09 -32.75
C GLY D 76 18.37 30.63 -33.10
N VAL D 77 17.83 29.79 -32.22
CA VAL D 77 17.71 28.33 -32.57
C VAL D 77 16.30 27.83 -32.26
N ASP D 78 15.92 26.72 -32.87
CA ASP D 78 14.59 26.13 -32.63
C ASP D 78 14.77 24.69 -32.17
N GLN D 79 15.90 24.36 -31.56
CA GLN D 79 16.17 22.96 -31.17
C GLN D 79 17.17 22.96 -30.04
N PRO D 80 17.25 21.94 -29.17
CA PRO D 80 18.27 21.92 -28.13
C PRO D 80 19.70 21.68 -28.59
N ASP D 81 20.62 21.70 -27.63
CA ASP D 81 22.02 21.37 -27.96
C ASP D 81 22.49 20.23 -27.05
N PHE D 82 23.66 19.67 -27.31
CA PHE D 82 24.11 18.56 -26.46
C PHE D 82 25.59 18.73 -26.15
N GLY D 83 25.97 18.23 -24.99
CA GLY D 83 27.35 18.20 -24.53
C GLY D 83 27.72 16.79 -24.13
N THR D 84 28.99 16.52 -23.92
CA THR D 84 29.40 15.13 -23.62
C THR D 84 29.85 15.00 -22.17
N LEU D 85 29.23 14.15 -21.39
CA LEU D 85 29.68 13.96 -20.00
C LEU D 85 30.81 12.95 -19.94
N PHE D 86 31.75 13.17 -19.05
CA PHE D 86 32.89 12.25 -18.87
C PHE D 86 32.87 11.74 -17.44
N ASP D 87 33.57 10.65 -17.18
CA ASP D 87 33.64 9.99 -15.85
C ASP D 87 34.31 10.95 -14.86
N SER D 88 35.11 11.86 -15.37
CA SER D 88 35.83 12.85 -14.54
C SER D 88 34.90 13.98 -14.10
N MET D 89 33.69 14.05 -14.66
CA MET D 89 32.76 15.13 -14.28
C MET D 89 31.78 14.63 -13.24
N ALA D 90 31.80 13.34 -12.95
CA ALA D 90 30.82 12.77 -12.00
C ALA D 90 31.12 13.20 -10.57
N VAL D 91 30.06 13.51 -9.85
CA VAL D 91 30.10 13.91 -8.43
C VAL D 91 28.92 13.22 -7.79
N ASN D 92 29.12 12.68 -6.60
CA ASN D 92 28.00 12.00 -5.92
C ASN D 92 27.32 13.01 -5.02
N ASP D 93 26.08 12.71 -4.67
CA ASP D 93 25.29 13.54 -3.75
C ASP D 93 26.09 13.79 -2.47
N GLY D 94 26.40 15.05 -2.20
CA GLY D 94 27.06 15.43 -0.94
C GLY D 94 28.57 15.53 -1.02
N GLU D 95 29.21 14.85 -1.95
CA GLU D 95 30.69 14.88 -2.06
C GLU D 95 31.17 16.32 -2.21
N GLU D 96 32.24 16.66 -1.53
CA GLU D 96 32.79 18.02 -1.65
C GLU D 96 33.21 18.26 -3.09
N ILE D 97 32.81 19.37 -3.68
CA ILE D 97 33.27 19.65 -5.07
C ILE D 97 34.42 20.63 -5.01
N ALA D 98 35.60 20.17 -5.35
CA ALA D 98 36.78 21.06 -5.33
C ALA D 98 36.54 22.19 -6.29
N TRP D 99 36.80 23.42 -5.84
CA TRP D 99 36.62 24.66 -6.63
C TRP D 99 37.42 24.61 -7.93
N SER D 100 38.58 23.98 -7.89
CA SER D 100 39.47 23.89 -9.07
C SER D 100 38.82 23.06 -10.18
N ARG D 101 37.70 22.42 -9.90
CA ARG D 101 37.02 21.59 -10.90
C ARG D 101 35.92 22.41 -11.57
N THR D 102 35.60 23.56 -11.01
CA THR D 102 34.54 24.40 -11.60
C THR D 102 35.16 25.53 -12.41
N LEU D 103 34.39 26.17 -13.27
CA LEU D 103 34.87 27.33 -14.03
C LEU D 103 33.65 28.17 -14.39
N GLN D 104 33.42 29.26 -13.66
CA GLN D 104 32.25 30.16 -13.79
C GLN D 104 31.04 29.30 -13.53
N PRO D 105 31.02 28.51 -12.45
CA PRO D 105 29.94 27.58 -12.18
C PRO D 105 28.54 28.12 -11.91
N LYS D 106 27.56 27.38 -12.39
CA LYS D 106 26.11 27.65 -12.19
C LYS D 106 25.45 26.30 -11.96
N CYS D 107 24.40 26.25 -11.17
CA CYS D 107 23.73 24.97 -10.90
C CYS D 107 22.35 24.95 -11.52
N GLU D 108 21.93 23.81 -12.01
CA GLU D 108 20.59 23.67 -12.59
C GLU D 108 20.08 22.28 -12.24
N ALA D 109 18.95 22.21 -11.57
CA ALA D 109 18.33 20.95 -11.15
C ALA D 109 17.77 20.29 -12.40
N GLU D 110 18.02 18.99 -12.59
CA GLU D 110 17.52 18.28 -13.79
C GLU D 110 17.13 16.85 -13.44
N VAL D 111 16.30 16.25 -14.29
CA VAL D 111 15.98 14.82 -14.12
C VAL D 111 17.06 14.07 -14.89
N ALA D 112 17.74 13.12 -14.27
CA ALA D 112 18.76 12.37 -15.02
C ALA D 112 18.17 11.02 -15.44
N LEU D 113 18.42 10.62 -16.67
CA LEU D 113 17.87 9.33 -17.11
C LEU D 113 18.99 8.34 -17.35
N VAL D 114 18.90 7.16 -16.77
CA VAL D 114 19.93 6.12 -17.02
C VAL D 114 19.44 5.21 -18.14
N ILE D 115 20.30 4.94 -19.11
CA ILE D 115 19.96 4.09 -20.28
C ILE D 115 20.44 2.64 -20.09
N GLU D 116 19.49 1.74 -20.23
CA GLU D 116 19.56 0.27 -20.07
C GLU D 116 19.92 -0.44 -21.36
N ARG D 117 19.53 0.09 -22.52
CA ARG D 117 19.81 -0.61 -23.78
C ARG D 117 20.37 0.37 -24.81
N ASP D 118 21.12 -0.10 -25.79
CA ASP D 118 21.64 0.80 -26.84
C ASP D 118 20.50 1.30 -27.71
N LEU D 119 20.63 2.52 -28.21
CA LEU D 119 19.64 3.10 -29.13
C LEU D 119 20.43 3.47 -30.38
N ASP D 120 20.76 2.49 -31.20
CA ASP D 120 21.67 2.69 -32.35
C ASP D 120 20.93 2.91 -33.66
N HIS D 121 19.63 2.65 -33.68
CA HIS D 121 18.95 2.65 -34.99
C HIS D 121 18.42 4.01 -35.42
N GLU D 122 17.98 4.09 -36.66
CA GLU D 122 17.37 5.33 -37.17
C GLU D 122 15.91 5.34 -36.76
N ASN D 123 15.31 6.51 -36.78
CA ASN D 123 13.86 6.70 -36.49
C ASN D 123 13.53 6.20 -35.10
N ILE D 124 14.34 6.56 -34.11
CA ILE D 124 14.09 6.20 -32.68
C ILE D 124 12.74 6.79 -32.26
N THR D 125 11.96 6.02 -31.56
CA THR D 125 10.63 6.52 -31.17
C THR D 125 10.57 6.73 -29.67
N LEU D 126 9.49 7.30 -29.19
CA LEU D 126 9.37 7.51 -27.74
C LEU D 126 9.30 6.12 -27.12
N ILE D 127 8.67 5.20 -27.81
CA ILE D 127 8.53 3.80 -27.35
C ILE D 127 9.91 3.19 -27.22
N ASP D 128 10.80 3.44 -28.16
CA ASP D 128 12.17 2.89 -28.04
C ASP D 128 12.82 3.45 -26.77
N LEU D 129 12.75 4.76 -26.57
CA LEU D 129 13.40 5.41 -25.42
C LEU D 129 12.80 4.93 -24.09
N ILE D 130 11.48 4.73 -24.04
CA ILE D 130 10.84 4.23 -22.80
C ILE D 130 11.40 2.86 -22.50
N GLY D 131 11.62 2.06 -23.54
CA GLY D 131 12.12 0.70 -23.34
C GLY D 131 13.57 0.68 -22.94
N ALA D 132 14.36 1.62 -23.40
CA ALA D 132 15.78 1.63 -23.05
C ALA D 132 16.02 2.41 -21.76
N THR D 133 14.99 3.02 -21.18
CA THR D 133 15.23 3.81 -19.95
C THR D 133 15.18 2.88 -18.74
N ALA D 134 16.20 2.93 -17.91
CA ALA D 134 16.21 2.09 -16.71
C ALA D 134 15.46 2.80 -15.59
N TYR D 135 16.02 3.88 -15.10
CA TYR D 135 15.37 4.60 -14.00
C TYR D 135 15.83 6.04 -14.09
N ALA D 136 15.28 6.89 -13.25
CA ALA D 136 15.75 8.28 -13.24
C ALA D 136 16.43 8.59 -11.91
N LEU D 137 17.20 9.66 -11.88
CA LEU D 137 17.87 10.10 -10.65
C LEU D 137 17.74 11.62 -10.59
N PRO D 138 17.55 12.21 -9.41
CA PRO D 138 17.52 13.64 -9.30
C PRO D 138 18.95 14.11 -9.52
N ALA D 139 19.13 15.23 -10.18
CA ALA D 139 20.51 15.65 -10.44
C ALA D 139 20.67 17.15 -10.37
N ILE D 140 21.89 17.57 -10.16
CA ILE D 140 22.20 19.01 -10.27
C ILE D 140 23.32 19.06 -11.28
N GLU D 141 23.12 19.71 -12.42
CA GLU D 141 24.26 19.80 -13.33
C GLU D 141 25.04 21.03 -12.93
N VAL D 142 26.35 20.92 -12.79
CA VAL D 142 27.15 22.13 -12.52
C VAL D 142 27.78 22.51 -13.86
N VAL D 143 27.14 23.41 -14.60
CA VAL D 143 27.65 23.84 -15.93
C VAL D 143 28.88 24.72 -15.79
N GLY D 144 29.61 24.89 -16.87
CA GLY D 144 30.84 25.68 -16.83
C GLY D 144 31.14 26.28 -18.17
N SER D 145 31.87 27.36 -18.18
CA SER D 145 32.15 28.03 -19.46
C SER D 145 33.63 28.38 -19.51
N ARG D 146 34.28 27.91 -20.56
CA ARG D 146 35.67 28.27 -20.84
C ARG D 146 35.66 29.63 -21.54
N ILE D 147 34.47 30.14 -21.81
CA ILE D 147 34.32 31.48 -22.42
C ILE D 147 34.13 32.45 -21.27
N ALA D 148 34.84 33.57 -21.31
CA ALA D 148 34.80 34.60 -20.24
C ALA D 148 33.43 35.24 -20.09
N ASN D 149 32.98 35.36 -18.85
CA ASN D 149 31.72 36.05 -18.48
C ASN D 149 30.49 35.51 -19.20
N TRP D 150 30.49 34.23 -19.55
CA TRP D 150 29.35 33.53 -20.19
C TRP D 150 28.89 34.27 -21.44
N ASP D 151 29.81 34.93 -22.12
CA ASP D 151 29.42 35.68 -23.34
C ASP D 151 29.39 34.70 -24.51
N ILE D 152 28.33 33.90 -24.60
CA ILE D 152 28.31 32.84 -25.63
C ILE D 152 27.07 32.85 -26.50
N ASN D 153 27.27 32.61 -27.78
CA ASN D 153 26.19 32.34 -28.76
C ASN D 153 26.12 30.81 -28.97
N ILE D 154 25.26 30.35 -29.86
CA ILE D 154 25.12 28.89 -30.11
C ILE D 154 26.47 28.25 -30.45
N LEU D 155 27.30 28.94 -31.22
CA LEU D 155 28.58 28.35 -31.61
C LEU D 155 29.53 28.27 -30.42
N ASP D 156 29.55 29.24 -29.54
CA ASP D 156 30.52 29.14 -28.42
C ASP D 156 30.17 27.97 -27.50
N THR D 157 28.92 27.82 -27.14
CA THR D 157 28.50 26.80 -26.15
C THR D 157 28.63 25.41 -26.76
N VAL D 158 28.26 25.24 -28.02
CA VAL D 158 28.31 23.88 -28.63
C VAL D 158 29.77 23.47 -28.71
N ALA D 159 30.64 24.37 -29.12
CA ALA D 159 32.07 24.04 -29.27
C ALA D 159 32.71 23.86 -27.89
N ASP D 160 32.06 24.40 -26.87
CA ASP D 160 32.56 24.33 -25.48
C ASP D 160 31.82 23.22 -24.76
N ASN D 161 31.50 22.15 -25.46
CA ASN D 161 30.81 20.97 -24.90
C ASN D 161 29.49 21.38 -24.26
N ALA D 162 28.73 22.19 -24.97
CA ALA D 162 27.43 22.73 -24.53
C ALA D 162 27.55 23.32 -23.12
N SER D 163 28.68 23.94 -22.82
CA SER D 163 28.96 24.60 -21.52
C SER D 163 28.81 23.60 -20.38
N ALA D 164 29.26 22.37 -20.57
CA ALA D 164 29.11 21.42 -19.45
C ALA D 164 30.31 21.53 -18.53
N GLY D 165 30.11 21.23 -17.26
CA GLY D 165 31.20 21.24 -16.28
C GLY D 165 31.19 19.96 -15.47
N LEU D 166 30.24 19.85 -14.56
CA LEU D 166 30.13 18.68 -13.67
C LEU D 166 28.68 18.22 -13.61
N TYR D 167 28.44 17.06 -13.01
CA TYR D 167 27.06 16.56 -12.83
C TYR D 167 26.96 15.92 -11.46
N VAL D 168 25.87 16.18 -10.76
CA VAL D 168 25.72 15.60 -9.40
C VAL D 168 24.50 14.69 -9.42
N LEU D 169 24.69 13.42 -9.14
CA LEU D 169 23.52 12.51 -9.17
C LEU D 169 23.21 12.00 -7.77
N GLY D 170 21.97 11.63 -7.55
CA GLY D 170 21.53 11.03 -6.28
C GLY D 170 21.78 9.55 -6.27
N HIS D 171 21.55 8.90 -5.15
CA HIS D 171 21.85 7.45 -5.02
C HIS D 171 20.59 6.61 -5.21
N THR D 172 19.40 7.17 -5.17
CA THR D 172 18.21 6.30 -5.18
C THR D 172 17.46 6.30 -6.51
N PRO D 173 17.55 5.21 -7.29
CA PRO D 173 16.87 5.14 -8.57
C PRO D 173 15.36 5.06 -8.41
N VAL D 174 14.63 5.58 -9.38
CA VAL D 174 13.14 5.53 -9.36
C VAL D 174 12.71 5.07 -10.73
N LYS D 175 11.86 4.06 -10.82
CA LYS D 175 11.46 3.55 -12.15
C LYS D 175 10.52 4.54 -12.82
N LEU D 176 10.55 4.59 -14.13
CA LEU D 176 9.68 5.54 -14.86
C LEU D 176 8.23 5.15 -14.66
N GLU D 177 7.97 3.88 -14.38
CA GLU D 177 6.59 3.45 -14.13
C GLU D 177 6.09 4.20 -12.91
N GLY D 178 4.89 4.76 -12.99
CA GLY D 178 4.34 5.51 -11.85
C GLY D 178 5.21 6.67 -11.43
N LEU D 179 5.87 7.34 -12.37
CA LEU D 179 6.63 8.55 -11.98
C LEU D 179 6.08 9.65 -12.87
N ASP D 180 5.55 10.73 -12.30
CA ASP D 180 5.00 11.81 -13.13
C ASP D 180 6.10 12.83 -13.36
N LEU D 181 6.74 12.80 -14.51
CA LEU D 181 7.85 13.73 -14.78
C LEU D 181 7.32 15.02 -15.39
N ARG D 182 6.05 15.08 -15.72
CA ARG D 182 5.53 16.30 -16.33
C ARG D 182 5.20 17.32 -15.25
N LEU D 183 4.54 16.91 -14.18
CA LEU D 183 4.14 17.88 -13.16
C LEU D 183 5.04 17.78 -11.95
N ALA D 184 6.23 17.24 -12.12
CA ALA D 184 7.18 17.07 -11.00
C ALA D 184 7.73 18.41 -10.57
N GLY D 185 7.46 18.78 -9.31
CA GLY D 185 7.93 20.05 -8.76
C GLY D 185 9.42 20.08 -8.54
N MET D 186 10.03 21.23 -8.74
CA MET D 186 11.48 21.38 -8.48
C MET D 186 11.77 22.61 -7.63
N VAL D 187 12.56 22.43 -6.59
CA VAL D 187 13.02 23.56 -5.76
C VAL D 187 14.52 23.38 -5.52
N MET D 188 15.30 24.41 -5.69
CA MET D 188 16.74 24.34 -5.41
C MET D 188 17.02 25.43 -4.39
N GLU D 189 17.63 25.09 -3.26
CA GLU D 189 17.86 26.11 -2.23
C GLU D 189 19.32 26.22 -1.85
N ARG D 190 19.75 27.43 -1.58
CA ARG D 190 21.09 27.71 -1.07
C ARG D 190 20.86 28.54 0.18
N ALA D 191 21.55 28.21 1.27
CA ALA D 191 21.45 28.94 2.55
C ALA D 191 19.99 29.07 2.94
N GLY D 192 19.21 28.02 2.79
CA GLY D 192 17.79 28.07 3.12
C GLY D 192 16.97 28.95 2.20
N GLN D 193 17.54 29.47 1.13
CA GLN D 193 16.69 30.32 0.27
C GLN D 193 16.38 29.63 -1.04
N GLN D 194 15.18 29.82 -1.56
CA GLN D 194 14.81 29.20 -2.86
C GLN D 194 15.48 29.96 -4.00
N VAL D 195 16.46 29.36 -4.65
CA VAL D 195 17.17 30.06 -5.74
C VAL D 195 16.59 29.65 -7.09
N SER D 196 16.05 28.44 -7.22
CA SER D 196 15.48 28.05 -8.53
C SER D 196 14.15 27.35 -8.32
N LEU D 197 13.18 27.61 -9.17
CA LEU D 197 11.87 26.96 -9.05
C LEU D 197 11.48 26.43 -10.41
N GLY D 198 10.81 25.31 -10.45
CA GLY D 198 10.39 24.75 -11.74
C GLY D 198 9.47 23.57 -11.62
N VAL D 199 9.32 22.86 -12.73
CA VAL D 199 8.48 21.65 -12.88
C VAL D 199 9.03 20.86 -14.06
N GLY D 200 8.70 19.57 -14.14
CA GLY D 200 9.21 18.69 -15.20
C GLY D 200 8.84 19.18 -16.57
N ALA D 201 7.69 19.82 -16.69
CA ALA D 201 7.19 20.33 -17.98
C ALA D 201 8.09 21.43 -18.52
N ALA D 202 8.94 22.01 -17.70
CA ALA D 202 9.78 23.10 -18.23
C ALA D 202 10.90 22.53 -19.09
N CYS D 203 11.11 21.23 -18.98
CA CYS D 203 12.21 20.62 -19.75
C CYS D 203 11.64 20.14 -21.07
N LEU D 204 11.41 21.05 -22.00
CA LEU D 204 10.85 20.77 -23.34
C LEU D 204 9.51 20.05 -23.26
N GLY D 205 8.68 20.40 -22.29
CA GLY D 205 7.37 19.75 -22.16
C GLY D 205 7.44 18.51 -21.30
N HIS D 206 8.49 17.76 -21.46
CA HIS D 206 8.72 16.52 -20.70
C HIS D 206 10.18 16.19 -20.84
N PRO D 207 10.87 15.69 -19.80
CA PRO D 207 12.24 15.26 -19.95
C PRO D 207 12.45 14.20 -21.04
N LEU D 208 11.49 13.31 -21.28
CA LEU D 208 11.60 12.34 -22.39
C LEU D 208 11.54 13.03 -23.76
N ASN D 209 10.91 14.20 -23.92
CA ASN D 209 10.99 14.82 -25.26
C ASN D 209 12.43 15.25 -25.50
N ALA D 210 13.11 15.72 -24.48
CA ALA D 210 14.51 16.13 -24.63
C ALA D 210 15.39 14.91 -24.91
N ALA D 211 15.21 13.84 -24.17
CA ALA D 211 16.05 12.64 -24.38
C ALA D 211 15.76 12.05 -25.77
N LEU D 212 14.51 12.10 -26.21
CA LEU D 212 14.15 11.61 -27.55
C LEU D 212 14.90 12.44 -28.58
N TRP D 213 14.96 13.74 -28.41
CA TRP D 213 15.70 14.60 -29.36
C TRP D 213 17.18 14.22 -29.37
N LEU D 214 17.74 13.99 -28.20
CA LEU D 214 19.20 13.71 -28.09
C LEU D 214 19.51 12.35 -28.69
N ALA D 215 18.68 11.36 -28.40
CA ALA D 215 18.90 10.02 -28.95
C ALA D 215 18.96 10.10 -30.48
N ARG D 216 17.98 10.72 -31.10
CA ARG D 216 17.91 10.86 -32.57
C ARG D 216 19.09 11.68 -33.09
N THR D 217 19.49 12.72 -32.39
CA THR D 217 20.60 13.60 -32.81
C THR D 217 21.91 12.84 -32.73
N LEU D 218 22.09 12.04 -31.70
CA LEU D 218 23.36 11.29 -31.56
C LEU D 218 23.46 10.25 -32.67
N VAL D 219 22.34 9.68 -33.08
CA VAL D 219 22.38 8.67 -34.15
C VAL D 219 22.82 9.34 -35.45
N LYS D 220 22.36 10.57 -35.68
CA LYS D 220 22.71 11.29 -36.92
C LYS D 220 24.19 11.65 -36.92
N GLN D 221 24.81 11.69 -35.74
CA GLN D 221 26.24 12.09 -35.66
C GLN D 221 27.16 10.89 -35.51
N GLY D 222 26.65 9.68 -35.49
CA GLY D 222 27.53 8.51 -35.37
C GLY D 222 27.93 8.17 -33.96
N THR D 223 27.25 8.71 -32.96
CA THR D 223 27.57 8.41 -31.55
C THR D 223 26.29 8.23 -30.74
N PRO D 224 25.56 7.13 -30.90
CA PRO D 224 24.29 6.92 -30.21
C PRO D 224 24.31 6.70 -28.69
N LEU D 225 23.14 6.62 -28.05
CA LEU D 225 23.25 6.46 -26.60
C LEU D 225 23.52 4.97 -26.35
N LYS D 226 24.30 4.68 -25.34
CA LYS D 226 24.65 3.30 -25.02
C LYS D 226 24.08 2.91 -23.68
N SER D 227 24.29 1.67 -23.28
CA SER D 227 23.83 1.16 -21.97
C SER D 227 24.67 1.79 -20.86
N GLY D 228 24.03 2.28 -19.82
CA GLY D 228 24.75 2.87 -18.67
C GLY D 228 25.03 4.35 -18.84
N ASP D 229 24.70 4.89 -20.00
CA ASP D 229 24.89 6.32 -20.30
C ASP D 229 23.91 7.09 -19.44
N VAL D 230 24.33 8.18 -18.84
CA VAL D 230 23.39 9.01 -18.06
C VAL D 230 23.02 10.22 -18.89
N VAL D 231 21.74 10.54 -18.96
CA VAL D 231 21.31 11.71 -19.76
C VAL D 231 20.79 12.80 -18.84
N LEU D 232 21.44 13.95 -18.85
CA LEU D 232 20.93 15.12 -18.12
C LEU D 232 19.94 15.75 -19.11
N SER D 233 18.67 15.50 -18.91
CA SER D 233 17.57 15.88 -19.83
C SER D 233 17.39 17.38 -19.98
N GLY D 234 17.64 18.17 -18.95
CA GLY D 234 17.44 19.61 -19.13
C GLY D 234 16.99 20.30 -17.89
N ALA D 235 17.23 21.60 -17.81
CA ALA D 235 16.89 22.44 -16.65
C ALA D 235 15.41 22.38 -16.33
N LEU D 236 15.07 22.32 -15.06
CA LEU D 236 13.65 22.38 -14.67
C LEU D 236 13.34 23.82 -14.25
N GLY D 237 14.39 24.57 -13.96
CA GLY D 237 14.24 25.98 -13.57
C GLY D 237 15.49 26.76 -13.89
N PRO D 238 15.53 28.07 -13.60
CA PRO D 238 16.67 28.90 -13.88
C PRO D 238 17.99 28.47 -13.24
N LEU D 239 19.08 28.82 -13.90
CA LEU D 239 20.43 28.46 -13.41
C LEU D 239 20.87 29.50 -12.40
N VAL D 240 21.52 29.03 -11.36
CA VAL D 240 22.01 29.93 -10.29
C VAL D 240 23.51 29.81 -10.26
N ALA D 241 24.18 30.94 -10.40
CA ALA D 241 25.65 31.00 -10.37
C ALA D 241 26.16 30.46 -9.05
N ALA D 242 27.26 29.74 -9.04
CA ALA D 242 27.73 29.18 -7.76
C ALA D 242 28.99 29.88 -7.25
N ASN D 243 29.12 30.00 -5.92
CA ASN D 243 30.28 30.69 -5.30
C ASN D 243 31.04 29.73 -4.39
N PRO D 244 32.34 29.87 -4.11
CA PRO D 244 33.01 28.92 -3.25
C PRO D 244 32.35 28.74 -1.89
N GLY D 245 32.23 27.50 -1.45
CA GLY D 245 31.63 27.15 -0.17
C GLY D 245 30.14 26.98 -0.28
N ASP D 246 29.56 27.22 -1.45
CA ASP D 246 28.09 27.15 -1.62
C ASP D 246 27.57 25.72 -1.48
N VAL D 247 26.34 25.57 -1.04
CA VAL D 247 25.71 24.22 -0.94
C VAL D 247 24.27 24.36 -1.41
N PHE D 248 23.94 23.81 -2.57
CA PHE D 248 22.58 23.89 -3.12
C PHE D 248 21.91 22.54 -2.95
N GLU D 249 20.62 22.53 -2.65
CA GLU D 249 19.89 21.26 -2.54
C GLU D 249 18.75 21.30 -3.53
N ALA D 250 18.66 20.30 -4.39
CA ALA D 250 17.54 20.24 -5.35
C ALA D 250 16.61 19.12 -4.93
N ARG D 251 15.32 19.35 -4.98
CA ARG D 251 14.30 18.33 -4.64
C ARG D 251 13.33 18.23 -5.81
N ILE D 252 13.13 17.04 -6.33
CA ILE D 252 12.16 16.88 -7.43
C ILE D 252 11.07 15.98 -6.87
N GLN D 253 9.88 16.52 -6.69
CA GLN D 253 8.78 15.76 -6.07
C GLN D 253 8.55 14.47 -6.82
N GLY D 254 8.77 13.35 -6.13
CA GLY D 254 8.59 12.02 -6.73
C GLY D 254 9.92 11.45 -7.17
N LEU D 255 10.97 12.26 -7.20
CA LEU D 255 12.27 11.75 -7.66
C LEU D 255 13.25 11.72 -6.50
N GLY D 256 13.27 12.73 -5.66
CA GLY D 256 14.23 12.69 -4.55
C GLY D 256 15.02 13.96 -4.42
N SER D 257 16.15 13.90 -3.73
CA SER D 257 16.96 15.10 -3.46
C SER D 257 18.43 14.88 -3.80
N VAL D 258 19.15 15.95 -4.04
CA VAL D 258 20.59 15.86 -4.36
C VAL D 258 21.23 17.15 -3.88
N ARG D 259 22.45 17.09 -3.38
CA ARG D 259 23.10 18.32 -2.88
C ARG D 259 24.41 18.53 -3.62
N ALA D 260 24.65 19.75 -4.09
CA ALA D 260 25.93 20.09 -4.71
C ALA D 260 26.72 20.90 -3.69
N CYS D 261 27.78 20.32 -3.13
CA CYS D 261 28.61 20.96 -2.09
C CYS D 261 29.92 21.45 -2.67
N PHE D 262 30.07 22.76 -2.73
CA PHE D 262 31.30 23.36 -3.27
C PHE D 262 32.27 23.63 -2.15
N SER D 263 33.52 23.30 -2.36
CA SER D 263 34.58 23.52 -1.35
C SER D 263 35.06 24.96 -1.44
N PRO D 264 35.65 25.52 -0.38
CA PRO D 264 36.15 26.89 -0.40
C PRO D 264 37.35 27.04 -1.34
N ALA D 265 37.63 28.22 -1.87
CA ALA D 265 38.73 28.23 -2.86
C ALA D 265 40.04 28.01 -2.09
N LEU E 3 55.28 -4.50 -7.48
CA LEU E 3 56.38 -5.06 -8.33
C LEU E 3 57.27 -5.94 -7.46
N ASN E 4 57.30 -5.65 -6.17
CA ASN E 4 58.13 -6.43 -5.23
C ASN E 4 57.24 -6.77 -4.04
N TRP E 5 55.98 -7.08 -4.31
CA TRP E 5 55.04 -7.34 -3.20
C TRP E 5 55.39 -8.64 -2.49
N MET E 6 56.12 -9.53 -3.15
CA MET E 6 56.48 -10.84 -2.54
C MET E 6 57.91 -10.84 -2.02
N SER E 7 58.26 -9.85 -1.21
CA SER E 7 59.62 -9.69 -0.64
C SER E 7 59.78 -10.48 0.65
N GLU E 8 61.02 -10.66 1.08
CA GLU E 8 61.34 -11.37 2.33
C GLU E 8 60.81 -10.53 3.50
N GLN E 9 61.01 -9.23 3.43
CA GLN E 9 60.49 -8.34 4.50
C GLN E 9 58.97 -8.52 4.65
N ASN E 10 58.24 -8.46 3.55
CA ASN E 10 56.75 -8.56 3.60
C ASN E 10 56.32 -9.92 4.11
N ALA E 11 56.97 -10.97 3.64
CA ALA E 11 56.59 -12.33 4.06
C ALA E 11 56.86 -12.49 5.55
N LYS E 12 57.89 -11.85 6.08
CA LYS E 12 58.18 -11.95 7.53
C LYS E 12 57.06 -11.26 8.30
N LEU E 13 56.67 -10.07 7.86
CA LEU E 13 55.60 -9.32 8.55
C LEU E 13 54.28 -10.07 8.43
N ALA E 14 53.97 -10.56 7.24
CA ALA E 14 52.72 -11.32 7.06
C ALA E 14 52.76 -12.54 7.98
N ALA E 15 53.87 -13.24 8.01
CA ALA E 15 53.96 -14.43 8.86
C ALA E 15 53.72 -14.07 10.33
N LEU E 16 54.27 -12.96 10.76
CA LEU E 16 54.13 -12.50 12.16
C LEU E 16 52.65 -12.32 12.50
N LEU E 17 51.93 -11.58 11.67
CA LEU E 17 50.51 -11.32 11.92
C LEU E 17 49.74 -12.64 11.88
N ASN E 18 50.10 -13.53 10.97
CA ASN E 18 49.40 -14.83 10.83
C ASN E 18 49.59 -15.65 12.09
N GLU E 19 50.82 -15.71 12.59
CA GLU E 19 51.13 -16.48 13.83
C GLU E 19 50.35 -15.86 14.98
N ALA E 20 50.24 -14.55 15.00
CA ALA E 20 49.49 -13.88 16.08
C ALA E 20 48.04 -14.36 16.07
N GLU E 21 47.42 -14.40 14.91
CA GLU E 21 46.02 -14.86 14.82
C GLU E 21 45.89 -16.30 15.29
N LEU E 22 46.77 -17.19 14.85
CA LEU E 22 46.65 -18.63 15.19
C LEU E 22 46.86 -18.88 16.68
N SER E 23 47.82 -18.20 17.28
CA SER E 23 48.15 -18.42 18.71
C SER E 23 47.21 -17.65 19.62
N GLU E 24 46.38 -16.79 19.05
CA GLU E 24 45.44 -15.90 19.78
C GLU E 24 46.24 -14.99 20.70
N LYS E 25 47.40 -14.57 20.27
CA LYS E 25 48.24 -13.67 21.10
C LYS E 25 48.70 -12.50 20.26
N PRO E 26 48.22 -11.26 20.49
CA PRO E 26 48.64 -10.11 19.71
C PRO E 26 50.13 -9.79 19.74
N ILE E 27 50.59 -9.06 18.75
CA ILE E 27 52.05 -8.78 18.72
C ILE E 27 52.29 -7.27 18.72
N GLU E 28 53.56 -6.91 18.77
CA GLU E 28 54.01 -5.50 18.77
C GLU E 28 53.68 -4.91 17.41
N PRO E 29 53.43 -3.59 17.31
CA PRO E 29 53.14 -2.96 16.04
C PRO E 29 54.17 -3.22 14.94
N VAL E 30 53.74 -3.21 13.70
CA VAL E 30 54.67 -3.50 12.60
C VAL E 30 54.91 -2.26 11.75
N ARG E 31 54.24 -1.15 12.02
CA ARG E 31 54.44 0.06 11.17
C ARG E 31 55.91 0.44 11.15
N GLY E 32 56.64 0.07 12.20
CA GLY E 32 58.06 0.46 12.25
C GLY E 32 58.92 -0.33 11.30
N HIS E 33 58.37 -1.38 10.71
CA HIS E 33 59.14 -2.26 9.80
C HIS E 33 58.72 -2.04 8.35
N ILE E 34 57.85 -1.07 8.12
CA ILE E 34 57.28 -0.80 6.76
C ILE E 34 57.75 0.55 6.25
N GLU E 35 58.70 0.54 5.34
CA GLU E 35 59.25 1.78 4.75
C GLU E 35 58.60 2.02 3.40
N GLY E 36 57.69 1.16 2.99
CA GLY E 36 57.08 1.27 1.65
C GLY E 36 55.76 2.01 1.64
N GLY E 37 55.28 2.43 2.79
CA GLY E 37 54.02 3.19 2.82
C GLY E 37 52.84 2.26 2.88
N ILE E 38 51.67 2.78 2.53
CA ILE E 38 50.40 2.01 2.57
C ILE E 38 50.42 0.95 1.48
N ALA E 39 51.23 1.13 0.44
CA ALA E 39 51.38 0.14 -0.64
C ALA E 39 52.01 -1.13 -0.08
N GLN E 40 53.05 -0.99 0.72
CA GLN E 40 53.71 -2.18 1.31
C GLN E 40 52.75 -2.85 2.29
N ALA E 41 51.93 -2.07 2.95
CA ALA E 41 50.97 -2.61 3.93
C ALA E 41 49.92 -3.44 3.19
N TYR E 42 49.52 -2.98 2.01
CA TYR E 42 48.50 -3.70 1.21
C TYR E 42 49.12 -5.00 0.71
N ALA E 43 50.40 -4.96 0.37
CA ALA E 43 51.14 -6.14 -0.08
C ALA E 43 51.15 -7.14 1.06
N ILE E 44 51.42 -6.67 2.26
CA ILE E 44 51.46 -7.58 3.43
C ILE E 44 50.08 -8.17 3.61
N GLN E 45 49.04 -7.37 3.40
CA GLN E 45 47.66 -7.89 3.57
C GLN E 45 47.44 -8.97 2.52
N GLN E 46 47.92 -8.72 1.31
CA GLN E 46 47.78 -9.62 0.15
C GLN E 46 48.46 -10.95 0.44
N ILE E 47 49.64 -10.95 1.05
CA ILE E 47 50.31 -12.25 1.30
C ILE E 47 49.43 -13.09 2.21
N ASN E 48 48.74 -12.47 3.14
CA ASN E 48 47.94 -13.30 4.06
C ASN E 48 46.65 -13.69 3.37
N VAL E 49 46.28 -12.97 2.33
CA VAL E 49 45.06 -13.29 1.57
C VAL E 49 45.35 -14.56 0.76
N GLN E 50 46.55 -14.65 0.17
CA GLN E 50 46.97 -15.83 -0.59
C GLN E 50 47.16 -17.00 0.36
N ARG E 51 47.64 -16.71 1.56
CA ARG E 51 47.85 -17.78 2.55
C ARG E 51 46.50 -18.37 2.87
N GLN E 52 45.48 -17.54 2.97
CA GLN E 52 44.14 -18.06 3.30
C GLN E 52 43.59 -18.81 2.10
N LEU E 53 43.83 -18.32 0.89
CA LEU E 53 43.32 -18.98 -0.32
C LEU E 53 44.05 -20.31 -0.44
N ALA E 54 45.33 -20.35 -0.10
CA ALA E 54 46.08 -21.61 -0.25
C ALA E 54 45.61 -22.60 0.80
N ALA E 55 44.87 -22.15 1.79
CA ALA E 55 44.35 -23.10 2.79
C ALA E 55 42.94 -23.50 2.41
N GLY E 56 42.51 -23.12 1.21
CA GLY E 56 41.19 -23.48 0.69
C GLY E 56 40.06 -22.62 1.18
N ARG E 57 40.32 -21.37 1.59
CA ARG E 57 39.25 -20.49 2.11
C ARG E 57 38.67 -19.68 0.96
N ARG E 58 37.49 -19.10 1.14
CA ARG E 58 36.86 -18.36 0.04
C ARG E 58 36.72 -16.87 0.36
N VAL E 59 37.19 -16.01 -0.53
CA VAL E 59 37.02 -14.54 -0.40
C VAL E 59 35.54 -14.24 -0.58
N THR E 60 34.84 -13.88 0.49
CA THR E 60 33.39 -13.66 0.38
C THR E 60 33.07 -12.17 0.20
N GLY E 61 34.08 -11.30 0.26
CA GLY E 61 33.85 -9.86 0.12
C GLY E 61 34.94 -8.97 0.65
N ARG E 62 34.60 -7.72 1.00
CA ARG E 62 35.57 -6.72 1.51
C ARG E 62 34.97 -5.89 2.64
N LYS E 63 35.81 -5.28 3.45
CA LYS E 63 35.35 -4.37 4.53
C LYS E 63 35.97 -3.02 4.25
N ILE E 64 35.19 -1.96 4.41
CA ILE E 64 35.74 -0.59 4.22
C ILE E 64 35.99 0.05 5.58
N GLY E 65 37.19 0.58 5.78
CA GLY E 65 37.57 1.25 7.03
C GLY E 65 37.88 2.71 6.82
N LEU E 66 38.04 3.45 7.91
CA LEU E 66 38.30 4.92 7.91
C LEU E 66 37.27 5.61 7.02
N THR E 67 36.00 5.50 7.38
CA THR E 67 34.91 6.03 6.53
C THR E 67 34.43 7.41 6.98
N SER E 68 35.01 7.94 8.05
CA SER E 68 34.72 9.33 8.48
C SER E 68 36.00 10.15 8.31
N ALA E 69 35.88 11.44 8.01
CA ALA E 69 37.05 12.32 7.87
C ALA E 69 37.71 12.44 9.23
N ALA E 70 36.94 12.36 10.30
CA ALA E 70 37.54 12.39 11.64
C ALA E 70 38.55 11.25 11.78
N VAL E 71 38.17 10.03 11.38
CA VAL E 71 39.07 8.86 11.56
C VAL E 71 40.18 8.89 10.52
N GLN E 72 39.89 9.39 9.32
CA GLN E 72 40.96 9.46 8.30
C GLN E 72 42.02 10.44 8.81
N LYS E 73 41.58 11.49 9.48
CA LYS E 73 42.48 12.56 9.97
C LYS E 73 43.36 12.03 11.09
N GLN E 74 42.82 11.24 12.00
CA GLN E 74 43.67 10.71 13.09
C GLN E 74 44.76 9.82 12.50
N LEU E 75 44.47 9.13 11.42
CA LEU E 75 45.48 8.18 10.90
C LEU E 75 46.36 8.88 9.87
N GLY E 76 46.13 10.15 9.63
CA GLY E 76 46.96 10.87 8.67
C GLY E 76 46.61 10.50 7.26
N VAL E 77 45.35 10.22 6.98
CA VAL E 77 44.99 9.84 5.58
C VAL E 77 43.82 10.68 5.06
N ASP E 78 43.64 10.74 3.75
CA ASP E 78 42.49 11.46 3.16
C ASP E 78 41.72 10.49 2.27
N GLN E 79 41.58 9.25 2.72
CA GLN E 79 40.93 8.20 1.92
C GLN E 79 40.64 7.02 2.82
N PRO E 80 39.66 6.15 2.53
CA PRO E 80 39.39 5.00 3.36
C PRO E 80 40.37 3.84 3.15
N ASP E 81 40.24 2.81 3.96
CA ASP E 81 41.09 1.60 3.77
C ASP E 81 40.20 0.39 3.50
N PHE E 82 40.77 -0.72 3.07
CA PHE E 82 39.92 -1.90 2.80
C PHE E 82 40.57 -3.17 3.34
N GLY E 83 39.72 -4.11 3.73
CA GLY E 83 40.14 -5.42 4.23
C GLY E 83 39.43 -6.54 3.51
N THR E 84 39.97 -7.74 3.55
CA THR E 84 39.42 -8.90 2.79
C THR E 84 38.61 -9.84 3.68
N LEU E 85 37.37 -10.14 3.33
CA LEU E 85 36.50 -11.06 4.11
C LEU E 85 36.59 -12.48 3.54
N PHE E 86 36.45 -13.49 4.40
CA PHE E 86 36.51 -14.92 3.99
C PHE E 86 35.34 -15.69 4.54
N ASP E 87 35.01 -16.84 3.96
CA ASP E 87 33.91 -17.69 4.45
C ASP E 87 34.05 -17.98 5.94
N SER E 88 35.26 -18.06 6.47
CA SER E 88 35.50 -18.41 7.88
C SER E 88 35.13 -17.27 8.83
N MET E 89 35.02 -16.06 8.30
CA MET E 89 34.74 -14.86 9.10
C MET E 89 33.24 -14.58 9.14
N ALA E 90 32.46 -15.33 8.42
CA ALA E 90 31.01 -15.08 8.36
C ALA E 90 30.27 -15.64 9.55
N VAL E 91 29.27 -14.90 10.01
CA VAL E 91 28.36 -15.32 11.11
C VAL E 91 26.96 -14.90 10.70
N ASN E 92 25.95 -15.64 11.13
CA ASN E 92 24.58 -15.24 10.79
C ASN E 92 23.98 -14.61 12.04
N ASP E 93 22.97 -13.78 11.84
CA ASP E 93 22.26 -13.09 12.94
C ASP E 93 21.84 -14.08 14.03
N GLY E 94 22.31 -13.84 15.25
CA GLY E 94 21.94 -14.66 16.41
C GLY E 94 22.83 -15.85 16.69
N GLU E 95 23.67 -16.26 15.75
CA GLU E 95 24.55 -17.44 15.97
C GLU E 95 25.58 -17.15 17.05
N GLU E 96 25.84 -18.12 17.91
CA GLU E 96 26.84 -17.93 18.97
C GLU E 96 28.23 -17.74 18.35
N ILE E 97 28.94 -16.72 18.79
CA ILE E 97 30.31 -16.45 18.28
C ILE E 97 31.28 -17.00 19.30
N ALA E 98 32.08 -17.97 18.91
CA ALA E 98 33.05 -18.55 19.85
C ALA E 98 34.11 -17.50 20.12
N TRP E 99 34.40 -17.26 21.39
CA TRP E 99 35.36 -16.22 21.82
C TRP E 99 36.71 -16.41 21.17
N SER E 100 37.05 -17.62 20.78
CA SER E 100 38.36 -17.90 20.15
C SER E 100 38.37 -17.38 18.72
N ARG E 101 37.23 -16.93 18.22
CA ARG E 101 37.20 -16.38 16.85
C ARG E 101 37.52 -14.90 16.90
N THR E 102 37.49 -14.32 18.08
CA THR E 102 37.77 -12.88 18.17
C THR E 102 39.19 -12.65 18.70
N LEU E 103 39.66 -11.44 18.55
CA LEU E 103 40.97 -11.07 19.10
C LEU E 103 40.86 -9.58 19.38
N GLN E 104 40.61 -9.21 20.63
CA GLN E 104 40.36 -7.82 21.07
C GLN E 104 39.21 -7.31 20.24
N PRO E 105 38.06 -8.01 20.25
CA PRO E 105 36.92 -7.63 19.45
C PRO E 105 36.21 -6.32 19.77
N LYS E 106 35.75 -5.66 18.71
CA LYS E 106 34.93 -4.43 18.79
C LYS E 106 33.84 -4.59 17.73
N CYS E 107 32.69 -4.00 17.98
CA CYS E 107 31.53 -4.11 17.07
C CYS E 107 31.20 -2.77 16.45
N GLU E 108 30.80 -2.78 15.19
CA GLU E 108 30.36 -1.56 14.50
C GLU E 108 29.17 -1.93 13.61
N ALA E 109 28.09 -1.17 13.66
CA ALA E 109 26.92 -1.43 12.81
C ALA E 109 27.21 -0.89 11.42
N GLU E 110 26.93 -1.64 10.37
CA GLU E 110 27.21 -1.16 9.00
C GLU E 110 26.13 -1.63 8.06
N VAL E 111 26.12 -1.05 6.86
CA VAL E 111 25.21 -1.50 5.78
C VAL E 111 25.99 -2.48 4.92
N ALA E 112 25.50 -3.69 4.79
CA ALA E 112 26.18 -4.67 3.92
C ALA E 112 25.58 -4.61 2.53
N LEU E 113 26.41 -4.44 1.52
CA LEU E 113 25.90 -4.43 0.15
C LEU E 113 26.37 -5.70 -0.53
N VAL E 114 25.44 -6.49 -1.04
CA VAL E 114 25.75 -7.72 -1.82
C VAL E 114 25.87 -7.32 -3.28
N ILE E 115 26.92 -7.79 -3.94
CA ILE E 115 27.21 -7.45 -5.36
C ILE E 115 26.75 -8.57 -6.27
N GLU E 116 26.13 -8.25 -7.40
CA GLU E 116 25.66 -9.33 -8.28
C GLU E 116 26.24 -9.17 -9.68
N ARG E 117 27.18 -8.28 -9.89
CA ARG E 117 27.77 -8.17 -11.23
C ARG E 117 29.24 -7.82 -11.02
N ASP E 118 30.12 -8.37 -11.81
CA ASP E 118 31.54 -8.05 -11.57
C ASP E 118 31.77 -6.59 -11.94
N LEU E 119 32.58 -5.90 -11.15
CA LEU E 119 32.97 -4.53 -11.49
C LEU E 119 34.46 -4.62 -11.75
N ASP E 120 34.81 -5.10 -12.93
CA ASP E 120 36.18 -5.41 -13.35
C ASP E 120 36.79 -4.28 -14.17
N HIS E 121 35.97 -3.43 -14.75
CA HIS E 121 36.52 -2.40 -15.66
C HIS E 121 37.10 -1.22 -14.91
N GLU E 122 37.90 -0.43 -15.62
CA GLU E 122 38.47 0.81 -15.07
C GLU E 122 37.40 1.89 -15.10
N ASN E 123 37.62 2.94 -14.32
CA ASN E 123 36.70 4.09 -14.25
C ASN E 123 35.30 3.64 -13.89
N ILE E 124 35.14 2.96 -12.77
CA ILE E 124 33.79 2.56 -12.31
C ILE E 124 33.03 3.82 -11.91
N THR E 125 31.75 3.86 -12.20
CA THR E 125 30.93 5.03 -11.85
C THR E 125 29.91 4.63 -10.80
N LEU E 126 29.14 5.60 -10.34
CA LEU E 126 28.11 5.31 -9.33
C LEU E 126 27.03 4.48 -10.00
N ILE E 127 26.86 4.66 -11.29
CA ILE E 127 25.83 3.99 -12.12
C ILE E 127 26.20 2.52 -12.27
N ASP E 128 27.47 2.24 -12.48
CA ASP E 128 27.93 0.85 -12.58
C ASP E 128 27.61 0.18 -11.26
N LEU E 129 27.92 0.85 -10.16
CA LEU E 129 27.71 0.28 -8.82
C LEU E 129 26.22 0.04 -8.54
N ILE E 130 25.35 0.92 -9.00
CA ILE E 130 23.90 0.77 -8.72
C ILE E 130 23.38 -0.46 -9.46
N GLY E 131 23.82 -0.67 -10.70
CA GLY E 131 23.36 -1.80 -11.50
C GLY E 131 23.90 -3.11 -10.96
N ALA E 132 25.08 -3.05 -10.37
CA ALA E 132 25.77 -4.23 -9.81
C ALA E 132 25.32 -4.47 -8.39
N THR E 133 24.48 -3.62 -7.82
CA THR E 133 24.09 -3.87 -6.43
C THR E 133 22.76 -4.59 -6.41
N ALA E 134 22.69 -5.72 -5.74
CA ALA E 134 21.43 -6.48 -5.67
C ALA E 134 20.60 -6.00 -4.49
N TYR E 135 21.03 -6.30 -3.29
CA TYR E 135 20.23 -5.86 -2.13
C TYR E 135 21.19 -5.37 -1.07
N ALA E 136 20.65 -5.10 0.11
CA ALA E 136 21.43 -4.63 1.26
C ALA E 136 21.07 -5.44 2.50
N LEU E 137 21.92 -5.43 3.52
CA LEU E 137 21.62 -6.22 4.73
C LEU E 137 22.13 -5.49 5.95
N PRO E 138 21.43 -5.55 7.08
CA PRO E 138 21.90 -4.93 8.29
C PRO E 138 23.12 -5.74 8.72
N ALA E 139 24.16 -5.06 9.14
CA ALA E 139 25.37 -5.83 9.48
C ALA E 139 26.05 -5.28 10.72
N ILE E 140 26.77 -6.15 11.41
CA ILE E 140 27.62 -5.75 12.54
C ILE E 140 29.00 -6.29 12.19
N GLU E 141 29.99 -5.43 12.03
CA GLU E 141 31.32 -5.97 11.74
C GLU E 141 31.96 -6.25 13.09
N VAL E 142 32.62 -7.38 13.22
CA VAL E 142 33.35 -7.63 14.47
C VAL E 142 34.81 -7.51 14.10
N VAL E 143 35.37 -6.31 14.25
CA VAL E 143 36.80 -6.07 13.93
C VAL E 143 37.69 -6.73 14.98
N GLY E 144 38.93 -6.99 14.62
CA GLY E 144 39.87 -7.60 15.56
C GLY E 144 41.27 -7.09 15.33
N SER E 145 42.14 -7.24 16.31
CA SER E 145 43.51 -6.73 16.11
C SER E 145 44.54 -7.78 16.47
N ARG E 146 45.44 -8.05 15.56
CA ARG E 146 46.58 -8.95 15.83
C ARG E 146 47.71 -8.14 16.45
N ILE E 147 47.52 -6.85 16.51
CA ILE E 147 48.51 -5.96 17.17
C ILE E 147 47.98 -5.72 18.59
N ALA E 148 48.91 -5.68 19.55
CA ALA E 148 48.65 -5.49 20.98
C ALA E 148 47.99 -4.16 21.31
N ASN E 149 46.92 -4.24 22.10
CA ASN E 149 46.19 -3.07 22.66
C ASN E 149 45.73 -2.08 21.60
N TRP E 150 45.42 -2.55 20.41
CA TRP E 150 44.94 -1.70 19.30
C TRP E 150 45.86 -0.52 19.07
N ASP E 151 47.17 -0.68 19.26
CA ASP E 151 48.10 0.44 18.98
C ASP E 151 48.40 0.41 17.49
N ILE E 152 47.61 1.11 16.70
CA ILE E 152 47.76 0.95 15.23
C ILE E 152 47.73 2.26 14.46
N ASN E 153 48.65 2.39 13.51
CA ASN E 153 48.63 3.50 12.52
C ASN E 153 48.06 2.92 11.21
N ILE E 154 48.06 3.69 10.14
CA ILE E 154 47.49 3.19 8.86
C ILE E 154 48.28 1.99 8.37
N LEU E 155 49.58 1.95 8.62
CA LEU E 155 50.38 0.80 8.15
C LEU E 155 50.00 -0.43 8.97
N ASP E 156 49.77 -0.27 10.26
CA ASP E 156 49.47 -1.48 11.06
C ASP E 156 48.13 -2.06 10.63
N THR E 157 47.08 -1.27 10.60
CA THR E 157 45.73 -1.78 10.29
C THR E 157 45.66 -2.34 8.86
N VAL E 158 46.23 -1.64 7.89
CA VAL E 158 46.10 -2.14 6.51
C VAL E 158 46.85 -3.47 6.39
N ALA E 159 47.97 -3.62 7.06
CA ALA E 159 48.73 -4.88 6.97
C ALA E 159 48.04 -5.99 7.74
N ASP E 160 47.17 -5.63 8.68
CA ASP E 160 46.45 -6.59 9.55
C ASP E 160 45.03 -6.77 9.03
N ASN E 161 44.87 -6.71 7.71
CA ASN E 161 43.61 -6.92 6.96
C ASN E 161 42.59 -5.86 7.34
N ALA E 162 43.05 -4.63 7.51
CA ALA E 162 42.23 -3.49 7.97
C ALA E 162 41.46 -3.88 9.24
N SER E 163 42.11 -4.59 10.14
CA SER E 163 41.57 -5.03 11.44
C SER E 163 40.26 -5.79 11.29
N ALA E 164 40.14 -6.63 10.28
CA ALA E 164 38.86 -7.35 10.13
C ALA E 164 38.88 -8.58 11.02
N GLY E 165 37.75 -8.89 11.63
CA GLY E 165 37.61 -10.09 12.42
C GLY E 165 36.48 -10.94 11.86
N LEU E 166 35.27 -10.62 12.27
CA LEU E 166 34.09 -11.35 11.80
C LEU E 166 33.11 -10.36 11.19
N TYR E 167 32.09 -10.88 10.53
CA TYR E 167 31.00 -10.04 10.03
C TYR E 167 29.70 -10.76 10.31
N VAL E 168 28.77 -10.08 10.98
CA VAL E 168 27.46 -10.70 11.29
C VAL E 168 26.44 -10.08 10.35
N LEU E 169 25.71 -10.91 9.61
CA LEU E 169 24.73 -10.43 8.62
C LEU E 169 23.32 -10.84 9.01
N GLY E 170 22.34 -10.06 8.57
CA GLY E 170 20.93 -10.35 8.79
C GLY E 170 20.43 -11.27 7.70
N HIS E 171 19.23 -11.81 7.87
CA HIS E 171 18.67 -12.78 6.91
C HIS E 171 17.76 -12.17 5.86
N THR E 172 17.20 -10.98 6.05
CA THR E 172 16.22 -10.44 5.09
C THR E 172 16.79 -9.36 4.18
N PRO E 173 16.92 -9.61 2.88
CA PRO E 173 17.41 -8.60 1.97
C PRO E 173 16.42 -7.46 1.71
N VAL E 174 16.92 -6.31 1.30
CA VAL E 174 16.09 -5.12 0.97
C VAL E 174 16.74 -4.46 -0.23
N LYS E 175 15.99 -4.25 -1.31
CA LYS E 175 16.60 -3.66 -2.53
C LYS E 175 16.80 -2.17 -2.34
N LEU E 176 17.73 -1.58 -3.07
CA LEU E 176 18.06 -0.15 -2.95
C LEU E 176 16.86 0.71 -3.34
N GLU E 177 16.05 0.26 -4.29
CA GLU E 177 14.89 1.09 -4.68
C GLU E 177 14.02 1.20 -3.45
N GLY E 178 13.62 2.41 -3.06
CA GLY E 178 12.78 2.51 -1.87
C GLY E 178 13.59 2.34 -0.60
N LEU E 179 14.82 2.80 -0.63
CA LEU E 179 15.65 2.70 0.59
C LEU E 179 16.48 3.96 0.65
N ASP E 180 16.34 4.70 1.74
CA ASP E 180 17.10 5.95 1.90
C ASP E 180 18.25 5.59 2.84
N LEU E 181 19.43 5.41 2.29
CA LEU E 181 20.61 4.99 3.08
C LEU E 181 21.33 6.20 3.66
N ARG E 182 20.95 7.40 3.24
CA ARG E 182 21.59 8.62 3.75
C ARG E 182 21.00 8.97 5.11
N LEU E 183 19.70 8.87 5.27
CA LEU E 183 19.15 9.26 6.59
C LEU E 183 18.76 8.05 7.41
N ALA E 184 19.21 6.87 7.04
CA ALA E 184 18.86 5.67 7.82
C ALA E 184 19.47 5.76 9.21
N GLY E 185 18.62 5.68 10.23
CA GLY E 185 19.08 5.80 11.61
C GLY E 185 19.70 4.52 12.09
N MET E 186 20.72 4.64 12.94
CA MET E 186 21.38 3.44 13.49
C MET E 186 21.48 3.51 15.01
N VAL E 187 21.14 2.41 15.65
CA VAL E 187 21.30 2.26 17.11
C VAL E 187 21.85 0.84 17.35
N MET E 188 22.88 0.74 18.17
CA MET E 188 23.41 -0.58 18.54
C MET E 188 23.25 -0.66 20.04
N GLU E 189 22.69 -1.74 20.56
CA GLU E 189 22.50 -1.81 22.01
C GLU E 189 23.13 -3.08 22.60
N ARG E 190 23.51 -2.99 23.86
CA ARG E 190 24.03 -4.12 24.64
C ARG E 190 23.39 -3.99 26.01
N ALA E 191 22.70 -5.02 26.46
CA ALA E 191 22.03 -5.07 27.77
C ALA E 191 21.13 -3.84 27.92
N GLY E 192 20.33 -3.60 26.90
CA GLY E 192 19.37 -2.49 26.88
C GLY E 192 20.03 -1.14 26.87
N GLN E 193 21.28 -1.02 26.50
CA GLN E 193 21.93 0.31 26.56
C GLN E 193 22.33 0.76 25.17
N GLN E 194 22.24 2.04 24.87
CA GLN E 194 22.62 2.51 23.52
C GLN E 194 24.13 2.74 23.42
N VAL E 195 24.87 1.73 23.04
CA VAL E 195 26.35 1.82 22.98
C VAL E 195 26.82 2.47 21.68
N SER E 196 26.01 2.50 20.64
CA SER E 196 26.43 3.18 19.38
C SER E 196 25.25 3.86 18.71
N LEU E 197 25.44 5.08 18.25
CA LEU E 197 24.37 5.85 17.61
C LEU E 197 24.90 6.40 16.30
N GLY E 198 24.08 6.35 15.26
CA GLY E 198 24.56 6.83 13.97
C GLY E 198 23.47 7.02 12.95
N VAL E 199 23.89 7.24 11.72
CA VAL E 199 22.99 7.46 10.58
C VAL E 199 23.76 7.04 9.33
N GLY E 200 23.06 6.70 8.26
CA GLY E 200 23.73 6.25 7.04
C GLY E 200 24.72 7.24 6.50
N ALA E 201 24.47 8.52 6.72
CA ALA E 201 25.28 9.64 6.21
C ALA E 201 26.67 9.67 6.83
N ALA E 202 26.83 9.04 7.98
CA ALA E 202 28.12 9.02 8.70
C ALA E 202 29.13 8.17 7.94
N CYS E 203 28.64 7.24 7.15
CA CYS E 203 29.52 6.33 6.41
C CYS E 203 29.92 6.99 5.10
N LEU E 204 30.89 7.88 5.14
CA LEU E 204 31.40 8.62 3.95
C LEU E 204 30.31 9.41 3.23
N GLY E 205 29.26 9.81 3.92
CA GLY E 205 28.19 10.58 3.26
C GLY E 205 27.08 9.68 2.79
N HIS E 206 27.45 8.51 2.35
CA HIS E 206 26.47 7.51 1.88
C HIS E 206 27.24 6.22 1.74
N PRO E 207 26.67 5.07 2.12
CA PRO E 207 27.32 3.78 1.92
C PRO E 207 27.80 3.49 0.48
N LEU E 208 27.10 3.97 -0.54
CA LEU E 208 27.56 3.76 -1.92
C LEU E 208 28.75 4.67 -2.22
N ASN E 209 29.00 5.71 -1.45
CA ASN E 209 30.20 6.51 -1.81
C ASN E 209 31.41 5.66 -1.43
N ALA E 210 31.27 4.90 -0.37
CA ALA E 210 32.34 4.01 0.14
C ALA E 210 32.47 2.79 -0.77
N ALA E 211 31.36 2.23 -1.23
CA ALA E 211 31.46 1.05 -2.08
C ALA E 211 32.08 1.45 -3.42
N LEU E 212 31.74 2.64 -3.91
CA LEU E 212 32.31 3.14 -5.17
C LEU E 212 33.80 3.38 -4.98
N TRP E 213 34.20 3.86 -3.80
CA TRP E 213 35.63 4.08 -3.55
C TRP E 213 36.34 2.74 -3.64
N LEU E 214 35.79 1.73 -2.98
CA LEU E 214 36.36 0.37 -2.89
C LEU E 214 36.40 -0.32 -4.24
N ALA E 215 35.29 -0.27 -4.98
CA ALA E 215 35.21 -0.89 -6.31
C ALA E 215 36.39 -0.46 -7.18
N ARG E 216 36.71 0.82 -7.18
CA ARG E 216 37.79 1.33 -8.04
C ARG E 216 39.15 1.03 -7.44
N THR E 217 39.26 1.06 -6.13
CA THR E 217 40.56 0.76 -5.48
C THR E 217 40.91 -0.68 -5.81
N LEU E 218 39.92 -1.57 -5.76
CA LEU E 218 40.14 -3.01 -6.03
C LEU E 218 40.50 -3.21 -7.49
N VAL E 219 39.91 -2.44 -8.37
CA VAL E 219 40.24 -2.60 -9.81
C VAL E 219 41.68 -2.17 -10.05
N LYS E 220 42.19 -1.27 -9.22
CA LYS E 220 43.59 -0.82 -9.44
C LYS E 220 44.55 -1.77 -8.74
N GLN E 221 44.05 -2.63 -7.88
CA GLN E 221 44.95 -3.59 -7.19
C GLN E 221 44.92 -4.92 -7.93
N GLY E 222 44.14 -5.01 -9.00
CA GLY E 222 44.04 -6.23 -9.79
C GLY E 222 43.12 -7.25 -9.14
N THR E 223 42.30 -6.83 -8.19
CA THR E 223 41.37 -7.77 -7.51
C THR E 223 40.01 -7.13 -7.39
N PRO E 224 39.22 -7.01 -8.47
CA PRO E 224 37.93 -6.34 -8.40
C PRO E 224 36.82 -7.04 -7.61
N LEU E 225 35.71 -6.33 -7.43
CA LEU E 225 34.56 -6.92 -6.74
C LEU E 225 33.89 -7.92 -7.67
N LYS E 226 33.29 -8.96 -7.13
CA LYS E 226 32.76 -10.01 -8.01
C LYS E 226 31.32 -10.30 -7.62
N SER E 227 30.59 -10.97 -8.49
CA SER E 227 29.19 -11.34 -8.17
C SER E 227 29.17 -12.16 -6.89
N GLY E 228 28.32 -11.80 -5.94
CA GLY E 228 28.19 -12.57 -4.69
C GLY E 228 29.00 -11.98 -3.55
N ASP E 229 29.91 -11.08 -3.86
CA ASP E 229 30.78 -10.47 -2.82
C ASP E 229 29.90 -9.62 -1.92
N VAL E 230 30.19 -9.64 -0.63
CA VAL E 230 29.45 -8.76 0.32
C VAL E 230 30.40 -7.63 0.68
N VAL E 231 29.94 -6.40 0.50
CA VAL E 231 30.75 -5.21 0.85
C VAL E 231 30.24 -4.62 2.16
N LEU E 232 31.07 -4.64 3.21
CA LEU E 232 30.74 -3.95 4.48
C LEU E 232 31.17 -2.50 4.26
N SER E 233 30.23 -1.62 3.97
CA SER E 233 30.48 -0.24 3.50
C SER E 233 31.10 0.69 4.56
N GLY E 234 30.98 0.39 5.83
CA GLY E 234 31.64 1.28 6.77
C GLY E 234 30.85 1.59 8.00
N ALA E 235 31.50 2.10 9.02
CA ALA E 235 30.89 2.44 10.32
C ALA E 235 29.80 3.48 10.19
N LEU E 236 28.70 3.22 10.85
CA LEU E 236 27.55 4.13 10.93
C LEU E 236 27.64 4.87 12.26
N GLY E 237 28.38 4.30 13.21
CA GLY E 237 28.57 4.87 14.53
C GLY E 237 29.87 4.41 15.13
N PRO E 238 30.20 4.77 16.38
CA PRO E 238 31.44 4.40 16.99
C PRO E 238 31.46 2.94 17.42
N LEU E 239 32.65 2.36 17.42
CA LEU E 239 32.88 0.95 17.77
C LEU E 239 32.74 0.75 19.27
N VAL E 240 32.24 -0.40 19.66
CA VAL E 240 32.11 -0.70 21.10
C VAL E 240 32.91 -1.98 21.34
N ALA E 241 33.82 -1.92 22.29
CA ALA E 241 34.65 -3.09 22.66
C ALA E 241 33.72 -4.20 23.12
N ALA E 242 34.00 -5.43 22.70
CA ALA E 242 33.11 -6.56 23.06
C ALA E 242 33.74 -7.43 24.14
N ASN E 243 32.90 -8.02 24.98
CA ASN E 243 33.40 -8.89 26.07
C ASN E 243 32.71 -10.24 25.99
N PRO E 244 33.31 -11.33 26.51
CA PRO E 244 32.70 -12.64 26.49
C PRO E 244 31.25 -12.65 26.97
N GLY E 245 30.37 -13.36 26.26
CA GLY E 245 28.92 -13.35 26.56
C GLY E 245 28.15 -12.13 26.12
N ASP E 246 28.81 -11.13 25.57
CA ASP E 246 28.09 -9.89 25.20
C ASP E 246 27.12 -10.13 24.03
N VAL E 247 25.99 -9.45 24.06
CA VAL E 247 25.01 -9.54 22.94
C VAL E 247 24.68 -8.12 22.48
N PHE E 248 25.22 -7.73 21.34
CA PHE E 248 24.96 -6.41 20.73
C PHE E 248 23.87 -6.58 19.68
N GLU E 249 22.89 -5.67 19.64
CA GLU E 249 21.82 -5.70 18.61
C GLU E 249 21.85 -4.38 17.85
N ALA E 250 22.01 -4.44 16.55
CA ALA E 250 22.03 -3.21 15.74
C ALA E 250 20.74 -3.12 14.93
N ARG E 251 20.17 -1.93 14.85
CA ARG E 251 18.94 -1.64 14.09
C ARG E 251 19.22 -0.51 13.13
N ILE E 252 18.97 -0.73 11.85
CA ILE E 252 19.17 0.32 10.82
C ILE E 252 17.78 0.60 10.27
N GLN E 253 17.28 1.83 10.38
CA GLN E 253 15.89 2.12 9.96
C GLN E 253 15.68 1.89 8.47
N GLY E 254 14.70 1.05 8.16
CA GLY E 254 14.39 0.68 6.77
C GLY E 254 15.18 -0.51 6.31
N LEU E 255 16.19 -0.92 7.07
CA LEU E 255 17.05 -2.05 6.68
C LEU E 255 16.81 -3.26 7.56
N GLY E 256 16.69 -3.08 8.87
CA GLY E 256 16.39 -4.24 9.72
C GLY E 256 17.27 -4.33 10.94
N SER E 257 17.23 -5.45 11.64
CA SER E 257 18.06 -5.63 12.85
C SER E 257 19.02 -6.82 12.69
N VAL E 258 20.03 -6.90 13.54
CA VAL E 258 21.01 -8.01 13.50
C VAL E 258 21.65 -8.13 14.88
N ARG E 259 21.87 -9.35 15.35
CA ARG E 259 22.43 -9.52 16.70
C ARG E 259 23.78 -10.23 16.66
N ALA E 260 24.77 -9.69 17.35
CA ALA E 260 26.08 -10.34 17.45
C ALA E 260 26.15 -10.96 18.84
N CYS E 261 26.14 -12.27 18.95
CA CYS E 261 26.18 -12.87 20.29
C CYS E 261 27.53 -13.50 20.53
N PHE E 262 28.24 -12.96 21.51
CA PHE E 262 29.57 -13.48 21.88
C PHE E 262 29.36 -14.53 22.94
N SER E 263 30.05 -15.65 22.77
CA SER E 263 29.97 -16.73 23.78
C SER E 263 30.99 -16.41 24.87
N PRO E 264 30.85 -16.94 26.08
CA PRO E 264 31.83 -16.69 27.11
C PRO E 264 33.03 -17.64 27.02
N ALA E 265 34.03 -17.39 27.87
CA ALA E 265 35.27 -18.18 28.02
C ALA E 265 36.06 -18.26 26.72
N ASP F 2 32.16 -41.55 2.02
CA ASP F 2 32.48 -42.81 2.75
C ASP F 2 33.11 -43.79 1.77
N LEU F 3 34.15 -44.50 2.21
CA LEU F 3 34.89 -45.47 1.36
C LEU F 3 34.19 -46.83 1.39
N ASN F 4 33.22 -46.97 2.27
CA ASN F 4 32.68 -48.34 2.38
C ASN F 4 31.23 -48.19 2.78
N TRP F 5 30.59 -47.13 2.31
CA TRP F 5 29.19 -46.86 2.68
C TRP F 5 28.29 -47.97 2.15
N MET F 6 28.78 -48.80 1.24
CA MET F 6 27.91 -49.86 0.67
C MET F 6 28.32 -51.23 1.23
N SER F 7 28.60 -51.30 2.52
CA SER F 7 29.03 -52.54 3.22
C SER F 7 27.90 -53.57 3.30
N GLU F 8 28.27 -54.82 3.54
CA GLU F 8 27.27 -55.91 3.70
C GLU F 8 26.44 -55.63 4.93
N GLN F 9 27.05 -55.12 5.98
CA GLN F 9 26.33 -54.80 7.24
C GLN F 9 25.32 -53.69 6.99
N ASN F 10 25.73 -52.63 6.29
CA ASN F 10 24.85 -51.47 6.05
C ASN F 10 23.65 -51.88 5.23
N ALA F 11 23.87 -52.74 4.25
CA ALA F 11 22.77 -53.21 3.42
C ALA F 11 21.78 -54.00 4.26
N LYS F 12 22.27 -54.77 5.21
CA LYS F 12 21.36 -55.59 6.04
C LYS F 12 20.47 -54.64 6.85
N LEU F 13 21.09 -53.65 7.46
CA LEU F 13 20.31 -52.68 8.27
C LEU F 13 19.35 -51.91 7.37
N ALA F 14 19.78 -51.53 6.19
CA ALA F 14 18.87 -50.77 5.30
C ALA F 14 17.70 -51.64 4.93
N ALA F 15 17.95 -52.87 4.53
CA ALA F 15 16.85 -53.77 4.16
C ALA F 15 15.93 -54.00 5.36
N LEU F 16 16.50 -54.02 6.55
CA LEU F 16 15.66 -54.20 7.75
C LEU F 16 14.70 -53.03 7.84
N LEU F 17 15.24 -51.82 7.75
CA LEU F 17 14.37 -50.64 7.87
C LEU F 17 13.39 -50.61 6.71
N ASN F 18 13.85 -50.93 5.51
CA ASN F 18 12.95 -50.94 4.34
C ASN F 18 11.80 -51.90 4.60
N GLU F 19 12.11 -53.10 5.06
CA GLU F 19 11.10 -54.16 5.34
C GLU F 19 10.15 -53.70 6.44
N ALA F 20 10.68 -53.08 7.48
CA ALA F 20 9.82 -52.59 8.57
C ALA F 20 8.78 -51.64 8.00
N GLU F 21 9.16 -50.85 7.02
CA GLU F 21 8.26 -49.85 6.44
C GLU F 21 7.25 -50.51 5.51
N LEU F 22 7.70 -51.45 4.71
CA LEU F 22 6.78 -52.11 3.74
C LEU F 22 5.76 -52.96 4.51
N SER F 23 6.17 -53.57 5.60
CA SER F 23 5.21 -54.44 6.29
C SER F 23 4.37 -53.66 7.29
N GLU F 24 4.64 -52.36 7.40
CA GLU F 24 4.02 -51.46 8.39
C GLU F 24 4.32 -52.00 9.77
N LYS F 25 5.51 -52.51 10.01
CA LYS F 25 5.77 -53.06 11.35
C LYS F 25 7.08 -52.55 11.89
N PRO F 26 7.10 -51.56 12.79
CA PRO F 26 8.35 -51.08 13.34
C PRO F 26 9.22 -52.17 13.95
N ILE F 27 10.53 -52.04 13.78
CA ILE F 27 11.46 -53.06 14.31
C ILE F 27 12.18 -52.51 15.53
N GLU F 28 13.01 -53.32 16.15
CA GLU F 28 13.75 -52.88 17.35
C GLU F 28 14.89 -51.94 16.95
N PRO F 29 15.40 -51.13 17.90
CA PRO F 29 16.48 -50.22 17.63
C PRO F 29 17.68 -50.89 16.98
N VAL F 30 18.25 -50.26 15.97
CA VAL F 30 19.40 -50.81 15.21
C VAL F 30 20.66 -50.14 15.70
N ARG F 31 20.58 -49.37 16.77
CA ARG F 31 21.79 -48.67 17.25
C ARG F 31 22.79 -49.69 17.74
N GLY F 32 22.33 -50.82 18.26
CA GLY F 32 23.31 -51.80 18.75
C GLY F 32 24.20 -52.28 17.64
N HIS F 33 23.63 -52.37 16.44
CA HIS F 33 24.32 -52.92 15.25
C HIS F 33 25.16 -51.89 14.53
N ILE F 34 25.12 -50.63 14.96
CA ILE F 34 25.94 -49.61 14.25
C ILE F 34 27.15 -49.32 15.11
N GLU F 35 28.34 -49.44 14.54
CA GLU F 35 29.58 -49.20 15.31
C GLU F 35 30.40 -48.11 14.65
N GLY F 36 29.98 -47.66 13.48
CA GLY F 36 30.74 -46.63 12.74
C GLY F 36 30.24 -45.23 13.01
N GLY F 37 29.31 -45.09 13.94
CA GLY F 37 28.87 -43.75 14.34
C GLY F 37 27.85 -43.12 13.43
N ILE F 38 27.82 -41.79 13.40
CA ILE F 38 26.78 -41.11 12.61
C ILE F 38 27.06 -41.25 11.11
N ALA F 39 28.30 -41.43 10.70
CA ALA F 39 28.60 -41.60 9.27
C ALA F 39 28.03 -42.93 8.81
N GLN F 40 28.12 -43.95 9.65
CA GLN F 40 27.58 -45.24 9.18
C GLN F 40 26.07 -45.10 9.08
N ALA F 41 25.47 -44.26 9.91
CA ALA F 41 24.02 -44.10 9.88
C ALA F 41 23.58 -43.43 8.58
N TYR F 42 24.39 -42.53 8.03
CA TYR F 42 24.01 -41.78 6.81
C TYR F 42 24.18 -42.68 5.59
N ALA F 43 25.13 -43.59 5.68
CA ALA F 43 25.36 -44.56 4.60
C ALA F 43 24.13 -45.45 4.52
N ILE F 44 23.55 -45.76 5.66
CA ILE F 44 22.35 -46.63 5.70
C ILE F 44 21.17 -45.87 5.13
N GLN F 45 21.04 -44.59 5.47
CA GLN F 45 19.92 -43.80 4.89
C GLN F 45 20.14 -43.74 3.39
N GLN F 46 21.37 -43.53 2.97
CA GLN F 46 21.78 -43.43 1.56
C GLN F 46 21.43 -44.71 0.81
N ILE F 47 21.66 -45.88 1.40
CA ILE F 47 21.33 -47.14 0.69
C ILE F 47 19.84 -47.15 0.40
N ASN F 48 19.04 -46.75 1.35
CA ASN F 48 17.58 -46.76 1.15
C ASN F 48 17.17 -45.68 0.15
N VAL F 49 17.99 -44.66 -0.01
CA VAL F 49 17.70 -43.59 -0.99
C VAL F 49 17.87 -44.21 -2.36
N GLN F 50 18.99 -44.90 -2.54
CA GLN F 50 19.32 -45.58 -3.81
C GLN F 50 18.24 -46.61 -4.07
N ARG F 51 17.72 -47.24 -3.03
CA ARG F 51 16.65 -48.23 -3.21
C ARG F 51 15.44 -47.54 -3.80
N GLN F 52 15.14 -46.33 -3.35
CA GLN F 52 13.92 -45.63 -3.80
C GLN F 52 14.12 -45.14 -5.23
N LEU F 53 15.33 -44.70 -5.54
CA LEU F 53 15.65 -44.18 -6.89
C LEU F 53 15.53 -45.34 -7.87
N ALA F 54 15.88 -46.55 -7.40
CA ALA F 54 15.80 -47.76 -8.22
C ALA F 54 14.35 -48.09 -8.52
N ALA F 55 13.44 -47.75 -7.63
CA ALA F 55 12.01 -47.99 -7.85
C ALA F 55 11.38 -46.85 -8.65
N GLY F 56 12.20 -45.97 -9.21
CA GLY F 56 11.70 -44.84 -10.02
C GLY F 56 11.15 -43.69 -9.20
N ARG F 57 11.53 -43.56 -7.94
CA ARG F 57 11.07 -42.42 -7.12
C ARG F 57 11.99 -41.24 -7.36
N ARG F 58 11.50 -40.05 -7.04
CA ARG F 58 12.24 -38.79 -7.28
C ARG F 58 12.54 -38.09 -5.96
N VAL F 59 13.80 -37.77 -5.74
CA VAL F 59 14.22 -37.00 -4.53
C VAL F 59 13.64 -35.60 -4.70
N THR F 60 12.82 -35.16 -3.77
CA THR F 60 12.17 -33.85 -3.95
C THR F 60 12.73 -32.85 -2.96
N GLY F 61 13.55 -33.27 -2.02
CA GLY F 61 14.11 -32.33 -1.07
C GLY F 61 14.73 -32.98 0.15
N ARG F 62 14.90 -32.22 1.22
CA ARG F 62 15.51 -32.75 2.46
C ARG F 62 14.75 -32.20 3.65
N LYS F 63 14.76 -32.95 4.75
CA LYS F 63 14.17 -32.49 6.02
C LYS F 63 15.32 -32.30 7.01
N ILE F 64 15.17 -31.36 7.93
CA ILE F 64 16.21 -31.09 8.96
C ILE F 64 15.62 -31.36 10.33
N GLY F 65 16.29 -32.19 11.10
CA GLY F 65 15.84 -32.50 12.46
C GLY F 65 16.84 -32.00 13.48
N LEU F 66 16.53 -32.17 14.75
CA LEU F 66 17.36 -31.70 15.88
C LEU F 66 17.74 -30.25 15.63
N THR F 67 16.75 -29.41 15.39
CA THR F 67 16.98 -27.98 15.07
C THR F 67 16.91 -27.12 16.32
N SER F 68 16.87 -27.76 17.48
CA SER F 68 16.91 -27.03 18.78
C SER F 68 18.07 -27.59 19.60
N ALA F 69 18.67 -26.78 20.46
CA ALA F 69 19.77 -27.22 21.34
C ALA F 69 19.19 -28.16 22.39
N ALA F 70 17.95 -27.96 22.77
CA ALA F 70 17.35 -28.85 23.76
C ALA F 70 17.27 -30.27 23.21
N VAL F 71 16.85 -30.41 21.96
CA VAL F 71 16.66 -31.77 21.37
C VAL F 71 18.03 -32.33 20.99
N GLN F 72 18.94 -31.45 20.60
CA GLN F 72 20.29 -31.90 20.23
C GLN F 72 20.90 -32.58 21.45
N LYS F 73 20.74 -31.95 22.62
CA LYS F 73 21.33 -32.41 23.91
C LYS F 73 20.76 -33.76 24.29
N GLN F 74 19.47 -33.98 24.06
CA GLN F 74 18.89 -35.28 24.45
C GLN F 74 19.38 -36.40 23.54
N LEU F 75 20.17 -36.09 22.52
CA LEU F 75 20.64 -37.18 21.63
C LEU F 75 22.17 -37.21 21.64
N GLY F 76 22.77 -36.42 22.53
CA GLY F 76 24.22 -36.42 22.71
C GLY F 76 24.95 -35.75 21.56
N VAL F 77 24.28 -34.85 20.85
CA VAL F 77 24.94 -34.20 19.70
C VAL F 77 24.76 -32.68 19.77
N ASP F 78 25.59 -31.93 19.04
CA ASP F 78 25.57 -30.46 18.96
C ASP F 78 25.40 -30.05 17.49
N GLN F 79 24.66 -30.81 16.71
CA GLN F 79 24.43 -30.49 15.28
C GLN F 79 23.10 -31.10 14.86
N PRO F 80 22.41 -30.59 13.83
CA PRO F 80 21.19 -31.21 13.31
C PRO F 80 21.40 -32.42 12.40
N ASP F 81 20.34 -33.16 12.12
CA ASP F 81 20.41 -34.32 11.20
C ASP F 81 19.56 -34.03 9.95
N PHE F 82 19.73 -34.82 8.90
CA PHE F 82 18.95 -34.59 7.67
C PHE F 82 18.41 -35.92 7.17
N GLY F 83 17.27 -35.85 6.51
CA GLY F 83 16.57 -36.97 5.87
C GLY F 83 16.29 -36.65 4.42
N THR F 84 15.89 -37.63 3.62
CA THR F 84 15.67 -37.36 2.19
C THR F 84 14.19 -37.42 1.82
N LEU F 85 13.66 -36.41 1.15
CA LEU F 85 12.24 -36.48 0.77
C LEU F 85 12.11 -36.96 -0.67
N PHE F 86 11.05 -37.71 -0.91
CA PHE F 86 10.72 -38.27 -2.23
C PHE F 86 9.33 -37.78 -2.59
N ASP F 87 9.03 -37.85 -3.88
CA ASP F 87 7.74 -37.43 -4.49
C ASP F 87 6.59 -38.19 -3.85
N SER F 88 6.84 -39.39 -3.35
CA SER F 88 5.76 -40.20 -2.76
C SER F 88 5.38 -39.72 -1.36
N MET F 89 6.24 -38.91 -0.74
CA MET F 89 5.98 -38.39 0.62
C MET F 89 5.18 -37.10 0.53
N ALA F 90 5.10 -36.50 -0.64
CA ALA F 90 4.45 -35.21 -0.86
C ALA F 90 2.94 -35.22 -0.63
N VAL F 91 2.44 -34.23 0.09
CA VAL F 91 0.99 -34.04 0.39
C VAL F 91 0.67 -32.57 0.17
N ASN F 92 -0.52 -32.27 -0.31
CA ASN F 92 -0.93 -30.86 -0.48
C ASN F 92 -1.84 -30.48 0.67
N ASP F 93 -1.98 -29.20 0.92
CA ASP F 93 -2.84 -28.68 1.98
C ASP F 93 -4.24 -29.25 1.85
N GLY F 94 -4.74 -29.88 2.90
CA GLY F 94 -6.10 -30.41 2.96
C GLY F 94 -6.30 -31.79 2.37
N GLU F 95 -5.39 -32.29 1.54
CA GLU F 95 -5.56 -33.61 0.90
C GLU F 95 -5.73 -34.71 1.93
N GLU F 96 -6.63 -35.66 1.71
CA GLU F 96 -6.78 -36.73 2.71
C GLU F 96 -5.50 -37.55 2.74
N ILE F 97 -5.04 -37.89 3.94
CA ILE F 97 -3.80 -38.68 4.11
C ILE F 97 -4.19 -40.08 4.56
N ALA F 98 -3.88 -41.07 3.73
CA ALA F 98 -4.21 -42.46 4.08
C ALA F 98 -3.39 -42.88 5.28
N TRP F 99 -4.02 -43.52 6.24
CA TRP F 99 -3.33 -43.96 7.49
C TRP F 99 -2.20 -44.93 7.18
N SER F 100 -2.30 -45.62 6.05
CA SER F 100 -1.31 -46.64 5.65
C SER F 100 -0.01 -45.96 5.26
N ARG F 101 -0.08 -44.67 4.96
CA ARG F 101 1.09 -43.89 4.50
C ARG F 101 1.89 -43.40 5.70
N THR F 102 1.43 -43.69 6.91
CA THR F 102 2.17 -43.22 8.09
C THR F 102 2.69 -44.40 8.90
N LEU F 103 3.55 -44.15 9.87
CA LEU F 103 4.04 -45.18 10.79
C LEU F 103 4.45 -44.46 12.06
N GLN F 104 3.59 -44.49 13.08
CA GLN F 104 3.78 -43.76 14.36
C GLN F 104 3.87 -42.28 14.03
N PRO F 105 2.94 -41.74 13.23
CA PRO F 105 2.94 -40.37 12.77
C PRO F 105 2.93 -39.31 13.88
N LYS F 106 3.66 -38.24 13.65
CA LYS F 106 3.80 -37.16 14.65
C LYS F 106 3.82 -35.88 13.83
N CYS F 107 3.20 -34.80 14.28
CA CYS F 107 3.16 -33.61 13.40
C CYS F 107 3.98 -32.45 13.94
N GLU F 108 4.54 -31.66 13.05
CA GLU F 108 5.36 -30.50 13.43
C GLU F 108 5.24 -29.40 12.37
N ALA F 109 4.93 -28.19 12.78
CA ALA F 109 4.83 -27.05 11.85
C ALA F 109 6.23 -26.66 11.44
N GLU F 110 6.43 -26.29 10.18
CA GLU F 110 7.78 -25.97 9.70
C GLU F 110 7.71 -24.93 8.58
N VAL F 111 8.83 -24.31 8.29
CA VAL F 111 8.87 -23.38 7.15
C VAL F 111 9.48 -24.17 5.99
N ALA F 112 8.79 -24.22 4.86
CA ALA F 112 9.35 -24.90 3.68
C ALA F 112 10.08 -23.88 2.81
N LEU F 113 11.31 -24.21 2.43
CA LEU F 113 12.08 -23.32 1.53
C LEU F 113 12.21 -24.04 0.19
N VAL F 114 11.82 -23.37 -0.88
CA VAL F 114 11.96 -23.94 -2.25
C VAL F 114 13.24 -23.37 -2.80
N ILE F 115 14.06 -24.20 -3.41
CA ILE F 115 15.38 -23.78 -3.92
C ILE F 115 15.28 -23.55 -5.43
N GLU F 116 15.96 -22.56 -5.99
CA GLU F 116 15.86 -22.39 -7.45
C GLU F 116 17.23 -22.42 -8.10
N ARG F 117 18.26 -22.73 -7.35
CA ARG F 117 19.62 -22.73 -7.88
C ARG F 117 20.38 -23.88 -7.24
N ASP F 118 21.37 -24.45 -7.91
CA ASP F 118 22.09 -25.60 -7.32
C ASP F 118 23.19 -25.09 -6.40
N LEU F 119 23.27 -25.60 -5.18
CA LEU F 119 24.37 -25.22 -4.26
C LEU F 119 25.34 -26.39 -4.22
N ASP F 120 26.16 -26.50 -5.26
CA ASP F 120 27.08 -27.65 -5.47
C ASP F 120 28.48 -27.38 -4.96
N HIS F 121 28.82 -26.14 -4.64
CA HIS F 121 30.22 -25.84 -4.30
C HIS F 121 30.58 -25.93 -2.82
N GLU F 122 31.88 -25.86 -2.56
CA GLU F 122 32.44 -25.87 -1.20
C GLU F 122 32.22 -24.48 -0.59
N ASN F 123 32.12 -24.43 0.73
CA ASN F 123 32.00 -23.17 1.49
C ASN F 123 30.77 -22.36 1.06
N ILE F 124 29.59 -22.96 1.05
CA ILE F 124 28.34 -22.25 0.69
C ILE F 124 28.11 -21.19 1.77
N THR F 125 27.75 -19.99 1.36
CA THR F 125 27.55 -18.93 2.34
C THR F 125 26.08 -18.61 2.48
N LEU F 126 25.74 -17.73 3.40
CA LEU F 126 24.33 -17.31 3.58
C LEU F 126 23.91 -16.55 2.33
N ILE F 127 24.86 -15.88 1.73
CA ILE F 127 24.54 -15.07 0.53
C ILE F 127 24.16 -16.03 -0.60
N ASP F 128 24.85 -17.14 -0.72
CA ASP F 128 24.54 -18.14 -1.76
C ASP F 128 23.12 -18.66 -1.55
N LEU F 129 22.79 -18.98 -0.32
CA LEU F 129 21.49 -19.57 0.04
C LEU F 129 20.34 -18.60 -0.26
N ILE F 130 20.52 -17.34 0.08
CA ILE F 130 19.48 -16.30 -0.15
C ILE F 130 19.27 -16.18 -1.66
N GLY F 131 20.34 -16.32 -2.42
CA GLY F 131 20.22 -16.21 -3.87
C GLY F 131 19.60 -17.44 -4.47
N ALA F 132 19.66 -18.55 -3.77
CA ALA F 132 19.11 -19.80 -4.31
C ALA F 132 17.73 -20.07 -3.74
N THR F 133 17.21 -19.21 -2.87
CA THR F 133 15.89 -19.48 -2.32
C THR F 133 14.83 -18.71 -3.11
N ALA F 134 13.89 -19.43 -3.68
CA ALA F 134 12.83 -18.81 -4.50
C ALA F 134 11.75 -18.25 -3.59
N TYR F 135 11.19 -19.10 -2.75
CA TYR F 135 10.12 -18.65 -1.86
C TYR F 135 9.97 -19.67 -0.76
N ALA F 136 8.95 -19.48 0.06
CA ALA F 136 8.72 -20.37 1.20
C ALA F 136 7.26 -20.76 1.27
N LEU F 137 6.99 -21.92 1.85
CA LEU F 137 5.60 -22.37 2.02
C LEU F 137 5.40 -22.79 3.46
N PRO F 138 4.20 -22.64 4.01
CA PRO F 138 3.92 -23.11 5.33
C PRO F 138 3.85 -24.64 5.20
N ALA F 139 4.52 -25.35 6.08
CA ALA F 139 4.52 -26.80 5.91
C ALA F 139 4.23 -27.49 7.23
N ILE F 140 3.81 -28.73 7.11
CA ILE F 140 3.63 -29.63 8.27
C ILE F 140 4.38 -30.89 7.91
N GLU F 141 5.37 -31.24 8.71
CA GLU F 141 6.09 -32.49 8.43
C GLU F 141 5.38 -33.58 9.21
N VAL F 142 5.10 -34.69 8.57
CA VAL F 142 4.56 -35.86 9.31
C VAL F 142 5.73 -36.82 9.40
N VAL F 143 6.38 -36.87 10.56
CA VAL F 143 7.55 -37.79 10.76
C VAL F 143 7.02 -39.19 11.05
N GLY F 144 7.87 -40.19 10.90
CA GLY F 144 7.50 -41.59 11.16
C GLY F 144 8.69 -42.37 11.62
N SER F 145 8.50 -43.42 12.39
CA SER F 145 9.65 -44.21 12.84
C SER F 145 9.49 -45.65 12.42
N ARG F 146 10.55 -46.22 11.86
CA ARG F 146 10.53 -47.66 11.52
C ARG F 146 10.97 -48.44 12.76
N ILE F 147 11.53 -47.74 13.75
CA ILE F 147 11.91 -48.30 15.06
C ILE F 147 10.66 -48.21 15.93
N ALA F 148 10.35 -49.26 16.67
CA ALA F 148 9.11 -49.30 17.47
C ALA F 148 9.16 -48.38 18.68
N ASN F 149 8.01 -47.79 18.96
CA ASN F 149 7.72 -46.89 20.11
C ASN F 149 8.69 -45.72 20.18
N TRP F 150 9.16 -45.29 19.01
CA TRP F 150 10.07 -44.13 18.90
C TRP F 150 11.28 -44.31 19.82
N ASP F 151 11.69 -45.54 20.03
CA ASP F 151 12.89 -45.73 20.88
C ASP F 151 14.12 -45.49 20.00
N ILE F 152 14.48 -44.23 19.82
CA ILE F 152 15.59 -44.00 18.87
C ILE F 152 16.63 -43.09 19.49
N ASN F 153 17.87 -43.31 19.07
CA ASN F 153 19.05 -42.48 19.40
C ASN F 153 19.52 -41.80 18.10
N ILE F 154 20.66 -41.11 18.09
CA ILE F 154 21.07 -40.47 16.83
C ILE F 154 21.26 -41.49 15.71
N LEU F 155 21.75 -42.68 16.03
CA LEU F 155 22.00 -43.66 14.95
C LEU F 155 20.70 -44.21 14.38
N ASP F 156 19.69 -44.42 15.20
CA ASP F 156 18.43 -44.99 14.72
C ASP F 156 17.74 -44.02 13.78
N THR F 157 17.64 -42.76 14.16
CA THR F 157 16.92 -41.74 13.38
C THR F 157 17.63 -41.43 12.07
N VAL F 158 18.94 -41.21 12.10
CA VAL F 158 19.67 -40.83 10.86
C VAL F 158 19.59 -42.01 9.92
N ALA F 159 19.74 -43.20 10.45
CA ALA F 159 19.72 -44.46 9.67
C ALA F 159 18.32 -44.66 9.13
N ASP F 160 17.33 -44.21 9.87
CA ASP F 160 15.91 -44.36 9.49
C ASP F 160 15.45 -43.08 8.77
N ASN F 161 16.34 -42.50 7.97
CA ASN F 161 16.06 -41.33 7.13
C ASN F 161 15.59 -40.14 7.96
N ALA F 162 16.29 -39.85 9.06
CA ALA F 162 15.99 -38.78 10.04
C ALA F 162 14.52 -38.80 10.43
N SER F 163 13.94 -39.98 10.54
CA SER F 163 12.54 -40.21 10.93
C SER F 163 11.57 -39.51 9.99
N ALA F 164 11.89 -39.43 8.72
CA ALA F 164 11.03 -38.72 7.76
C ALA F 164 9.73 -39.50 7.47
N GLY F 165 8.70 -38.80 7.05
CA GLY F 165 7.43 -39.48 6.77
C GLY F 165 6.76 -38.94 5.54
N LEU F 166 6.00 -37.87 5.72
CA LEU F 166 5.29 -37.14 4.66
C LEU F 166 5.53 -35.65 4.87
N TYR F 167 5.40 -34.86 3.82
CA TYR F 167 5.49 -33.40 4.00
C TYR F 167 4.26 -32.78 3.37
N VAL F 168 3.48 -32.06 4.16
CA VAL F 168 2.29 -31.37 3.62
C VAL F 168 2.70 -29.93 3.32
N LEU F 169 2.59 -29.52 2.06
CA LEU F 169 2.98 -28.15 1.69
C LEU F 169 1.73 -27.33 1.44
N GLY F 170 1.85 -26.03 1.61
CA GLY F 170 0.78 -25.07 1.32
C GLY F 170 0.79 -24.74 -0.16
N HIS F 171 -0.26 -24.08 -0.63
CA HIS F 171 -0.39 -23.80 -2.08
C HIS F 171 0.09 -22.43 -2.48
N THR F 172 0.24 -21.50 -1.54
CA THR F 172 0.55 -20.11 -1.94
C THR F 172 2.00 -19.74 -1.63
N PRO F 173 2.85 -19.46 -2.62
CA PRO F 173 4.22 -19.09 -2.35
C PRO F 173 4.32 -17.69 -1.74
N VAL F 174 5.35 -17.43 -0.96
CA VAL F 174 5.56 -16.11 -0.31
C VAL F 174 7.06 -15.82 -0.39
N LYS F 175 7.48 -14.78 -1.11
CA LYS F 175 8.92 -14.49 -1.23
C LYS F 175 9.53 -14.04 0.10
N LEU F 176 10.80 -14.32 0.25
CA LEU F 176 11.60 -14.03 1.46
C LEU F 176 11.72 -12.54 1.69
N GLU F 177 11.95 -11.74 0.66
CA GLU F 177 12.04 -10.28 0.89
C GLU F 177 10.73 -9.88 1.49
N GLY F 178 10.74 -9.28 2.66
CA GLY F 178 9.46 -8.90 3.26
C GLY F 178 8.88 -10.05 4.05
N LEU F 179 9.72 -10.95 4.50
CA LEU F 179 9.24 -12.06 5.34
C LEU F 179 10.18 -12.15 6.53
N ASP F 180 9.67 -11.97 7.75
CA ASP F 180 10.53 -12.05 8.94
C ASP F 180 10.44 -13.44 9.53
N LEU F 181 11.40 -14.31 9.25
CA LEU F 181 11.26 -15.69 9.73
C LEU F 181 11.82 -15.85 11.13
N ARG F 182 12.48 -14.84 11.67
CA ARG F 182 12.98 -14.94 13.04
C ARG F 182 11.82 -14.77 14.01
N LEU F 183 10.88 -13.90 13.71
CA LEU F 183 9.80 -13.66 14.69
C LEU F 183 8.46 -14.20 14.23
N ALA F 184 8.41 -14.94 13.14
CA ALA F 184 7.12 -15.48 12.68
C ALA F 184 6.51 -16.43 13.70
N GLY F 185 5.30 -16.14 14.11
CA GLY F 185 4.58 -16.95 15.10
C GLY F 185 4.04 -18.21 14.51
N MET F 186 4.04 -19.28 15.29
CA MET F 186 3.55 -20.57 14.82
C MET F 186 2.53 -21.12 15.81
N VAL F 187 1.41 -21.60 15.28
CA VAL F 187 0.39 -22.26 16.10
C VAL F 187 -0.15 -23.42 15.28
N MET F 188 -0.23 -24.61 15.88
CA MET F 188 -0.81 -25.79 15.22
C MET F 188 -1.97 -26.23 16.08
N GLU F 189 -3.16 -26.27 15.51
CA GLU F 189 -4.37 -26.62 16.29
C GLU F 189 -4.97 -27.93 15.80
N ARG F 190 -5.67 -28.62 16.68
CA ARG F 190 -6.38 -29.86 16.38
C ARG F 190 -7.65 -29.80 17.20
N ALA F 191 -8.79 -29.92 16.53
CA ALA F 191 -10.12 -29.89 17.17
C ALA F 191 -10.26 -28.64 18.03
N GLY F 192 -9.80 -27.51 17.49
CA GLY F 192 -9.91 -26.22 18.19
C GLY F 192 -8.96 -26.11 19.35
N GLN F 193 -8.00 -27.01 19.49
CA GLN F 193 -7.07 -26.90 20.63
C GLN F 193 -5.69 -26.55 20.12
N GLN F 194 -4.91 -25.82 20.90
CA GLN F 194 -3.54 -25.49 20.49
C GLN F 194 -2.66 -26.65 20.92
N VAL F 195 -2.13 -27.41 19.98
CA VAL F 195 -1.35 -28.61 20.35
C VAL F 195 0.12 -28.30 20.24
N SER F 196 0.48 -27.26 19.54
CA SER F 196 1.89 -26.88 19.38
C SER F 196 1.97 -25.37 19.19
N LEU F 197 2.97 -24.74 19.81
CA LEU F 197 3.14 -23.28 19.74
C LEU F 197 4.60 -23.00 19.45
N GLY F 198 4.90 -21.95 18.70
CA GLY F 198 6.31 -21.64 18.40
C GLY F 198 6.55 -20.33 17.69
N VAL F 199 7.77 -20.19 17.21
CA VAL F 199 8.27 -18.99 16.49
C VAL F 199 9.41 -19.45 15.58
N GLY F 200 9.71 -18.66 14.56
CA GLY F 200 10.78 -18.95 13.60
C GLY F 200 12.12 -19.13 14.27
N ALA F 201 12.37 -18.41 15.35
CA ALA F 201 13.66 -18.45 16.06
C ALA F 201 13.94 -19.82 16.68
N ALA F 202 12.91 -20.62 16.91
CA ALA F 202 13.09 -21.95 17.53
C ALA F 202 13.83 -22.88 16.58
N CYS F 203 13.77 -22.59 15.29
CA CYS F 203 14.41 -23.43 14.27
C CYS F 203 15.84 -22.95 14.09
N LEU F 204 16.72 -23.29 15.02
CA LEU F 204 18.16 -22.93 14.98
C LEU F 204 18.39 -21.42 14.91
N GLY F 205 17.48 -20.63 15.46
CA GLY F 205 17.58 -19.18 15.41
C GLY F 205 16.86 -18.60 14.21
N HIS F 206 16.90 -19.31 13.09
CA HIS F 206 16.24 -18.86 11.86
C HIS F 206 16.19 -20.05 10.92
N PRO F 207 15.12 -20.27 10.14
CA PRO F 207 15.09 -21.35 9.17
C PRO F 207 16.27 -21.36 8.19
N LEU F 208 16.72 -20.21 7.73
CA LEU F 208 17.88 -20.15 6.84
C LEU F 208 19.13 -20.55 7.63
N ASN F 209 19.07 -20.65 8.95
CA ASN F 209 20.30 -21.07 9.65
C ASN F 209 20.48 -22.56 9.45
N ALA F 210 19.39 -23.28 9.62
CA ALA F 210 19.33 -24.74 9.43
C ALA F 210 19.53 -25.07 7.97
N ALA F 211 18.95 -24.29 7.07
CA ALA F 211 19.08 -24.60 5.63
C ALA F 211 20.52 -24.38 5.21
N LEU F 212 21.24 -23.50 5.87
CA LEU F 212 22.63 -23.28 5.47
C LEU F 212 23.42 -24.47 5.98
N TRP F 213 23.07 -24.98 7.14
CA TRP F 213 23.74 -26.17 7.69
C TRP F 213 23.55 -27.33 6.71
N LEU F 214 22.32 -27.54 6.28
CA LEU F 214 21.96 -28.67 5.40
C LEU F 214 22.68 -28.57 4.06
N ALA F 215 22.65 -27.41 3.44
CA ALA F 215 23.32 -27.24 2.14
C ALA F 215 24.79 -27.61 2.25
N ARG F 216 25.42 -27.17 3.33
CA ARG F 216 26.86 -27.38 3.57
C ARG F 216 27.17 -28.84 3.82
N THR F 217 26.32 -29.50 4.60
CA THR F 217 26.49 -30.93 4.92
C THR F 217 26.28 -31.76 3.66
N LEU F 218 25.32 -31.40 2.83
CA LEU F 218 25.02 -32.18 1.60
C LEU F 218 26.21 -32.10 0.65
N VAL F 219 26.87 -30.96 0.61
CA VAL F 219 28.03 -30.84 -0.30
C VAL F 219 29.13 -31.72 0.25
N LYS F 220 29.20 -31.88 1.55
CA LYS F 220 30.29 -32.70 2.11
C LYS F 220 29.96 -34.17 1.91
N GLN F 221 28.71 -34.47 1.64
CA GLN F 221 28.30 -35.88 1.44
C GLN F 221 28.16 -36.18 -0.05
N GLY F 222 28.49 -35.24 -0.91
CA GLY F 222 28.41 -35.45 -2.36
C GLY F 222 27.00 -35.47 -2.91
N THR F 223 26.02 -34.98 -2.16
CA THR F 223 24.63 -34.96 -2.64
C THR F 223 24.07 -33.56 -2.45
N PRO F 224 24.49 -32.56 -3.23
CA PRO F 224 24.05 -31.19 -3.02
C PRO F 224 22.59 -30.87 -3.27
N LEU F 225 22.13 -29.76 -2.72
CA LEU F 225 20.74 -29.28 -2.92
C LEU F 225 20.62 -28.88 -4.39
N LYS F 226 19.52 -29.24 -5.03
CA LYS F 226 19.37 -28.94 -6.46
C LYS F 226 18.19 -28.01 -6.68
N SER F 227 18.06 -27.45 -7.86
CA SER F 227 16.93 -26.55 -8.15
C SER F 227 15.60 -27.31 -8.07
N GLY F 228 14.62 -26.72 -7.43
CA GLY F 228 13.33 -27.38 -7.33
C GLY F 228 13.21 -28.13 -6.04
N ASP F 229 14.29 -28.30 -5.30
CA ASP F 229 14.26 -29.05 -4.03
C ASP F 229 13.48 -28.29 -2.96
N VAL F 230 12.79 -29.02 -2.10
CA VAL F 230 12.09 -28.34 -1.00
C VAL F 230 12.78 -28.69 0.30
N VAL F 231 13.08 -27.69 1.11
CA VAL F 231 13.78 -27.89 2.39
C VAL F 231 12.80 -27.72 3.54
N LEU F 232 12.52 -28.80 4.25
CA LEU F 232 11.70 -28.72 5.48
C LEU F 232 12.72 -28.32 6.53
N SER F 233 12.82 -27.03 6.80
CA SER F 233 13.88 -26.42 7.63
C SER F 233 13.87 -26.81 9.10
N GLY F 234 12.78 -27.27 9.69
CA GLY F 234 12.88 -27.63 11.11
C GLY F 234 11.66 -27.30 11.94
N ALA F 235 11.53 -27.91 13.11
CA ALA F 235 10.32 -27.70 13.91
C ALA F 235 10.28 -26.29 14.49
N LEU F 236 9.16 -25.62 14.38
CA LEU F 236 9.02 -24.29 15.00
C LEU F 236 8.41 -24.47 16.39
N GLY F 237 8.06 -25.69 16.73
CA GLY F 237 7.46 -26.03 18.02
C GLY F 237 7.43 -27.52 18.23
N PRO F 238 6.93 -28.00 19.36
CA PRO F 238 6.87 -29.42 19.67
C PRO F 238 6.06 -30.32 18.73
N LEU F 239 6.42 -31.59 18.70
CA LEU F 239 5.80 -32.62 17.86
C LEU F 239 4.51 -33.10 18.50
N VAL F 240 3.46 -33.29 17.72
CA VAL F 240 2.20 -33.81 18.30
C VAL F 240 1.86 -35.10 17.58
N ALA F 241 1.70 -36.17 18.35
CA ALA F 241 1.37 -37.48 17.79
C ALA F 241 0.05 -37.37 17.08
N ALA F 242 -0.04 -37.96 15.89
CA ALA F 242 -1.26 -37.90 15.08
C ALA F 242 -2.04 -39.22 15.20
N ASN F 243 -3.36 -39.13 15.12
CA ASN F 243 -4.25 -40.31 15.26
C ASN F 243 -5.16 -40.42 14.05
N PRO F 244 -5.76 -41.56 13.69
CA PRO F 244 -6.67 -41.57 12.55
C PRO F 244 -7.80 -40.56 12.67
N GLY F 245 -8.13 -39.92 11.55
CA GLY F 245 -9.21 -38.92 11.47
C GLY F 245 -8.74 -37.54 11.89
N ASP F 246 -7.54 -37.43 12.40
CA ASP F 246 -7.04 -36.14 12.93
C ASP F 246 -6.86 -35.09 11.84
N VAL F 247 -7.23 -33.86 12.12
CA VAL F 247 -6.95 -32.73 11.19
C VAL F 247 -6.15 -31.71 11.97
N PHE F 248 -4.94 -31.41 11.51
CA PHE F 248 -4.05 -30.45 12.19
C PHE F 248 -3.93 -29.19 11.34
N GLU F 249 -4.17 -28.02 11.92
CA GLU F 249 -3.99 -26.76 11.17
C GLU F 249 -2.79 -26.02 11.75
N ALA F 250 -1.88 -25.60 10.88
CA ALA F 250 -0.69 -24.83 11.29
C ALA F 250 -0.71 -23.45 10.65
N ARG F 251 -0.61 -22.39 11.45
CA ARG F 251 -0.53 -21.01 10.91
C ARG F 251 0.85 -20.43 11.22
N ILE F 252 1.49 -19.85 10.22
CA ILE F 252 2.81 -19.19 10.38
C ILE F 252 2.55 -17.75 9.97
N GLN F 253 2.48 -16.84 10.93
CA GLN F 253 2.12 -15.42 10.72
C GLN F 253 2.98 -14.79 9.63
N GLY F 254 2.33 -14.40 8.54
CA GLY F 254 3.05 -13.85 7.39
C GLY F 254 3.42 -14.92 6.39
N LEU F 255 3.24 -16.19 6.69
CA LEU F 255 3.60 -17.21 5.68
C LEU F 255 2.33 -17.88 5.17
N GLY F 256 1.38 -18.13 6.04
CA GLY F 256 0.14 -18.77 5.58
C GLY F 256 -0.27 -19.89 6.49
N SER F 257 -1.22 -20.70 6.05
CA SER F 257 -1.68 -21.84 6.85
C SER F 257 -1.64 -23.10 6.00
N VAL F 258 -1.71 -24.24 6.64
CA VAL F 258 -1.68 -25.54 5.93
C VAL F 258 -2.37 -26.55 6.83
N ARG F 259 -3.11 -27.48 6.24
CA ARG F 259 -3.83 -28.47 7.04
C ARG F 259 -3.35 -29.87 6.68
N ALA F 260 -3.15 -30.68 7.71
CA ALA F 260 -2.77 -32.08 7.54
C ALA F 260 -3.97 -32.90 7.98
N CYS F 261 -4.67 -33.55 7.05
CA CYS F 261 -5.86 -34.37 7.39
C CYS F 261 -5.56 -35.85 7.24
N PHE F 262 -5.57 -36.57 8.34
CA PHE F 262 -5.30 -38.03 8.34
C PHE F 262 -6.60 -38.76 8.17
N SER F 263 -6.63 -39.77 7.30
CA SER F 263 -7.88 -40.53 7.09
C SER F 263 -8.15 -41.43 8.29
N PRO F 264 -9.40 -41.89 8.48
CA PRO F 264 -9.77 -42.71 9.62
C PRO F 264 -9.32 -44.17 9.70
N ALA F 265 -8.41 -44.62 8.83
CA ALA F 265 -7.90 -46.01 8.88
C ALA F 265 -9.05 -47.03 8.84
N ALA G 2 -52.56 31.57 -6.31
CA ALA G 2 -52.62 30.68 -5.13
C ALA G 2 -53.66 29.57 -5.36
N MET G 3 -54.79 29.90 -5.99
CA MET G 3 -55.78 28.83 -6.20
C MET G 3 -55.38 28.02 -7.43
N LYS G 4 -54.75 28.67 -8.41
CA LYS G 4 -54.28 27.96 -9.62
C LYS G 4 -53.11 27.05 -9.24
N ILE G 5 -52.22 27.53 -8.36
CA ILE G 5 -51.06 26.71 -7.94
C ILE G 5 -51.60 25.46 -7.28
N SER G 6 -52.66 25.59 -6.53
CA SER G 6 -53.20 24.46 -5.75
C SER G 6 -53.85 23.39 -6.63
N ARG G 7 -54.63 23.76 -7.62
CA ARG G 7 -55.30 22.72 -8.44
C ARG G 7 -54.25 21.99 -9.29
N ILE G 8 -53.25 22.71 -9.76
CA ILE G 8 -52.25 22.07 -10.65
C ILE G 8 -51.44 21.06 -9.86
N ALA G 9 -51.00 21.44 -8.66
CA ALA G 9 -50.21 20.53 -7.79
C ALA G 9 -51.02 19.28 -7.51
N GLN G 10 -52.32 19.43 -7.29
CA GLN G 10 -53.15 18.25 -6.98
C GLN G 10 -53.27 17.43 -8.26
N ARG G 11 -53.17 18.10 -9.39
CA ARG G 11 -53.32 17.42 -10.70
C ARG G 11 -52.11 16.52 -10.90
N LEU G 12 -50.92 17.09 -10.80
CA LEU G 12 -49.68 16.31 -11.00
C LEU G 12 -49.57 15.24 -9.91
N ASP G 13 -49.93 15.58 -8.68
CA ASP G 13 -49.82 14.59 -7.59
C ASP G 13 -50.73 13.39 -7.84
N GLU G 14 -51.93 13.62 -8.36
CA GLU G 14 -52.85 12.50 -8.62
C GLU G 14 -52.32 11.73 -9.83
N ALA G 15 -51.64 12.42 -10.74
CA ALA G 15 -51.05 11.72 -11.90
C ALA G 15 -50.00 10.76 -11.37
N ALA G 16 -49.19 11.24 -10.43
CA ALA G 16 -48.13 10.39 -9.84
C ALA G 16 -48.74 9.24 -9.06
N VAL G 17 -49.82 9.47 -8.32
CA VAL G 17 -50.47 8.41 -7.51
C VAL G 17 -51.13 7.38 -8.42
N SER G 18 -51.86 7.83 -9.44
CA SER G 18 -52.62 6.89 -10.29
C SER G 18 -51.70 6.18 -11.28
N GLY G 19 -50.60 6.83 -11.65
CA GLY G 19 -49.74 6.24 -12.68
C GLY G 19 -50.38 6.41 -14.03
N LYS G 20 -51.20 7.45 -14.13
CA LYS G 20 -51.91 7.78 -15.38
C LYS G 20 -51.53 9.20 -15.78
N ALA G 21 -51.02 9.36 -16.99
CA ALA G 21 -50.54 10.66 -17.52
C ALA G 21 -51.61 11.74 -17.54
N THR G 22 -51.17 12.98 -17.42
CA THR G 22 -52.12 14.11 -17.44
C THR G 22 -51.55 15.18 -18.36
N PRO G 23 -52.38 15.96 -19.05
CA PRO G 23 -51.92 16.97 -19.99
C PRO G 23 -50.96 18.03 -19.47
N GLN G 24 -50.23 18.69 -20.36
CA GLN G 24 -49.26 19.73 -19.95
C GLN G 24 -49.98 20.97 -19.43
N LEU G 25 -49.28 21.76 -18.65
CA LEU G 25 -49.86 23.01 -18.11
C LEU G 25 -50.05 23.98 -19.27
N THR G 26 -51.27 24.10 -19.78
CA THR G 26 -51.51 24.97 -20.96
C THR G 26 -52.48 26.12 -20.68
N GLY G 27 -52.30 27.18 -21.46
CA GLY G 27 -53.10 28.41 -21.53
C GLY G 27 -53.71 28.89 -20.23
N ASP G 28 -54.77 28.23 -19.76
CA ASP G 28 -55.38 28.71 -18.50
C ASP G 28 -54.54 28.27 -17.31
N ASP G 29 -53.81 27.16 -17.49
CA ASP G 29 -52.93 26.64 -16.43
C ASP G 29 -51.48 26.98 -16.77
N ALA G 30 -51.22 27.83 -17.74
CA ALA G 30 -49.82 28.13 -18.08
C ALA G 30 -49.16 28.72 -16.86
N VAL G 31 -47.99 28.22 -16.49
CA VAL G 31 -47.31 28.73 -15.28
C VAL G 31 -45.96 29.33 -15.65
N THR G 32 -45.42 30.10 -14.73
CA THR G 32 -44.07 30.62 -14.99
C THR G 32 -43.07 29.79 -14.16
N VAL G 33 -41.80 30.15 -14.22
CA VAL G 33 -40.79 29.38 -13.45
C VAL G 33 -41.10 29.58 -11.97
N ARG G 34 -41.41 30.82 -11.58
CA ARG G 34 -41.74 31.18 -10.18
C ARG G 34 -42.97 30.40 -9.78
N GLU G 35 -43.98 30.39 -10.64
CA GLU G 35 -45.25 29.71 -10.33
C GLU G 35 -44.96 28.22 -10.21
N ALA G 36 -44.12 27.68 -11.09
CA ALA G 36 -43.84 26.24 -11.10
C ALA G 36 -43.02 25.84 -9.86
N ALA G 37 -42.09 26.69 -9.46
CA ALA G 37 -41.27 26.45 -8.24
C ALA G 37 -42.22 26.18 -7.09
N GLU G 38 -43.16 27.10 -6.86
CA GLU G 38 -44.16 26.96 -5.78
C GLU G 38 -44.97 25.68 -6.00
N ILE G 39 -45.29 25.37 -7.25
CA ILE G 39 -46.09 24.14 -7.51
C ILE G 39 -45.23 22.94 -7.10
N GLN G 40 -43.93 23.04 -7.34
CA GLN G 40 -42.99 21.93 -7.00
C GLN G 40 -43.04 21.69 -5.50
N ARG G 41 -43.17 22.76 -4.72
CA ARG G 41 -43.22 22.64 -3.25
C ARG G 41 -44.53 21.97 -2.84
N LEU G 42 -45.61 22.24 -3.54
CA LEU G 42 -46.87 21.64 -3.08
C LEU G 42 -46.87 20.16 -3.39
N LEU G 43 -46.15 19.79 -4.45
CA LEU G 43 -46.05 18.38 -4.87
C LEU G 43 -45.40 17.60 -3.73
N ILE G 44 -44.37 18.19 -3.16
CA ILE G 44 -43.56 17.61 -2.05
C ILE G 44 -44.45 17.50 -0.82
N ALA G 45 -45.11 18.60 -0.46
CA ALA G 45 -45.99 18.65 0.72
C ALA G 45 -47.09 17.61 0.56
N HIS G 46 -47.50 17.37 -0.68
CA HIS G 46 -48.56 16.38 -0.91
C HIS G 46 -48.07 15.01 -0.45
N ARG G 47 -46.83 14.67 -0.77
CA ARG G 47 -46.26 13.35 -0.40
C ARG G 47 -46.03 13.31 1.12
N ILE G 48 -45.65 14.43 1.70
CA ILE G 48 -45.39 14.52 3.16
C ILE G 48 -46.69 14.27 3.92
N GLU G 49 -47.79 14.79 3.40
CA GLU G 49 -49.13 14.61 4.03
C GLU G 49 -49.43 13.11 4.11
N ARG G 50 -48.97 12.36 3.12
CA ARG G 50 -49.24 10.91 3.09
C ARG G 50 -48.23 10.19 3.97
N GLY G 51 -47.30 10.93 4.57
CA GLY G 51 -46.36 10.27 5.50
C GLY G 51 -44.94 10.18 5.01
N ALA G 52 -44.61 10.86 3.94
CA ALA G 52 -43.22 10.78 3.46
C ALA G 52 -42.43 11.97 4.00
N ARG G 53 -41.14 12.03 3.71
CA ARG G 53 -40.34 13.17 4.19
C ARG G 53 -39.28 13.49 3.15
N GLN G 54 -38.87 14.75 3.07
CA GLN G 54 -37.81 15.17 2.14
C GLN G 54 -36.53 14.48 2.58
N VAL G 55 -35.84 13.79 1.69
CA VAL G 55 -34.60 13.05 2.07
C VAL G 55 -33.45 13.45 1.14
N GLY G 56 -33.70 14.25 0.12
CA GLY G 56 -32.55 14.57 -0.75
C GLY G 56 -32.91 15.44 -1.91
N LEU G 57 -31.97 15.60 -2.84
CA LEU G 57 -32.11 16.45 -4.02
C LEU G 57 -31.63 15.71 -5.27
N LYS G 58 -32.17 16.08 -6.41
CA LYS G 58 -31.73 15.50 -7.69
C LYS G 58 -31.41 16.66 -8.62
N MET G 59 -30.37 16.52 -9.42
CA MET G 59 -30.01 17.59 -10.37
C MET G 59 -30.32 17.09 -11.78
N GLY G 60 -30.85 17.97 -12.61
CA GLY G 60 -31.16 17.70 -14.02
C GLY G 60 -30.38 18.61 -14.92
N PHE G 61 -30.23 18.23 -16.18
CA PHE G 61 -29.48 19.00 -17.19
C PHE G 61 -28.10 19.32 -16.63
N THR G 62 -27.44 18.32 -16.04
CA THR G 62 -26.11 18.50 -15.42
C THR G 62 -25.02 18.46 -16.48
N SER G 63 -25.19 19.21 -17.53
CA SER G 63 -24.24 19.16 -18.64
C SER G 63 -24.32 20.47 -19.41
N ARG G 64 -23.20 21.04 -19.82
CA ARG G 64 -23.34 22.28 -20.60
C ARG G 64 -24.05 21.94 -21.91
N ALA G 65 -23.71 20.81 -22.52
CA ALA G 65 -24.38 20.48 -23.78
C ALA G 65 -25.87 20.32 -23.54
N LYS G 66 -26.26 19.65 -22.47
CA LYS G 66 -27.68 19.36 -22.17
C LYS G 66 -28.48 20.64 -21.94
N MET G 67 -27.90 21.62 -21.27
CA MET G 67 -28.64 22.86 -21.03
C MET G 67 -28.86 23.56 -22.37
N ALA G 68 -27.83 23.56 -23.21
CA ALA G 68 -27.91 24.20 -24.54
C ALA G 68 -28.91 23.46 -25.40
N GLN G 69 -28.94 22.13 -25.34
CA GLN G 69 -29.89 21.38 -26.19
C GLN G 69 -31.31 21.63 -25.70
N MET G 70 -31.45 22.00 -24.43
CA MET G 70 -32.79 22.26 -23.85
C MET G 70 -33.03 23.77 -23.80
N GLY G 71 -32.06 24.56 -24.23
CA GLY G 71 -32.19 26.02 -24.25
C GLY G 71 -32.39 26.64 -22.88
N VAL G 72 -31.56 26.28 -21.90
CA VAL G 72 -31.67 26.83 -20.52
C VAL G 72 -30.30 27.37 -20.09
N SER G 73 -30.25 28.14 -19.01
CA SER G 73 -28.99 28.78 -18.56
C SER G 73 -28.48 28.18 -17.25
N ASP G 74 -29.25 27.28 -16.69
CA ASP G 74 -28.87 26.68 -15.40
C ASP G 74 -29.53 25.33 -15.24
N LEU G 75 -29.11 24.61 -14.21
CA LEU G 75 -29.60 23.25 -13.92
C LEU G 75 -31.01 23.32 -13.35
N ILE G 76 -31.73 22.22 -13.46
CA ILE G 76 -33.05 22.15 -12.79
C ILE G 76 -32.88 21.15 -11.66
N TRP G 77 -33.61 21.33 -10.58
CA TRP G 77 -33.46 20.36 -9.50
C TRP G 77 -34.82 19.91 -9.02
N GLY G 78 -34.87 18.71 -8.46
CA GLY G 78 -36.10 18.14 -7.89
C GLY G 78 -35.87 17.82 -6.43
N ARG G 79 -36.93 17.48 -5.73
CA ARG G 79 -36.79 17.16 -4.29
C ARG G 79 -37.06 15.67 -4.12
N LEU G 80 -36.19 14.98 -3.41
CA LEU G 80 -36.41 13.53 -3.26
C LEU G 80 -37.16 13.28 -1.97
N THR G 81 -38.10 12.36 -1.99
CA THR G 81 -38.91 12.08 -0.80
C THR G 81 -38.79 10.60 -0.49
N SER G 82 -39.12 10.20 0.74
CA SER G 82 -38.97 8.80 1.18
C SER G 82 -39.80 7.82 0.35
N ASP G 83 -40.86 8.29 -0.31
CA ASP G 83 -41.74 7.39 -1.09
C ASP G 83 -41.11 7.06 -2.45
N MET G 84 -40.09 7.82 -2.84
CA MET G 84 -39.41 7.57 -4.12
C MET G 84 -38.33 6.51 -3.94
N TRP G 85 -38.18 5.99 -2.73
CA TRP G 85 -37.12 5.01 -2.41
C TRP G 85 -37.39 3.64 -3.01
N VAL G 86 -36.35 3.06 -3.57
CA VAL G 86 -36.38 1.70 -4.16
C VAL G 86 -35.26 0.91 -3.51
N GLU G 87 -35.60 -0.17 -2.83
CA GLU G 87 -34.60 -1.04 -2.21
C GLU G 87 -33.65 -1.52 -3.30
N GLU G 88 -32.34 -1.39 -3.08
CA GLU G 88 -31.36 -1.91 -4.04
C GLU G 88 -31.49 -3.44 -4.11
N GLY G 89 -31.56 -3.98 -5.32
CA GLY G 89 -31.83 -5.40 -5.52
C GLY G 89 -33.33 -5.66 -5.47
N GLY G 90 -34.09 -4.59 -5.41
CA GLY G 90 -35.54 -4.64 -5.29
C GLY G 90 -36.23 -4.72 -6.62
N GLU G 91 -37.55 -4.77 -6.59
CA GLU G 91 -38.37 -4.85 -7.82
C GLU G 91 -39.41 -3.74 -7.78
N ILE G 92 -39.79 -3.26 -8.94
CA ILE G 92 -40.84 -2.22 -9.04
C ILE G 92 -41.84 -2.67 -10.09
N ASP G 93 -43.09 -2.26 -9.93
CA ASP G 93 -44.15 -2.51 -10.92
C ASP G 93 -44.25 -1.24 -11.74
N LEU G 94 -44.15 -1.36 -13.06
CA LEU G 94 -44.20 -0.20 -13.98
C LEU G 94 -45.64 0.28 -14.06
N ALA G 95 -46.56 -0.53 -13.58
CA ALA G 95 -47.99 -0.18 -13.57
C ALA G 95 -48.20 1.02 -12.65
N HIS G 96 -47.31 1.22 -11.68
CA HIS G 96 -47.42 2.32 -10.70
C HIS G 96 -46.82 3.59 -11.26
N TYR G 97 -46.25 3.53 -12.46
CA TYR G 97 -45.63 4.72 -13.08
C TYR G 97 -46.30 4.99 -14.42
N VAL G 98 -46.19 6.22 -14.92
CA VAL G 98 -46.77 6.60 -16.22
C VAL G 98 -46.04 5.98 -17.39
N HIS G 99 -44.78 6.39 -17.55
CA HIS G 99 -43.84 5.89 -18.58
C HIS G 99 -42.43 6.25 -18.11
N PRO G 100 -41.85 5.51 -17.16
CA PRO G 100 -40.54 5.83 -16.60
C PRO G 100 -39.28 5.36 -17.32
N ARG G 101 -38.21 6.11 -17.13
CA ARG G 101 -36.90 5.73 -17.70
C ARG G 101 -35.88 5.60 -16.58
N VAL G 102 -34.74 5.04 -16.90
CA VAL G 102 -33.69 4.86 -15.86
C VAL G 102 -32.43 5.60 -16.29
N GLU G 103 -31.66 6.12 -15.34
CA GLU G 103 -30.45 6.89 -15.65
C GLU G 103 -29.34 6.54 -14.66
N PRO G 104 -28.08 6.39 -15.08
CA PRO G 104 -27.03 6.05 -14.16
C PRO G 104 -26.54 7.35 -13.53
N GLU G 105 -26.24 7.33 -12.25
CA GLU G 105 -25.83 8.58 -11.55
C GLU G 105 -24.80 8.30 -10.45
N ILE G 106 -24.30 9.37 -9.87
CA ILE G 106 -23.38 9.35 -8.71
C ILE G 106 -24.17 9.92 -7.54
N CYS G 107 -24.16 9.27 -6.38
CA CYS G 107 -24.91 9.80 -5.23
C CYS G 107 -23.97 10.17 -4.09
N TYR G 108 -24.14 11.37 -3.55
CA TYR G 108 -23.33 11.81 -2.40
C TYR G 108 -24.18 11.73 -1.14
N LEU G 109 -23.58 11.27 -0.05
CA LEU G 109 -24.31 11.26 1.24
C LEU G 109 -23.69 12.36 2.07
N LEU G 110 -24.49 13.28 2.57
CA LEU G 110 -23.95 14.42 3.35
C LEU G 110 -23.81 14.06 4.82
N GLY G 111 -22.62 14.24 5.37
CA GLY G 111 -22.38 13.96 6.79
C GLY G 111 -22.71 15.18 7.61
N LYS G 112 -22.46 16.36 7.06
CA LYS G 112 -22.78 17.62 7.73
C LYS G 112 -23.61 18.50 6.80
N ARG G 113 -24.16 19.57 7.32
CA ARG G 113 -24.98 20.55 6.58
C ARG G 113 -24.09 21.32 5.62
N LEU G 114 -24.51 21.42 4.37
CA LEU G 114 -23.81 22.18 3.33
C LEU G 114 -24.75 23.29 2.89
N GLU G 115 -24.28 24.53 2.79
CA GLU G 115 -25.21 25.63 2.45
C GLU G 115 -24.55 26.73 1.65
N GLY G 116 -25.26 27.23 0.63
CA GLY G 116 -24.85 28.45 -0.07
C GLY G 116 -23.82 28.28 -1.14
N ASN G 117 -22.97 29.28 -1.29
CA ASN G 117 -21.89 29.24 -2.29
C ASN G 117 -20.70 28.55 -1.67
N VAL G 118 -20.41 27.33 -2.12
CA VAL G 118 -19.32 26.49 -1.55
C VAL G 118 -18.29 26.11 -2.61
N THR G 119 -17.04 25.99 -2.21
CA THR G 119 -15.99 25.50 -3.14
C THR G 119 -16.02 23.96 -3.16
N PRO G 120 -15.38 23.28 -4.12
CA PRO G 120 -15.34 21.83 -4.14
C PRO G 120 -14.71 21.30 -2.86
N LEU G 121 -13.64 21.93 -2.41
CA LEU G 121 -12.97 21.59 -1.14
C LEU G 121 -13.98 21.61 0.00
N GLU G 122 -14.77 22.67 0.15
CA GLU G 122 -15.71 22.68 1.30
C GLU G 122 -16.86 21.72 1.07
N ALA G 123 -17.20 21.46 -0.18
CA ALA G 123 -18.33 20.56 -0.46
C ALA G 123 -18.00 19.16 0.05
N LEU G 124 -16.79 18.68 -0.23
CA LEU G 124 -16.42 17.30 0.17
C LEU G 124 -16.17 17.20 1.65
N ALA G 125 -15.95 18.32 2.32
CA ALA G 125 -15.70 18.24 3.77
C ALA G 125 -17.01 17.87 4.49
N ALA G 126 -18.13 18.03 3.82
CA ALA G 126 -19.43 17.70 4.43
C ALA G 126 -19.94 16.37 3.89
N VAL G 127 -19.11 15.64 3.17
CA VAL G 127 -19.62 14.37 2.57
C VAL G 127 -19.24 13.15 3.40
N GLU G 128 -20.21 12.32 3.72
CA GLU G 128 -19.97 11.10 4.52
C GLU G 128 -19.44 10.00 3.62
N ALA G 129 -20.12 9.77 2.51
CA ALA G 129 -19.71 8.70 1.61
C ALA G 129 -20.26 8.97 0.22
N VAL G 130 -19.79 8.23 -0.77
CA VAL G 130 -20.20 8.39 -2.18
C VAL G 130 -20.59 7.02 -2.72
N ALA G 131 -21.51 6.98 -3.67
CA ALA G 131 -21.95 5.67 -4.18
C ALA G 131 -22.52 5.79 -5.57
N PRO G 132 -22.64 4.69 -6.32
CA PRO G 132 -23.25 4.74 -7.60
C PRO G 132 -24.77 4.67 -7.41
N ALA G 133 -25.54 5.15 -8.38
CA ALA G 133 -27.01 5.14 -8.25
C ALA G 133 -27.69 5.21 -9.61
N MET G 134 -29.00 5.07 -9.60
CA MET G 134 -29.84 5.18 -10.80
C MET G 134 -31.08 5.99 -10.45
N GLU G 135 -31.37 7.02 -11.21
CA GLU G 135 -32.63 7.71 -10.94
C GLU G 135 -33.69 7.13 -11.87
N ILE G 136 -34.87 6.88 -11.35
CA ILE G 136 -36.02 6.42 -12.17
C ILE G 136 -36.86 7.67 -12.41
N ILE G 137 -36.69 8.33 -13.55
CA ILE G 137 -37.44 9.57 -13.83
C ILE G 137 -38.71 9.25 -14.60
N ASP G 138 -39.78 9.98 -14.32
CA ASP G 138 -41.10 9.79 -14.96
C ASP G 138 -41.74 11.15 -15.14
N SER G 139 -42.03 11.56 -16.37
CA SER G 139 -42.75 12.83 -16.58
C SER G 139 -44.22 12.48 -16.44
N ARG G 140 -44.98 13.31 -15.74
CA ARG G 140 -46.39 12.96 -15.53
C ARG G 140 -47.25 13.48 -16.69
N TYR G 141 -46.65 14.23 -17.60
CA TYR G 141 -47.41 14.74 -18.76
C TYR G 141 -47.64 13.67 -19.84
N ARG G 142 -48.79 13.77 -20.51
CA ARG G 142 -49.18 12.86 -21.61
C ARG G 142 -48.81 13.57 -22.91
N ASP G 143 -48.21 12.84 -23.86
CA ASP G 143 -47.78 13.34 -25.19
C ASP G 143 -47.11 14.72 -24.99
N PHE G 144 -46.16 14.76 -24.07
CA PHE G 144 -45.49 15.98 -23.57
C PHE G 144 -44.56 16.67 -24.56
N LYS G 145 -44.78 17.98 -24.74
CA LYS G 145 -43.94 18.87 -25.58
C LYS G 145 -43.14 19.72 -24.59
N PHE G 146 -41.81 19.69 -24.69
CA PHE G 146 -40.95 20.37 -23.68
C PHE G 146 -41.35 21.81 -23.40
N SER G 147 -41.49 22.09 -22.09
CA SER G 147 -41.75 23.39 -21.44
C SER G 147 -40.93 23.42 -20.17
N LEU G 148 -40.07 24.42 -19.99
CA LEU G 148 -39.23 24.49 -18.77
C LEU G 148 -40.08 24.48 -17.51
N PRO G 149 -40.97 25.47 -17.29
CA PRO G 149 -41.82 25.51 -16.10
C PRO G 149 -42.59 24.22 -15.86
N ASP G 150 -43.13 23.64 -16.93
CA ASP G 150 -43.86 22.36 -16.86
C ASP G 150 -43.01 21.31 -16.15
N VAL G 151 -41.74 21.16 -16.46
CA VAL G 151 -40.96 20.11 -15.76
C VAL G 151 -40.56 20.56 -14.35
N ILE G 152 -40.34 21.85 -14.16
CA ILE G 152 -39.98 22.32 -12.80
C ILE G 152 -41.14 21.99 -11.88
N ALA G 153 -42.33 22.36 -12.31
CA ALA G 153 -43.57 22.18 -11.53
C ALA G 153 -43.82 20.69 -11.31
N ASP G 154 -43.30 19.85 -12.20
CA ASP G 154 -43.49 18.39 -12.07
C ASP G 154 -42.34 17.78 -11.27
N ASN G 155 -41.59 18.63 -10.56
CA ASN G 155 -40.49 18.24 -9.65
C ASN G 155 -39.36 17.54 -10.41
N ALA G 156 -39.03 18.08 -11.59
CA ALA G 156 -37.95 17.62 -12.48
C ALA G 156 -38.07 16.13 -12.79
N SER G 157 -39.29 15.63 -12.90
CA SER G 157 -39.62 14.22 -13.20
C SER G 157 -39.15 13.23 -12.12
N SER G 158 -38.90 13.68 -10.91
CA SER G 158 -38.42 12.77 -9.83
C SER G 158 -39.47 11.72 -9.52
N SER G 159 -39.08 10.46 -9.35
CA SER G 159 -40.12 9.45 -9.12
C SER G 159 -39.53 8.29 -8.32
N GLY G 160 -38.32 7.90 -8.65
CA GLY G 160 -37.67 6.78 -7.97
C GLY G 160 -36.19 7.00 -7.90
N PHE G 161 -35.55 6.39 -6.92
CA PHE G 161 -34.07 6.49 -6.81
C PHE G 161 -33.58 5.19 -6.19
N VAL G 162 -32.38 4.79 -6.55
CA VAL G 162 -31.77 3.55 -6.03
C VAL G 162 -30.27 3.82 -5.90
N VAL G 163 -29.67 3.45 -4.78
CA VAL G 163 -28.23 3.74 -4.52
C VAL G 163 -27.44 2.44 -4.34
N GLY G 164 -26.14 2.49 -4.63
CA GLY G 164 -25.22 1.36 -4.40
C GLY G 164 -24.57 1.39 -3.03
N ALA G 165 -23.40 0.78 -2.92
CA ALA G 165 -22.72 0.60 -1.62
C ALA G 165 -21.95 1.84 -1.20
N TRP G 166 -21.63 1.90 0.08
CA TRP G 166 -20.82 2.96 0.71
C TRP G 166 -19.39 2.93 0.16
N HIS G 167 -18.88 4.10 -0.20
CA HIS G 167 -17.49 4.24 -0.67
C HIS G 167 -16.89 5.42 0.05
N LYS G 168 -15.60 5.38 0.35
CA LYS G 168 -14.97 6.47 1.10
C LYS G 168 -15.17 7.79 0.36
N PRO G 169 -15.47 8.89 1.06
CA PRO G 169 -15.67 10.21 0.46
C PRO G 169 -14.51 10.79 -0.36
N GLU G 170 -13.29 10.35 -0.14
CA GLU G 170 -12.13 10.82 -0.91
C GLU G 170 -11.99 10.04 -2.22
N THR G 171 -12.85 9.06 -2.45
CA THR G 171 -12.85 8.31 -3.72
C THR G 171 -12.99 9.29 -4.85
N ASP G 172 -12.14 9.12 -5.84
CA ASP G 172 -12.14 9.94 -7.07
C ASP G 172 -13.24 9.43 -8.02
N VAL G 173 -14.22 10.28 -8.26
CA VAL G 173 -15.39 9.95 -9.11
C VAL G 173 -15.41 10.88 -10.31
N SER G 174 -14.30 11.54 -10.57
CA SER G 174 -14.18 12.55 -11.65
C SER G 174 -14.34 11.94 -13.04
N ASN G 175 -13.93 10.70 -13.23
CA ASN G 175 -13.96 10.09 -14.56
C ASN G 175 -14.13 8.58 -14.44
N LEU G 176 -15.22 8.14 -13.86
CA LEU G 176 -15.41 6.68 -13.68
C LEU G 176 -16.32 6.12 -14.77
N GLY G 177 -15.87 5.07 -15.43
CA GLY G 177 -16.67 4.42 -16.47
C GLY G 177 -17.93 3.85 -15.87
N MET G 178 -19.04 4.02 -16.56
CA MET G 178 -20.32 3.49 -16.06
C MET G 178 -20.96 2.69 -17.18
N VAL G 179 -21.56 1.57 -16.83
CA VAL G 179 -22.28 0.75 -17.83
C VAL G 179 -23.68 0.49 -17.27
N MET G 180 -24.68 1.14 -17.83
CA MET G 180 -26.07 0.86 -17.42
C MET G 180 -26.53 -0.24 -18.36
N SER G 181 -27.19 -1.27 -17.87
CA SER G 181 -27.55 -2.33 -18.82
C SER G 181 -28.83 -3.03 -18.43
N PHE G 182 -29.56 -3.50 -19.43
CA PHE G 182 -30.80 -4.28 -19.23
C PHE G 182 -30.47 -5.72 -19.55
N ASP G 183 -30.76 -6.60 -18.61
CA ASP G 183 -30.56 -8.07 -18.71
C ASP G 183 -29.13 -8.43 -19.09
N GLY G 184 -28.15 -7.71 -18.56
CA GLY G 184 -26.74 -8.06 -18.80
C GLY G 184 -26.20 -7.44 -20.06
N ARG G 185 -27.05 -6.75 -20.82
CA ARG G 185 -26.58 -6.10 -22.07
C ARG G 185 -26.68 -4.60 -21.88
N ALA G 186 -25.61 -3.90 -22.14
CA ALA G 186 -25.55 -2.43 -21.99
C ALA G 186 -26.58 -1.71 -22.85
N VAL G 187 -27.24 -0.74 -22.26
CA VAL G 187 -28.18 0.15 -22.98
C VAL G 187 -27.49 1.49 -23.10
N GLU G 188 -26.54 1.77 -22.20
CA GLU G 188 -25.82 3.06 -22.22
C GLU G 188 -24.42 2.93 -21.63
N LEU G 189 -23.43 3.57 -22.24
CA LEU G 189 -22.04 3.57 -21.75
C LEU G 189 -21.63 5.02 -21.55
N GLY G 190 -20.82 5.31 -20.53
CA GLY G 190 -20.39 6.69 -20.30
C GLY G 190 -19.37 6.79 -19.20
N THR G 191 -19.26 7.96 -18.62
CA THR G 191 -18.32 8.17 -17.51
C THR G 191 -18.96 9.18 -16.59
N SER G 192 -18.50 9.20 -15.34
CA SER G 192 -19.01 10.15 -14.32
C SER G 192 -18.61 11.57 -14.71
N ALA G 193 -17.67 11.67 -15.63
CA ALA G 193 -17.17 12.98 -16.11
C ALA G 193 -18.27 13.73 -16.85
N ALA G 194 -19.29 13.02 -17.31
CA ALA G 194 -20.41 13.61 -18.05
C ALA G 194 -21.24 14.51 -17.13
N ILE G 195 -21.06 14.38 -15.82
CA ILE G 195 -21.83 15.22 -14.87
C ILE G 195 -21.01 16.47 -14.60
N LEU G 196 -21.26 17.53 -15.37
CA LEU G 196 -20.61 18.85 -15.24
C LEU G 196 -19.09 18.81 -15.41
N GLY G 197 -18.53 17.70 -15.84
CA GLY G 197 -17.07 17.65 -16.00
C GLY G 197 -16.40 17.14 -14.76
N SER G 198 -17.15 17.03 -13.68
CA SER G 198 -16.68 16.58 -12.35
C SER G 198 -17.90 16.50 -11.46
N PRO G 199 -18.33 15.35 -10.95
CA PRO G 199 -19.50 15.33 -10.08
C PRO G 199 -19.49 16.29 -8.89
N ILE G 200 -18.35 16.56 -8.29
CA ILE G 200 -18.28 17.52 -7.16
C ILE G 200 -18.92 18.83 -7.56
N ARG G 201 -18.91 19.18 -8.85
CA ARG G 201 -19.44 20.48 -9.28
C ARG G 201 -20.95 20.50 -9.07
N ALA G 202 -21.58 19.34 -9.20
CA ALA G 202 -23.03 19.20 -9.05
C ALA G 202 -23.43 19.39 -7.60
N LEU G 203 -22.62 18.92 -6.66
CA LEU G 203 -22.91 19.09 -5.23
C LEU G 203 -22.84 20.57 -4.92
N VAL G 204 -21.85 21.25 -5.46
CA VAL G 204 -21.70 22.73 -5.28
C VAL G 204 -22.97 23.38 -5.79
N ALA G 205 -23.38 23.00 -6.98
CA ALA G 205 -24.60 23.47 -7.66
C ALA G 205 -25.78 23.28 -6.75
N ALA G 206 -25.94 22.10 -6.19
CA ALA G 206 -27.10 21.88 -5.31
C ALA G 206 -27.07 22.86 -4.15
N ALA G 207 -25.89 23.16 -3.62
CA ALA G 207 -25.87 24.12 -2.50
C ALA G 207 -26.33 25.48 -3.00
N ARG G 208 -25.90 25.88 -4.17
CA ARG G 208 -26.28 27.17 -4.79
C ARG G 208 -27.79 27.18 -5.01
N LEU G 209 -28.29 26.17 -5.70
CA LEU G 209 -29.71 26.05 -6.08
C LEU G 209 -30.61 26.05 -4.87
N ALA G 210 -30.34 25.22 -3.87
CA ALA G 210 -31.27 25.22 -2.73
C ALA G 210 -31.22 26.58 -2.03
N ALA G 211 -30.07 27.24 -2.09
CA ALA G 211 -29.85 28.53 -1.43
C ALA G 211 -30.71 29.58 -2.12
N GLN G 212 -30.90 29.43 -3.42
CA GLN G 212 -31.72 30.40 -4.17
C GLN G 212 -33.12 30.35 -3.59
N GLN G 213 -33.48 29.25 -2.96
CA GLN G 213 -34.83 29.13 -2.38
C GLN G 213 -34.73 29.15 -0.87
N GLY G 214 -33.66 29.73 -0.36
CA GLY G 214 -33.45 29.84 1.09
C GLY G 214 -33.50 28.49 1.76
N GLU G 215 -32.85 27.50 1.18
CA GLU G 215 -32.78 26.14 1.78
C GLU G 215 -31.32 25.73 1.89
N ALA G 216 -31.06 24.60 2.51
CA ALA G 216 -29.67 24.11 2.63
C ALA G 216 -29.63 22.62 2.44
N LEU G 217 -28.46 22.07 2.18
CA LEU G 217 -28.37 20.59 2.09
C LEU G 217 -28.16 20.08 3.51
N GLU G 218 -29.21 19.56 4.15
CA GLU G 218 -29.15 19.17 5.58
C GLU G 218 -28.27 17.93 5.79
N ALA G 219 -27.71 17.74 6.97
CA ALA G 219 -26.87 16.54 7.12
C ALA G 219 -27.72 15.30 6.96
N GLY G 220 -27.24 14.30 6.24
CA GLY G 220 -28.02 13.08 6.04
C GLY G 220 -28.78 13.10 4.73
N SER G 221 -28.56 14.14 3.95
CA SER G 221 -29.22 14.25 2.64
C SER G 221 -28.50 13.35 1.65
N LEU G 222 -29.24 12.88 0.66
CA LEU G 222 -28.67 12.11 -0.46
C LEU G 222 -28.67 13.08 -1.61
N ILE G 223 -27.58 13.24 -2.34
CA ILE G 223 -27.61 14.19 -3.48
C ILE G 223 -27.37 13.42 -4.78
N LEU G 224 -28.35 13.36 -5.67
CA LEU G 224 -28.10 12.73 -6.98
C LEU G 224 -27.39 13.77 -7.82
N ALA G 225 -26.11 13.56 -8.10
CA ALA G 225 -25.26 14.50 -8.83
C ALA G 225 -25.81 14.80 -10.22
N GLY G 226 -26.26 13.78 -10.92
CA GLY G 226 -26.78 13.97 -12.29
C GLY G 226 -26.64 12.70 -13.10
N ALA G 227 -27.14 12.71 -14.33
CA ALA G 227 -27.09 11.51 -15.17
C ALA G 227 -25.78 11.45 -15.96
N ALA G 228 -25.14 10.30 -16.04
CA ALA G 228 -23.88 10.27 -16.79
C ALA G 228 -24.17 9.93 -18.25
N THR G 229 -25.31 9.31 -18.49
CA THR G 229 -25.74 8.92 -19.86
C THR G 229 -27.17 9.37 -20.10
N ALA G 230 -27.72 9.06 -21.26
CA ALA G 230 -29.12 9.42 -21.56
C ALA G 230 -30.02 8.40 -20.87
N ALA G 231 -31.26 8.79 -20.57
CA ALA G 231 -32.19 7.85 -19.90
C ALA G 231 -32.68 6.83 -20.89
N VAL G 232 -33.03 5.66 -20.40
CA VAL G 232 -33.53 4.55 -21.24
C VAL G 232 -34.91 4.16 -20.71
N ALA G 233 -35.87 3.99 -21.59
CA ALA G 233 -37.23 3.68 -21.14
C ALA G 233 -37.29 2.28 -20.56
N LEU G 234 -37.93 2.15 -19.42
CA LEU G 234 -38.03 0.83 -18.77
C LEU G 234 -39.15 0.04 -19.41
N ARG G 235 -39.11 -1.28 -19.27
CA ARG G 235 -40.12 -2.21 -19.78
C ARG G 235 -40.28 -3.36 -18.80
N PRO G 236 -41.34 -4.18 -18.85
CA PRO G 236 -41.49 -5.24 -17.88
C PRO G 236 -40.51 -6.41 -17.97
N GLY G 237 -40.34 -7.09 -16.85
CA GLY G 237 -39.52 -8.30 -16.73
C GLY G 237 -38.05 -8.10 -17.04
N ILE G 238 -37.45 -6.99 -16.65
CA ILE G 238 -36.03 -6.80 -17.01
C ILE G 238 -35.20 -6.67 -15.74
N SER G 239 -33.91 -6.90 -15.88
CA SER G 239 -32.93 -6.73 -14.77
C SER G 239 -32.14 -5.47 -15.08
N VAL G 240 -32.24 -4.44 -14.25
CA VAL G 240 -31.51 -3.19 -14.57
C VAL G 240 -30.28 -3.14 -13.70
N ARG G 241 -29.16 -2.73 -14.25
CA ARG G 241 -27.92 -2.74 -13.45
C ARG G 241 -27.06 -1.55 -13.84
N CYS G 242 -26.36 -0.97 -12.87
CA CYS G 242 -25.41 0.11 -13.16
C CYS G 242 -24.05 -0.31 -12.63
N GLU G 243 -23.08 -0.40 -13.51
CA GLU G 243 -21.72 -0.80 -13.14
C GLU G 243 -20.84 0.44 -13.22
N VAL G 244 -20.25 0.83 -12.12
CA VAL G 244 -19.40 2.04 -12.15
C VAL G 244 -17.99 1.64 -11.78
N GLN G 245 -17.01 2.17 -12.49
CA GLN G 245 -15.59 1.88 -12.21
C GLN G 245 -15.28 2.34 -10.79
N ASN G 246 -14.70 1.44 -9.99
CA ASN G 246 -14.26 1.62 -8.58
C ASN G 246 -15.41 1.73 -7.59
N LEU G 247 -16.66 1.67 -8.04
CA LEU G 247 -17.78 1.84 -7.09
C LEU G 247 -18.68 0.61 -7.11
N GLY G 248 -18.28 -0.44 -7.80
CA GLY G 248 -19.14 -1.64 -7.83
C GLY G 248 -20.36 -1.47 -8.70
N SER G 249 -21.45 -2.13 -8.38
CA SER G 249 -22.63 -1.97 -9.24
C SER G 249 -23.88 -1.86 -8.36
N LEU G 250 -25.04 -1.77 -8.97
CA LEU G 250 -26.31 -1.79 -8.20
C LEU G 250 -27.38 -2.38 -9.11
N SER G 251 -28.46 -2.86 -8.53
CA SER G 251 -29.46 -3.51 -9.40
C SER G 251 -30.85 -3.23 -8.89
N PHE G 252 -31.81 -3.50 -9.76
CA PHE G 252 -33.27 -3.47 -9.50
C PHE G 252 -33.93 -4.18 -10.67
N SER G 253 -35.14 -4.67 -10.45
CA SER G 253 -35.80 -5.36 -11.58
C SER G 253 -37.23 -4.85 -11.72
N THR G 254 -37.84 -5.17 -12.84
CA THR G 254 -39.24 -4.79 -13.09
C THR G 254 -40.04 -6.07 -13.15
N THR G 255 -41.25 -6.02 -12.62
CA THR G 255 -42.17 -7.17 -12.63
C THR G 255 -42.59 -7.42 -14.06
N GLY G 256 -42.65 -8.67 -14.47
CA GLY G 256 -43.07 -9.00 -15.83
C GLY G 256 -44.56 -9.24 -15.88
N GLU G 257 -45.09 -9.49 -17.06
CA GLU G 257 -46.55 -9.77 -17.21
C GLU G 257 -46.74 -11.27 -17.49
N ALA H 2 -54.44 -10.95 23.02
CA ALA H 2 -55.38 -12.08 23.09
C ALA H 2 -54.98 -13.06 24.19
N MET H 3 -55.86 -13.99 24.53
CA MET H 3 -55.57 -15.00 25.59
C MET H 3 -54.87 -16.17 24.90
N LYS H 4 -55.17 -16.37 23.63
CA LYS H 4 -54.56 -17.49 22.89
C LYS H 4 -53.10 -17.18 22.63
N ILE H 5 -52.80 -15.94 22.25
CA ILE H 5 -51.40 -15.58 21.90
C ILE H 5 -50.52 -15.82 23.12
N SER H 6 -50.95 -15.37 24.28
CA SER H 6 -50.15 -15.51 25.52
C SER H 6 -49.99 -16.98 25.87
N ARG H 7 -51.03 -17.77 25.66
CA ARG H 7 -50.95 -19.21 25.99
C ARG H 7 -49.89 -19.86 25.11
N ILE H 8 -49.85 -19.53 23.81
CA ILE H 8 -48.88 -20.12 22.87
C ILE H 8 -47.49 -19.61 23.18
N ALA H 9 -47.38 -18.34 23.53
CA ALA H 9 -46.06 -17.79 23.87
C ALA H 9 -45.48 -18.58 25.03
N GLN H 10 -46.27 -18.85 26.07
CA GLN H 10 -45.73 -19.60 27.22
C GLN H 10 -45.38 -21.03 26.81
N ARG H 11 -46.15 -21.64 25.93
CA ARG H 11 -45.81 -23.02 25.56
C ARG H 11 -44.50 -23.03 24.76
N LEU H 12 -44.27 -22.00 23.97
CA LEU H 12 -43.06 -21.96 23.13
C LEU H 12 -41.87 -21.57 23.99
N ASP H 13 -42.06 -20.62 24.89
CA ASP H 13 -40.95 -20.22 25.78
C ASP H 13 -40.52 -21.42 26.60
N GLU H 14 -41.46 -22.24 27.05
CA GLU H 14 -41.12 -23.43 27.87
C GLU H 14 -40.46 -24.50 27.04
N ALA H 15 -40.73 -24.52 25.74
CA ALA H 15 -40.11 -25.51 24.85
C ALA H 15 -38.63 -25.20 24.78
N ALA H 16 -38.33 -23.92 24.63
CA ALA H 16 -36.94 -23.47 24.51
C ALA H 16 -36.17 -23.74 25.81
N VAL H 17 -36.70 -23.29 26.95
CA VAL H 17 -36.06 -23.46 28.29
C VAL H 17 -35.86 -24.94 28.59
N SER H 18 -36.87 -25.76 28.37
CA SER H 18 -36.74 -27.20 28.73
C SER H 18 -35.94 -27.97 27.70
N GLY H 19 -35.94 -27.49 26.46
CA GLY H 19 -35.25 -28.21 25.37
C GLY H 19 -36.09 -29.37 24.92
N LYS H 20 -37.40 -29.31 25.18
CA LYS H 20 -38.32 -30.40 24.83
C LYS H 20 -39.17 -29.95 23.66
N ALA H 21 -39.16 -30.71 22.57
CA ALA H 21 -39.95 -30.36 21.37
C ALA H 21 -41.43 -30.31 21.71
N THR H 22 -42.14 -29.36 21.11
CA THR H 22 -43.59 -29.19 21.26
C THR H 22 -44.23 -29.31 19.87
N PRO H 23 -45.53 -29.64 19.75
CA PRO H 23 -46.16 -29.76 18.45
C PRO H 23 -46.56 -28.36 17.96
N GLN H 24 -46.80 -28.23 16.66
CA GLN H 24 -47.08 -26.90 16.05
C GLN H 24 -48.48 -26.38 16.36
N LEU H 25 -48.69 -25.10 16.02
CA LEU H 25 -49.96 -24.39 16.25
C LEU H 25 -51.04 -24.84 15.26
N THR H 26 -51.97 -25.65 15.76
CA THR H 26 -53.12 -26.20 15.00
C THR H 26 -54.38 -25.98 15.83
N GLY H 27 -55.52 -25.96 15.13
CA GLY H 27 -56.87 -25.86 15.71
C GLY H 27 -57.04 -24.65 16.58
N ASP H 28 -57.11 -24.85 17.88
CA ASP H 28 -57.28 -23.71 18.81
C ASP H 28 -56.04 -22.83 18.76
N ASP H 29 -54.91 -23.40 18.37
CA ASP H 29 -53.63 -22.65 18.38
C ASP H 29 -53.27 -22.18 16.97
N ALA H 30 -54.09 -22.47 15.98
CA ALA H 30 -53.81 -22.02 14.60
C ALA H 30 -53.66 -20.51 14.61
N VAL H 31 -52.56 -20.00 14.04
CA VAL H 31 -52.31 -18.53 14.11
C VAL H 31 -52.01 -17.96 12.73
N THR H 32 -52.24 -16.66 12.61
CA THR H 32 -51.87 -15.92 11.39
C THR H 32 -50.50 -15.29 11.62
N VAL H 33 -49.89 -14.82 10.56
CA VAL H 33 -48.54 -14.22 10.70
C VAL H 33 -48.58 -13.01 11.63
N ARG H 34 -49.66 -12.21 11.59
CA ARG H 34 -49.78 -11.04 12.48
C ARG H 34 -49.83 -11.51 13.92
N GLU H 35 -50.57 -12.58 14.19
CA GLU H 35 -50.65 -13.11 15.55
C GLU H 35 -49.29 -13.66 15.94
N ALA H 36 -48.61 -14.32 15.00
CA ALA H 36 -47.28 -14.92 15.27
C ALA H 36 -46.29 -13.83 15.67
N ALA H 37 -46.41 -12.66 15.07
CA ALA H 37 -45.51 -11.55 15.40
C ALA H 37 -45.75 -11.12 16.85
N GLU H 38 -46.99 -11.12 17.30
CA GLU H 38 -47.28 -10.73 18.70
C GLU H 38 -46.82 -11.85 19.62
N ILE H 39 -46.74 -13.08 19.12
CA ILE H 39 -46.27 -14.18 19.99
C ILE H 39 -44.76 -14.04 20.12
N GLN H 40 -44.10 -13.74 19.01
CA GLN H 40 -42.64 -13.59 19.00
C GLN H 40 -42.23 -12.51 20.00
N ARG H 41 -42.95 -11.39 20.01
CA ARG H 41 -42.66 -10.28 20.92
C ARG H 41 -42.75 -10.75 22.37
N LEU H 42 -43.68 -11.66 22.66
CA LEU H 42 -43.91 -12.15 24.04
C LEU H 42 -42.82 -13.12 24.42
N LEU H 43 -42.35 -13.88 23.45
CA LEU H 43 -41.27 -14.84 23.70
C LEU H 43 -40.03 -14.07 24.12
N ILE H 44 -39.84 -12.90 23.52
CA ILE H 44 -38.70 -12.02 23.84
C ILE H 44 -38.92 -11.42 25.23
N ALA H 45 -40.19 -11.16 25.57
CA ALA H 45 -40.55 -10.61 26.90
C ALA H 45 -40.27 -11.64 27.98
N HIS H 46 -40.44 -12.92 27.68
CA HIS H 46 -40.15 -13.96 28.69
C HIS H 46 -38.66 -13.97 29.02
N ARG H 47 -37.81 -13.83 28.01
CA ARG H 47 -36.36 -13.84 28.26
C ARG H 47 -35.97 -12.55 28.98
N ILE H 48 -36.62 -11.43 28.66
CA ILE H 48 -36.28 -10.14 29.34
C ILE H 48 -36.70 -10.28 30.80
N GLU H 49 -37.81 -10.96 31.03
CA GLU H 49 -38.33 -11.22 32.39
C GLU H 49 -37.29 -11.96 33.21
N ARG H 50 -36.54 -12.86 32.59
CA ARG H 50 -35.53 -13.65 33.32
C ARG H 50 -34.22 -12.88 33.37
N GLY H 51 -34.18 -11.67 32.82
CA GLY H 51 -32.94 -10.90 32.93
C GLY H 51 -32.19 -10.64 31.64
N ALA H 52 -32.56 -11.28 30.53
CA ALA H 52 -31.85 -11.05 29.26
C ALA H 52 -32.27 -9.73 28.62
N ARG H 53 -31.52 -9.28 27.64
CA ARG H 53 -31.89 -8.01 26.95
C ARG H 53 -31.81 -8.22 25.45
N GLN H 54 -32.49 -7.39 24.67
CA GLN H 54 -32.40 -7.53 23.20
C GLN H 54 -31.01 -7.07 22.77
N VAL H 55 -30.35 -7.83 21.90
CA VAL H 55 -28.98 -7.45 21.47
C VAL H 55 -28.92 -7.31 19.96
N GLY H 56 -29.89 -7.83 19.23
CA GLY H 56 -29.80 -7.70 17.78
C GLY H 56 -30.89 -8.38 17.03
N LEU H 57 -30.64 -8.69 15.77
CA LEU H 57 -31.64 -9.29 14.86
C LEU H 57 -30.98 -10.39 14.04
N LYS H 58 -31.79 -11.28 13.50
CA LYS H 58 -31.29 -12.32 12.59
C LYS H 58 -32.26 -12.35 11.40
N MET H 59 -31.74 -12.54 10.19
CA MET H 59 -32.62 -12.64 9.02
C MET H 59 -32.73 -14.11 8.61
N GLY H 60 -33.92 -14.54 8.20
CA GLY H 60 -34.15 -15.89 7.67
C GLY H 60 -34.51 -15.84 6.20
N PHE H 61 -34.39 -16.96 5.49
CA PHE H 61 -34.72 -17.04 4.04
C PHE H 61 -34.04 -15.90 3.29
N THR H 62 -32.74 -15.74 3.47
CA THR H 62 -31.99 -14.59 2.91
C THR H 62 -31.56 -14.82 1.46
N SER H 63 -32.47 -15.31 0.62
CA SER H 63 -32.25 -15.52 -0.83
C SER H 63 -33.59 -15.73 -1.53
N ARG H 64 -33.65 -15.45 -2.84
CA ARG H 64 -34.89 -15.64 -3.63
C ARG H 64 -35.13 -17.14 -3.79
N ALA H 65 -34.05 -17.89 -3.89
CA ALA H 65 -34.17 -19.35 -3.98
C ALA H 65 -34.88 -19.87 -2.74
N LYS H 66 -34.46 -19.45 -1.55
CA LYS H 66 -35.02 -19.92 -0.27
C LYS H 66 -36.46 -19.45 -0.10
N MET H 67 -36.73 -18.21 -0.45
CA MET H 67 -38.12 -17.74 -0.32
C MET H 67 -38.98 -18.59 -1.25
N ALA H 68 -38.50 -18.84 -2.46
CA ALA H 68 -39.27 -19.63 -3.45
C ALA H 68 -39.46 -21.07 -2.98
N GLN H 69 -38.41 -21.71 -2.50
CA GLN H 69 -38.56 -23.11 -2.05
C GLN H 69 -39.60 -23.14 -0.93
N MET H 70 -39.59 -22.16 -0.04
CA MET H 70 -40.57 -22.13 1.06
C MET H 70 -41.87 -21.49 0.58
N GLY H 71 -41.88 -20.93 -0.62
CA GLY H 71 -43.10 -20.28 -1.12
C GLY H 71 -43.51 -19.07 -0.30
N VAL H 72 -42.60 -18.11 -0.10
CA VAL H 72 -42.93 -16.89 0.68
C VAL H 72 -42.46 -15.66 -0.09
N SER H 73 -43.03 -14.50 0.20
CA SER H 73 -42.72 -13.26 -0.57
C SER H 73 -41.74 -12.36 0.15
N ASP H 74 -41.44 -12.61 1.42
CA ASP H 74 -40.49 -11.71 2.14
C ASP H 74 -39.61 -12.54 3.07
N LEU H 75 -38.58 -11.90 3.63
CA LEU H 75 -37.65 -12.56 4.56
C LEU H 75 -38.28 -12.64 5.93
N ILE H 76 -37.81 -13.56 6.76
CA ILE H 76 -38.29 -13.63 8.17
C ILE H 76 -37.21 -13.04 9.07
N TRP H 77 -37.58 -12.63 10.27
CA TRP H 77 -36.55 -12.09 11.16
C TRP H 77 -36.85 -12.52 12.59
N GLY H 78 -35.80 -12.65 13.39
CA GLY H 78 -35.93 -13.07 14.77
C GLY H 78 -35.21 -12.09 15.65
N ARG H 79 -35.66 -11.95 16.89
CA ARG H 79 -35.03 -11.01 17.83
C ARG H 79 -33.97 -11.77 18.62
N LEU H 80 -32.77 -11.22 18.62
CA LEU H 80 -31.62 -11.83 19.33
C LEU H 80 -31.59 -11.27 20.75
N THR H 81 -31.40 -12.15 21.72
CA THR H 81 -31.36 -11.72 23.12
C THR H 81 -30.01 -12.06 23.72
N SER H 82 -29.67 -11.39 24.82
CA SER H 82 -28.38 -11.55 25.53
C SER H 82 -28.20 -12.98 25.97
N ASP H 83 -29.28 -13.71 26.19
CA ASP H 83 -29.14 -15.11 26.65
C ASP H 83 -28.86 -16.04 25.49
N MET H 84 -28.77 -15.52 24.28
CA MET H 84 -28.50 -16.41 23.12
C MET H 84 -27.01 -16.39 22.80
N TRP H 85 -26.28 -15.46 23.40
CA TRP H 85 -24.83 -15.29 23.20
C TRP H 85 -24.06 -16.54 23.59
N VAL H 86 -23.20 -17.01 22.70
CA VAL H 86 -22.32 -18.17 22.96
C VAL H 86 -20.90 -17.64 22.88
N GLU H 87 -20.10 -17.90 23.88
CA GLU H 87 -18.72 -17.37 23.92
C GLU H 87 -17.93 -18.01 22.78
N GLU H 88 -17.33 -17.18 21.94
CA GLU H 88 -16.49 -17.64 20.83
C GLU H 88 -15.29 -18.39 21.40
N GLY H 89 -15.12 -19.63 21.00
CA GLY H 89 -14.04 -20.48 21.55
C GLY H 89 -14.55 -21.30 22.72
N GLY H 90 -15.80 -21.09 23.09
CA GLY H 90 -16.43 -21.78 24.22
C GLY H 90 -17.08 -23.09 23.84
N GLU H 91 -18.01 -23.54 24.66
CA GLU H 91 -18.68 -24.83 24.48
C GLU H 91 -20.17 -24.66 24.71
N ILE H 92 -20.98 -25.50 24.08
CA ILE H 92 -22.43 -25.46 24.38
C ILE H 92 -22.83 -26.90 24.71
N ASP H 93 -23.74 -27.06 25.66
CA ASP H 93 -24.25 -28.40 26.05
C ASP H 93 -25.50 -28.60 25.21
N LEU H 94 -25.47 -29.59 24.33
CA LEU H 94 -26.57 -29.86 23.38
C LEU H 94 -27.82 -30.29 24.12
N ALA H 95 -27.65 -30.73 25.36
CA ALA H 95 -28.77 -31.22 26.18
C ALA H 95 -29.74 -30.08 26.47
N HIS H 96 -29.28 -28.84 26.41
CA HIS H 96 -30.21 -27.70 26.64
C HIS H 96 -30.89 -27.35 25.33
N TYR H 97 -30.79 -28.19 24.32
CA TYR H 97 -31.38 -27.80 23.02
C TYR H 97 -32.32 -28.90 22.53
N VAL H 98 -33.35 -28.51 21.79
CA VAL H 98 -34.30 -29.50 21.22
C VAL H 98 -33.56 -30.33 20.18
N HIS H 99 -33.18 -29.72 19.07
CA HIS H 99 -32.37 -30.40 18.04
C HIS H 99 -31.68 -29.32 17.22
N PRO H 100 -30.62 -28.70 17.75
CA PRO H 100 -29.97 -27.56 17.10
C PRO H 100 -29.14 -27.78 15.84
N ARG H 101 -29.08 -26.74 15.02
CA ARG H 101 -28.30 -26.76 13.76
C ARG H 101 -27.44 -25.52 13.72
N VAL H 102 -26.40 -25.57 12.90
CA VAL H 102 -25.48 -24.42 12.77
C VAL H 102 -25.40 -23.91 11.33
N GLU H 103 -25.30 -22.61 11.18
CA GLU H 103 -25.24 -21.92 9.88
C GLU H 103 -24.12 -20.89 9.92
N PRO H 104 -23.28 -20.78 8.89
CA PRO H 104 -22.25 -19.77 8.86
C PRO H 104 -22.92 -18.49 8.37
N GLU H 105 -22.57 -17.36 8.95
CA GLU H 105 -23.22 -16.07 8.59
C GLU H 105 -22.23 -14.92 8.55
N ILE H 106 -22.75 -13.71 8.32
CA ILE H 106 -21.93 -12.48 8.35
C ILE H 106 -22.63 -11.61 9.38
N CYS H 107 -21.88 -11.04 10.32
CA CYS H 107 -22.51 -10.20 11.36
C CYS H 107 -22.08 -8.75 11.19
N TYR H 108 -23.02 -7.84 11.35
CA TYR H 108 -22.73 -6.39 11.29
C TYR H 108 -22.86 -5.80 12.69
N LEU H 109 -21.96 -4.94 13.11
CA LEU H 109 -22.11 -4.26 14.41
C LEU H 109 -22.44 -2.80 14.15
N LEU H 110 -23.60 -2.33 14.60
CA LEU H 110 -24.02 -0.94 14.33
C LEU H 110 -23.43 0.05 15.33
N GLY H 111 -22.77 1.09 14.84
CA GLY H 111 -22.22 2.13 15.72
C GLY H 111 -23.24 3.24 15.89
N LYS H 112 -24.21 3.29 15.00
CA LYS H 112 -25.27 4.31 15.05
C LYS H 112 -26.61 3.67 14.75
N ARG H 113 -27.66 4.40 15.06
CA ARG H 113 -29.06 3.99 14.86
C ARG H 113 -29.35 3.95 13.35
N LEU H 114 -30.07 2.93 12.93
CA LEU H 114 -30.46 2.71 11.52
C LEU H 114 -31.95 2.48 11.51
N GLU H 115 -32.71 3.23 10.73
CA GLU H 115 -34.16 2.99 10.78
C GLU H 115 -34.81 3.11 9.40
N GLY H 116 -35.86 2.33 9.21
CA GLY H 116 -36.74 2.43 8.05
C GLY H 116 -36.14 2.00 6.74
N ASN H 117 -36.51 2.72 5.69
CA ASN H 117 -36.12 2.42 4.30
C ASN H 117 -34.79 3.10 4.04
N VAL H 118 -33.70 2.33 4.03
CA VAL H 118 -32.32 2.88 3.89
C VAL H 118 -31.59 2.31 2.68
N THR H 119 -30.68 3.09 2.12
CA THR H 119 -29.89 2.62 0.96
C THR H 119 -28.69 1.83 1.48
N PRO H 120 -27.95 1.12 0.62
CA PRO H 120 -26.76 0.41 1.06
C PRO H 120 -25.79 1.42 1.63
N LEU H 121 -25.61 2.54 0.94
CA LEU H 121 -24.74 3.65 1.36
C LEU H 121 -25.11 4.13 2.76
N GLU H 122 -26.39 4.30 3.08
CA GLU H 122 -26.77 4.80 4.42
C GLU H 122 -26.58 3.70 5.45
N ALA H 123 -26.78 2.44 5.08
CA ALA H 123 -26.62 1.33 6.04
C ALA H 123 -25.19 1.28 6.59
N LEU H 124 -24.21 1.26 5.72
CA LEU H 124 -22.80 1.09 6.12
C LEU H 124 -22.27 2.30 6.86
N ALA H 125 -22.93 3.43 6.71
CA ALA H 125 -22.48 4.64 7.41
C ALA H 125 -22.79 4.48 8.90
N ALA H 126 -23.64 3.53 9.24
CA ALA H 126 -24.03 3.30 10.64
C ALA H 126 -23.33 2.07 11.18
N VAL H 127 -22.52 1.41 10.37
CA VAL H 127 -21.85 0.17 10.81
C VAL H 127 -20.50 0.45 11.48
N GLU H 128 -20.27 -0.14 12.65
CA GLU H 128 -18.99 0.03 13.39
C GLU H 128 -18.00 -0.95 12.80
N ALA H 129 -18.42 -2.19 12.67
CA ALA H 129 -17.50 -3.20 12.18
C ALA H 129 -18.27 -4.37 11.65
N VAL H 130 -17.58 -5.25 10.94
CA VAL H 130 -18.22 -6.46 10.37
C VAL H 130 -17.40 -7.66 10.79
N ALA H 131 -18.03 -8.83 10.89
CA ALA H 131 -17.27 -10.00 11.31
C ALA H 131 -17.97 -11.26 10.83
N PRO H 132 -17.27 -12.40 10.78
CA PRO H 132 -17.87 -13.66 10.42
C PRO H 132 -18.61 -14.22 11.65
N ALA H 133 -19.50 -15.16 11.45
CA ALA H 133 -20.30 -15.67 12.58
C ALA H 133 -20.92 -17.02 12.25
N MET H 134 -21.64 -17.57 13.21
CA MET H 134 -22.41 -18.80 13.07
C MET H 134 -23.67 -18.62 13.89
N GLU H 135 -24.81 -18.94 13.31
CA GLU H 135 -26.07 -18.87 14.07
C GLU H 135 -26.41 -20.30 14.50
N ILE H 136 -26.74 -20.50 15.76
CA ILE H 136 -27.18 -21.83 16.26
C ILE H 136 -28.70 -21.83 16.31
N ILE H 137 -29.33 -22.31 15.26
CA ILE H 137 -30.81 -22.29 15.13
C ILE H 137 -31.39 -23.58 15.71
N ASP H 138 -32.56 -23.46 16.28
CA ASP H 138 -33.19 -24.62 16.94
C ASP H 138 -34.68 -24.42 16.79
N SER H 139 -35.35 -25.39 16.19
CA SER H 139 -36.83 -25.36 16.06
C SER H 139 -37.41 -26.08 17.26
N ARG H 140 -38.27 -25.41 18.01
CA ARG H 140 -38.87 -25.99 19.24
C ARG H 140 -40.08 -26.86 18.89
N TYR H 141 -40.31 -27.12 17.60
CA TYR H 141 -41.49 -27.92 17.22
C TYR H 141 -41.06 -29.36 16.95
N ARG H 142 -41.95 -30.32 17.14
CA ARG H 142 -41.61 -31.73 16.86
C ARG H 142 -42.28 -32.14 15.54
N ASP H 143 -41.56 -32.87 14.70
CA ASP H 143 -42.07 -33.34 13.38
C ASP H 143 -42.69 -32.14 12.67
N PHE H 144 -41.90 -31.08 12.51
CA PHE H 144 -42.39 -29.82 11.96
C PHE H 144 -42.72 -29.90 10.48
N LYS H 145 -44.00 -29.74 10.17
CA LYS H 145 -44.43 -29.60 8.76
C LYS H 145 -44.45 -28.09 8.62
N PHE H 146 -43.60 -27.54 7.75
CA PHE H 146 -43.45 -26.06 7.63
C PHE H 146 -44.78 -25.31 7.56
N SER H 147 -44.90 -24.32 8.44
CA SER H 147 -46.00 -23.34 8.48
C SER H 147 -45.34 -22.00 8.67
N LEU H 148 -45.61 -21.00 7.83
CA LEU H 148 -44.89 -19.72 7.98
C LEU H 148 -45.11 -19.11 9.36
N PRO H 149 -46.35 -18.97 9.84
CA PRO H 149 -46.61 -18.40 11.15
C PRO H 149 -46.02 -19.23 12.30
N ASP H 150 -45.92 -20.54 12.13
CA ASP H 150 -45.29 -21.36 13.18
C ASP H 150 -43.84 -20.91 13.37
N VAL H 151 -43.11 -20.62 12.30
CA VAL H 151 -41.69 -20.22 12.46
C VAL H 151 -41.63 -18.81 13.03
N ILE H 152 -42.47 -17.92 12.56
CA ILE H 152 -42.45 -16.51 13.04
C ILE H 152 -42.74 -16.47 14.53
N ALA H 153 -43.69 -17.26 14.98
CA ALA H 153 -44.08 -17.30 16.40
C ALA H 153 -42.98 -17.94 17.22
N ASP H 154 -42.15 -18.76 16.59
CA ASP H 154 -41.03 -19.43 17.28
C ASP H 154 -39.77 -18.58 17.12
N ASN H 155 -39.95 -17.27 16.95
CA ASN H 155 -38.83 -16.31 16.87
C ASN H 155 -37.83 -16.72 15.80
N ALA H 156 -38.30 -17.21 14.66
CA ALA H 156 -37.50 -17.63 13.49
C ALA H 156 -36.38 -18.57 13.87
N SER H 157 -36.65 -19.46 14.82
CA SER H 157 -35.73 -20.51 15.33
C SER H 157 -34.49 -19.94 16.02
N SER H 158 -34.52 -18.69 16.46
CA SER H 158 -33.33 -18.11 17.12
C SER H 158 -33.04 -18.84 18.43
N SER H 159 -31.77 -19.18 18.66
CA SER H 159 -31.39 -19.94 19.87
C SER H 159 -29.99 -19.51 20.33
N GLY H 160 -29.01 -19.55 19.45
CA GLY H 160 -27.65 -19.17 19.83
C GLY H 160 -26.93 -18.45 18.72
N PHE H 161 -25.86 -17.75 19.06
CA PHE H 161 -25.05 -17.02 18.09
C PHE H 161 -23.63 -16.89 18.62
N VAL H 162 -22.66 -16.94 17.74
CA VAL H 162 -21.23 -16.82 18.08
C VAL H 162 -20.62 -16.00 16.94
N VAL H 163 -19.81 -15.00 17.28
CA VAL H 163 -19.24 -14.04 16.30
C VAL H 163 -17.72 -14.10 16.30
N GLY H 164 -17.08 -13.77 15.20
CA GLY H 164 -15.62 -13.74 15.15
C GLY H 164 -15.04 -12.38 15.43
N ALA H 165 -13.88 -12.12 14.85
CA ALA H 165 -13.06 -10.92 15.08
C ALA H 165 -13.59 -9.67 14.38
N TRP H 166 -13.32 -8.53 14.99
CA TRP H 166 -13.69 -7.19 14.48
C TRP H 166 -12.95 -6.96 13.16
N HIS H 167 -13.65 -6.46 12.16
CA HIS H 167 -13.04 -6.15 10.85
C HIS H 167 -13.46 -4.75 10.42
N LYS H 168 -12.70 -4.10 9.57
CA LYS H 168 -13.05 -2.75 9.12
C LYS H 168 -14.46 -2.73 8.55
N PRO H 169 -15.29 -1.73 8.85
CA PRO H 169 -16.63 -1.65 8.30
C PRO H 169 -16.64 -1.58 6.76
N GLU H 170 -15.63 -0.98 6.14
CA GLU H 170 -15.56 -0.92 4.68
C GLU H 170 -14.99 -2.23 4.12
N THR H 171 -14.87 -3.29 4.91
CA THR H 171 -14.36 -4.53 4.28
C THR H 171 -15.40 -5.01 3.29
N ASP H 172 -14.98 -5.44 2.11
CA ASP H 172 -15.89 -6.00 1.09
C ASP H 172 -16.27 -7.42 1.49
N VAL H 173 -17.53 -7.62 1.79
CA VAL H 173 -18.12 -8.89 2.26
C VAL H 173 -19.07 -9.47 1.20
N SER H 174 -19.05 -8.87 0.02
CA SER H 174 -19.93 -9.21 -1.12
C SER H 174 -19.72 -10.64 -1.60
N ASN H 175 -18.50 -11.12 -1.68
CA ASN H 175 -18.32 -12.47 -2.22
C ASN H 175 -17.16 -13.17 -1.51
N LEU H 176 -17.29 -13.38 -0.21
CA LEU H 176 -16.20 -14.03 0.56
C LEU H 176 -16.48 -15.52 0.72
N GLY H 177 -15.48 -16.32 0.41
CA GLY H 177 -15.53 -17.78 0.53
C GLY H 177 -15.80 -18.20 1.95
N MET H 178 -16.61 -19.22 2.12
CA MET H 178 -16.97 -19.59 3.49
C MET H 178 -16.89 -21.11 3.67
N VAL H 179 -16.15 -21.56 4.65
CA VAL H 179 -16.08 -23.01 4.94
C VAL H 179 -16.54 -23.25 6.37
N MET H 180 -17.59 -24.02 6.57
CA MET H 180 -18.02 -24.37 7.95
C MET H 180 -17.54 -25.79 8.17
N SER H 181 -16.82 -26.08 9.25
CA SER H 181 -16.37 -27.47 9.37
C SER H 181 -16.66 -28.09 10.73
N PHE H 182 -16.67 -29.41 10.75
CA PHE H 182 -16.83 -30.18 11.99
C PHE H 182 -15.54 -30.96 12.13
N ASP H 183 -14.79 -30.73 13.20
CA ASP H 183 -13.52 -31.43 13.48
C ASP H 183 -12.55 -31.30 12.33
N GLY H 184 -12.46 -30.13 11.72
CA GLY H 184 -11.49 -29.87 10.64
C GLY H 184 -11.94 -30.34 9.29
N ARG H 185 -13.11 -30.93 9.19
CA ARG H 185 -13.55 -31.41 7.87
C ARG H 185 -14.76 -30.61 7.45
N ALA H 186 -14.74 -30.07 6.24
CA ALA H 186 -15.81 -29.21 5.71
C ALA H 186 -17.18 -29.89 5.70
N VAL H 187 -18.18 -29.22 6.27
CA VAL H 187 -19.57 -29.75 6.20
C VAL H 187 -20.36 -28.94 5.18
N GLU H 188 -20.06 -27.65 5.02
CA GLU H 188 -20.76 -26.84 4.00
C GLU H 188 -19.78 -25.87 3.38
N LEU H 189 -19.83 -25.69 2.08
CA LEU H 189 -18.95 -24.77 1.32
C LEU H 189 -19.83 -23.69 0.73
N GLY H 190 -19.39 -22.45 0.75
CA GLY H 190 -20.24 -21.39 0.19
C GLY H 190 -19.53 -20.07 0.08
N THR H 191 -20.30 -19.04 -0.17
CA THR H 191 -19.77 -17.66 -0.26
C THR H 191 -20.74 -16.76 0.47
N SER H 192 -20.28 -15.59 0.90
CA SER H 192 -21.15 -14.62 1.60
C SER H 192 -22.13 -14.03 0.59
N ALA H 193 -21.89 -14.31 -0.70
CA ALA H 193 -22.72 -13.81 -1.82
C ALA H 193 -24.10 -14.45 -1.76
N ALA H 194 -24.20 -15.57 -1.05
CA ALA H 194 -25.48 -16.28 -0.86
C ALA H 194 -26.45 -15.43 -0.04
N ILE H 195 -25.95 -14.51 0.76
CA ILE H 195 -26.90 -13.70 1.58
C ILE H 195 -27.47 -12.60 0.72
N LEU H 196 -28.58 -12.82 0.00
CA LEU H 196 -29.29 -11.84 -0.88
C LEU H 196 -28.46 -11.29 -2.04
N GLY H 197 -27.39 -11.94 -2.46
CA GLY H 197 -26.60 -11.35 -3.53
C GLY H 197 -25.45 -10.55 -2.99
N SER H 198 -25.60 -9.99 -1.79
CA SER H 198 -24.60 -9.20 -1.01
C SER H 198 -25.20 -8.88 0.36
N PRO H 199 -24.48 -9.14 1.46
CA PRO H 199 -25.01 -8.94 2.80
C PRO H 199 -25.48 -7.54 3.20
N ILE H 200 -24.94 -6.48 2.63
CA ILE H 200 -25.41 -5.13 2.99
C ILE H 200 -26.90 -5.05 2.66
N ARG H 201 -27.37 -5.89 1.76
CA ARG H 201 -28.79 -5.86 1.38
C ARG H 201 -29.58 -6.41 2.55
N ALA H 202 -29.01 -7.37 3.25
CA ALA H 202 -29.66 -8.00 4.41
C ALA H 202 -29.72 -7.02 5.58
N LEU H 203 -28.74 -6.13 5.70
CA LEU H 203 -28.79 -5.12 6.77
C LEU H 203 -29.89 -4.14 6.40
N VAL H 204 -29.99 -3.77 5.13
CA VAL H 204 -31.06 -2.85 4.66
C VAL H 204 -32.41 -3.50 4.92
N ALA H 205 -32.51 -4.79 4.63
CA ALA H 205 -33.77 -5.53 4.83
C ALA H 205 -34.13 -5.55 6.30
N ALA H 206 -33.16 -5.70 7.18
CA ALA H 206 -33.44 -5.70 8.62
C ALA H 206 -34.07 -4.38 9.04
N ALA H 207 -33.58 -3.27 8.52
CA ALA H 207 -34.12 -1.95 8.91
C ALA H 207 -35.54 -1.77 8.37
N ARG H 208 -35.81 -2.24 7.17
CA ARG H 208 -37.15 -2.12 6.56
C ARG H 208 -38.11 -3.02 7.33
N LEU H 209 -37.65 -4.18 7.78
CA LEU H 209 -38.51 -5.12 8.52
C LEU H 209 -38.81 -4.58 9.91
N ALA H 210 -37.81 -4.02 10.59
CA ALA H 210 -38.02 -3.48 11.95
C ALA H 210 -39.01 -2.33 11.90
N ALA H 211 -38.98 -1.59 10.80
CA ALA H 211 -39.86 -0.41 10.67
C ALA H 211 -41.30 -0.88 10.51
N GLN H 212 -41.49 -2.13 10.14
CA GLN H 212 -42.87 -2.61 9.96
C GLN H 212 -43.50 -2.78 11.34
N GLN H 213 -42.68 -3.09 12.33
CA GLN H 213 -43.15 -3.30 13.72
C GLN H 213 -42.80 -2.07 14.56
N GLY H 214 -42.60 -0.93 13.93
CA GLY H 214 -42.31 0.34 14.63
C GLY H 214 -41.06 0.29 15.45
N GLU H 215 -40.08 -0.50 15.03
CA GLU H 215 -38.77 -0.61 15.71
C GLU H 215 -37.68 -0.09 14.79
N ALA H 216 -36.49 0.09 15.35
CA ALA H 216 -35.30 0.55 14.59
C ALA H 216 -34.15 -0.40 14.91
N LEU H 217 -33.04 -0.21 14.21
CA LEU H 217 -31.84 -0.96 14.55
C LEU H 217 -31.07 0.00 15.44
N GLU H 218 -31.07 -0.25 16.73
CA GLU H 218 -30.46 0.70 17.68
C GLU H 218 -28.93 0.65 17.63
N ALA H 219 -28.29 1.70 18.09
CA ALA H 219 -26.82 1.68 18.12
C ALA H 219 -26.36 0.53 19.01
N GLY H 220 -25.38 -0.24 18.58
CA GLY H 220 -24.82 -1.35 19.35
C GLY H 220 -25.46 -2.66 19.04
N SER H 221 -26.41 -2.66 18.12
CA SER H 221 -27.14 -3.89 17.75
C SER H 221 -26.24 -4.84 16.98
N LEU H 222 -26.47 -6.12 17.14
CA LEU H 222 -25.76 -7.13 16.32
C LEU H 222 -26.76 -7.64 15.29
N ILE H 223 -26.41 -7.55 14.02
CA ILE H 223 -27.31 -8.06 12.94
C ILE H 223 -26.68 -9.27 12.29
N LEU H 224 -27.38 -10.39 12.31
CA LEU H 224 -26.93 -11.59 11.58
C LEU H 224 -27.53 -11.44 10.18
N ALA H 225 -26.68 -11.19 9.18
CA ALA H 225 -27.08 -10.93 7.79
C ALA H 225 -27.91 -12.06 7.20
N GLY H 226 -27.58 -13.30 7.49
CA GLY H 226 -28.33 -14.44 6.94
C GLY H 226 -27.42 -15.60 6.70
N ALA H 227 -27.97 -16.80 6.56
CA ALA H 227 -27.14 -18.01 6.36
C ALA H 227 -26.51 -18.04 4.97
N ALA H 228 -25.25 -18.42 4.87
CA ALA H 228 -24.58 -18.47 3.56
C ALA H 228 -24.65 -19.88 3.01
N THR H 229 -24.82 -20.85 3.89
CA THR H 229 -24.97 -22.23 3.41
C THR H 229 -26.15 -22.88 4.12
N ALA H 230 -26.34 -24.16 3.89
CA ALA H 230 -27.43 -24.86 4.58
C ALA H 230 -26.96 -25.15 6.01
N ALA H 231 -27.88 -25.10 6.95
CA ALA H 231 -27.58 -25.40 8.35
C ALA H 231 -27.26 -26.89 8.49
N VAL H 232 -26.32 -27.24 9.35
CA VAL H 232 -25.96 -28.66 9.57
C VAL H 232 -26.31 -29.03 11.01
N ALA H 233 -26.87 -30.21 11.17
CA ALA H 233 -27.28 -30.71 12.50
C ALA H 233 -26.05 -30.80 13.38
N LEU H 234 -26.17 -30.40 14.62
CA LEU H 234 -25.03 -30.45 15.55
C LEU H 234 -25.04 -31.78 16.28
N ARG H 235 -23.87 -32.28 16.65
CA ARG H 235 -23.77 -33.54 17.44
C ARG H 235 -22.79 -33.32 18.59
N PRO H 236 -22.75 -34.17 19.64
CA PRO H 236 -21.84 -33.94 20.74
C PRO H 236 -20.38 -34.25 20.45
N GLY H 237 -19.50 -33.52 21.14
CA GLY H 237 -18.05 -33.69 21.06
C GLY H 237 -17.43 -33.23 19.77
N ILE H 238 -17.99 -32.20 19.14
CA ILE H 238 -17.38 -31.77 17.85
C ILE H 238 -16.79 -30.39 18.04
N SER H 239 -15.78 -30.08 17.24
CA SER H 239 -15.19 -28.72 17.18
C SER H 239 -15.84 -28.07 15.97
N VAL H 240 -16.66 -27.05 16.15
CA VAL H 240 -17.32 -26.44 14.98
C VAL H 240 -16.62 -25.14 14.61
N ARG H 241 -16.15 -25.06 13.38
CA ARG H 241 -15.38 -23.89 12.92
C ARG H 241 -15.98 -23.29 11.65
N CYS H 242 -15.89 -21.98 11.54
CA CYS H 242 -16.35 -21.27 10.35
C CYS H 242 -15.19 -20.38 9.89
N GLU H 243 -14.64 -20.70 8.72
CA GLU H 243 -13.51 -19.95 8.15
C GLU H 243 -14.00 -19.13 6.96
N VAL H 244 -13.76 -17.83 6.98
CA VAL H 244 -14.27 -16.94 5.91
C VAL H 244 -13.10 -16.16 5.31
N GLN H 245 -13.09 -16.00 3.99
CA GLN H 245 -12.05 -15.27 3.25
C GLN H 245 -11.95 -13.84 3.75
N ASN H 246 -10.75 -13.41 4.11
CA ASN H 246 -10.41 -12.05 4.60
C ASN H 246 -11.07 -11.72 5.94
N LEU H 247 -11.72 -12.66 6.60
CA LEU H 247 -12.41 -12.31 7.86
C LEU H 247 -11.93 -13.24 8.97
N GLY H 248 -10.98 -14.12 8.69
CA GLY H 248 -10.53 -15.05 9.72
C GLY H 248 -11.55 -16.11 10.02
N SER H 249 -11.57 -16.62 11.23
CA SER H 249 -12.54 -17.67 11.55
C SER H 249 -13.05 -17.48 12.97
N LEU H 250 -13.94 -18.37 13.35
CA LEU H 250 -14.54 -18.42 14.70
C LEU H 250 -14.90 -19.87 14.97
N SER H 251 -14.89 -20.29 16.23
CA SER H 251 -15.21 -21.70 16.49
C SER H 251 -15.87 -21.85 17.85
N PHE H 252 -16.45 -23.01 18.06
CA PHE H 252 -17.15 -23.40 19.31
C PHE H 252 -17.26 -24.91 19.30
N SER H 253 -17.36 -25.50 20.47
CA SER H 253 -17.44 -26.96 20.49
C SER H 253 -18.70 -27.39 21.23
N THR H 254 -19.03 -28.66 21.10
CA THR H 254 -20.21 -29.21 21.78
C THR H 254 -19.69 -30.22 22.77
N THR H 255 -20.33 -30.33 23.93
CA THR H 255 -19.88 -31.30 24.94
C THR H 255 -20.14 -32.72 24.45
N GLY H 256 -19.34 -33.67 24.95
CA GLY H 256 -19.51 -35.10 24.60
C GLY H 256 -20.42 -35.79 25.60
N GLU H 257 -20.54 -37.11 25.54
CA GLU H 257 -21.47 -37.80 26.49
C GLU H 257 -20.68 -38.34 27.69
N ALA I 1 10.49 29.56 49.92
CA ALA I 1 10.51 31.02 49.63
C ALA I 1 11.61 31.68 50.46
N ALA I 2 12.46 32.52 49.86
CA ALA I 2 13.57 33.15 50.59
C ALA I 2 14.10 34.33 49.80
N MET I 3 14.86 35.18 50.47
CA MET I 3 15.45 36.37 49.85
C MET I 3 16.46 35.94 48.80
N LYS I 4 17.17 34.85 49.06
CA LYS I 4 18.18 34.33 48.12
C LYS I 4 17.48 33.76 46.88
N ILE I 5 16.37 33.09 47.09
CA ILE I 5 15.61 32.50 45.96
C ILE I 5 15.15 33.63 45.05
N SER I 6 14.65 34.72 45.62
CA SER I 6 14.16 35.84 44.78
C SER I 6 15.31 36.52 44.09
N ARG I 7 16.41 36.70 44.78
CA ARG I 7 17.58 37.44 44.25
C ARG I 7 18.16 36.69 43.06
N ILE I 8 18.28 35.38 43.15
CA ILE I 8 18.85 34.56 42.04
C ILE I 8 17.87 34.48 40.87
N ALA I 9 16.58 34.29 41.14
CA ALA I 9 15.60 34.20 40.06
C ALA I 9 15.68 35.48 39.23
N GLN I 10 15.58 36.61 39.90
CA GLN I 10 15.62 37.94 39.24
C GLN I 10 16.94 38.15 38.50
N ARG I 11 18.03 37.67 39.06
CA ARG I 11 19.34 37.79 38.40
C ARG I 11 19.36 36.91 37.15
N LEU I 12 18.75 35.74 37.24
CA LEU I 12 18.77 34.82 36.08
C LEU I 12 17.81 35.33 35.02
N ASP I 13 16.74 35.98 35.43
CA ASP I 13 15.74 36.48 34.47
C ASP I 13 16.26 37.68 33.70
N GLU I 14 17.15 38.48 34.28
CA GLU I 14 17.65 39.67 33.56
C GLU I 14 18.79 39.24 32.65
N ALA I 15 19.51 38.19 33.04
CA ALA I 15 20.55 37.65 32.14
C ALA I 15 19.85 37.26 30.84
N ALA I 16 18.79 36.48 30.98
CA ALA I 16 17.96 36.07 29.83
C ALA I 16 17.49 37.29 29.06
N VAL I 17 16.86 38.24 29.74
CA VAL I 17 16.30 39.43 29.04
C VAL I 17 17.40 40.28 28.43
N SER I 18 18.49 40.53 29.15
CA SER I 18 19.58 41.37 28.61
C SER I 18 20.46 40.60 27.63
N GLY I 19 20.64 39.31 27.82
CA GLY I 19 21.52 38.54 26.92
C GLY I 19 22.95 38.67 27.40
N LYS I 20 23.11 38.95 28.68
CA LYS I 20 24.45 39.10 29.28
C LYS I 20 24.60 38.01 30.32
N ALA I 21 25.74 37.34 30.33
CA ALA I 21 25.99 36.23 31.27
C ALA I 21 25.99 36.70 32.72
N THR I 22 25.68 35.79 33.62
CA THR I 22 25.67 36.12 35.05
C THR I 22 26.41 35.02 35.79
N PRO I 23 27.09 35.33 36.90
CA PRO I 23 27.92 34.35 37.59
C PRO I 23 27.15 33.22 38.26
N GLN I 24 27.85 32.14 38.56
CA GLN I 24 27.21 30.95 39.18
C GLN I 24 27.22 31.05 40.70
N LEU I 25 26.41 30.23 41.35
CA LEU I 25 26.32 30.25 42.83
C LEU I 25 27.49 29.51 43.45
N THR I 26 28.17 30.17 44.38
CA THR I 26 29.30 29.55 45.11
C THR I 26 29.22 29.99 46.58
N GLY I 27 29.09 29.02 47.49
CA GLY I 27 29.02 29.26 48.95
C GLY I 27 27.78 29.99 49.43
N ASP I 28 27.74 31.32 49.25
CA ASP I 28 26.62 32.14 49.76
C ASP I 28 25.42 31.94 48.87
N ASP I 29 25.67 31.87 47.56
CA ASP I 29 24.60 31.65 46.56
C ASP I 29 24.49 30.15 46.27
N ALA I 30 25.26 29.32 46.96
CA ALA I 30 25.21 27.85 46.77
C ALA I 30 23.77 27.41 46.94
N VAL I 31 23.22 26.64 46.01
CA VAL I 31 21.77 26.33 46.17
C VAL I 31 21.48 24.83 46.30
N THR I 32 20.40 24.46 46.99
CA THR I 32 19.91 23.08 47.09
C THR I 32 19.19 22.76 45.78
N VAL I 33 19.10 21.47 45.46
CA VAL I 33 18.35 21.07 44.25
C VAL I 33 16.94 21.58 44.48
N ARG I 34 16.49 21.48 45.73
CA ARG I 34 15.14 21.96 46.12
C ARG I 34 15.16 23.48 46.03
N GLU I 35 16.30 24.10 46.24
CA GLU I 35 16.27 25.56 46.12
C GLU I 35 16.08 25.91 44.65
N ALA I 36 16.78 25.19 43.77
CA ALA I 36 16.77 25.43 42.31
C ALA I 36 15.36 25.27 41.75
N ALA I 37 14.61 24.33 42.30
CA ALA I 37 13.23 24.10 41.84
C ALA I 37 12.44 25.39 42.02
N GLU I 38 12.58 26.01 43.19
CA GLU I 38 11.84 27.26 43.48
C GLU I 38 12.37 28.37 42.58
N ILE I 39 13.67 28.39 42.35
CA ILE I 39 14.18 29.47 41.47
C ILE I 39 13.65 29.24 40.07
N GLN I 40 13.56 27.97 39.64
CA GLN I 40 13.05 27.61 38.31
C GLN I 40 11.63 28.13 38.20
N ARG I 41 10.79 27.91 39.20
CA ARG I 41 9.40 28.40 39.13
C ARG I 41 9.34 29.93 39.07
N LEU I 42 10.19 30.63 39.81
CA LEU I 42 10.10 32.11 39.81
C LEU I 42 10.60 32.65 38.49
N LEU I 43 11.59 31.98 37.93
CA LEU I 43 12.16 32.38 36.63
C LEU I 43 11.06 32.35 35.57
N ILE I 44 10.15 31.40 35.66
CA ILE I 44 9.08 31.28 34.63
C ILE I 44 8.00 32.31 34.94
N ALA I 45 7.71 32.47 36.23
CA ALA I 45 6.71 33.46 36.68
C ALA I 45 7.12 34.84 36.18
N HIS I 46 8.41 35.12 36.12
CA HIS I 46 8.83 36.43 35.57
C HIS I 46 8.31 36.54 34.15
N ARG I 47 8.44 35.48 33.35
CA ARG I 47 7.99 35.46 31.94
C ARG I 47 6.47 35.56 31.86
N ILE I 48 5.76 34.86 32.71
CA ILE I 48 4.27 34.90 32.66
C ILE I 48 3.82 36.30 33.00
N GLU I 49 4.58 36.99 33.84
CA GLU I 49 4.21 38.35 34.26
C GLU I 49 4.38 39.30 33.09
N ARG I 50 5.23 38.96 32.13
CA ARG I 50 5.39 39.86 30.97
C ARG I 50 4.43 39.44 29.86
N GLY I 51 3.51 38.53 30.14
CA GLY I 51 2.49 38.18 29.12
C GLY I 51 2.68 36.84 28.46
N ALA I 52 3.82 36.19 28.68
CA ALA I 52 4.05 34.86 28.08
C ALA I 52 3.28 33.80 28.86
N ARG I 53 3.05 32.65 28.25
CA ARG I 53 2.33 31.59 28.98
C ARG I 53 3.10 30.28 28.86
N GLN I 54 2.82 29.33 29.73
CA GLN I 54 3.51 28.03 29.61
C GLN I 54 2.92 27.31 28.41
N VAL I 55 3.77 26.70 27.56
CA VAL I 55 3.27 25.99 26.35
C VAL I 55 3.84 24.59 26.23
N GLY I 56 4.70 24.15 27.13
CA GLY I 56 5.22 22.79 26.95
C GLY I 56 6.31 22.45 27.92
N LEU I 57 7.12 21.47 27.59
CA LEU I 57 8.20 21.00 28.47
C LEU I 57 9.36 20.52 27.61
N LYS I 58 10.55 20.52 28.16
CA LYS I 58 11.71 19.96 27.45
C LYS I 58 12.42 19.05 28.42
N MET I 59 12.89 17.89 27.96
CA MET I 59 13.60 16.97 28.85
C MET I 59 15.09 17.18 28.62
N GLY I 60 15.88 17.10 29.69
CA GLY I 60 17.34 17.20 29.60
C GLY I 60 17.96 15.92 30.12
N PHE I 61 19.18 15.63 29.70
CA PHE I 61 19.96 14.43 30.10
C PHE I 61 19.21 13.16 29.71
N THR I 62 18.68 13.13 28.49
CA THR I 62 17.82 12.05 27.98
C THR I 62 18.67 10.88 27.47
N SER I 63 19.60 10.37 28.27
CA SER I 63 20.34 9.12 27.97
C SER I 63 21.12 8.77 29.22
N ARG I 64 21.27 7.48 29.47
CA ARG I 64 22.01 6.98 30.63
C ARG I 64 23.47 7.38 30.49
N ALA I 65 23.94 7.49 29.26
CA ALA I 65 25.32 7.94 29.09
C ALA I 65 25.43 9.37 29.61
N LYS I 66 24.42 10.18 29.33
CA LYS I 66 24.44 11.62 29.72
C LYS I 66 24.34 11.75 31.23
N MET I 67 23.44 11.02 31.86
CA MET I 67 23.33 11.09 33.32
C MET I 67 24.65 10.62 33.93
N ALA I 68 25.30 9.67 33.29
CA ALA I 68 26.57 9.11 33.79
C ALA I 68 27.67 10.16 33.74
N GLN I 69 27.73 10.89 32.65
CA GLN I 69 28.78 11.91 32.43
C GLN I 69 28.59 13.07 33.41
N MET I 70 27.36 13.38 33.80
CA MET I 70 27.15 14.50 34.74
C MET I 70 26.87 13.95 36.14
N GLY I 71 27.06 12.66 36.35
CA GLY I 71 26.82 12.10 37.69
C GLY I 71 25.42 12.39 38.21
N VAL I 72 24.40 12.19 37.39
CA VAL I 72 23.00 12.47 37.84
C VAL I 72 22.22 11.18 37.84
N SER I 73 21.12 11.10 38.57
CA SER I 73 20.36 9.83 38.58
C SER I 73 19.01 10.00 37.87
N ASP I 74 18.72 11.17 37.32
CA ASP I 74 17.42 11.36 36.62
C ASP I 74 17.54 12.52 35.63
N LEU I 75 16.61 12.65 34.69
CA LEU I 75 16.78 13.78 33.76
C LEU I 75 16.25 15.07 34.39
N ILE I 76 16.61 16.19 33.78
CA ILE I 76 16.16 17.53 34.20
C ILE I 76 15.16 18.00 33.18
N TRP I 77 14.12 18.68 33.63
CA TRP I 77 13.20 19.22 32.63
C TRP I 77 13.17 20.73 32.77
N GLY I 78 12.70 21.38 31.72
CA GLY I 78 12.55 22.83 31.65
C GLY I 78 11.15 23.15 31.21
N ARG I 79 10.69 24.33 31.55
CA ARG I 79 9.34 24.74 31.17
C ARG I 79 9.46 25.57 29.92
N LEU I 80 8.57 25.38 28.97
CA LEU I 80 8.66 26.21 27.76
C LEU I 80 7.51 27.21 27.83
N THR I 81 7.59 28.38 27.21
CA THR I 81 6.65 29.49 27.35
C THR I 81 6.56 30.15 25.99
N SER I 82 5.45 30.82 25.74
CA SER I 82 5.12 31.43 24.44
C SER I 82 6.24 32.32 23.92
N ASP I 83 7.12 32.77 24.77
CA ASP I 83 8.15 33.74 24.35
C ASP I 83 9.41 33.05 23.88
N MET I 84 9.48 31.72 24.00
CA MET I 84 10.69 31.02 23.53
C MET I 84 10.46 30.51 22.11
N TRP I 85 9.22 30.56 21.65
CA TRP I 85 8.80 30.15 20.29
C TRP I 85 9.59 30.90 19.23
N VAL I 86 10.00 30.20 18.18
CA VAL I 86 10.70 30.84 17.04
C VAL I 86 9.94 30.41 15.81
N GLU I 87 9.68 31.32 14.88
CA GLU I 87 8.95 30.92 13.66
C GLU I 87 9.82 29.97 12.85
N GLU I 88 9.31 28.79 12.50
CA GLU I 88 10.05 27.86 11.62
C GLU I 88 10.35 28.61 10.33
N GLY I 89 11.60 28.64 9.91
CA GLY I 89 11.96 29.40 8.70
C GLY I 89 12.24 30.87 9.01
N GLY I 90 12.29 31.21 10.29
CA GLY I 90 12.50 32.60 10.70
C GLY I 90 13.94 32.92 10.97
N GLU I 91 14.18 34.10 11.51
CA GLU I 91 15.55 34.56 11.82
C GLU I 91 15.59 34.90 13.30
N ILE I 92 16.76 34.78 13.90
CA ILE I 92 16.94 35.16 15.32
C ILE I 92 18.23 35.96 15.40
N ASP I 93 18.23 37.02 16.22
CA ASP I 93 19.45 37.82 16.41
C ASP I 93 20.16 37.16 17.58
N LEU I 94 21.43 36.87 17.43
CA LEU I 94 22.17 36.19 18.51
C LEU I 94 22.42 37.17 19.65
N ALA I 95 22.12 38.43 19.38
CA ALA I 95 22.32 39.54 20.33
C ALA I 95 21.37 39.43 21.50
N HIS I 96 20.22 38.79 21.35
CA HIS I 96 19.27 38.67 22.47
C HIS I 96 19.58 37.42 23.26
N TYR I 97 20.78 36.87 23.08
CA TYR I 97 21.10 35.59 23.76
C TYR I 97 22.48 35.66 24.37
N VAL I 98 22.73 34.93 25.42
CA VAL I 98 24.10 34.91 26.02
C VAL I 98 25.11 34.18 25.15
N HIS I 99 24.96 32.87 25.00
CA HIS I 99 25.83 32.07 24.10
C HIS I 99 25.05 30.84 23.63
N PRO I 100 24.03 31.00 22.79
CA PRO I 100 23.13 29.93 22.40
C PRO I 100 23.68 28.76 21.57
N ARG I 101 23.13 27.58 21.81
CA ARG I 101 23.60 26.36 21.13
C ARG I 101 22.37 25.73 20.49
N VAL I 102 22.54 24.90 19.47
CA VAL I 102 21.33 24.30 18.85
C VAL I 102 21.39 22.77 18.94
N GLU I 103 20.26 22.15 19.27
CA GLU I 103 20.11 20.68 19.45
C GLU I 103 18.93 20.18 18.62
N PRO I 104 19.04 19.03 17.92
CA PRO I 104 17.94 18.45 17.15
C PRO I 104 17.09 17.60 18.08
N GLU I 105 15.76 17.70 17.96
CA GLU I 105 14.88 16.94 18.89
C GLU I 105 13.66 16.37 18.17
N ILE I 106 12.87 15.60 18.88
CA ILE I 106 11.58 15.06 18.38
C ILE I 106 10.52 15.73 19.23
N CYS I 107 9.47 16.25 18.63
CA CYS I 107 8.47 16.99 19.43
C CYS I 107 7.13 16.27 19.37
N TYR I 108 6.40 16.26 20.47
CA TYR I 108 5.07 15.63 20.50
C TYR I 108 4.04 16.71 20.77
N LEU I 109 2.86 16.59 20.19
CA LEU I 109 1.82 17.59 20.45
C LEU I 109 0.76 16.85 21.24
N LEU I 110 0.42 17.30 22.42
CA LEU I 110 -0.58 16.51 23.16
C LEU I 110 -1.98 16.85 22.67
N GLY I 111 -2.79 15.84 22.40
CA GLY I 111 -4.16 16.08 21.97
C GLY I 111 -5.08 16.02 23.15
N LYS I 112 -4.67 15.24 24.14
CA LYS I 112 -5.39 15.06 25.42
C LYS I 112 -4.39 15.27 26.56
N ARG I 113 -4.89 15.30 27.77
CA ARG I 113 -4.00 15.52 28.93
C ARG I 113 -3.35 14.19 29.28
N LEU I 114 -2.08 14.25 29.71
CA LEU I 114 -1.30 13.08 30.11
C LEU I 114 -0.80 13.30 31.55
N GLU I 115 -1.12 12.41 32.47
CA GLU I 115 -0.71 12.67 33.87
C GLU I 115 -0.21 11.43 34.59
N GLY I 116 0.88 11.57 35.34
CA GLY I 116 1.34 10.49 36.23
C GLY I 116 2.20 9.41 35.63
N ASN I 117 2.01 8.22 36.16
CA ASN I 117 2.77 6.99 35.78
C ASN I 117 2.06 6.38 34.59
N VAL I 118 2.55 6.66 33.39
CA VAL I 118 1.92 6.19 32.14
C VAL I 118 2.82 5.23 31.38
N THR I 119 2.22 4.28 30.67
CA THR I 119 2.91 3.34 29.76
C THR I 119 3.15 4.03 28.42
N PRO I 120 4.05 3.53 27.55
CA PRO I 120 4.31 4.15 26.27
C PRO I 120 2.97 4.14 25.53
N LEU I 121 2.31 3.00 25.59
CA LEU I 121 0.93 2.78 25.11
C LEU I 121 0.01 3.96 25.43
N GLU I 122 -0.18 4.26 26.71
CA GLU I 122 -1.07 5.35 27.18
C GLU I 122 -0.53 6.71 26.77
N ALA I 123 0.78 6.86 26.67
CA ALA I 123 1.38 8.15 26.33
C ALA I 123 0.99 8.55 24.91
N LEU I 124 1.10 7.64 23.96
CA LEU I 124 0.81 7.95 22.55
C LEU I 124 -0.70 8.01 22.27
N ALA I 125 -1.51 7.55 23.20
CA ALA I 125 -2.98 7.61 23.01
C ALA I 125 -3.43 9.06 23.20
N ALA I 126 -2.62 9.84 23.89
CA ALA I 126 -2.94 11.25 24.15
C ALA I 126 -2.16 12.16 23.22
N VAL I 127 -1.42 11.59 22.28
CA VAL I 127 -0.59 12.40 21.35
C VAL I 127 -1.38 12.73 20.08
N GLU I 128 -1.33 13.97 19.60
CA GLU I 128 -2.06 14.38 18.39
C GLU I 128 -1.20 14.18 17.15
N ALA I 129 0.00 14.68 17.20
CA ALA I 129 0.87 14.50 16.03
C ALA I 129 2.31 14.52 16.51
N VAL I 130 3.26 14.29 15.62
CA VAL I 130 4.68 14.27 16.03
C VAL I 130 5.51 15.06 15.01
N ALA I 131 6.65 15.60 15.40
CA ALA I 131 7.43 16.41 14.45
C ALA I 131 8.89 16.51 14.85
N PRO I 132 9.78 16.82 13.91
CA PRO I 132 11.15 17.03 14.25
C PRO I 132 11.29 18.48 14.74
N ALA I 133 12.35 18.77 15.48
CA ALA I 133 12.50 20.13 16.04
C ALA I 133 13.94 20.43 16.37
N MET I 134 14.19 21.69 16.69
CA MET I 134 15.52 22.11 17.14
C MET I 134 15.28 22.93 18.40
N GLU I 135 16.00 22.63 19.46
CA GLU I 135 15.89 23.43 20.69
C GLU I 135 17.10 24.34 20.72
N ILE I 136 16.89 25.64 20.91
CA ILE I 136 18.02 26.58 21.09
C ILE I 136 18.21 26.68 22.59
N ILE I 137 19.33 26.23 23.11
CA ILE I 137 19.55 26.25 24.58
C ILE I 137 20.55 27.35 24.91
N ASP I 138 20.43 27.90 26.11
CA ASP I 138 21.31 29.02 26.52
C ASP I 138 21.56 28.98 28.02
N SER I 139 22.75 28.63 28.44
CA SER I 139 23.10 28.69 29.87
C SER I 139 23.29 30.17 30.17
N ARG I 140 22.58 30.71 31.13
CA ARG I 140 22.71 32.17 31.38
C ARG I 140 23.94 32.46 32.23
N TYR I 141 24.57 31.44 32.80
CA TYR I 141 25.74 31.66 33.67
C TYR I 141 27.02 31.94 32.89
N ARG I 142 27.91 32.72 33.49
CA ARG I 142 29.22 33.11 32.87
C ARG I 142 30.30 32.18 33.38
N ASP I 143 31.25 31.79 32.52
CA ASP I 143 32.38 30.89 32.90
C ASP I 143 31.79 29.65 33.59
N PHE I 144 30.76 29.05 32.99
CA PHE I 144 30.05 27.94 33.66
C PHE I 144 30.84 26.64 33.70
N LYS I 145 30.82 26.02 34.88
CA LYS I 145 31.36 24.67 35.15
C LYS I 145 30.16 23.93 35.74
N PHE I 146 29.97 22.66 35.36
CA PHE I 146 28.72 21.95 35.72
C PHE I 146 28.44 21.81 37.21
N SER I 147 27.26 22.27 37.58
CA SER I 147 26.65 22.02 38.90
C SER I 147 25.19 21.72 38.61
N LEU I 148 24.66 20.60 39.09
CA LEU I 148 23.27 20.22 38.76
C LEU I 148 22.31 21.33 39.15
N PRO I 149 22.28 21.78 40.41
CA PRO I 149 21.34 22.80 40.84
C PRO I 149 21.35 24.11 40.07
N ASP I 150 22.48 24.47 39.52
CA ASP I 150 22.43 25.72 38.75
C ASP I 150 21.52 25.52 37.56
N VAL I 151 21.61 24.44 36.85
CA VAL I 151 20.83 24.28 35.59
C VAL I 151 19.36 24.15 35.92
N ILE I 152 19.03 23.57 37.05
CA ILE I 152 17.60 23.47 37.39
C ILE I 152 17.06 24.87 37.63
N ALA I 153 17.84 25.70 38.33
CA ALA I 153 17.46 27.09 38.65
C ALA I 153 17.48 27.92 37.38
N ASP I 154 18.36 27.57 36.45
CA ASP I 154 18.47 28.30 35.17
C ASP I 154 17.49 27.74 34.14
N ASN I 155 16.49 26.99 34.59
CA ASN I 155 15.37 26.47 33.77
C ASN I 155 15.87 25.49 32.72
N ALA I 156 16.90 24.74 33.06
CA ALA I 156 17.50 23.72 32.18
C ALA I 156 17.86 24.34 30.83
N SER I 157 18.34 25.57 30.85
CA SER I 157 18.78 26.35 29.67
C SER I 157 17.69 26.60 28.63
N SER I 158 16.42 26.50 28.98
CA SER I 158 15.38 26.78 27.97
C SER I 158 15.50 28.22 27.47
N SER I 159 15.32 28.42 26.18
CA SER I 159 15.49 29.77 25.61
C SER I 159 14.75 29.84 24.27
N GLY I 160 15.02 28.90 23.37
CA GLY I 160 14.35 28.92 22.07
C GLY I 160 13.87 27.56 21.62
N PHE I 161 12.91 27.53 20.72
CA PHE I 161 12.42 26.24 20.18
C PHE I 161 11.76 26.51 18.83
N VAL I 162 12.02 25.63 17.87
CA VAL I 162 11.45 25.72 16.51
C VAL I 162 10.98 24.31 16.15
N VAL I 163 9.82 24.17 15.52
CA VAL I 163 9.27 22.81 15.24
C VAL I 163 8.99 22.68 13.75
N GLY I 164 9.05 21.47 13.21
CA GLY I 164 8.74 21.19 11.80
C GLY I 164 7.29 20.80 11.53
N ALA I 165 7.07 20.07 10.44
CA ALA I 165 5.73 19.71 9.93
C ALA I 165 5.00 18.67 10.77
N TRP I 166 3.68 18.63 10.64
CA TRP I 166 2.80 17.67 11.33
C TRP I 166 3.01 16.30 10.70
N HIS I 167 3.04 15.25 11.52
CA HIS I 167 3.22 13.85 11.06
C HIS I 167 2.29 12.99 11.89
N LYS I 168 1.75 11.91 11.33
CA LYS I 168 0.79 11.13 12.13
C LYS I 168 1.41 10.61 13.43
N PRO I 169 0.65 10.60 14.53
CA PRO I 169 1.13 10.15 15.82
C PRO I 169 1.70 8.72 15.87
N GLU I 170 1.22 7.84 15.01
CA GLU I 170 1.70 6.45 14.89
C GLU I 170 3.00 6.41 14.09
N THR I 171 3.56 7.52 13.64
CA THR I 171 4.86 7.43 12.96
C THR I 171 5.91 6.78 13.88
N ASP I 172 6.72 5.89 13.32
CA ASP I 172 7.76 5.25 14.16
C ASP I 172 8.94 6.21 14.25
N VAL I 173 9.20 6.72 15.44
CA VAL I 173 10.26 7.74 15.66
C VAL I 173 11.37 7.16 16.53
N SER I 174 11.33 5.87 16.74
CA SER I 174 12.26 5.13 17.61
C SER I 174 13.70 5.17 17.11
N ASN I 175 13.93 5.19 15.81
CA ASN I 175 15.33 5.19 15.34
C ASN I 175 15.43 5.91 14.01
N LEU I 176 15.06 7.18 13.97
CA LEU I 176 15.15 7.97 12.71
C LEU I 176 16.48 8.71 12.65
N GLY I 177 17.06 8.74 11.46
CA GLY I 177 18.32 9.45 11.29
C GLY I 177 18.14 10.95 11.40
N MET I 178 19.17 11.65 11.81
CA MET I 178 19.02 13.10 11.98
C MET I 178 20.26 13.76 11.45
N VAL I 179 20.10 14.81 10.67
CA VAL I 179 21.28 15.57 10.19
C VAL I 179 21.04 17.04 10.56
N MET I 180 21.84 17.60 11.44
CA MET I 180 21.71 19.02 11.80
C MET I 180 22.77 19.73 10.99
N SER I 181 22.43 20.80 10.29
CA SER I 181 23.49 21.41 9.48
C SER I 181 23.52 22.93 9.56
N PHE I 182 24.70 23.47 9.38
CA PHE I 182 24.88 24.93 9.31
C PHE I 182 25.28 25.19 7.87
N ASP I 183 24.50 26.00 7.17
CA ASP I 183 24.80 26.36 5.77
C ASP I 183 24.95 25.09 4.92
N GLY I 184 24.14 24.08 5.20
CA GLY I 184 24.15 22.86 4.38
C GLY I 184 25.22 21.86 4.72
N ARG I 185 26.11 22.13 5.65
CA ARG I 185 27.14 21.12 5.99
C ARG I 185 26.82 20.57 7.37
N ALA I 186 26.91 19.27 7.54
CA ALA I 186 26.49 18.67 8.81
C ALA I 186 27.39 19.09 9.96
N VAL I 187 26.77 19.46 11.07
CA VAL I 187 27.58 19.79 12.28
C VAL I 187 27.38 18.62 13.23
N GLU I 188 26.23 17.96 13.15
CA GLU I 188 25.97 16.79 14.03
C GLU I 188 25.21 15.71 13.28
N LEU I 189 25.53 14.45 13.57
CA LEU I 189 24.90 13.29 12.90
C LEU I 189 24.39 12.34 13.96
N GLY I 190 23.18 11.83 13.81
CA GLY I 190 22.71 10.89 14.83
C GLY I 190 21.34 10.34 14.51
N THR I 191 20.69 9.80 15.51
CA THR I 191 19.39 9.17 15.29
C THR I 191 18.46 9.59 16.42
N SER I 192 17.16 9.58 16.20
CA SER I 192 16.28 9.95 17.33
C SER I 192 16.31 8.85 18.37
N ALA I 193 17.03 7.77 18.08
CA ALA I 193 17.13 6.67 19.04
C ALA I 193 17.99 7.09 20.21
N ALA I 194 18.70 8.20 20.05
CA ALA I 194 19.57 8.74 21.12
C ALA I 194 18.72 9.23 22.28
N ILE I 195 17.46 9.52 22.03
CA ILE I 195 16.58 10.03 23.11
C ILE I 195 16.05 8.86 23.90
N LEU I 196 16.74 8.48 24.98
CA LEU I 196 16.39 7.38 25.91
C LEU I 196 16.24 6.03 25.21
N GLY I 197 16.78 5.83 24.02
CA GLY I 197 16.60 4.53 23.35
C GLY I 197 15.29 4.46 22.59
N SER I 198 14.34 5.31 22.91
CA SER I 198 13.02 5.36 22.21
C SER I 198 12.39 6.68 22.61
N PRO I 199 12.18 7.69 21.75
CA PRO I 199 11.59 8.95 22.19
C PRO I 199 10.34 8.93 23.07
N ILE I 200 9.46 7.97 22.88
CA ILE I 200 8.25 7.89 23.72
C ILE I 200 8.70 7.72 25.16
N ARG I 201 9.93 7.26 25.39
CA ARG I 201 10.31 7.06 26.80
C ARG I 201 10.41 8.42 27.46
N ALA I 202 10.80 9.43 26.71
CA ALA I 202 10.92 10.79 27.25
C ALA I 202 9.53 11.35 27.54
N LEU I 203 8.57 11.04 26.69
CA LEU I 203 7.20 11.51 26.93
C LEU I 203 6.71 10.87 28.21
N VAL I 204 7.04 9.62 28.45
CA VAL I 204 6.59 8.95 29.70
C VAL I 204 7.25 9.65 30.89
N ALA I 205 8.53 9.95 30.78
CA ALA I 205 9.30 10.59 31.86
C ALA I 205 8.73 11.99 32.16
N ALA I 206 8.35 12.72 31.12
CA ALA I 206 7.80 14.07 31.32
C ALA I 206 6.54 13.98 32.18
N ALA I 207 5.72 12.97 31.98
CA ALA I 207 4.52 12.90 32.81
C ALA I 207 4.93 12.58 34.25
N ARG I 208 5.96 11.77 34.41
CA ARG I 208 6.47 11.37 35.74
C ARG I 208 7.02 12.60 36.44
N LEU I 209 7.93 13.30 35.80
CA LEU I 209 8.53 14.52 36.38
C LEU I 209 7.45 15.56 36.66
N ALA I 210 6.51 15.74 35.75
CA ALA I 210 5.50 16.80 35.98
C ALA I 210 4.63 16.46 37.19
N ALA I 211 4.34 15.18 37.40
CA ALA I 211 3.46 14.78 38.51
C ALA I 211 4.15 15.03 39.84
N GLN I 212 5.48 15.00 39.82
CA GLN I 212 6.31 15.24 41.02
C GLN I 212 5.98 16.63 41.56
N GLN I 213 5.70 17.56 40.67
CA GLN I 213 5.35 18.94 41.06
C GLN I 213 3.84 19.07 40.97
N GLY I 214 3.13 17.95 41.10
CA GLY I 214 1.66 17.92 41.05
C GLY I 214 1.05 18.42 39.75
N GLU I 215 1.87 18.60 38.72
CA GLU I 215 1.50 19.14 37.39
C GLU I 215 0.98 18.03 36.47
N ALA I 216 0.71 18.35 35.22
CA ALA I 216 0.27 17.36 34.20
C ALA I 216 0.61 17.87 32.81
N LEU I 217 0.71 16.97 31.85
CA LEU I 217 0.93 17.44 30.47
C LEU I 217 -0.46 17.74 29.92
N GLU I 218 -0.86 19.00 29.83
CA GLU I 218 -2.24 19.36 29.42
C GLU I 218 -2.46 19.23 27.92
N ALA I 219 -3.70 19.10 27.48
CA ALA I 219 -4.00 19.04 26.04
C ALA I 219 -3.42 20.27 25.35
N GLY I 220 -2.73 20.08 24.24
CA GLY I 220 -2.18 21.22 23.49
C GLY I 220 -0.75 21.51 23.83
N SER I 221 -0.15 20.73 24.73
CA SER I 221 1.26 21.02 25.11
C SER I 221 2.24 20.60 24.03
N LEU I 222 3.34 21.32 23.92
CA LEU I 222 4.40 20.90 22.99
C LEU I 222 5.46 20.25 23.88
N ILE I 223 5.77 18.99 23.69
CA ILE I 223 6.81 18.37 24.53
C ILE I 223 8.07 18.14 23.69
N LEU I 224 9.16 18.79 24.04
CA LEU I 224 10.43 18.52 23.35
C LEU I 224 11.01 17.28 24.01
N ALA I 225 11.09 16.15 23.30
CA ALA I 225 11.48 14.87 23.90
C ALA I 225 12.94 14.83 24.36
N GLY I 226 13.84 15.57 23.73
CA GLY I 226 15.22 15.47 24.19
C GLY I 226 16.20 15.60 23.05
N ALA I 227 17.46 15.80 23.35
CA ALA I 227 18.43 16.03 22.25
C ALA I 227 18.96 14.75 21.63
N ALA I 228 18.87 14.61 20.34
CA ALA I 228 19.38 13.39 19.67
C ALA I 228 20.88 13.54 19.51
N THR I 229 21.38 14.75 19.40
CA THR I 229 22.85 14.92 19.31
C THR I 229 23.32 15.94 20.34
N ALA I 230 24.62 16.14 20.38
CA ALA I 230 25.23 17.15 21.25
C ALA I 230 24.90 18.51 20.65
N ALA I 231 24.79 19.54 21.48
CA ALA I 231 24.44 20.88 20.99
C ALA I 231 25.61 21.53 20.27
N VAL I 232 25.31 22.50 19.43
CA VAL I 232 26.36 23.20 18.65
C VAL I 232 26.20 24.70 18.86
N ALA I 233 27.31 25.39 19.05
CA ALA I 233 27.29 26.84 19.25
C ALA I 233 26.78 27.48 17.97
N LEU I 234 25.88 28.44 18.10
CA LEU I 234 25.33 29.12 16.93
C LEU I 234 26.21 30.31 16.58
N ARG I 235 26.27 30.65 15.31
CA ARG I 235 27.05 31.82 14.89
C ARG I 235 26.18 32.72 14.02
N PRO I 236 26.64 33.92 13.67
CA PRO I 236 25.86 34.83 12.87
C PRO I 236 25.93 34.56 11.37
N GLY I 237 24.83 34.85 10.68
CA GLY I 237 24.71 34.70 9.22
C GLY I 237 24.64 33.25 8.80
N ILE I 238 24.00 32.40 9.58
CA ILE I 238 23.99 30.98 9.16
C ILE I 238 22.57 30.47 9.01
N SER I 239 22.44 29.46 8.17
CA SER I 239 21.15 28.77 7.93
C SER I 239 21.23 27.50 8.76
N VAL I 240 20.33 27.35 9.71
CA VAL I 240 20.41 26.14 10.56
C VAL I 240 19.32 25.18 10.11
N ARG I 241 19.68 23.95 9.77
CA ARG I 241 18.63 23.02 9.31
C ARG I 241 18.71 21.68 10.04
N CYS I 242 17.55 21.08 10.26
CA CYS I 242 17.44 19.75 10.87
C CYS I 242 16.63 18.88 9.92
N GLU I 243 17.23 17.78 9.49
CA GLU I 243 16.58 16.86 8.54
C GLU I 243 16.39 15.53 9.24
N VAL I 244 15.19 14.96 9.25
CA VAL I 244 14.97 13.68 9.96
C VAL I 244 14.35 12.65 9.01
N GLN I 245 14.80 11.40 9.12
CA GLN I 245 14.29 10.28 8.31
C GLN I 245 12.79 10.17 8.54
N ASN I 246 12.03 10.21 7.46
CA ASN I 246 10.55 10.11 7.41
C ASN I 246 9.85 11.33 8.04
N LEU I 247 10.56 12.38 8.41
CA LEU I 247 9.88 13.51 9.11
C LEU I 247 10.12 14.83 8.38
N GLY I 248 10.90 14.86 7.32
CA GLY I 248 11.12 16.15 6.67
C GLY I 248 12.21 16.93 7.37
N SER I 249 12.29 18.22 7.13
CA SER I 249 13.30 19.06 7.79
C SER I 249 12.64 20.30 8.37
N LEU I 250 13.37 21.02 9.19
CA LEU I 250 12.91 22.29 9.80
C LEU I 250 14.10 23.25 9.76
N SER I 251 13.86 24.54 9.63
CA SER I 251 15.02 25.45 9.59
C SER I 251 14.72 26.82 10.19
N PHE I 252 15.79 27.58 10.41
CA PHE I 252 15.77 28.94 10.98
C PHE I 252 17.12 29.58 10.70
N SER I 253 17.22 30.90 10.68
CA SER I 253 18.56 31.47 10.43
C SER I 253 19.00 32.38 11.57
N THR I 254 20.22 32.88 11.49
CA THR I 254 20.79 33.82 12.47
C THR I 254 21.11 35.12 11.73
N THR I 255 20.90 36.27 12.36
CA THR I 255 21.16 37.57 11.67
C THR I 255 22.63 37.75 11.33
N GLY I 256 22.93 38.48 10.26
CA GLY I 256 24.34 38.73 9.93
C GLY I 256 25.00 39.74 10.85
N GLU I 257 26.33 39.76 10.86
CA GLU I 257 27.09 40.69 11.72
C GLU I 257 26.95 42.08 11.14
N MET J 3 -13.71 -12.31 59.79
CA MET J 3 -12.73 -12.18 60.89
C MET J 3 -11.42 -12.81 60.45
N LYS J 4 -11.52 -14.02 59.89
CA LYS J 4 -10.39 -14.81 59.37
C LYS J 4 -9.85 -14.19 58.09
N ILE J 5 -10.77 -13.83 57.21
CA ILE J 5 -10.41 -13.26 55.90
C ILE J 5 -9.55 -12.02 56.12
N SER J 6 -9.84 -11.22 57.14
CA SER J 6 -9.06 -9.96 57.29
C SER J 6 -7.60 -10.23 57.63
N ARG J 7 -7.33 -11.28 58.41
CA ARG J 7 -5.94 -11.54 58.85
C ARG J 7 -5.16 -12.22 57.73
N ILE J 8 -5.82 -13.09 56.98
CA ILE J 8 -5.12 -13.71 55.84
C ILE J 8 -4.77 -12.58 54.87
N ALA J 9 -5.72 -11.69 54.61
CA ALA J 9 -5.48 -10.60 53.66
C ALA J 9 -4.27 -9.79 54.12
N GLN J 10 -4.22 -9.48 55.41
CA GLN J 10 -3.12 -8.66 55.97
C GLN J 10 -1.79 -9.41 55.97
N ARG J 11 -1.77 -10.71 56.25
CA ARG J 11 -0.46 -11.40 56.17
C ARG J 11 -0.06 -11.49 54.70
N LEU J 12 -1.02 -11.74 53.83
CA LEU J 12 -0.70 -11.79 52.38
C LEU J 12 -0.20 -10.41 52.01
N ASP J 13 -0.93 -9.38 52.40
CA ASP J 13 -0.49 -8.01 52.05
C ASP J 13 0.87 -7.75 52.68
N GLU J 14 1.07 -8.13 53.94
CA GLU J 14 2.35 -7.93 54.66
C GLU J 14 3.50 -8.42 53.80
N ALA J 15 3.42 -9.66 53.32
CA ALA J 15 4.43 -10.29 52.46
C ALA J 15 4.84 -9.40 51.28
N ALA J 16 3.87 -8.79 50.62
CA ALA J 16 4.11 -7.94 49.44
C ALA J 16 4.91 -6.69 49.76
N VAL J 17 4.55 -5.97 50.81
CA VAL J 17 5.29 -4.71 51.12
C VAL J 17 6.65 -5.07 51.74
N SER J 18 6.69 -6.18 52.48
CA SER J 18 7.88 -6.71 53.18
C SER J 18 8.88 -7.36 52.23
N GLY J 19 8.39 -8.10 51.24
CA GLY J 19 9.29 -8.75 50.28
C GLY J 19 9.75 -10.08 50.80
N LYS J 20 8.95 -10.62 51.70
CA LYS J 20 9.28 -11.87 52.42
C LYS J 20 8.13 -12.84 52.30
N ALA J 21 8.42 -14.10 52.02
CA ALA J 21 7.45 -15.19 51.79
C ALA J 21 6.56 -15.47 53.00
N THR J 22 5.43 -16.11 52.76
CA THR J 22 4.49 -16.46 53.83
C THR J 22 3.86 -17.81 53.50
N PRO J 23 3.59 -18.68 54.49
CA PRO J 23 3.02 -20.00 54.24
C PRO J 23 1.65 -20.02 53.57
N GLN J 24 1.32 -21.15 52.95
CA GLN J 24 0.00 -21.29 52.28
C GLN J 24 -1.11 -21.45 53.31
N LEU J 25 -2.36 -21.16 52.90
CA LEU J 25 -3.56 -21.27 53.76
C LEU J 25 -3.78 -22.73 54.11
N THR J 26 -3.68 -23.10 55.39
CA THR J 26 -3.75 -24.52 55.82
C THR J 26 -4.71 -24.78 56.97
N GLY J 27 -5.51 -25.85 56.87
CA GLY J 27 -6.42 -26.30 57.93
C GLY J 27 -7.20 -25.19 58.62
N ASP J 28 -6.54 -24.46 59.52
CA ASP J 28 -7.19 -23.42 60.33
C ASP J 28 -7.48 -22.20 59.46
N ASP J 29 -6.47 -21.79 58.71
CA ASP J 29 -6.56 -20.61 57.82
C ASP J 29 -6.98 -21.05 56.42
N ALA J 30 -7.27 -22.34 56.22
CA ALA J 30 -7.66 -22.88 54.91
C ALA J 30 -8.81 -22.05 54.34
N VAL J 31 -8.70 -21.63 53.08
CA VAL J 31 -9.77 -20.76 52.49
C VAL J 31 -10.58 -21.49 51.42
N THR J 32 -11.78 -20.94 51.18
CA THR J 32 -12.71 -21.36 50.11
C THR J 32 -12.52 -20.40 48.92
N VAL J 33 -12.88 -20.81 47.70
CA VAL J 33 -12.77 -19.89 46.52
C VAL J 33 -13.49 -18.59 46.92
N ARG J 34 -14.72 -18.71 47.40
CA ARG J 34 -15.47 -17.55 47.91
C ARG J 34 -14.64 -16.81 48.93
N GLU J 35 -14.04 -17.52 49.88
CA GLU J 35 -13.24 -16.84 50.92
C GLU J 35 -12.12 -16.10 50.23
N ALA J 36 -11.41 -16.82 49.36
CA ALA J 36 -10.25 -16.27 48.65
C ALA J 36 -10.71 -15.05 47.86
N ALA J 37 -11.96 -15.05 47.41
CA ALA J 37 -12.49 -13.89 46.66
C ALA J 37 -12.43 -12.64 47.54
N GLU J 38 -12.86 -12.74 48.80
CA GLU J 38 -12.85 -11.53 49.66
C GLU J 38 -11.43 -11.19 50.06
N ILE J 39 -10.56 -12.17 50.22
CA ILE J 39 -9.17 -11.79 50.59
C ILE J 39 -8.59 -10.95 49.45
N GLN J 40 -8.89 -11.35 48.22
CA GLN J 40 -8.37 -10.61 47.04
C GLN J 40 -8.93 -9.20 47.07
N ARG J 41 -10.23 -9.04 47.26
CA ARG J 41 -10.81 -7.67 47.31
C ARG J 41 -10.12 -6.88 48.41
N LEU J 42 -9.99 -7.46 49.60
CA LEU J 42 -9.35 -6.76 50.75
C LEU J 42 -7.89 -6.57 50.43
N LEU J 43 -7.28 -7.53 49.76
CA LEU J 43 -5.84 -7.38 49.41
C LEU J 43 -5.63 -6.10 48.60
N ILE J 44 -6.53 -5.82 47.67
CA ILE J 44 -6.40 -4.59 46.84
C ILE J 44 -6.77 -3.38 47.69
N ALA J 45 -7.70 -3.57 48.62
CA ALA J 45 -8.14 -2.48 49.50
C ALA J 45 -6.93 -1.92 50.25
N HIS J 46 -6.03 -2.80 50.69
CA HIS J 46 -4.84 -2.31 51.40
C HIS J 46 -4.03 -1.40 50.49
N ARG J 47 -3.90 -1.77 49.21
CA ARG J 47 -3.12 -0.91 48.29
C ARG J 47 -3.84 0.42 48.08
N ILE J 48 -5.16 0.35 48.03
CA ILE J 48 -5.95 1.59 47.83
C ILE J 48 -5.64 2.54 48.97
N GLU J 49 -5.81 2.02 50.18
CA GLU J 49 -5.58 2.76 51.43
C GLU J 49 -4.24 3.45 51.36
N ARG J 50 -3.24 2.75 50.84
CA ARG J 50 -1.89 3.30 50.74
C ARG J 50 -1.84 4.39 49.68
N GLY J 51 -2.91 4.57 48.93
CA GLY J 51 -2.91 5.68 47.96
C GLY J 51 -2.78 5.28 46.51
N ALA J 52 -3.02 4.01 46.20
CA ALA J 52 -2.95 3.60 44.79
C ALA J 52 -4.36 3.28 44.30
N ARG J 53 -4.54 3.24 42.98
CA ARG J 53 -5.87 2.93 42.43
C ARG J 53 -5.78 1.73 41.50
N GLN J 54 -6.91 1.07 41.30
CA GLN J 54 -7.10 -0.07 40.36
C GLN J 54 -6.93 0.47 38.93
N VAL J 55 -6.10 -0.18 38.12
CA VAL J 55 -5.85 0.38 36.77
C VAL J 55 -6.04 -0.68 35.70
N GLY J 56 -6.36 -1.90 36.06
CA GLY J 56 -6.50 -2.91 35.00
C GLY J 56 -6.76 -4.29 35.52
N LEU J 57 -6.67 -5.27 34.66
CA LEU J 57 -6.90 -6.68 35.02
C LEU J 57 -5.80 -7.53 34.42
N LYS J 58 -5.67 -8.74 34.91
CA LYS J 58 -4.68 -9.68 34.36
C LYS J 58 -5.36 -11.02 34.34
N MET J 59 -5.26 -11.75 33.25
CA MET J 59 -5.91 -13.06 33.26
C MET J 59 -4.83 -14.10 33.51
N GLY J 60 -5.20 -15.17 34.21
CA GLY J 60 -4.28 -16.26 34.50
C GLY J 60 -4.88 -17.55 33.99
N PHE J 61 -4.02 -18.54 33.81
CA PHE J 61 -4.39 -19.86 33.26
C PHE J 61 -5.09 -19.62 31.93
N THR J 62 -4.50 -18.76 31.10
CA THR J 62 -5.12 -18.37 29.81
C THR J 62 -4.80 -19.41 28.74
N SER J 63 -5.17 -20.65 29.01
CA SER J 63 -4.86 -21.78 28.12
C SER J 63 -5.69 -22.97 28.57
N ARG J 64 -6.13 -23.83 27.67
CA ARG J 64 -6.90 -25.01 28.12
C ARG J 64 -5.88 -25.94 28.78
N ALA J 65 -4.65 -25.95 28.28
CA ALA J 65 -3.62 -26.84 28.87
C ALA J 65 -3.28 -26.37 30.27
N LYS J 66 -3.09 -25.06 30.46
CA LYS J 66 -2.76 -24.57 31.80
C LYS J 66 -3.93 -24.87 32.75
N MET J 67 -5.15 -24.75 32.28
CA MET J 67 -6.32 -24.92 33.17
C MET J 67 -6.46 -26.36 33.65
N ALA J 68 -6.43 -27.31 32.71
CA ALA J 68 -6.57 -28.76 32.99
C ALA J 68 -5.42 -29.23 33.85
N GLN J 69 -4.25 -28.63 33.65
CA GLN J 69 -3.03 -28.95 34.42
C GLN J 69 -3.20 -28.48 35.86
N MET J 70 -4.13 -27.58 36.11
CA MET J 70 -4.32 -27.10 37.50
C MET J 70 -5.70 -27.54 37.98
N GLY J 71 -6.36 -28.41 37.23
CA GLY J 71 -7.69 -28.92 37.62
C GLY J 71 -8.75 -27.85 37.81
N VAL J 72 -8.80 -26.84 36.93
CA VAL J 72 -9.85 -25.77 37.02
C VAL J 72 -10.64 -25.72 35.72
N SER J 73 -11.86 -25.20 35.71
CA SER J 73 -12.66 -25.19 34.46
C SER J 73 -12.77 -23.77 33.89
N ASP J 74 -12.21 -22.80 34.59
CA ASP J 74 -12.24 -21.40 34.11
C ASP J 74 -10.90 -20.73 34.40
N LEU J 75 -10.75 -19.49 33.94
CA LEU J 75 -9.55 -18.69 34.19
C LEU J 75 -9.67 -18.02 35.55
N ILE J 76 -8.60 -17.42 36.01
CA ILE J 76 -8.58 -16.66 37.28
C ILE J 76 -8.02 -15.28 36.94
N TRP J 77 -8.34 -14.28 37.73
CA TRP J 77 -7.74 -12.97 37.37
C TRP J 77 -7.28 -12.26 38.63
N GLY J 78 -6.60 -11.14 38.42
CA GLY J 78 -6.10 -10.30 39.51
C GLY J 78 -6.28 -8.86 39.14
N ARG J 79 -6.60 -8.00 40.10
CA ARG J 79 -6.79 -6.59 39.75
C ARG J 79 -5.42 -5.93 39.72
N LEU J 80 -5.21 -5.03 38.77
CA LEU J 80 -3.93 -4.33 38.71
C LEU J 80 -4.11 -2.97 39.34
N THR J 81 -3.11 -2.53 40.11
CA THR J 81 -3.11 -1.23 40.81
C THR J 81 -1.96 -0.40 40.30
N SER J 82 -2.00 0.91 40.52
CA SER J 82 -0.95 1.83 40.00
C SER J 82 0.43 1.58 40.60
N ASP J 83 0.53 0.94 41.76
CA ASP J 83 1.86 0.76 42.39
C ASP J 83 2.60 -0.40 41.75
N MET J 84 1.89 -1.25 41.02
CA MET J 84 2.48 -2.40 40.29
C MET J 84 3.09 -1.91 38.99
N TRP J 85 2.82 -0.67 38.60
CA TRP J 85 3.36 -0.08 37.36
C TRP J 85 4.87 -0.01 37.41
N VAL J 86 5.52 -0.33 36.30
CA VAL J 86 7.00 -0.25 36.19
C VAL J 86 7.28 0.54 34.91
N GLU J 87 8.15 1.54 34.99
CA GLU J 87 8.48 2.36 33.80
C GLU J 87 9.16 1.48 32.76
N GLU J 88 8.69 1.53 31.52
CA GLU J 88 9.32 0.80 30.41
C GLU J 88 10.72 1.37 30.21
N GLY J 89 11.72 0.49 30.22
CA GLY J 89 13.13 0.90 30.13
C GLY J 89 13.69 1.20 31.49
N GLY J 90 12.91 0.90 32.51
CA GLY J 90 13.29 1.16 33.90
C GLY J 90 14.03 0.03 34.53
N GLU J 91 14.17 0.09 35.85
CA GLU J 91 14.93 -0.89 36.64
C GLU J 91 14.14 -1.23 37.88
N ILE J 92 14.27 -2.44 38.38
CA ILE J 92 13.55 -2.82 39.62
C ILE J 92 14.55 -3.49 40.54
N ASP J 93 14.33 -3.32 41.84
CA ASP J 93 15.18 -3.94 42.88
C ASP J 93 14.42 -5.16 43.33
N LEU J 94 15.06 -6.32 43.20
CA LEU J 94 14.44 -7.62 43.52
C LEU J 94 14.30 -7.79 45.02
N ALA J 95 14.98 -6.93 45.76
CA ALA J 95 14.93 -6.99 47.24
C ALA J 95 13.52 -6.71 47.70
N HIS J 96 12.75 -5.98 46.88
CA HIS J 96 11.36 -5.58 47.18
C HIS J 96 10.41 -6.69 46.78
N TYR J 97 10.94 -7.80 46.32
CA TYR J 97 10.01 -8.86 45.89
C TYR J 97 10.32 -10.12 46.68
N VAL J 98 9.34 -10.95 46.89
CA VAL J 98 9.68 -12.19 47.63
C VAL J 98 10.52 -13.08 46.71
N HIS J 99 10.04 -13.49 45.53
CA HIS J 99 10.88 -14.27 44.58
C HIS J 99 10.21 -14.20 43.21
N PRO J 100 10.27 -13.07 42.49
CA PRO J 100 9.47 -12.87 41.29
C PRO J 100 9.94 -13.44 39.94
N ARG J 101 8.98 -13.72 39.09
CA ARG J 101 9.22 -14.26 37.73
C ARG J 101 8.66 -13.27 36.71
N VAL J 102 9.16 -13.38 35.49
CA VAL J 102 8.67 -12.49 34.39
C VAL J 102 7.97 -13.33 33.32
N GLU J 103 6.94 -12.76 32.67
CA GLU J 103 6.15 -13.43 31.62
C GLU J 103 5.84 -12.42 30.52
N PRO J 104 5.82 -12.83 29.24
CA PRO J 104 5.52 -11.93 28.16
C PRO J 104 4.03 -11.99 27.83
N GLU J 105 3.38 -10.85 27.62
CA GLU J 105 1.93 -10.85 27.36
C GLU J 105 1.53 -9.90 26.24
N ILE J 106 0.23 -9.77 26.06
CA ILE J 106 -0.36 -8.79 25.12
C ILE J 106 -1.20 -7.85 25.99
N CYS J 107 -1.14 -6.56 25.75
CA CYS J 107 -1.93 -5.63 26.58
C CYS J 107 -2.90 -4.85 25.70
N TYR J 108 -4.13 -4.70 26.15
CA TYR J 108 -5.11 -3.89 25.41
C TYR J 108 -5.40 -2.64 26.23
N LEU J 109 -5.43 -1.48 25.61
CA LEU J 109 -5.85 -0.27 26.34
C LEU J 109 -7.29 0.00 25.94
N LEU J 110 -8.22 -0.12 26.88
CA LEU J 110 -9.65 0.08 26.58
C LEU J 110 -9.96 1.56 26.37
N GLY J 111 -10.58 1.90 25.25
CA GLY J 111 -10.92 3.29 24.96
C GLY J 111 -12.35 3.56 25.37
N LYS J 112 -13.12 2.51 25.56
CA LYS J 112 -14.52 2.64 25.99
C LYS J 112 -14.82 1.53 26.97
N ARG J 113 -15.89 1.69 27.71
CA ARG J 113 -16.32 0.71 28.72
C ARG J 113 -16.78 -0.54 27.99
N LEU J 114 -16.42 -1.70 28.53
CA LEU J 114 -16.79 -3.03 28.00
C LEU J 114 -17.34 -3.79 29.21
N GLU J 115 -18.54 -4.30 29.12
CA GLU J 115 -19.17 -4.99 30.27
C GLU J 115 -19.95 -6.19 29.77
N GLY J 116 -19.98 -7.24 30.56
CA GLY J 116 -20.83 -8.41 30.28
C GLY J 116 -20.22 -9.43 29.34
N ASN J 117 -21.10 -10.20 28.73
CA ASN J 117 -20.77 -11.29 27.79
C ASN J 117 -20.68 -10.68 26.40
N VAL J 118 -19.47 -10.44 25.91
CA VAL J 118 -19.27 -9.73 24.62
C VAL J 118 -18.65 -10.62 23.55
N THR J 119 -18.88 -10.27 22.31
CA THR J 119 -18.28 -11.02 21.18
C THR J 119 -16.86 -10.52 20.94
N PRO J 120 -16.03 -11.20 20.14
CA PRO J 120 -14.72 -10.68 19.82
C PRO J 120 -14.84 -9.36 19.06
N LEU J 121 -15.83 -9.23 18.20
CA LEU J 121 -16.15 -8.02 17.45
C LEU J 121 -16.45 -6.85 18.40
N GLU J 122 -17.32 -7.02 19.39
CA GLU J 122 -17.65 -5.90 20.30
C GLU J 122 -16.45 -5.52 21.16
N ALA J 123 -15.67 -6.49 21.58
CA ALA J 123 -14.48 -6.26 22.42
C ALA J 123 -13.50 -5.29 21.78
N LEU J 124 -13.07 -5.55 20.55
CA LEU J 124 -12.08 -4.69 19.86
C LEU J 124 -12.67 -3.34 19.49
N ALA J 125 -13.99 -3.21 19.51
CA ALA J 125 -14.61 -1.90 19.22
C ALA J 125 -14.36 -0.95 20.38
N ALA J 126 -14.04 -1.49 21.55
CA ALA J 126 -13.82 -0.70 22.76
C ALA J 126 -12.33 -0.53 23.01
N VAL J 127 -11.49 -1.00 22.10
CA VAL J 127 -10.03 -0.95 22.32
C VAL J 127 -9.39 0.28 21.69
N GLU J 128 -8.60 1.04 22.44
CA GLU J 128 -7.92 2.20 21.87
C GLU J 128 -6.68 1.72 21.13
N ALA J 129 -5.90 0.87 21.76
CA ALA J 129 -4.69 0.41 21.11
C ALA J 129 -4.26 -0.89 21.74
N VAL J 130 -3.25 -1.53 21.17
CA VAL J 130 -2.74 -2.82 21.68
C VAL J 130 -1.22 -2.70 21.82
N ALA J 131 -0.61 -3.44 22.73
CA ALA J 131 0.84 -3.32 22.86
C ALA J 131 1.43 -4.59 23.43
N PRO J 132 2.73 -4.83 23.26
CA PRO J 132 3.34 -5.98 23.89
C PRO J 132 3.59 -5.64 25.36
N ALA J 133 3.66 -6.64 26.22
CA ALA J 133 3.86 -6.33 27.64
C ALA J 133 4.59 -7.46 28.35
N MET J 134 5.05 -7.20 29.57
CA MET J 134 5.68 -8.22 30.43
C MET J 134 5.03 -8.11 31.79
N GLU J 135 4.60 -9.23 32.33
CA GLU J 135 4.00 -9.26 33.68
C GLU J 135 5.09 -9.73 34.65
N ILE J 136 5.27 -9.02 35.76
CA ILE J 136 6.22 -9.46 36.81
C ILE J 136 5.34 -10.18 37.83
N ILE J 137 5.40 -11.50 37.88
CA ILE J 137 4.55 -12.19 38.87
C ILE J 137 5.38 -12.53 40.10
N ASP J 138 4.70 -12.64 41.24
CA ASP J 138 5.38 -12.94 42.52
C ASP J 138 4.38 -13.62 43.43
N SER J 139 4.54 -14.91 43.66
CA SER J 139 3.69 -15.60 44.66
C SER J 139 4.17 -15.12 46.00
N ARG J 140 3.28 -14.88 46.95
CA ARG J 140 3.74 -14.43 48.28
C ARG J 140 4.01 -15.67 49.13
N TYR J 141 3.48 -16.82 48.72
CA TYR J 141 3.69 -18.07 49.46
C TYR J 141 5.13 -18.53 49.30
N ARG J 142 5.68 -19.11 50.37
CA ARG J 142 7.04 -19.71 50.39
C ARG J 142 6.90 -21.21 50.10
N ASP J 143 7.62 -21.72 49.11
CA ASP J 143 7.56 -23.17 48.76
C ASP J 143 6.11 -23.58 48.60
N PHE J 144 5.45 -22.97 47.61
CA PHE J 144 4.02 -23.13 47.25
C PHE J 144 3.69 -24.46 46.58
N LYS J 145 2.83 -25.26 47.22
CA LYS J 145 2.25 -26.49 46.59
C LYS J 145 0.85 -26.07 46.14
N PHE J 146 0.70 -25.80 44.83
CA PHE J 146 -0.50 -25.26 44.14
C PHE J 146 -1.83 -25.45 44.87
N SER J 147 -2.50 -24.33 45.10
CA SER J 147 -3.84 -24.29 45.74
C SER J 147 -4.65 -23.28 44.97
N LEU J 148 -5.78 -23.66 44.40
CA LEU J 148 -6.57 -22.62 43.70
C LEU J 148 -6.93 -21.46 44.63
N PRO J 149 -7.53 -21.68 45.80
CA PRO J 149 -7.89 -20.58 46.69
C PRO J 149 -6.70 -19.69 47.08
N ASP J 150 -5.53 -20.28 47.30
CA ASP J 150 -4.41 -19.39 47.65
C ASP J 150 -4.11 -18.48 46.48
N VAL J 151 -4.06 -19.03 45.27
CA VAL J 151 -3.67 -18.12 44.16
C VAL J 151 -4.73 -17.03 43.97
N ILE J 152 -5.99 -17.35 44.19
CA ILE J 152 -7.07 -16.35 44.02
C ILE J 152 -6.90 -15.32 45.11
N ALA J 153 -6.78 -15.80 46.34
CA ALA J 153 -6.66 -14.97 47.54
C ALA J 153 -5.38 -14.15 47.47
N ASP J 154 -4.35 -14.67 46.81
CA ASP J 154 -3.08 -13.92 46.70
C ASP J 154 -3.10 -13.03 45.47
N ASN J 155 -4.28 -12.78 44.91
CA ASN J 155 -4.53 -11.86 43.75
C ASN J 155 -3.79 -12.34 42.51
N ALA J 156 -3.86 -13.63 42.22
CA ALA J 156 -3.23 -14.22 41.03
C ALA J 156 -1.77 -13.83 40.91
N SER J 157 -1.09 -13.66 42.03
CA SER J 157 0.35 -13.31 42.12
C SER J 157 0.67 -12.00 41.42
N SER J 158 -0.28 -11.09 41.34
CA SER J 158 -0.02 -9.82 40.62
C SER J 158 0.98 -8.99 41.41
N SER J 159 1.88 -8.29 40.75
CA SER J 159 2.91 -7.53 41.49
C SER J 159 3.52 -6.45 40.61
N GLY J 160 3.88 -6.79 39.40
CA GLY J 160 4.50 -5.81 38.51
C GLY J 160 4.00 -5.97 37.11
N PHE J 161 4.06 -4.91 36.32
CA PHE J 161 3.62 -5.00 34.92
C PHE J 161 4.28 -3.87 34.16
N VAL J 162 4.75 -4.14 32.95
CA VAL J 162 5.40 -3.13 32.09
C VAL J 162 4.80 -3.27 30.70
N VAL J 163 4.64 -2.19 29.95
CA VAL J 163 3.95 -2.22 28.63
C VAL J 163 4.85 -1.60 27.56
N GLY J 164 4.69 -2.04 26.31
CA GLY J 164 5.42 -1.50 25.15
C GLY J 164 4.67 -0.39 24.45
N ALA J 165 5.01 -0.17 23.19
CA ALA J 165 4.50 0.95 22.39
C ALA J 165 3.08 0.76 21.91
N TRP J 166 2.43 1.88 21.63
CA TRP J 166 1.06 1.95 21.09
C TRP J 166 1.05 1.33 19.70
N HIS J 167 0.11 0.44 19.44
CA HIS J 167 -0.08 -0.13 18.10
C HIS J 167 -1.54 0.02 17.76
N LYS J 168 -1.89 0.25 16.51
CA LYS J 168 -3.31 0.40 16.13
C LYS J 168 -4.14 -0.81 16.59
N PRO J 169 -5.36 -0.59 17.08
CA PRO J 169 -6.21 -1.65 17.59
C PRO J 169 -6.62 -2.76 16.62
N GLU J 170 -6.56 -2.50 15.32
CA GLU J 170 -6.86 -3.50 14.27
C GLU J 170 -5.64 -4.39 14.00
N THR J 171 -4.50 -4.12 14.62
CA THR J 171 -3.33 -4.99 14.47
C THR J 171 -3.70 -6.42 14.82
N ASP J 172 -3.37 -7.34 13.93
CA ASP J 172 -3.65 -8.78 14.13
C ASP J 172 -2.62 -9.30 15.12
N VAL J 173 -3.08 -9.66 16.30
CA VAL J 173 -2.19 -10.14 17.39
C VAL J 173 -2.51 -11.58 17.71
N SER J 174 -3.14 -12.25 16.75
CA SER J 174 -3.59 -13.64 16.90
C SER J 174 -2.43 -14.61 16.91
N ASN J 175 -1.36 -14.36 16.18
CA ASN J 175 -0.28 -15.37 16.18
C ASN J 175 1.09 -14.71 15.98
N LEU J 176 1.49 -13.82 16.87
CA LEU J 176 2.78 -13.10 16.77
C LEU J 176 3.90 -13.79 17.53
N GLY J 177 5.06 -13.87 16.94
CA GLY J 177 6.21 -14.48 17.61
C GLY J 177 6.64 -13.68 18.82
N MET J 178 6.99 -14.36 19.89
CA MET J 178 7.39 -13.66 21.13
C MET J 178 8.74 -14.18 21.59
N VAL J 179 9.72 -13.32 21.72
CA VAL J 179 11.04 -13.78 22.24
C VAL J 179 11.34 -13.06 23.55
N MET J 180 11.18 -13.75 24.68
CA MET J 180 11.52 -13.11 25.98
C MET J 180 12.99 -13.42 26.28
N SER J 181 13.82 -12.43 26.50
CA SER J 181 15.24 -12.77 26.73
C SER J 181 15.88 -12.10 27.95
N PHE J 182 16.95 -12.71 28.44
CA PHE J 182 17.73 -12.19 29.58
C PHE J 182 19.11 -11.85 29.05
N ASP J 183 19.42 -10.56 29.02
CA ASP J 183 20.71 -10.02 28.53
C ASP J 183 20.92 -10.41 27.08
N GLY J 184 19.86 -10.41 26.28
CA GLY J 184 19.99 -10.66 24.84
C GLY J 184 19.94 -12.11 24.47
N ARG J 185 19.79 -13.00 25.43
CA ARG J 185 19.71 -14.44 25.12
C ARG J 185 18.30 -14.88 25.48
N ALA J 186 17.65 -15.60 24.60
CA ALA J 186 16.27 -15.98 24.87
C ALA J 186 16.16 -16.93 26.04
N VAL J 187 15.15 -16.73 26.86
CA VAL J 187 14.87 -17.62 28.00
C VAL J 187 13.56 -18.31 27.67
N GLU J 188 12.70 -17.67 26.87
CA GLU J 188 11.40 -18.26 26.48
C GLU J 188 11.08 -17.85 25.04
N LEU J 189 10.51 -18.76 24.28
CA LEU J 189 10.17 -18.56 22.85
C LEU J 189 8.71 -18.95 22.67
N GLY J 190 7.89 -18.10 22.07
CA GLY J 190 6.49 -18.48 21.88
C GLY J 190 5.75 -17.62 20.88
N THR J 191 4.45 -17.64 20.98
CA THR J 191 3.58 -16.86 20.09
C THR J 191 2.41 -16.36 20.93
N SER J 192 1.82 -15.25 20.49
CA SER J 192 0.66 -14.63 21.15
C SER J 192 -0.55 -15.57 21.04
N ALA J 193 -0.44 -16.56 20.16
CA ALA J 193 -1.50 -17.57 19.94
C ALA J 193 -1.68 -18.38 21.21
N ALA J 194 -0.67 -18.38 22.07
CA ALA J 194 -0.71 -19.12 23.34
C ALA J 194 -1.81 -18.56 24.25
N ILE J 195 -2.12 -17.28 24.13
CA ILE J 195 -3.17 -16.72 25.01
C ILE J 195 -4.52 -17.15 24.49
N LEU J 196 -5.03 -18.29 24.96
CA LEU J 196 -6.36 -18.85 24.63
C LEU J 196 -6.53 -19.18 23.15
N GLY J 197 -5.46 -19.21 22.38
CA GLY J 197 -5.63 -19.48 20.95
C GLY J 197 -5.90 -18.23 20.16
N SER J 198 -6.15 -17.12 20.85
CA SER J 198 -6.41 -15.77 20.28
C SER J 198 -6.50 -14.77 21.43
N PRO J 199 -5.61 -13.79 21.60
CA PRO J 199 -5.71 -12.87 22.70
C PRO J 199 -7.07 -12.18 22.92
N ILE J 200 -7.76 -11.79 21.86
CA ILE J 200 -9.09 -11.12 21.98
C ILE J 200 -10.01 -11.98 22.84
N ARG J 201 -9.73 -13.26 22.95
CA ARG J 201 -10.60 -14.16 23.74
C ARG J 201 -10.38 -13.84 25.21
N ALA J 202 -9.17 -13.47 25.59
CA ALA J 202 -8.86 -13.14 26.99
C ALA J 202 -9.55 -11.84 27.36
N LEU J 203 -9.64 -10.91 26.44
CA LEU J 203 -10.38 -9.66 26.66
C LEU J 203 -11.85 -10.00 26.87
N VAL J 204 -12.37 -10.91 26.05
CA VAL J 204 -13.79 -11.32 26.19
C VAL J 204 -13.98 -11.92 27.58
N ALA J 205 -13.12 -12.85 27.96
CA ALA J 205 -13.18 -13.53 29.27
C ALA J 205 -12.97 -12.50 30.36
N ALA J 206 -12.08 -11.55 30.13
CA ALA J 206 -11.86 -10.49 31.14
C ALA J 206 -13.18 -9.77 31.42
N ALA J 207 -13.99 -9.51 30.39
CA ALA J 207 -15.24 -8.79 30.65
C ALA J 207 -16.29 -9.70 31.27
N ARG J 208 -16.34 -10.96 30.88
CA ARG J 208 -17.31 -11.93 31.47
C ARG J 208 -17.00 -12.08 32.96
N LEU J 209 -15.72 -12.17 33.29
CA LEU J 209 -15.25 -12.32 34.67
C LEU J 209 -15.48 -11.06 35.48
N ALA J 210 -15.39 -9.87 34.89
CA ALA J 210 -15.60 -8.66 35.69
C ALA J 210 -17.09 -8.53 36.02
N ALA J 211 -17.93 -8.92 35.07
CA ALA J 211 -19.39 -8.83 35.26
C ALA J 211 -19.81 -9.88 36.29
N GLN J 212 -18.95 -10.86 36.51
CA GLN J 212 -19.25 -11.92 37.49
C GLN J 212 -19.30 -11.29 38.88
N GLN J 213 -18.63 -10.17 39.05
CA GLN J 213 -18.60 -9.58 40.40
C GLN J 213 -19.10 -8.15 40.33
N GLY J 214 -20.08 -7.91 39.47
CA GLY J 214 -20.70 -6.58 39.31
C GLY J 214 -19.78 -5.52 38.75
N GLU J 215 -18.56 -5.86 38.35
CA GLU J 215 -17.71 -4.78 37.79
C GLU J 215 -17.84 -4.74 36.27
N ALA J 216 -16.98 -3.97 35.63
CA ALA J 216 -16.91 -3.81 34.17
C ALA J 216 -15.49 -3.37 33.80
N LEU J 217 -15.10 -3.51 32.54
CA LEU J 217 -13.77 -3.02 32.14
C LEU J 217 -13.96 -1.55 31.85
N GLU J 218 -13.52 -0.64 32.70
CA GLU J 218 -13.81 0.80 32.51
C GLU J 218 -13.02 1.42 31.36
N ALA J 219 -13.40 2.60 30.89
CA ALA J 219 -12.59 3.20 29.84
C ALA J 219 -11.22 3.54 30.43
N GLY J 220 -10.17 3.30 29.67
CA GLY J 220 -8.80 3.65 30.08
C GLY J 220 -8.14 2.58 30.90
N SER J 221 -8.77 1.42 31.02
CA SER J 221 -8.20 0.29 31.77
C SER J 221 -7.09 -0.38 30.98
N LEU J 222 -6.27 -1.16 31.67
CA LEU J 222 -5.19 -1.93 31.01
C LEU J 222 -5.53 -3.40 31.16
N ILE J 223 -5.54 -4.15 30.08
CA ILE J 223 -5.85 -5.59 30.25
C ILE J 223 -4.65 -6.38 29.78
N LEU J 224 -4.11 -7.20 30.66
CA LEU J 224 -3.00 -8.09 30.25
C LEU J 224 -3.71 -9.37 29.90
N ALA J 225 -3.73 -9.71 28.62
CA ALA J 225 -4.46 -10.85 28.05
C ALA J 225 -4.01 -12.14 28.70
N GLY J 226 -2.72 -12.37 28.79
CA GLY J 226 -2.30 -13.63 29.40
C GLY J 226 -0.86 -13.91 29.11
N ALA J 227 -0.29 -14.90 29.76
CA ALA J 227 1.13 -15.22 29.52
C ALA J 227 1.26 -16.09 28.29
N ALA J 228 2.04 -15.66 27.32
CA ALA J 228 2.17 -16.47 26.11
C ALA J 228 3.26 -17.51 26.33
N THR J 229 4.14 -17.30 27.29
CA THR J 229 5.11 -18.38 27.56
C THR J 229 5.13 -18.70 29.05
N ALA J 230 6.07 -19.54 29.46
CA ALA J 230 6.22 -19.90 30.87
C ALA J 230 6.96 -18.76 31.57
N ALA J 231 6.79 -18.61 32.87
CA ALA J 231 7.48 -17.51 33.56
C ALA J 231 8.92 -17.91 33.80
N VAL J 232 9.83 -16.95 33.74
CA VAL J 232 11.26 -17.20 34.03
C VAL J 232 11.60 -16.41 35.29
N ALA J 233 12.30 -17.03 36.21
CA ALA J 233 12.64 -16.35 37.48
C ALA J 233 13.63 -15.25 37.19
N LEU J 234 13.47 -14.12 37.86
CA LEU J 234 14.34 -12.95 37.65
C LEU J 234 15.54 -13.01 38.59
N ARG J 235 16.63 -12.37 38.20
CA ARG J 235 17.88 -12.31 38.98
C ARG J 235 18.52 -10.95 38.78
N PRO J 236 19.40 -10.50 39.68
CA PRO J 236 20.01 -9.19 39.57
C PRO J 236 20.94 -8.96 38.39
N GLY J 237 21.00 -7.70 37.98
CA GLY J 237 21.89 -7.22 36.92
C GLY J 237 21.54 -7.78 35.55
N ILE J 238 20.26 -7.95 35.27
CA ILE J 238 19.94 -8.52 33.94
C ILE J 238 19.11 -7.52 33.16
N SER J 239 19.26 -7.53 31.85
CA SER J 239 18.38 -6.73 30.99
C SER J 239 17.23 -7.65 30.58
N VAL J 240 15.99 -7.29 30.87
CA VAL J 240 14.88 -8.17 30.44
C VAL J 240 14.16 -7.52 29.27
N ARG J 241 14.08 -8.22 28.16
CA ARG J 241 13.43 -7.71 26.94
C ARG J 241 12.39 -8.69 26.42
N CYS J 242 11.34 -8.15 25.82
CA CYS J 242 10.29 -8.97 25.19
C CYS J 242 10.16 -8.47 23.76
N GLU J 243 10.48 -9.32 22.80
CA GLU J 243 10.38 -8.93 21.38
C GLU J 243 9.16 -9.63 20.80
N VAL J 244 8.24 -8.85 20.23
CA VAL J 244 7.01 -9.42 19.66
C VAL J 244 6.90 -9.03 18.19
N GLN J 245 6.57 -10.00 17.33
CA GLN J 245 6.41 -9.75 15.87
C GLN J 245 5.35 -8.67 15.66
N ASN J 246 5.70 -7.67 14.87
CA ASN J 246 4.85 -6.51 14.50
C ASN J 246 4.54 -5.59 15.68
N LEU J 247 5.02 -5.88 16.89
CA LEU J 247 4.67 -5.00 18.03
C LEU J 247 5.91 -4.42 18.68
N GLY J 248 7.06 -4.53 18.04
CA GLY J 248 8.30 -4.00 18.64
C GLY J 248 8.72 -4.72 19.91
N SER J 249 9.39 -4.01 20.81
CA SER J 249 9.86 -4.66 22.06
C SER J 249 9.75 -3.73 23.26
N LEU J 250 9.80 -4.27 24.45
CA LEU J 250 9.79 -3.45 25.68
C LEU J 250 10.84 -4.02 26.63
N SER J 251 11.43 -3.21 27.49
CA SER J 251 12.43 -3.79 28.39
C SER J 251 12.50 -3.07 29.73
N PHE J 252 13.11 -3.74 30.69
CA PHE J 252 13.32 -3.22 32.05
C PHE J 252 14.49 -3.98 32.64
N SER J 253 15.20 -3.36 33.57
CA SER J 253 16.38 -4.04 34.15
C SER J 253 16.13 -4.38 35.61
N THR J 254 17.00 -5.23 36.14
CA THR J 254 17.04 -5.57 37.58
C THR J 254 18.33 -4.97 38.12
N THR J 255 18.31 -4.49 39.36
CA THR J 255 19.53 -3.87 39.93
C THR J 255 20.57 -4.93 40.27
N GLY J 256 21.86 -4.60 40.13
CA GLY J 256 22.95 -5.50 40.48
C GLY J 256 23.21 -5.48 41.98
N GLU J 257 24.00 -6.42 42.49
CA GLU J 257 24.26 -6.49 43.95
C GLU J 257 25.20 -5.38 44.39
#